data_2KWH
#
_entry.id   2KWH
#
_entity_poly.entity_id   1
_entity_poly.type   'polypeptide(L)'
_entity_poly.pdbx_seq_one_letter_code
;GSETQAGIKEEIRRQEFLLNSLHRDLQGGIKDLSKEERLWEVQRILTALKRKLREA
;
_entity_poly.pdbx_strand_id   A
#
# COMPACT_ATOMS: atom_id res chain seq x y z
N GLY A 1 11.84 -17.20 1.68
CA GLY A 1 10.39 -17.16 1.38
C GLY A 1 9.55 -17.22 2.63
N SER A 2 9.13 -16.06 3.10
CA SER A 2 8.29 -15.98 4.27
C SER A 2 6.82 -16.11 3.88
N GLU A 3 6.26 -17.28 4.11
CA GLU A 3 4.87 -17.54 3.77
C GLU A 3 3.97 -17.09 4.90
N THR A 4 3.69 -15.81 4.94
CA THR A 4 2.89 -15.24 6.00
C THR A 4 1.77 -14.36 5.44
N GLN A 5 0.55 -14.90 5.41
CA GLN A 5 -0.61 -14.13 4.97
C GLN A 5 -0.97 -13.09 6.03
N ALA A 6 -0.72 -13.43 7.28
CA ALA A 6 -0.90 -12.48 8.37
C ALA A 6 0.15 -11.38 8.28
N GLY A 7 1.21 -11.66 7.53
CA GLY A 7 2.25 -10.69 7.30
C GLY A 7 1.74 -9.49 6.53
N ILE A 8 1.09 -9.73 5.39
CA ILE A 8 0.52 -8.65 4.60
C ILE A 8 -0.65 -8.04 5.36
N LYS A 9 -1.33 -8.83 6.19
CA LYS A 9 -2.44 -8.31 6.97
C LYS A 9 -1.97 -7.18 7.89
N GLU A 10 -0.91 -7.42 8.65
CA GLU A 10 -0.37 -6.40 9.53
C GLU A 10 0.22 -5.25 8.71
N GLU A 11 0.97 -5.62 7.68
CA GLU A 11 1.58 -4.64 6.79
C GLU A 11 0.52 -3.75 6.14
N ILE A 12 -0.51 -4.36 5.58
CA ILE A 12 -1.52 -3.63 4.84
C ILE A 12 -2.29 -2.70 5.76
N ARG A 13 -2.37 -3.03 7.05
CA ARG A 13 -2.98 -2.12 8.01
C ARG A 13 -2.17 -0.83 8.07
N ARG A 14 -0.85 -0.96 8.18
CA ARG A 14 0.02 0.21 8.20
C ARG A 14 0.06 0.87 6.84
N GLN A 15 0.18 0.05 5.81
CA GLN A 15 0.25 0.53 4.44
C GLN A 15 -1.02 1.28 4.03
N GLU A 16 -2.18 0.65 4.17
CA GLU A 16 -3.44 1.30 3.82
C GLU A 16 -3.67 2.55 4.67
N PHE A 17 -3.15 2.52 5.89
CA PHE A 17 -3.28 3.65 6.82
C PHE A 17 -2.64 4.89 6.20
N LEU A 18 -1.37 4.78 5.86
CA LEU A 18 -0.65 5.89 5.28
C LEU A 18 -1.08 6.12 3.83
N LEU A 19 -1.48 5.05 3.14
CA LEU A 19 -1.90 5.15 1.76
C LEU A 19 -3.12 6.05 1.66
N ASN A 20 -4.13 5.78 2.49
CA ASN A 20 -5.34 6.59 2.49
C ASN A 20 -5.01 8.03 2.86
N SER A 21 -4.11 8.18 3.84
CA SER A 21 -3.67 9.48 4.31
C SER A 21 -3.04 10.29 3.17
N LEU A 22 -1.94 9.77 2.61
CA LEU A 22 -1.23 10.49 1.57
C LEU A 22 -2.08 10.60 0.30
N HIS A 23 -3.05 9.69 0.14
CA HIS A 23 -3.98 9.76 -0.96
C HIS A 23 -4.84 11.01 -0.87
N ARG A 24 -5.16 11.40 0.36
CA ARG A 24 -5.96 12.58 0.59
C ARG A 24 -5.11 13.85 0.48
N ASP A 25 -3.80 13.71 0.66
CA ASP A 25 -2.88 14.83 0.47
C ASP A 25 -2.86 15.29 -0.98
N LEU A 26 -3.41 14.48 -1.86
CA LEU A 26 -3.50 14.82 -3.28
C LEU A 26 -4.74 15.67 -3.56
N GLN A 27 -5.61 15.82 -2.55
CA GLN A 27 -6.89 16.49 -2.73
C GLN A 27 -6.92 17.83 -2.04
N GLY A 28 -7.51 18.82 -2.70
CA GLY A 28 -7.62 20.14 -2.12
C GLY A 28 -6.84 21.19 -2.90
N GLY A 29 -6.71 20.98 -4.21
CA GLY A 29 -5.97 21.90 -5.04
C GLY A 29 -4.48 21.77 -4.81
N ILE A 30 -4.06 20.59 -4.41
CA ILE A 30 -2.67 20.34 -4.08
C ILE A 30 -1.91 19.79 -5.29
N LYS A 31 -0.79 20.42 -5.59
CA LYS A 31 0.07 19.95 -6.67
C LYS A 31 1.20 19.11 -6.10
N ASP A 32 0.89 17.85 -5.80
CA ASP A 32 1.87 16.93 -5.24
C ASP A 32 1.94 15.67 -6.09
N LEU A 33 3.13 15.35 -6.57
CA LEU A 33 3.33 14.16 -7.40
C LEU A 33 3.91 13.03 -6.56
N SER A 34 4.39 13.37 -5.38
CA SER A 34 5.13 12.44 -4.54
C SER A 34 4.20 11.41 -3.92
N LYS A 35 3.09 11.87 -3.36
CA LYS A 35 2.16 11.01 -2.66
C LYS A 35 1.53 10.01 -3.62
N GLU A 36 1.32 10.41 -4.86
CA GLU A 36 0.63 9.56 -5.82
C GLU A 36 1.55 8.43 -6.29
N GLU A 37 2.79 8.78 -6.58
CA GLU A 37 3.81 7.78 -6.91
C GLU A 37 4.01 6.84 -5.73
N ARG A 38 3.85 7.39 -4.53
CA ARG A 38 4.07 6.65 -3.31
C ARG A 38 2.93 5.68 -3.06
N LEU A 39 1.69 6.14 -3.25
CA LEU A 39 0.54 5.28 -3.03
C LEU A 39 0.57 4.11 -4.00
N TRP A 40 1.13 4.33 -5.19
CA TRP A 40 1.21 3.26 -6.15
C TRP A 40 2.28 2.25 -5.75
N GLU A 41 3.34 2.75 -5.11
CA GLU A 41 4.36 1.87 -4.55
C GLU A 41 3.74 1.00 -3.47
N VAL A 42 3.08 1.65 -2.52
CA VAL A 42 2.39 0.95 -1.45
C VAL A 42 1.34 -0.01 -2.00
N GLN A 43 0.58 0.48 -2.98
CA GLN A 43 -0.48 -0.29 -3.62
C GLN A 43 0.08 -1.58 -4.20
N ARG A 44 1.17 -1.46 -4.92
CA ARG A 44 1.73 -2.58 -5.65
C ARG A 44 2.45 -3.54 -4.71
N ILE A 45 2.93 -3.04 -3.58
CA ILE A 45 3.59 -3.88 -2.59
C ILE A 45 2.59 -4.79 -1.88
N LEU A 46 1.56 -4.19 -1.29
CA LEU A 46 0.56 -4.97 -0.56
C LEU A 46 -0.12 -5.98 -1.49
N THR A 47 -0.37 -5.56 -2.72
CA THR A 47 -0.99 -6.42 -3.71
C THR A 47 -0.05 -7.57 -4.08
N ALA A 48 1.16 -7.24 -4.54
CA ALA A 48 2.09 -8.25 -5.01
C ALA A 48 2.47 -9.24 -3.90
N LEU A 49 2.66 -8.72 -2.69
CA LEU A 49 3.06 -9.55 -1.57
C LEU A 49 2.03 -10.64 -1.28
N LYS A 50 0.78 -10.23 -1.05
CA LYS A 50 -0.26 -11.19 -0.66
C LYS A 50 -0.56 -12.16 -1.79
N ARG A 51 -0.35 -11.72 -3.01
CA ARG A 51 -0.56 -12.55 -4.19
C ARG A 51 0.55 -13.58 -4.32
N LYS A 52 1.79 -13.15 -4.18
CA LYS A 52 2.93 -14.05 -4.29
C LYS A 52 2.93 -15.07 -3.15
N LEU A 53 2.38 -14.70 -2.01
CA LEU A 53 2.42 -15.57 -0.83
C LEU A 53 1.28 -16.58 -0.81
N ARG A 54 0.10 -16.19 -1.29
CA ARG A 54 -1.07 -17.04 -1.17
C ARG A 54 -1.55 -17.56 -2.53
N GLU A 55 -1.36 -16.77 -3.57
CA GLU A 55 -1.87 -17.13 -4.89
C GLU A 55 -0.84 -17.95 -5.68
N ALA A 56 0.20 -18.36 -4.99
CA ALA A 56 1.27 -19.13 -5.61
C ALA A 56 1.37 -20.52 -4.98
N GLY A 1 5.14 -24.95 0.68
CA GLY A 1 4.85 -23.50 0.52
C GLY A 1 5.51 -22.68 1.60
N SER A 2 5.58 -21.38 1.39
CA SER A 2 6.16 -20.46 2.36
C SER A 2 5.37 -19.17 2.37
N GLU A 3 4.47 -19.04 3.32
CA GLU A 3 3.54 -17.92 3.33
C GLU A 3 3.76 -16.98 4.50
N THR A 4 3.59 -15.69 4.24
CA THR A 4 3.49 -14.70 5.29
C THR A 4 2.22 -13.91 5.09
N GLN A 5 1.10 -14.62 5.12
CA GLN A 5 -0.20 -14.00 4.93
C GLN A 5 -0.49 -13.10 6.13
N ALA A 6 0.03 -13.49 7.28
CA ALA A 6 -0.06 -12.66 8.47
C ALA A 6 0.85 -11.45 8.33
N GLY A 7 1.92 -11.64 7.55
CA GLY A 7 2.86 -10.58 7.28
C GLY A 7 2.20 -9.40 6.59
N ILE A 8 1.55 -9.67 5.47
CA ILE A 8 0.87 -8.63 4.72
C ILE A 8 -0.36 -8.16 5.46
N LYS A 9 -1.01 -9.05 6.20
CA LYS A 9 -2.22 -8.71 6.93
C LYS A 9 -2.00 -7.50 7.84
N GLU A 10 -1.06 -7.61 8.75
CA GLU A 10 -0.78 -6.52 9.68
C GLU A 10 -0.26 -5.29 8.94
N GLU A 11 0.73 -5.52 8.09
CA GLU A 11 1.36 -4.44 7.34
C GLU A 11 0.36 -3.71 6.45
N ILE A 12 -0.52 -4.45 5.77
CA ILE A 12 -1.46 -3.83 4.84
C ILE A 12 -2.44 -2.92 5.57
N ARG A 13 -2.80 -3.28 6.81
CA ARG A 13 -3.66 -2.41 7.61
C ARG A 13 -2.99 -1.06 7.78
N ARG A 14 -1.69 -1.10 8.08
CA ARG A 14 -0.92 0.13 8.27
C ARG A 14 -0.62 0.79 6.92
N GLN A 15 -0.29 -0.02 5.91
CA GLN A 15 0.01 0.49 4.57
C GLN A 15 -1.21 1.18 3.96
N GLU A 16 -2.34 0.50 3.92
CA GLU A 16 -3.56 1.10 3.39
C GLU A 16 -3.94 2.34 4.20
N PHE A 17 -3.63 2.31 5.49
CA PHE A 17 -3.90 3.42 6.38
C PHE A 17 -3.15 4.67 5.91
N LEU A 18 -1.85 4.55 5.71
CA LEU A 18 -1.04 5.68 5.28
C LEU A 18 -1.24 5.96 3.79
N LEU A 19 -1.56 4.93 3.03
CA LEU A 19 -1.88 5.08 1.61
C LEU A 19 -3.09 5.98 1.48
N ASN A 20 -4.11 5.70 2.30
CA ASN A 20 -5.32 6.49 2.35
C ASN A 20 -4.99 7.94 2.73
N SER A 21 -4.05 8.09 3.66
CA SER A 21 -3.63 9.39 4.14
C SER A 21 -2.94 10.20 3.04
N LEU A 22 -1.86 9.67 2.47
CA LEU A 22 -1.15 10.38 1.41
C LEU A 22 -2.02 10.51 0.17
N HIS A 23 -3.02 9.64 0.03
CA HIS A 23 -3.99 9.73 -1.05
C HIS A 23 -4.86 10.98 -0.90
N ARG A 24 -5.24 11.32 0.32
CA ARG A 24 -6.05 12.51 0.54
C ARG A 24 -5.18 13.77 0.53
N ASP A 25 -3.86 13.57 0.56
CA ASP A 25 -2.94 14.69 0.37
C ASP A 25 -2.95 15.18 -1.07
N LEU A 26 -3.46 14.33 -1.97
CA LEU A 26 -3.51 14.65 -3.41
C LEU A 26 -4.76 15.45 -3.78
N GLN A 27 -5.49 15.92 -2.78
CA GLN A 27 -6.76 16.60 -3.04
C GLN A 27 -6.96 17.77 -2.09
N GLY A 28 -7.53 18.85 -2.61
CA GLY A 28 -7.75 20.03 -1.81
C GLY A 28 -6.93 21.21 -2.28
N GLY A 29 -6.69 21.29 -3.59
CA GLY A 29 -5.91 22.37 -4.15
C GLY A 29 -4.42 22.14 -3.97
N ILE A 30 -4.04 20.87 -3.97
CA ILE A 30 -2.65 20.49 -3.71
C ILE A 30 -1.97 20.01 -4.98
N LYS A 31 -0.76 20.47 -5.22
CA LYS A 31 0.03 20.00 -6.35
C LYS A 31 1.14 19.08 -5.87
N ASP A 32 0.82 17.81 -5.69
CA ASP A 32 1.79 16.82 -5.26
C ASP A 32 1.73 15.60 -6.15
N LEU A 33 2.88 15.19 -6.67
CA LEU A 33 2.96 13.99 -7.49
C LEU A 33 3.69 12.89 -6.73
N SER A 34 4.22 13.27 -5.59
CA SER A 34 5.02 12.38 -4.77
C SER A 34 4.15 11.26 -4.19
N LYS A 35 3.03 11.65 -3.59
CA LYS A 35 2.14 10.69 -2.95
C LYS A 35 1.54 9.76 -3.99
N GLU A 36 1.39 10.28 -5.21
CA GLU A 36 0.75 9.55 -6.28
C GLU A 36 1.59 8.33 -6.64
N GLU A 37 2.87 8.57 -6.92
CA GLU A 37 3.79 7.49 -7.26
C GLU A 37 4.06 6.63 -6.04
N ARG A 38 3.95 7.23 -4.86
CA ARG A 38 4.25 6.55 -3.62
C ARG A 38 3.11 5.60 -3.23
N LEU A 39 1.87 6.07 -3.37
CA LEU A 39 0.72 5.22 -3.08
C LEU A 39 0.72 4.03 -3.99
N TRP A 40 1.09 4.23 -5.24
CA TRP A 40 1.12 3.15 -6.19
C TRP A 40 2.27 2.20 -5.86
N GLU A 41 3.32 2.76 -5.25
CA GLU A 41 4.47 1.97 -4.85
C GLU A 41 4.14 1.12 -3.63
N VAL A 42 3.57 1.73 -2.60
CA VAL A 42 3.19 0.99 -1.41
C VAL A 42 2.07 0.01 -1.75
N GLN A 43 1.23 0.38 -2.71
CA GLN A 43 0.15 -0.48 -3.16
C GLN A 43 0.72 -1.71 -3.84
N ARG A 44 1.65 -1.50 -4.76
CA ARG A 44 2.23 -2.60 -5.52
C ARG A 44 2.95 -3.58 -4.61
N ILE A 45 3.53 -3.07 -3.53
CA ILE A 45 4.24 -3.91 -2.57
C ILE A 45 3.26 -4.80 -1.79
N LEU A 46 2.27 -4.18 -1.15
CA LEU A 46 1.28 -4.94 -0.39
C LEU A 46 0.48 -5.86 -1.30
N THR A 47 0.28 -5.45 -2.54
CA THR A 47 -0.41 -6.26 -3.52
C THR A 47 0.44 -7.46 -3.94
N ALA A 48 1.67 -7.21 -4.38
CA ALA A 48 2.56 -8.28 -4.81
C ALA A 48 2.81 -9.26 -3.67
N LEU A 49 2.82 -8.75 -2.45
CA LEU A 49 3.05 -9.56 -1.29
C LEU A 49 1.87 -10.50 -1.05
N LYS A 50 0.67 -9.95 -0.92
CA LYS A 50 -0.50 -10.77 -0.63
C LYS A 50 -0.78 -11.76 -1.76
N ARG A 51 -0.69 -11.28 -2.99
CA ARG A 51 -1.05 -12.09 -4.15
C ARG A 51 -0.10 -13.25 -4.35
N LYS A 52 1.18 -13.03 -4.06
CA LYS A 52 2.18 -14.07 -4.26
C LYS A 52 2.43 -14.85 -2.98
N LEU A 53 1.76 -14.47 -1.90
CA LEU A 53 1.85 -15.19 -0.64
C LEU A 53 0.50 -15.82 -0.30
N ARG A 54 -0.45 -15.67 -1.20
CA ARG A 54 -1.79 -16.23 -1.02
C ARG A 54 -2.24 -17.00 -2.26
N GLU A 55 -2.22 -16.31 -3.41
CA GLU A 55 -2.67 -16.91 -4.66
C GLU A 55 -1.59 -17.84 -5.23
N ALA A 56 -0.46 -17.90 -4.55
CA ALA A 56 0.64 -18.74 -4.98
C ALA A 56 0.94 -19.79 -3.90
N GLY A 1 8.59 -19.61 3.96
CA GLY A 1 8.13 -18.61 2.98
C GLY A 1 6.68 -18.82 2.59
N SER A 2 5.95 -17.72 2.39
CA SER A 2 4.55 -17.74 1.97
C SER A 2 3.64 -18.28 3.08
N GLU A 3 4.19 -18.41 4.29
CA GLU A 3 3.40 -18.86 5.42
C GLU A 3 2.89 -17.67 6.21
N THR A 4 3.60 -16.56 6.11
CA THR A 4 3.23 -15.35 6.81
C THR A 4 2.15 -14.59 6.04
N GLN A 5 0.93 -15.10 6.08
CA GLN A 5 -0.21 -14.42 5.47
C GLN A 5 -0.51 -13.15 6.26
N ALA A 6 -0.22 -13.20 7.56
CA ALA A 6 -0.34 -12.03 8.42
C ALA A 6 0.68 -10.97 8.01
N GLY A 7 1.65 -11.38 7.17
CA GLY A 7 2.65 -10.46 6.67
C GLY A 7 2.02 -9.33 5.90
N ILE A 8 1.22 -9.66 4.90
CA ILE A 8 0.50 -8.65 4.13
C ILE A 8 -0.65 -8.09 4.94
N LYS A 9 -1.25 -8.91 5.80
CA LYS A 9 -2.37 -8.45 6.62
C LYS A 9 -1.95 -7.30 7.54
N GLU A 10 -0.83 -7.47 8.24
CA GLU A 10 -0.33 -6.43 9.12
C GLU A 10 0.19 -5.26 8.30
N GLU A 11 0.94 -5.56 7.25
CA GLU A 11 1.46 -4.54 6.35
C GLU A 11 0.34 -3.71 5.76
N ILE A 12 -0.61 -4.39 5.11
CA ILE A 12 -1.70 -3.72 4.41
C ILE A 12 -2.51 -2.85 5.37
N ARG A 13 -2.57 -3.22 6.64
CA ARG A 13 -3.21 -2.38 7.62
C ARG A 13 -2.51 -1.02 7.69
N ARG A 14 -1.19 -1.06 7.84
CA ARG A 14 -0.39 0.16 7.94
C ARG A 14 -0.25 0.83 6.57
N GLN A 15 -0.08 0.01 5.53
CA GLN A 15 0.06 0.50 4.17
C GLN A 15 -1.18 1.23 3.71
N GLU A 16 -2.34 0.58 3.81
CA GLU A 16 -3.60 1.23 3.43
C GLU A 16 -3.86 2.45 4.31
N PHE A 17 -3.36 2.38 5.54
CA PHE A 17 -3.49 3.49 6.49
C PHE A 17 -2.77 4.73 5.96
N LEU A 18 -1.49 4.58 5.66
CA LEU A 18 -0.70 5.69 5.16
C LEU A 18 -1.07 6.00 3.71
N LEU A 19 -1.49 4.99 2.97
CA LEU A 19 -1.96 5.18 1.60
C LEU A 19 -3.16 6.11 1.61
N ASN A 20 -4.11 5.81 2.50
CA ASN A 20 -5.29 6.63 2.67
C ASN A 20 -4.90 8.05 3.08
N SER A 21 -3.88 8.14 3.92
CA SER A 21 -3.39 9.42 4.41
C SER A 21 -2.84 10.27 3.27
N LEU A 22 -1.82 9.78 2.58
CA LEU A 22 -1.23 10.54 1.49
C LEU A 22 -2.18 10.63 0.28
N HIS A 23 -3.21 9.78 0.27
CA HIS A 23 -4.24 9.85 -0.75
C HIS A 23 -5.15 11.05 -0.49
N ARG A 24 -5.47 11.30 0.78
CA ARG A 24 -6.33 12.42 1.12
C ARG A 24 -5.53 13.72 1.08
N ASP A 25 -4.21 13.59 1.02
CA ASP A 25 -3.31 14.72 0.78
C ASP A 25 -3.56 15.31 -0.60
N LEU A 26 -4.17 14.51 -1.47
CA LEU A 26 -4.41 14.92 -2.84
C LEU A 26 -5.73 15.69 -2.97
N GLN A 27 -6.26 16.14 -1.84
CA GLN A 27 -7.51 16.90 -1.85
C GLN A 27 -7.23 18.39 -1.73
N GLY A 28 -7.37 19.10 -2.85
CA GLY A 28 -7.15 20.53 -2.86
C GLY A 28 -6.14 20.96 -3.90
N GLY A 29 -5.19 21.78 -3.48
CA GLY A 29 -4.18 22.30 -4.39
C GLY A 29 -3.01 21.36 -4.52
N ILE A 30 -3.21 20.29 -5.28
CA ILE A 30 -2.24 19.21 -5.40
C ILE A 30 -0.89 19.70 -5.92
N LYS A 31 0.10 19.60 -5.06
CA LYS A 31 1.50 19.76 -5.45
C LYS A 31 2.26 18.63 -4.80
N ASP A 32 1.55 17.54 -4.74
CA ASP A 32 1.95 16.36 -3.99
C ASP A 32 2.03 15.17 -4.93
N LEU A 33 2.60 15.42 -6.10
CA LEU A 33 2.67 14.42 -7.16
C LEU A 33 3.43 13.18 -6.69
N SER A 34 4.38 13.41 -5.80
CA SER A 34 5.19 12.33 -5.25
C SER A 34 4.34 11.37 -4.42
N LYS A 35 3.32 11.89 -3.76
CA LYS A 35 2.44 11.10 -2.94
C LYS A 35 1.58 10.19 -3.80
N GLU A 36 1.28 10.64 -5.01
CA GLU A 36 0.53 9.83 -5.96
C GLU A 36 1.37 8.64 -6.39
N GLU A 37 2.64 8.90 -6.66
CA GLU A 37 3.59 7.86 -7.00
C GLU A 37 3.80 6.93 -5.81
N ARG A 38 3.63 7.47 -4.62
CA ARG A 38 3.81 6.71 -3.40
C ARG A 38 2.67 5.73 -3.20
N LEU A 39 1.45 6.23 -3.26
CA LEU A 39 0.27 5.38 -3.07
C LEU A 39 0.25 4.28 -4.11
N TRP A 40 0.78 4.55 -5.29
CA TRP A 40 0.81 3.56 -6.34
C TRP A 40 1.81 2.46 -6.00
N GLU A 41 2.94 2.83 -5.41
CA GLU A 41 3.92 1.84 -4.99
C GLU A 41 3.37 1.04 -3.81
N VAL A 42 2.75 1.74 -2.87
CA VAL A 42 2.11 1.08 -1.73
C VAL A 42 1.08 0.06 -2.23
N GLN A 43 0.29 0.48 -3.22
CA GLN A 43 -0.76 -0.35 -3.78
C GLN A 43 -0.16 -1.58 -4.45
N ARG A 44 0.92 -1.37 -5.20
CA ARG A 44 1.53 -2.44 -5.95
C ARG A 44 2.24 -3.42 -5.01
N ILE A 45 2.70 -2.92 -3.87
CA ILE A 45 3.36 -3.76 -2.87
C ILE A 45 2.35 -4.68 -2.20
N LEU A 46 1.31 -4.11 -1.63
CA LEU A 46 0.29 -4.89 -0.92
C LEU A 46 -0.34 -5.91 -1.85
N THR A 47 -0.47 -5.56 -3.12
CA THR A 47 -1.01 -6.47 -4.11
C THR A 47 -0.06 -7.64 -4.36
N ALA A 48 1.18 -7.32 -4.73
CA ALA A 48 2.17 -8.34 -5.06
C ALA A 48 2.50 -9.20 -3.84
N LEU A 49 2.51 -8.58 -2.67
CA LEU A 49 2.87 -9.26 -1.44
C LEU A 49 1.87 -10.38 -1.13
N LYS A 50 0.58 -10.05 -1.08
CA LYS A 50 -0.42 -11.05 -0.74
C LYS A 50 -0.49 -12.13 -1.81
N ARG A 51 -0.09 -11.78 -3.02
CA ARG A 51 -0.05 -12.74 -4.11
C ARG A 51 1.05 -13.77 -3.87
N LYS A 52 2.25 -13.31 -3.56
CA LYS A 52 3.36 -14.22 -3.30
C LYS A 52 3.22 -14.94 -1.97
N LEU A 53 2.29 -14.48 -1.14
CA LEU A 53 2.08 -15.09 0.17
C LEU A 53 0.87 -16.02 0.18
N ARG A 54 0.00 -15.92 -0.82
CA ARG A 54 -1.21 -16.74 -0.85
C ARG A 54 -1.28 -17.59 -2.12
N GLU A 55 -0.83 -17.05 -3.24
CA GLU A 55 -0.97 -17.71 -4.53
C GLU A 55 0.21 -18.65 -4.79
N ALA A 56 1.05 -18.82 -3.77
CA ALA A 56 2.21 -19.68 -3.88
C ALA A 56 2.02 -20.94 -3.03
N GLY A 1 7.99 -21.97 1.78
CA GLY A 1 8.86 -22.29 2.93
C GLY A 1 8.38 -21.61 4.18
N SER A 2 8.81 -20.38 4.38
CA SER A 2 8.40 -19.62 5.54
C SER A 2 7.65 -18.37 5.09
N GLU A 3 6.35 -18.53 4.87
CA GLU A 3 5.50 -17.43 4.43
C GLU A 3 4.61 -16.96 5.58
N THR A 4 4.32 -15.67 5.61
CA THR A 4 3.51 -15.09 6.67
C THR A 4 2.28 -14.39 6.08
N GLN A 5 1.10 -14.93 6.34
CA GLN A 5 -0.15 -14.31 5.90
C GLN A 5 -0.31 -12.95 6.56
N ALA A 6 0.12 -12.86 7.81
CA ALA A 6 0.10 -11.60 8.55
C ALA A 6 1.09 -10.61 7.93
N GLY A 7 1.89 -11.08 6.99
CA GLY A 7 2.87 -10.23 6.33
C GLY A 7 2.20 -9.09 5.59
N ILE A 8 1.40 -9.44 4.59
CA ILE A 8 0.67 -8.42 3.85
C ILE A 8 -0.49 -7.92 4.70
N LYS A 9 -1.04 -8.79 5.54
CA LYS A 9 -2.20 -8.45 6.35
C LYS A 9 -1.93 -7.23 7.23
N GLU A 10 -0.90 -7.30 8.06
CA GLU A 10 -0.61 -6.23 8.97
C GLU A 10 0.08 -5.07 8.27
N GLU A 11 0.89 -5.38 7.25
CA GLU A 11 1.57 -4.34 6.50
C GLU A 11 0.60 -3.59 5.61
N ILE A 12 -0.44 -4.25 5.11
CA ILE A 12 -1.45 -3.57 4.31
C ILE A 12 -2.25 -2.63 5.20
N ARG A 13 -2.39 -2.98 6.48
CA ARG A 13 -2.96 -2.05 7.45
C ARG A 13 -2.17 -0.76 7.45
N ARG A 14 -0.84 -0.89 7.50
CA ARG A 14 0.06 0.25 7.45
C ARG A 14 -0.02 0.95 6.09
N GLN A 15 0.18 0.18 5.03
CA GLN A 15 0.25 0.72 3.68
C GLN A 15 -1.06 1.38 3.26
N GLU A 16 -2.19 0.84 3.70
CA GLU A 16 -3.48 1.48 3.41
C GLU A 16 -3.73 2.63 4.37
N PHE A 17 -3.12 2.57 5.56
CA PHE A 17 -3.25 3.62 6.55
C PHE A 17 -2.68 4.91 5.98
N LEU A 18 -1.42 4.85 5.56
CA LEU A 18 -0.78 6.01 4.95
C LEU A 18 -1.35 6.27 3.56
N LEU A 19 -1.85 5.22 2.91
CA LEU A 19 -2.49 5.37 1.60
C LEU A 19 -3.67 6.31 1.71
N ASN A 20 -4.49 6.10 2.74
CA ASN A 20 -5.64 6.94 3.00
C ASN A 20 -5.18 8.38 3.30
N SER A 21 -4.14 8.49 4.12
CA SER A 21 -3.58 9.79 4.48
C SER A 21 -3.06 10.56 3.27
N LEU A 22 -2.16 9.93 2.50
CA LEU A 22 -1.55 10.59 1.35
C LEU A 22 -2.59 10.85 0.25
N HIS A 23 -3.69 10.11 0.29
CA HIS A 23 -4.81 10.39 -0.60
C HIS A 23 -5.48 11.69 -0.21
N ARG A 24 -5.67 11.90 1.08
CA ARG A 24 -6.26 13.12 1.58
C ARG A 24 -5.26 14.28 1.44
N ASP A 25 -3.98 13.94 1.34
CA ASP A 25 -2.95 14.92 1.01
C ASP A 25 -3.19 15.50 -0.38
N LEU A 26 -3.58 14.63 -1.30
CA LEU A 26 -3.85 15.03 -2.68
C LEU A 26 -5.18 15.76 -2.79
N GLN A 27 -6.11 15.43 -1.91
CA GLN A 27 -7.42 16.05 -1.91
C GLN A 27 -7.32 17.55 -1.64
N GLY A 28 -8.06 18.31 -2.42
CA GLY A 28 -7.93 19.75 -2.39
C GLY A 28 -7.29 20.26 -3.66
N GLY A 29 -7.11 19.37 -4.62
CA GLY A 29 -6.48 19.72 -5.87
C GLY A 29 -4.98 19.87 -5.72
N ILE A 30 -4.40 19.03 -4.86
CA ILE A 30 -2.99 19.11 -4.55
C ILE A 30 -2.19 18.16 -5.43
N LYS A 31 -1.30 18.71 -6.24
CA LYS A 31 -0.45 17.90 -7.09
C LYS A 31 0.82 17.52 -6.34
N ASP A 32 0.69 16.54 -5.47
CA ASP A 32 1.84 16.03 -4.73
C ASP A 32 2.37 14.79 -5.42
N LEU A 33 3.47 14.95 -6.13
CA LEU A 33 4.05 13.87 -6.91
C LEU A 33 4.64 12.82 -5.98
N SER A 34 5.19 13.27 -4.87
CA SER A 34 5.82 12.38 -3.91
C SER A 34 4.78 11.45 -3.29
N LYS A 35 3.65 12.01 -2.91
CA LYS A 35 2.55 11.24 -2.34
C LYS A 35 1.96 10.28 -3.36
N GLU A 36 1.95 10.70 -4.62
CA GLU A 36 1.35 9.91 -5.67
C GLU A 36 2.24 8.71 -6.01
N GLU A 37 3.54 8.94 -6.12
CA GLU A 37 4.48 7.85 -6.33
C GLU A 37 4.51 6.94 -5.10
N ARG A 38 4.16 7.52 -3.96
CA ARG A 38 4.16 6.80 -2.70
C ARG A 38 2.97 5.85 -2.63
N LEU A 39 1.81 6.32 -3.06
CA LEU A 39 0.61 5.50 -3.02
C LEU A 39 0.76 4.29 -3.93
N TRP A 40 1.41 4.48 -5.07
CA TRP A 40 1.60 3.39 -5.99
C TRP A 40 2.74 2.50 -5.53
N GLU A 41 3.65 3.08 -4.78
CA GLU A 41 4.78 2.36 -4.21
C GLU A 41 4.28 1.34 -3.19
N VAL A 42 3.49 1.78 -2.23
CA VAL A 42 2.98 0.90 -1.21
C VAL A 42 1.91 -0.03 -1.80
N GLN A 43 1.17 0.46 -2.78
CA GLN A 43 0.14 -0.33 -3.43
C GLN A 43 0.76 -1.50 -4.18
N ARG A 44 1.86 -1.25 -4.89
CA ARG A 44 2.51 -2.29 -5.67
C ARG A 44 3.12 -3.36 -4.75
N ILE A 45 3.61 -2.92 -3.58
CA ILE A 45 4.20 -3.82 -2.61
C ILE A 45 3.16 -4.74 -2.01
N LEU A 46 2.09 -4.16 -1.47
CA LEU A 46 1.04 -4.95 -0.85
C LEU A 46 0.42 -5.91 -1.85
N THR A 47 0.25 -5.44 -3.09
CA THR A 47 -0.38 -6.25 -4.11
C THR A 47 0.50 -7.43 -4.51
N ALA A 48 1.78 -7.16 -4.75
CA ALA A 48 2.71 -8.22 -5.16
C ALA A 48 2.72 -9.35 -4.13
N LEU A 49 2.86 -8.98 -2.87
CA LEU A 49 2.96 -9.95 -1.79
C LEU A 49 1.66 -10.73 -1.63
N LYS A 50 0.52 -10.03 -1.53
CA LYS A 50 -0.75 -10.68 -1.26
C LYS A 50 -1.12 -11.68 -2.34
N ARG A 51 -0.72 -11.38 -3.56
CA ARG A 51 -1.02 -12.24 -4.70
C ARG A 51 -0.25 -13.56 -4.61
N LYS A 52 1.07 -13.48 -4.52
CA LYS A 52 1.91 -14.67 -4.46
C LYS A 52 1.71 -15.44 -3.15
N LEU A 53 1.21 -14.75 -2.14
CA LEU A 53 1.04 -15.33 -0.82
C LEU A 53 -0.29 -16.08 -0.68
N ARG A 54 -1.39 -15.38 -0.91
CA ARG A 54 -2.71 -15.94 -0.67
C ARG A 54 -3.10 -16.95 -1.73
N GLU A 55 -2.65 -16.74 -2.95
CA GLU A 55 -3.08 -17.56 -4.08
C GLU A 55 -2.15 -18.76 -4.27
N ALA A 56 -1.42 -19.12 -3.22
CA ALA A 56 -0.50 -20.25 -3.28
C ALA A 56 -1.24 -21.56 -3.06
N GLY A 1 10.83 -17.30 5.53
CA GLY A 1 9.50 -17.10 6.15
C GLY A 1 8.48 -16.59 5.15
N SER A 2 7.75 -17.51 4.53
CA SER A 2 6.74 -17.16 3.54
C SER A 2 5.36 -17.55 4.05
N GLU A 3 5.30 -18.07 5.26
CA GLU A 3 4.05 -18.57 5.83
C GLU A 3 3.29 -17.45 6.53
N THR A 4 3.73 -16.22 6.32
CA THR A 4 3.16 -15.07 7.01
C THR A 4 2.03 -14.43 6.23
N GLN A 5 0.86 -15.05 6.27
CA GLN A 5 -0.34 -14.47 5.67
C GLN A 5 -0.74 -13.23 6.45
N ALA A 6 -0.57 -13.31 7.76
CA ALA A 6 -0.83 -12.16 8.64
C ALA A 6 0.19 -11.07 8.41
N GLY A 7 1.24 -11.40 7.64
CA GLY A 7 2.25 -10.42 7.29
C GLY A 7 1.67 -9.31 6.46
N ILE A 8 1.11 -9.66 5.30
CA ILE A 8 0.45 -8.67 4.45
C ILE A 8 -0.74 -8.09 5.20
N LYS A 9 -1.37 -8.90 6.05
CA LYS A 9 -2.53 -8.42 6.80
C LYS A 9 -2.16 -7.23 7.71
N GLU A 10 -1.14 -7.39 8.53
CA GLU A 10 -0.67 -6.30 9.39
C GLU A 10 -0.12 -5.18 8.53
N GLU A 11 0.76 -5.54 7.60
CA GLU A 11 1.38 -4.56 6.73
C GLU A 11 0.35 -3.76 5.96
N ILE A 12 -0.60 -4.43 5.34
CA ILE A 12 -1.58 -3.77 4.49
C ILE A 12 -2.44 -2.80 5.29
N ARG A 13 -2.66 -3.11 6.57
CA ARG A 13 -3.36 -2.18 7.45
C ARG A 13 -2.60 -0.85 7.50
N ARG A 14 -1.30 -0.94 7.69
CA ARG A 14 -0.46 0.25 7.78
C ARG A 14 -0.26 0.87 6.40
N GLN A 15 -0.04 0.02 5.41
CA GLN A 15 0.19 0.46 4.03
C GLN A 15 -1.03 1.17 3.47
N GLU A 16 -2.20 0.57 3.62
CA GLU A 16 -3.43 1.20 3.17
C GLU A 16 -3.72 2.44 3.99
N PHE A 17 -3.26 2.46 5.24
CA PHE A 17 -3.44 3.60 6.13
C PHE A 17 -2.67 4.81 5.61
N LEU A 18 -1.38 4.62 5.34
CA LEU A 18 -0.55 5.70 4.83
C LEU A 18 -0.89 6.01 3.38
N LEU A 19 -1.27 4.99 2.63
CA LEU A 19 -1.71 5.18 1.26
C LEU A 19 -2.91 6.10 1.27
N ASN A 20 -3.86 5.77 2.14
CA ASN A 20 -5.05 6.59 2.37
C ASN A 20 -4.67 8.03 2.72
N SER A 21 -3.72 8.16 3.64
CA SER A 21 -3.26 9.47 4.10
C SER A 21 -2.67 10.28 2.94
N LEU A 22 -1.64 9.75 2.29
CA LEU A 22 -1.00 10.45 1.19
C LEU A 22 -1.93 10.56 -0.02
N HIS A 23 -2.93 9.70 -0.08
CA HIS A 23 -3.95 9.77 -1.12
C HIS A 23 -4.78 11.04 -0.96
N ARG A 24 -5.02 11.41 0.29
CA ARG A 24 -5.79 12.61 0.59
C ARG A 24 -4.94 13.87 0.40
N ASP A 25 -3.63 13.70 0.49
CA ASP A 25 -2.69 14.81 0.24
C ASP A 25 -2.76 15.26 -1.21
N LEU A 26 -3.40 14.46 -2.05
CA LEU A 26 -3.47 14.74 -3.48
C LEU A 26 -4.60 15.68 -3.83
N GLN A 27 -5.25 16.26 -2.82
CA GLN A 27 -6.34 17.21 -3.08
C GLN A 27 -6.63 18.08 -1.87
N GLY A 28 -7.66 18.91 -2.00
CA GLY A 28 -7.98 19.86 -0.96
C GLY A 28 -7.29 21.19 -1.21
N GLY A 29 -6.84 21.38 -2.44
CA GLY A 29 -6.12 22.59 -2.79
C GLY A 29 -4.64 22.31 -2.98
N ILE A 30 -4.28 21.04 -3.00
CA ILE A 30 -2.90 20.62 -3.11
C ILE A 30 -2.64 19.96 -4.45
N LYS A 31 -1.53 20.34 -5.08
CA LYS A 31 -1.08 19.69 -6.29
C LYS A 31 0.26 19.02 -6.06
N ASP A 32 0.26 17.70 -6.02
CA ASP A 32 1.47 16.94 -5.73
C ASP A 32 1.50 15.65 -6.54
N LEU A 33 2.67 15.29 -7.04
CA LEU A 33 2.83 14.08 -7.83
C LEU A 33 3.64 13.03 -7.06
N SER A 34 4.24 13.46 -5.96
CA SER A 34 5.08 12.59 -5.15
C SER A 34 4.22 11.56 -4.42
N LYS A 35 3.11 12.03 -3.86
CA LYS A 35 2.17 11.15 -3.13
C LYS A 35 1.65 10.06 -4.05
N GLU A 36 1.57 10.37 -5.34
CA GLU A 36 1.04 9.43 -6.31
C GLU A 36 2.04 8.30 -6.53
N GLU A 37 3.31 8.66 -6.71
CA GLU A 37 4.38 7.68 -6.79
C GLU A 37 4.44 6.86 -5.50
N ARG A 38 4.09 7.51 -4.40
CA ARG A 38 4.12 6.87 -3.10
C ARG A 38 3.00 5.87 -2.94
N LEU A 39 1.78 6.26 -3.32
CA LEU A 39 0.63 5.38 -3.19
C LEU A 39 0.80 4.14 -4.05
N TRP A 40 1.42 4.30 -5.21
CA TRP A 40 1.61 3.18 -6.11
C TRP A 40 2.71 2.28 -5.59
N GLU A 41 3.67 2.85 -4.86
CA GLU A 41 4.76 2.08 -4.29
C GLU A 41 4.20 1.09 -3.27
N VAL A 42 3.43 1.58 -2.32
CA VAL A 42 2.85 0.72 -1.31
C VAL A 42 1.77 -0.18 -1.89
N GLN A 43 1.04 0.33 -2.88
CA GLN A 43 -0.03 -0.43 -3.51
C GLN A 43 0.53 -1.66 -4.20
N ARG A 44 1.61 -1.46 -4.96
CA ARG A 44 2.22 -2.56 -5.69
C ARG A 44 2.77 -3.60 -4.72
N ILE A 45 3.30 -3.15 -3.59
CA ILE A 45 3.85 -4.06 -2.60
C ILE A 45 2.76 -4.86 -1.88
N LEU A 46 1.80 -4.17 -1.25
CA LEU A 46 0.71 -4.85 -0.55
C LEU A 46 -0.07 -5.79 -1.49
N THR A 47 -0.21 -5.39 -2.75
CA THR A 47 -0.89 -6.20 -3.73
C THR A 47 -0.08 -7.45 -4.05
N ALA A 48 1.17 -7.27 -4.46
CA ALA A 48 2.01 -8.39 -4.84
C ALA A 48 2.26 -9.32 -3.67
N LEU A 49 2.32 -8.74 -2.46
CA LEU A 49 2.59 -9.52 -1.27
C LEU A 49 1.50 -10.55 -1.02
N LYS A 50 0.24 -10.09 -0.91
CA LYS A 50 -0.87 -11.00 -0.65
C LYS A 50 -1.00 -12.04 -1.77
N ARG A 51 -0.70 -11.62 -2.98
CA ARG A 51 -0.74 -12.49 -4.15
C ARG A 51 0.24 -13.64 -4.01
N LYS A 52 1.51 -13.31 -3.88
CA LYS A 52 2.58 -14.31 -3.85
C LYS A 52 2.59 -15.10 -2.53
N LEU A 53 1.81 -14.66 -1.57
CA LEU A 53 1.65 -15.41 -0.33
C LEU A 53 0.54 -16.45 -0.45
N ARG A 54 -0.42 -16.19 -1.33
CA ARG A 54 -1.55 -17.10 -1.50
C ARG A 54 -1.37 -18.03 -2.69
N GLU A 55 -1.04 -17.48 -3.86
CA GLU A 55 -1.04 -18.27 -5.09
C GLU A 55 0.37 -18.72 -5.48
N ALA A 56 1.28 -18.74 -4.51
CA ALA A 56 2.62 -19.22 -4.76
C ALA A 56 3.05 -20.16 -3.65
N GLY A 1 5.45 -21.55 8.25
CA GLY A 1 6.85 -21.59 7.77
C GLY A 1 7.23 -20.38 6.95
N SER A 2 7.09 -20.49 5.64
CA SER A 2 7.48 -19.42 4.74
C SER A 2 6.24 -18.64 4.26
N GLU A 3 5.07 -19.08 4.66
CA GLU A 3 3.83 -18.42 4.29
C GLU A 3 3.27 -17.62 5.47
N THR A 4 3.26 -16.30 5.33
CA THR A 4 2.73 -15.43 6.35
C THR A 4 1.63 -14.54 5.81
N GLN A 5 0.40 -15.01 5.89
CA GLN A 5 -0.75 -14.23 5.45
C GLN A 5 -0.94 -13.04 6.39
N ALA A 6 -0.57 -13.25 7.66
CA ALA A 6 -0.59 -12.19 8.65
C ALA A 6 0.46 -11.13 8.32
N GLY A 7 1.37 -11.49 7.41
CA GLY A 7 2.40 -10.58 6.98
C GLY A 7 1.81 -9.39 6.25
N ILE A 8 1.12 -9.66 5.15
CA ILE A 8 0.45 -8.62 4.39
C ILE A 8 -0.77 -8.11 5.17
N LYS A 9 -1.36 -8.97 5.99
CA LYS A 9 -2.53 -8.59 6.79
C LYS A 9 -2.23 -7.36 7.65
N GLU A 10 -1.21 -7.45 8.49
CA GLU A 10 -0.88 -6.35 9.39
C GLU A 10 -0.27 -5.19 8.62
N GLU A 11 0.59 -5.50 7.65
CA GLU A 11 1.23 -4.47 6.85
C GLU A 11 0.21 -3.71 6.01
N ILE A 12 -0.79 -4.39 5.49
CA ILE A 12 -1.79 -3.73 4.66
C ILE A 12 -2.62 -2.78 5.50
N ARG A 13 -2.85 -3.11 6.77
CA ARG A 13 -3.50 -2.18 7.67
C ARG A 13 -2.71 -0.89 7.77
N ARG A 14 -1.40 -1.02 7.92
CA ARG A 14 -0.51 0.12 8.05
C ARG A 14 -0.34 0.84 6.72
N GLN A 15 -0.19 0.07 5.65
CA GLN A 15 0.03 0.63 4.32
C GLN A 15 -1.23 1.30 3.78
N GLU A 16 -2.37 0.64 3.87
CA GLU A 16 -3.62 1.26 3.43
C GLU A 16 -3.93 2.48 4.28
N PHE A 17 -3.48 2.46 5.53
CA PHE A 17 -3.64 3.59 6.44
C PHE A 17 -2.89 4.81 5.88
N LEU A 18 -1.61 4.64 5.59
CA LEU A 18 -0.81 5.74 5.07
C LEU A 18 -1.15 6.01 3.61
N LEU A 19 -1.52 4.98 2.87
CA LEU A 19 -1.91 5.13 1.48
C LEU A 19 -3.12 6.03 1.39
N ASN A 20 -4.12 5.75 2.22
CA ASN A 20 -5.31 6.57 2.29
C ASN A 20 -4.96 7.98 2.72
N SER A 21 -4.06 8.08 3.71
CA SER A 21 -3.62 9.38 4.22
C SER A 21 -2.94 10.19 3.13
N LEU A 22 -1.91 9.62 2.48
CA LEU A 22 -1.20 10.35 1.45
C LEU A 22 -2.07 10.53 0.20
N HIS A 23 -3.08 9.70 0.06
CA HIS A 23 -4.07 9.84 -1.01
C HIS A 23 -4.90 11.11 -0.76
N ARG A 24 -5.01 11.48 0.52
CA ARG A 24 -5.68 12.71 0.90
C ARG A 24 -4.75 13.91 0.69
N ASP A 25 -3.45 13.67 0.77
CA ASP A 25 -2.44 14.71 0.56
C ASP A 25 -2.37 15.14 -0.91
N LEU A 26 -3.16 14.49 -1.75
CA LEU A 26 -3.21 14.82 -3.18
C LEU A 26 -4.41 15.70 -3.49
N GLN A 27 -5.16 16.06 -2.45
CA GLN A 27 -6.40 16.79 -2.62
C GLN A 27 -6.44 18.00 -1.70
N GLY A 28 -7.36 18.92 -1.97
CA GLY A 28 -7.45 20.12 -1.17
C GLY A 28 -6.74 21.29 -1.80
N GLY A 29 -6.42 21.16 -3.08
CA GLY A 29 -5.73 22.24 -3.79
C GLY A 29 -4.25 21.98 -3.87
N ILE A 30 -3.83 20.83 -3.35
CA ILE A 30 -2.41 20.47 -3.32
C ILE A 30 -1.92 20.05 -4.71
N LYS A 31 -0.77 20.57 -5.09
CA LYS A 31 -0.13 20.16 -6.33
C LYS A 31 0.99 19.17 -6.03
N ASP A 32 0.66 17.89 -6.01
CA ASP A 32 1.62 16.87 -5.64
C ASP A 32 1.45 15.63 -6.49
N LEU A 33 2.56 15.11 -6.99
CA LEU A 33 2.56 13.87 -7.75
C LEU A 33 3.35 12.80 -7.01
N SER A 34 4.09 13.23 -6.01
CA SER A 34 4.97 12.34 -5.25
C SER A 34 4.17 11.28 -4.51
N LYS A 35 3.09 11.69 -3.87
CA LYS A 35 2.27 10.78 -3.11
C LYS A 35 1.42 9.90 -4.01
N GLU A 36 1.21 10.33 -5.24
CA GLU A 36 0.41 9.54 -6.17
C GLU A 36 1.23 8.36 -6.67
N GLU A 37 2.49 8.63 -7.00
CA GLU A 37 3.42 7.57 -7.36
C GLU A 37 3.66 6.68 -6.15
N ARG A 38 3.54 7.27 -4.96
CA ARG A 38 3.81 6.55 -3.73
C ARG A 38 2.62 5.71 -3.30
N LEU A 39 1.40 6.18 -3.52
CA LEU A 39 0.24 5.36 -3.24
C LEU A 39 0.27 4.13 -4.12
N TRP A 40 0.80 4.28 -5.32
CA TRP A 40 0.95 3.16 -6.22
C TRP A 40 2.14 2.32 -5.79
N GLU A 41 3.09 2.95 -5.12
CA GLU A 41 4.28 2.27 -4.60
C GLU A 41 3.88 1.23 -3.57
N VAL A 42 3.27 1.67 -2.47
CA VAL A 42 2.87 0.76 -1.41
C VAL A 42 1.74 -0.17 -1.86
N GLN A 43 0.97 0.28 -2.85
CA GLN A 43 -0.13 -0.51 -3.38
C GLN A 43 0.42 -1.76 -4.05
N ARG A 44 1.44 -1.57 -4.87
CA ARG A 44 2.05 -2.70 -5.58
C ARG A 44 2.86 -3.55 -4.63
N ILE A 45 3.31 -2.96 -3.53
CA ILE A 45 4.04 -3.71 -2.51
C ILE A 45 3.12 -4.69 -1.79
N LEU A 46 2.04 -4.16 -1.20
CA LEU A 46 1.08 -5.01 -0.50
C LEU A 46 0.46 -6.02 -1.46
N THR A 47 0.27 -5.62 -2.71
CA THR A 47 -0.30 -6.49 -3.72
C THR A 47 0.67 -7.61 -4.10
N ALA A 48 1.90 -7.25 -4.47
CA ALA A 48 2.88 -8.24 -4.88
C ALA A 48 3.14 -9.24 -3.77
N LEU A 49 3.14 -8.75 -2.54
CA LEU A 49 3.34 -9.58 -1.38
C LEU A 49 2.21 -10.61 -1.24
N LYS A 50 0.97 -10.13 -1.11
CA LYS A 50 -0.18 -11.01 -0.86
C LYS A 50 -0.40 -11.99 -2.01
N ARG A 51 0.00 -11.61 -3.21
CA ARG A 51 -0.16 -12.47 -4.37
C ARG A 51 0.84 -13.61 -4.35
N LYS A 52 2.12 -13.29 -4.16
CA LYS A 52 3.15 -14.34 -4.11
C LYS A 52 3.14 -15.06 -2.77
N LEU A 53 2.25 -14.63 -1.88
CA LEU A 53 2.12 -15.25 -0.56
C LEU A 53 0.90 -16.16 -0.51
N ARG A 54 -0.26 -15.64 -0.88
CA ARG A 54 -1.52 -16.38 -0.73
C ARG A 54 -1.85 -17.19 -1.98
N GLU A 55 -1.47 -16.70 -3.15
CA GLU A 55 -1.88 -17.30 -4.41
C GLU A 55 -0.92 -18.40 -4.83
N ALA A 56 0.05 -18.70 -3.97
CA ALA A 56 1.03 -19.72 -4.24
C ALA A 56 0.79 -20.95 -3.37
N GLY A 1 11.99 -15.47 0.98
CA GLY A 1 11.21 -14.94 2.12
C GLY A 1 10.24 -15.96 2.66
N SER A 2 9.99 -15.91 3.96
CA SER A 2 9.06 -16.83 4.59
C SER A 2 7.63 -16.32 4.41
N GLU A 3 6.69 -17.25 4.29
CA GLU A 3 5.30 -16.91 4.11
C GLU A 3 4.67 -16.53 5.44
N THR A 4 4.03 -15.39 5.47
CA THR A 4 3.29 -14.96 6.64
C THR A 4 2.03 -14.22 6.21
N GLN A 5 0.90 -14.91 6.30
CA GLN A 5 -0.39 -14.30 6.01
C GLN A 5 -0.67 -13.15 6.95
N ALA A 6 -0.15 -13.26 8.16
CA ALA A 6 -0.20 -12.17 9.13
C ALA A 6 0.74 -11.05 8.71
N GLY A 7 1.66 -11.38 7.81
CA GLY A 7 2.62 -10.41 7.30
C GLY A 7 1.95 -9.34 6.50
N ILE A 8 1.30 -9.74 5.39
CA ILE A 8 0.59 -8.79 4.54
C ILE A 8 -0.56 -8.18 5.34
N LYS A 9 -1.15 -8.98 6.22
CA LYS A 9 -2.23 -8.49 7.06
C LYS A 9 -1.80 -7.26 7.85
N GLU A 10 -0.68 -7.36 8.55
CA GLU A 10 -0.16 -6.26 9.34
C GLU A 10 0.28 -5.12 8.42
N GLU A 11 1.06 -5.48 7.40
CA GLU A 11 1.62 -4.50 6.49
C GLU A 11 0.54 -3.76 5.70
N ILE A 12 -0.50 -4.45 5.30
CA ILE A 12 -1.55 -3.85 4.48
C ILE A 12 -2.37 -2.86 5.30
N ARG A 13 -2.59 -3.15 6.58
CA ARG A 13 -3.28 -2.21 7.44
C ARG A 13 -2.48 -0.92 7.56
N ARG A 14 -1.16 -1.08 7.68
CA ARG A 14 -0.26 0.05 7.77
C ARG A 14 -0.18 0.79 6.45
N GLN A 15 0.04 0.04 5.37
CA GLN A 15 0.23 0.62 4.05
C GLN A 15 -1.05 1.23 3.51
N GLU A 16 -2.18 0.57 3.66
CA GLU A 16 -3.44 1.15 3.18
C GLU A 16 -3.84 2.33 4.04
N PHE A 17 -3.41 2.32 5.30
CA PHE A 17 -3.64 3.45 6.20
C PHE A 17 -2.92 4.70 5.66
N LEU A 18 -1.61 4.57 5.46
CA LEU A 18 -0.83 5.69 4.96
C LEU A 18 -1.19 6.00 3.51
N LEU A 19 -1.55 4.96 2.76
CA LEU A 19 -2.02 5.14 1.38
C LEU A 19 -3.25 6.04 1.37
N ASN A 20 -4.22 5.69 2.21
CA ASN A 20 -5.43 6.49 2.36
C ASN A 20 -5.06 7.90 2.78
N SER A 21 -4.21 8.00 3.78
CA SER A 21 -3.74 9.28 4.29
C SER A 21 -3.12 10.12 3.17
N LEU A 22 -2.06 9.61 2.54
CA LEU A 22 -1.35 10.36 1.52
C LEU A 22 -2.23 10.58 0.28
N HIS A 23 -3.21 9.69 0.10
CA HIS A 23 -4.20 9.84 -0.97
C HIS A 23 -5.00 11.11 -0.76
N ARG A 24 -5.25 11.45 0.49
CA ARG A 24 -5.98 12.65 0.83
C ARG A 24 -5.07 13.87 0.73
N ASP A 25 -3.76 13.63 0.84
CA ASP A 25 -2.77 14.70 0.70
C ASP A 25 -2.52 15.04 -0.77
N LEU A 26 -3.31 14.45 -1.65
CA LEU A 26 -3.14 14.66 -3.08
C LEU A 26 -4.26 15.51 -3.67
N GLN A 27 -5.21 15.92 -2.84
CA GLN A 27 -6.34 16.68 -3.34
C GLN A 27 -6.69 17.82 -2.38
N GLY A 28 -7.54 18.72 -2.84
CA GLY A 28 -7.90 19.88 -2.04
C GLY A 28 -7.14 21.12 -2.46
N GLY A 29 -6.49 21.06 -3.61
CA GLY A 29 -5.71 22.20 -4.07
C GLY A 29 -4.22 22.00 -3.81
N ILE A 30 -3.80 20.74 -3.82
CA ILE A 30 -2.41 20.39 -3.53
C ILE A 30 -1.71 19.92 -4.81
N LYS A 31 -0.57 20.52 -5.10
CA LYS A 31 0.26 20.10 -6.23
C LYS A 31 1.30 19.10 -5.75
N ASP A 32 0.90 17.85 -5.66
CA ASP A 32 1.80 16.80 -5.22
C ASP A 32 1.70 15.58 -6.13
N LEU A 33 2.83 15.15 -6.65
CA LEU A 33 2.88 13.95 -7.48
C LEU A 33 3.69 12.88 -6.75
N SER A 34 4.28 13.28 -5.64
CA SER A 34 5.13 12.40 -4.86
C SER A 34 4.32 11.28 -4.24
N LYS A 35 3.21 11.64 -3.61
CA LYS A 35 2.36 10.66 -2.96
C LYS A 35 1.53 9.89 -3.96
N GLU A 36 1.40 10.42 -5.17
CA GLU A 36 0.74 9.69 -6.26
C GLU A 36 1.51 8.41 -6.55
N GLU A 37 2.79 8.58 -6.87
CA GLU A 37 3.66 7.45 -7.13
C GLU A 37 3.86 6.63 -5.86
N ARG A 38 3.69 7.29 -4.72
CA ARG A 38 3.88 6.66 -3.42
C ARG A 38 2.73 5.72 -3.09
N LEU A 39 1.50 6.17 -3.35
CA LEU A 39 0.33 5.34 -3.08
C LEU A 39 0.40 4.07 -3.91
N TRP A 40 0.81 4.21 -5.17
CA TRP A 40 0.90 3.06 -6.04
C TRP A 40 2.08 2.18 -5.63
N GLU A 41 3.09 2.81 -5.05
CA GLU A 41 4.27 2.10 -4.60
C GLU A 41 3.91 1.16 -3.44
N VAL A 42 3.27 1.69 -2.42
CA VAL A 42 2.87 0.87 -1.29
C VAL A 42 1.73 -0.07 -1.68
N GLN A 43 0.91 0.37 -2.64
CA GLN A 43 -0.22 -0.43 -3.11
C GLN A 43 0.30 -1.68 -3.79
N ARG A 44 1.30 -1.50 -4.65
CA ARG A 44 1.87 -2.61 -5.40
C ARG A 44 2.57 -3.57 -4.44
N ILE A 45 3.07 -3.06 -3.32
CA ILE A 45 3.71 -3.91 -2.32
C ILE A 45 2.67 -4.76 -1.60
N LEU A 46 1.70 -4.12 -0.96
CA LEU A 46 0.66 -4.85 -0.23
C LEU A 46 -0.10 -5.81 -1.17
N THR A 47 -0.25 -5.39 -2.43
CA THR A 47 -0.93 -6.22 -3.41
C THR A 47 -0.07 -7.40 -3.85
N ALA A 48 1.15 -7.14 -4.29
CA ALA A 48 2.03 -8.22 -4.76
C ALA A 48 2.35 -9.17 -3.62
N LEU A 49 2.44 -8.63 -2.41
CA LEU A 49 2.75 -9.43 -1.24
C LEU A 49 1.67 -10.50 -1.02
N LYS A 50 0.42 -10.06 -0.89
CA LYS A 50 -0.68 -11.02 -0.70
C LYS A 50 -0.83 -11.94 -1.92
N ARG A 51 -0.42 -11.45 -3.07
CA ARG A 51 -0.48 -12.24 -4.29
C ARG A 51 0.54 -13.38 -4.24
N LYS A 52 1.79 -13.05 -3.98
CA LYS A 52 2.84 -14.07 -3.90
C LYS A 52 2.71 -14.91 -2.64
N LEU A 53 1.80 -14.53 -1.76
CA LEU A 53 1.52 -15.33 -0.56
C LEU A 53 0.33 -16.25 -0.78
N ARG A 54 -0.49 -15.97 -1.80
CA ARG A 54 -1.67 -16.79 -2.06
C ARG A 54 -1.62 -17.47 -3.43
N GLU A 55 -1.29 -16.70 -4.46
CA GLU A 55 -1.36 -17.18 -5.84
C GLU A 55 -0.14 -18.03 -6.19
N ALA A 56 0.79 -18.15 -5.26
CA ALA A 56 2.02 -18.90 -5.50
C ALA A 56 1.88 -20.35 -5.07
N GLY A 1 10.20 -12.50 4.68
CA GLY A 1 8.81 -12.97 4.89
C GLY A 1 8.46 -14.13 3.99
N SER A 2 8.50 -15.34 4.53
CA SER A 2 8.13 -16.53 3.79
C SER A 2 6.85 -17.13 4.35
N GLU A 3 5.88 -17.36 3.47
CA GLU A 3 4.59 -17.94 3.84
C GLU A 3 3.88 -17.05 4.87
N THR A 4 4.19 -15.77 4.85
CA THR A 4 3.62 -14.83 5.78
C THR A 4 2.31 -14.23 5.26
N GLN A 5 1.21 -14.97 5.45
CA GLN A 5 -0.11 -14.49 5.08
C GLN A 5 -0.53 -13.36 6.01
N ALA A 6 -0.24 -13.55 7.30
CA ALA A 6 -0.48 -12.53 8.30
C ALA A 6 0.47 -11.36 8.10
N GLY A 7 1.51 -11.60 7.30
CA GLY A 7 2.46 -10.55 6.99
C GLY A 7 1.82 -9.41 6.26
N ILE A 8 1.20 -9.69 5.12
CA ILE A 8 0.50 -8.66 4.36
C ILE A 8 -0.66 -8.13 5.17
N LYS A 9 -1.34 -9.02 5.90
CA LYS A 9 -2.50 -8.60 6.68
C LYS A 9 -2.13 -7.51 7.69
N GLU A 10 -1.09 -7.74 8.46
CA GLU A 10 -0.62 -6.75 9.43
C GLU A 10 -0.10 -5.50 8.72
N GLU A 11 0.80 -5.73 7.75
CA GLU A 11 1.39 -4.64 7.01
C GLU A 11 0.32 -3.79 6.33
N ILE A 12 -0.60 -4.43 5.61
CA ILE A 12 -1.61 -3.72 4.84
C ILE A 12 -2.49 -2.85 5.75
N ARG A 13 -2.68 -3.26 7.00
CA ARG A 13 -3.40 -2.41 7.95
C ARG A 13 -2.68 -1.08 8.08
N ARG A 14 -1.38 -1.15 8.36
CA ARG A 14 -0.58 0.05 8.54
C ARG A 14 -0.31 0.73 7.20
N GLN A 15 -0.06 -0.07 6.17
CA GLN A 15 0.17 0.44 4.81
C GLN A 15 -1.04 1.22 4.30
N GLU A 16 -2.21 0.60 4.30
CA GLU A 16 -3.42 1.28 3.83
C GLU A 16 -3.71 2.50 4.68
N PHE A 17 -3.31 2.42 5.94
CA PHE A 17 -3.51 3.51 6.89
C PHE A 17 -2.73 4.74 6.43
N LEU A 18 -1.43 4.56 6.19
CA LEU A 18 -0.60 5.66 5.76
C LEU A 18 -0.84 5.98 4.29
N LEU A 19 -1.21 4.97 3.51
CA LEU A 19 -1.55 5.17 2.11
C LEU A 19 -2.73 6.11 2.02
N ASN A 20 -3.75 5.85 2.83
CA ASN A 20 -4.91 6.73 2.90
C ASN A 20 -4.49 8.15 3.26
N SER A 21 -3.56 8.25 4.20
CA SER A 21 -3.06 9.54 4.64
C SER A 21 -2.32 10.28 3.53
N LEU A 22 -1.32 9.64 2.94
CA LEU A 22 -0.57 10.29 1.87
C LEU A 22 -1.43 10.45 0.61
N HIS A 23 -2.49 9.65 0.52
CA HIS A 23 -3.47 9.79 -0.54
C HIS A 23 -4.33 11.04 -0.32
N ARG A 24 -4.68 11.31 0.92
CA ARG A 24 -5.49 12.47 1.23
C ARG A 24 -4.66 13.75 1.17
N ASP A 25 -3.34 13.59 1.04
CA ASP A 25 -2.48 14.72 0.70
C ASP A 25 -2.84 15.25 -0.67
N LEU A 26 -3.42 14.39 -1.50
CA LEU A 26 -3.73 14.73 -2.88
C LEU A 26 -5.15 15.27 -2.99
N GLN A 27 -5.58 16.07 -2.01
CA GLN A 27 -6.89 16.71 -2.05
C GLN A 27 -7.07 17.51 -3.34
N GLY A 28 -8.31 17.60 -3.80
CA GLY A 28 -8.61 18.32 -5.03
C GLY A 28 -8.11 19.75 -5.02
N GLY A 29 -7.07 20.00 -5.81
CA GLY A 29 -6.47 21.31 -5.84
C GLY A 29 -5.01 21.29 -5.39
N ILE A 30 -4.59 20.17 -4.80
CA ILE A 30 -3.22 20.02 -4.34
C ILE A 30 -2.37 19.35 -5.41
N LYS A 31 -1.37 20.07 -5.90
CA LYS A 31 -0.47 19.53 -6.90
C LYS A 31 0.73 18.87 -6.25
N ASP A 32 0.57 17.61 -5.86
CA ASP A 32 1.66 16.82 -5.30
C ASP A 32 1.82 15.53 -6.09
N LEU A 33 3.02 15.31 -6.61
CA LEU A 33 3.30 14.13 -7.41
C LEU A 33 4.06 13.12 -6.57
N SER A 34 4.60 13.58 -5.46
CA SER A 34 5.44 12.77 -4.61
C SER A 34 4.63 11.67 -3.94
N LYS A 35 3.53 12.06 -3.30
CA LYS A 35 2.69 11.11 -2.59
C LYS A 35 1.87 10.26 -3.54
N GLU A 36 1.73 10.71 -4.78
CA GLU A 36 1.00 9.96 -5.78
C GLU A 36 1.80 8.73 -6.22
N GLU A 37 3.03 8.97 -6.63
CA GLU A 37 3.91 7.87 -7.01
C GLU A 37 4.23 7.00 -5.81
N ARG A 38 4.15 7.59 -4.62
CA ARG A 38 4.48 6.89 -3.41
C ARG A 38 3.34 5.98 -2.97
N LEU A 39 2.10 6.43 -3.12
CA LEU A 39 0.96 5.59 -2.80
C LEU A 39 0.97 4.37 -3.70
N TRP A 40 1.41 4.56 -4.94
CA TRP A 40 1.47 3.45 -5.87
C TRP A 40 2.56 2.47 -5.49
N GLU A 41 3.65 3.00 -4.92
CA GLU A 41 4.75 2.17 -4.47
C GLU A 41 4.27 1.18 -3.40
N VAL A 42 3.68 1.71 -2.35
CA VAL A 42 3.17 0.88 -1.27
C VAL A 42 1.97 0.06 -1.76
N GLN A 43 1.20 0.61 -2.69
CA GLN A 43 0.04 -0.08 -3.24
C GLN A 43 0.48 -1.32 -4.00
N ARG A 44 1.47 -1.16 -4.86
CA ARG A 44 1.95 -2.26 -5.68
C ARG A 44 2.55 -3.35 -4.79
N ILE A 45 3.11 -2.94 -3.65
CA ILE A 45 3.66 -3.90 -2.69
C ILE A 45 2.55 -4.73 -2.05
N LEU A 46 1.60 -4.06 -1.39
CA LEU A 46 0.50 -4.77 -0.72
C LEU A 46 -0.30 -5.60 -1.72
N THR A 47 -0.37 -5.13 -2.96
CA THR A 47 -1.04 -5.87 -4.01
C THR A 47 -0.29 -7.16 -4.34
N ALA A 48 0.97 -7.01 -4.75
CA ALA A 48 1.78 -8.16 -5.13
C ALA A 48 2.02 -9.08 -3.95
N LEU A 49 2.04 -8.50 -2.76
CA LEU A 49 2.32 -9.26 -1.54
C LEU A 49 1.23 -10.30 -1.29
N LYS A 50 -0.01 -9.84 -1.10
CA LYS A 50 -1.08 -10.76 -0.77
C LYS A 50 -1.34 -11.76 -1.90
N ARG A 51 -1.09 -11.32 -3.12
CA ARG A 51 -1.27 -12.18 -4.28
C ARG A 51 -0.20 -13.26 -4.30
N LYS A 52 1.06 -12.87 -4.32
CA LYS A 52 2.17 -13.82 -4.39
C LYS A 52 2.28 -14.67 -3.14
N LEU A 53 1.62 -14.24 -2.06
CA LEU A 53 1.68 -14.96 -0.80
C LEU A 53 0.55 -15.99 -0.68
N ARG A 54 -0.56 -15.79 -1.38
CA ARG A 54 -1.65 -16.75 -1.28
C ARG A 54 -1.84 -17.53 -2.59
N GLU A 55 -1.46 -16.94 -3.71
CA GLU A 55 -1.64 -17.59 -5.01
C GLU A 55 -0.48 -18.53 -5.32
N ALA A 56 0.50 -18.58 -4.43
CA ALA A 56 1.65 -19.45 -4.60
C ALA A 56 1.69 -20.49 -3.49
N GLY A 1 8.41 -13.28 6.99
CA GLY A 1 9.12 -14.49 6.49
C GLY A 1 8.34 -15.19 5.42
N SER A 2 8.71 -16.43 5.12
CA SER A 2 8.01 -17.21 4.11
C SER A 2 6.59 -17.45 4.56
N GLU A 3 6.43 -17.96 5.78
CA GLU A 3 5.11 -18.15 6.35
C GLU A 3 4.75 -16.96 7.23
N THR A 4 4.08 -16.00 6.64
CA THR A 4 3.50 -14.91 7.38
C THR A 4 2.31 -14.35 6.61
N GLN A 5 1.16 -14.99 6.74
CA GLN A 5 -0.09 -14.47 6.17
C GLN A 5 -0.38 -13.12 6.84
N ALA A 6 -0.01 -13.03 8.11
CA ALA A 6 -0.08 -11.79 8.87
C ALA A 6 0.85 -10.75 8.28
N GLY A 7 1.67 -11.16 7.31
CA GLY A 7 2.60 -10.26 6.68
C GLY A 7 1.88 -9.14 5.97
N ILE A 8 1.08 -9.50 4.97
CA ILE A 8 0.31 -8.51 4.25
C ILE A 8 -0.82 -8.00 5.13
N LYS A 9 -1.29 -8.84 6.06
CA LYS A 9 -2.34 -8.42 6.98
C LYS A 9 -1.91 -7.22 7.82
N GLU A 10 -0.76 -7.32 8.47
CA GLU A 10 -0.23 -6.21 9.25
C GLU A 10 0.12 -5.05 8.32
N GLU A 11 0.86 -5.36 7.26
CA GLU A 11 1.34 -4.35 6.34
C GLU A 11 0.19 -3.61 5.66
N ILE A 12 -0.88 -4.31 5.31
CA ILE A 12 -2.00 -3.67 4.60
C ILE A 12 -2.72 -2.70 5.52
N ARG A 13 -2.82 -3.03 6.80
CA ARG A 13 -3.40 -2.09 7.75
C ARG A 13 -2.55 -0.83 7.83
N ARG A 14 -1.23 -1.03 7.91
CA ARG A 14 -0.28 0.07 7.96
C ARG A 14 -0.28 0.85 6.64
N GLN A 15 -0.15 0.12 5.54
CA GLN A 15 -0.04 0.72 4.22
C GLN A 15 -1.33 1.42 3.79
N GLU A 16 -2.47 0.74 3.90
CA GLU A 16 -3.73 1.37 3.52
C GLU A 16 -4.03 2.57 4.42
N PHE A 17 -3.51 2.53 5.64
CA PHE A 17 -3.65 3.64 6.57
C PHE A 17 -2.93 4.87 6.03
N LEU A 18 -1.64 4.71 5.74
CA LEU A 18 -0.85 5.81 5.21
C LEU A 18 -1.24 6.11 3.76
N LEU A 19 -1.74 5.10 3.06
CA LEU A 19 -2.22 5.28 1.70
C LEU A 19 -3.41 6.22 1.73
N ASN A 20 -4.34 5.95 2.64
CA ASN A 20 -5.48 6.82 2.87
C ASN A 20 -5.00 8.23 3.20
N SER A 21 -3.94 8.31 4.02
CA SER A 21 -3.37 9.59 4.42
C SER A 21 -2.81 10.34 3.22
N LEU A 22 -1.85 9.75 2.51
CA LEU A 22 -1.22 10.44 1.38
C LEU A 22 -2.21 10.66 0.23
N HIS A 23 -3.31 9.90 0.21
CA HIS A 23 -4.39 10.14 -0.75
C HIS A 23 -5.10 11.45 -0.43
N ARG A 24 -5.25 11.75 0.85
CA ARG A 24 -5.87 13.00 1.27
C ARG A 24 -4.86 14.14 1.14
N ASP A 25 -3.58 13.80 0.97
CA ASP A 25 -2.54 14.79 0.70
C ASP A 25 -2.56 15.18 -0.77
N LEU A 26 -3.36 14.48 -1.56
CA LEU A 26 -3.49 14.78 -2.98
C LEU A 26 -4.75 15.58 -3.24
N GLN A 27 -5.88 15.08 -2.76
CA GLN A 27 -7.16 15.72 -2.98
C GLN A 27 -7.30 16.96 -2.10
N GLY A 28 -8.07 17.93 -2.60
CA GLY A 28 -8.23 19.19 -1.90
C GLY A 28 -7.60 20.34 -2.67
N GLY A 29 -7.19 20.05 -3.90
CA GLY A 29 -6.54 21.07 -4.70
C GLY A 29 -5.05 21.11 -4.47
N ILE A 30 -4.49 19.98 -4.07
CA ILE A 30 -3.08 19.91 -3.73
C ILE A 30 -2.26 19.44 -4.94
N LYS A 31 -1.11 20.07 -5.15
CA LYS A 31 -0.20 19.65 -6.19
C LYS A 31 0.99 18.93 -5.56
N ASP A 32 0.96 17.60 -5.60
CA ASP A 32 2.05 16.80 -5.07
C ASP A 32 2.37 15.66 -6.05
N LEU A 33 3.65 15.34 -6.18
CA LEU A 33 4.08 14.30 -7.11
C LEU A 33 4.56 13.07 -6.35
N SER A 34 5.10 13.30 -5.16
CA SER A 34 5.69 12.24 -4.37
C SER A 34 4.63 11.26 -3.87
N LYS A 35 3.52 11.80 -3.37
CA LYS A 35 2.42 10.98 -2.86
C LYS A 35 1.87 10.08 -3.94
N GLU A 36 1.86 10.59 -5.17
CA GLU A 36 1.31 9.86 -6.30
C GLU A 36 2.13 8.60 -6.57
N GLU A 37 3.42 8.79 -6.82
CA GLU A 37 4.32 7.67 -7.07
C GLU A 37 4.48 6.80 -5.84
N ARG A 38 4.24 7.39 -4.67
CA ARG A 38 4.35 6.68 -3.41
C ARG A 38 3.17 5.73 -3.24
N LEU A 39 1.98 6.21 -3.55
CA LEU A 39 0.78 5.40 -3.34
C LEU A 39 0.79 4.19 -4.24
N TRP A 40 1.28 4.36 -5.47
CA TRP A 40 1.32 3.25 -6.41
C TRP A 40 2.42 2.26 -6.01
N GLU A 41 3.49 2.81 -5.45
CA GLU A 41 4.57 2.02 -4.90
C GLU A 41 4.05 1.15 -3.76
N VAL A 42 3.37 1.79 -2.81
CA VAL A 42 2.75 1.11 -1.69
C VAL A 42 1.76 0.04 -2.17
N GLN A 43 0.87 0.44 -3.06
CA GLN A 43 -0.18 -0.42 -3.57
C GLN A 43 0.40 -1.66 -4.23
N ARG A 44 1.44 -1.45 -5.02
CA ARG A 44 2.02 -2.54 -5.78
C ARG A 44 2.77 -3.51 -4.88
N ILE A 45 3.24 -3.02 -3.73
CA ILE A 45 3.94 -3.88 -2.77
C ILE A 45 2.98 -4.80 -2.03
N LEU A 46 1.95 -4.22 -1.41
CA LEU A 46 0.95 -5.01 -0.68
C LEU A 46 0.24 -5.98 -1.61
N THR A 47 0.03 -5.56 -2.86
CA THR A 47 -0.63 -6.41 -3.83
C THR A 47 0.29 -7.55 -4.27
N ALA A 48 1.55 -7.24 -4.55
CA ALA A 48 2.51 -8.25 -4.99
C ALA A 48 2.67 -9.33 -3.93
N LEU A 49 2.79 -8.89 -2.68
CA LEU A 49 2.96 -9.82 -1.56
C LEU A 49 1.77 -10.75 -1.42
N LYS A 50 0.57 -10.18 -1.23
CA LYS A 50 -0.63 -10.99 -0.95
C LYS A 50 -0.90 -11.99 -2.08
N ARG A 51 -0.67 -11.55 -3.30
CA ARG A 51 -0.97 -12.36 -4.47
C ARG A 51 0.01 -13.52 -4.62
N LYS A 52 1.29 -13.25 -4.40
CA LYS A 52 2.32 -14.28 -4.53
C LYS A 52 2.47 -15.09 -3.25
N LEU A 53 1.77 -14.67 -2.19
CA LEU A 53 1.81 -15.40 -0.93
C LEU A 53 0.63 -16.36 -0.83
N ARG A 54 -0.55 -15.91 -1.24
CA ARG A 54 -1.76 -16.71 -1.09
C ARG A 54 -2.20 -17.35 -2.41
N GLU A 55 -2.21 -16.56 -3.48
CA GLU A 55 -2.77 -16.99 -4.75
C GLU A 55 -1.77 -17.78 -5.57
N ALA A 56 -0.53 -17.84 -5.09
CA ALA A 56 0.53 -18.53 -5.81
C ALA A 56 0.87 -19.86 -5.15
N GLY A 1 7.61 -20.86 10.39
CA GLY A 1 7.42 -20.92 8.91
C GLY A 1 8.00 -19.70 8.23
N SER A 2 7.98 -19.70 6.91
CA SER A 2 8.53 -18.59 6.15
C SER A 2 7.42 -17.77 5.47
N GLU A 3 6.26 -18.41 5.25
CA GLU A 3 5.18 -17.78 4.51
C GLU A 3 4.25 -17.03 5.46
N THR A 4 4.54 -15.75 5.67
CA THR A 4 3.72 -14.95 6.58
C THR A 4 2.55 -14.32 5.84
N GLN A 5 1.39 -14.96 5.91
CA GLN A 5 0.17 -14.40 5.36
C GLN A 5 -0.25 -13.22 6.22
N ALA A 6 0.06 -13.32 7.51
CA ALA A 6 -0.16 -12.23 8.45
C ALA A 6 0.76 -11.06 8.15
N GLY A 7 1.74 -11.31 7.28
CA GLY A 7 2.68 -10.28 6.88
C GLY A 7 1.98 -9.13 6.19
N ILE A 8 1.28 -9.45 5.10
CA ILE A 8 0.52 -8.45 4.36
C ILE A 8 -0.68 -8.02 5.19
N LYS A 9 -1.21 -8.93 6.00
CA LYS A 9 -2.38 -8.63 6.84
C LYS A 9 -2.14 -7.39 7.71
N GLU A 10 -1.17 -7.47 8.60
CA GLU A 10 -0.92 -6.38 9.54
C GLU A 10 -0.40 -5.16 8.81
N GLU A 11 0.52 -5.39 7.88
CA GLU A 11 1.11 -4.31 7.11
C GLU A 11 0.06 -3.57 6.30
N ILE A 12 -0.85 -4.30 5.65
CA ILE A 12 -1.84 -3.66 4.79
C ILE A 12 -2.75 -2.76 5.60
N ARG A 13 -3.00 -3.11 6.87
CA ARG A 13 -3.75 -2.22 7.75
C ARG A 13 -3.04 -0.89 7.86
N ARG A 14 -1.74 -0.96 8.14
CA ARG A 14 -0.92 0.24 8.30
C ARG A 14 -0.70 0.94 6.95
N GLN A 15 -0.47 0.14 5.93
CA GLN A 15 -0.20 0.65 4.59
C GLN A 15 -1.43 1.32 3.97
N GLU A 16 -2.59 0.68 4.01
CA GLU A 16 -3.82 1.30 3.51
C GLU A 16 -4.14 2.54 4.34
N PHE A 17 -3.74 2.50 5.61
CA PHE A 17 -3.93 3.62 6.50
C PHE A 17 -3.17 4.83 5.98
N LEU A 18 -1.88 4.65 5.72
CA LEU A 18 -1.05 5.73 5.21
C LEU A 18 -1.37 6.03 3.76
N LEU A 19 -1.81 5.01 3.01
CA LEU A 19 -2.18 5.17 1.61
C LEU A 19 -3.37 6.12 1.52
N ASN A 20 -4.36 5.89 2.36
CA ASN A 20 -5.53 6.76 2.41
C ASN A 20 -5.11 8.19 2.79
N SER A 21 -4.17 8.27 3.73
CA SER A 21 -3.67 9.54 4.21
C SER A 21 -2.93 10.30 3.11
N LEU A 22 -1.91 9.67 2.52
CA LEU A 22 -1.13 10.32 1.47
C LEU A 22 -1.98 10.52 0.22
N HIS A 23 -3.06 9.77 0.10
CA HIS A 23 -4.01 9.92 -1.00
C HIS A 23 -4.71 11.27 -0.91
N ARG A 24 -5.11 11.66 0.30
CA ARG A 24 -5.78 12.94 0.50
C ARG A 24 -4.76 14.08 0.53
N ASP A 25 -3.47 13.75 0.65
CA ASP A 25 -2.41 14.75 0.55
C ASP A 25 -2.32 15.34 -0.86
N LEU A 26 -2.91 14.64 -1.81
CA LEU A 26 -2.93 15.10 -3.19
C LEU A 26 -4.05 16.12 -3.40
N GLN A 27 -5.14 15.93 -2.68
CA GLN A 27 -6.32 16.79 -2.80
C GLN A 27 -6.24 17.97 -1.83
N GLY A 28 -7.06 18.98 -2.08
CA GLY A 28 -7.09 20.14 -1.21
C GLY A 28 -6.40 21.34 -1.82
N GLY A 29 -6.28 21.34 -3.14
CA GLY A 29 -5.59 22.42 -3.83
C GLY A 29 -4.10 22.18 -3.89
N ILE A 30 -3.71 20.93 -3.71
CA ILE A 30 -2.31 20.55 -3.68
C ILE A 30 -1.86 20.07 -5.05
N LYS A 31 -0.67 20.46 -5.45
CA LYS A 31 -0.10 20.03 -6.71
C LYS A 31 1.05 19.06 -6.44
N ASP A 32 0.71 17.92 -5.87
CA ASP A 32 1.71 16.94 -5.49
C ASP A 32 1.62 15.71 -6.38
N LEU A 33 2.77 15.20 -6.80
CA LEU A 33 2.81 14.01 -7.64
C LEU A 33 3.47 12.85 -6.89
N SER A 34 4.27 13.19 -5.89
CA SER A 34 5.05 12.20 -5.16
C SER A 34 4.17 11.20 -4.43
N LYS A 35 3.14 11.69 -3.75
CA LYS A 35 2.26 10.82 -2.98
C LYS A 35 1.47 9.90 -3.89
N GLU A 36 1.26 10.33 -5.12
CA GLU A 36 0.50 9.53 -6.06
C GLU A 36 1.31 8.31 -6.49
N GLU A 37 2.58 8.54 -6.78
CA GLU A 37 3.48 7.45 -7.12
C GLU A 37 3.74 6.60 -5.88
N ARG A 38 3.56 7.19 -4.71
CA ARG A 38 3.74 6.50 -3.46
C ARG A 38 2.57 5.59 -3.14
N LEU A 39 1.34 6.08 -3.37
CA LEU A 39 0.15 5.26 -3.14
C LEU A 39 0.19 4.05 -4.05
N TRP A 40 0.77 4.21 -5.23
CA TRP A 40 0.90 3.10 -6.16
C TRP A 40 2.07 2.21 -5.75
N GLU A 41 3.10 2.83 -5.20
CA GLU A 41 4.26 2.11 -4.69
C GLU A 41 3.84 1.12 -3.61
N VAL A 42 3.24 1.64 -2.56
CA VAL A 42 2.82 0.81 -1.45
C VAL A 42 1.71 -0.15 -1.87
N GLN A 43 0.90 0.27 -2.84
CA GLN A 43 -0.20 -0.55 -3.34
C GLN A 43 0.35 -1.79 -4.02
N ARG A 44 1.33 -1.60 -4.89
CA ARG A 44 1.88 -2.71 -5.65
C ARG A 44 2.62 -3.67 -4.73
N ILE A 45 3.19 -3.15 -3.65
CA ILE A 45 3.92 -3.99 -2.70
C ILE A 45 2.96 -4.88 -1.93
N LEU A 46 1.91 -4.29 -1.33
CA LEU A 46 0.94 -5.06 -0.56
C LEU A 46 0.21 -6.04 -1.46
N THR A 47 -0.01 -5.65 -2.71
CA THR A 47 -0.66 -6.51 -3.67
C THR A 47 0.23 -7.68 -4.05
N ALA A 48 1.45 -7.40 -4.50
CA ALA A 48 2.36 -8.44 -4.96
C ALA A 48 2.65 -9.43 -3.85
N LEU A 49 2.78 -8.94 -2.62
CA LEU A 49 3.06 -9.79 -1.48
C LEU A 49 1.92 -10.76 -1.23
N LYS A 50 0.71 -10.24 -1.02
CA LYS A 50 -0.43 -11.09 -0.71
C LYS A 50 -0.71 -12.07 -1.84
N ARG A 51 -0.43 -11.64 -3.06
CA ARG A 51 -0.59 -12.49 -4.22
C ARG A 51 0.36 -13.67 -4.15
N LYS A 52 1.65 -13.40 -4.15
CA LYS A 52 2.66 -14.47 -4.20
C LYS A 52 2.86 -15.11 -2.83
N LEU A 53 2.03 -14.76 -1.87
CA LEU A 53 2.02 -15.43 -0.59
C LEU A 53 0.98 -16.56 -0.64
N ARG A 54 -0.18 -16.25 -1.21
CA ARG A 54 -1.26 -17.23 -1.30
C ARG A 54 -1.25 -17.94 -2.66
N GLU A 55 -1.19 -17.14 -3.71
CA GLU A 55 -1.29 -17.62 -5.08
C GLU A 55 -0.02 -17.28 -5.86
N ALA A 56 1.11 -17.74 -5.33
CA ALA A 56 2.43 -17.47 -5.92
C ALA A 56 2.47 -17.82 -7.41
N GLY A 1 1.67 -24.77 4.38
CA GLY A 1 2.10 -23.37 4.16
C GLY A 1 2.88 -22.83 5.33
N SER A 2 4.04 -22.24 5.06
CA SER A 2 4.85 -21.65 6.12
C SER A 2 4.88 -20.14 5.97
N GLU A 3 4.08 -19.64 5.04
CA GLU A 3 4.03 -18.21 4.75
C GLU A 3 3.14 -17.48 5.75
N THR A 4 3.13 -16.16 5.66
CA THR A 4 2.38 -15.35 6.60
C THR A 4 1.37 -14.47 5.89
N GLN A 5 0.10 -14.89 5.91
CA GLN A 5 -0.97 -14.06 5.38
C GLN A 5 -1.19 -12.87 6.31
N ALA A 6 -0.83 -13.06 7.57
CA ALA A 6 -0.84 -11.98 8.54
C ALA A 6 0.30 -11.01 8.23
N GLY A 7 1.20 -11.43 7.36
CA GLY A 7 2.30 -10.58 6.95
C GLY A 7 1.81 -9.38 6.18
N ILE A 8 1.08 -9.63 5.09
CA ILE A 8 0.51 -8.55 4.31
C ILE A 8 -0.61 -7.88 5.11
N LYS A 9 -1.30 -8.66 5.93
CA LYS A 9 -2.34 -8.12 6.80
C LYS A 9 -1.77 -7.02 7.70
N GLU A 10 -0.64 -7.32 8.33
CA GLU A 10 0.03 -6.36 9.21
C GLU A 10 0.54 -5.17 8.40
N GLU A 11 1.29 -5.46 7.35
CA GLU A 11 1.88 -4.42 6.51
C GLU A 11 0.80 -3.56 5.86
N ILE A 12 -0.31 -4.19 5.49
CA ILE A 12 -1.40 -3.47 4.86
C ILE A 12 -2.05 -2.50 5.85
N ARG A 13 -2.05 -2.84 7.14
CA ARG A 13 -2.54 -1.91 8.15
C ARG A 13 -1.70 -0.64 8.09
N ARG A 14 -0.39 -0.83 8.02
CA ARG A 14 0.55 0.27 7.93
C ARG A 14 0.42 0.98 6.59
N GLN A 15 0.38 0.21 5.52
CA GLN A 15 0.34 0.75 4.16
C GLN A 15 -0.98 1.43 3.86
N GLU A 16 -2.11 0.79 4.17
CA GLU A 16 -3.41 1.39 3.92
C GLU A 16 -3.57 2.65 4.77
N PHE A 17 -2.97 2.66 5.96
CA PHE A 17 -3.04 3.80 6.84
C PHE A 17 -2.41 5.03 6.16
N LEU A 18 -1.19 4.85 5.67
CA LEU A 18 -0.50 5.95 4.99
C LEU A 18 -1.07 6.17 3.59
N LEU A 19 -1.62 5.11 2.99
CA LEU A 19 -2.28 5.21 1.69
C LEU A 19 -3.49 6.13 1.82
N ASN A 20 -4.24 5.92 2.90
CA ASN A 20 -5.36 6.79 3.21
C ASN A 20 -4.89 8.22 3.46
N SER A 21 -3.76 8.33 4.16
CA SER A 21 -3.20 9.63 4.50
C SER A 21 -2.74 10.38 3.25
N LEU A 22 -1.95 9.73 2.40
CA LEU A 22 -1.48 10.37 1.18
C LEU A 22 -2.61 10.58 0.17
N HIS A 23 -3.69 9.81 0.32
CA HIS A 23 -4.87 10.01 -0.51
C HIS A 23 -5.63 11.26 -0.09
N ARG A 24 -5.70 11.50 1.22
CA ARG A 24 -6.30 12.72 1.74
C ARG A 24 -5.30 13.86 1.67
N ASP A 25 -4.09 13.54 1.23
CA ASP A 25 -3.06 14.53 0.98
C ASP A 25 -3.17 15.02 -0.45
N LEU A 26 -3.66 14.14 -1.34
CA LEU A 26 -3.86 14.50 -2.73
C LEU A 26 -5.24 15.12 -2.96
N GLN A 27 -5.69 15.89 -1.98
CA GLN A 27 -6.94 16.65 -2.11
C GLN A 27 -6.91 17.52 -3.36
N GLY A 28 -8.06 17.71 -3.97
CA GLY A 28 -8.15 18.51 -5.18
C GLY A 28 -7.62 19.91 -4.98
N GLY A 29 -6.41 20.14 -5.43
CA GLY A 29 -5.78 21.44 -5.27
C GLY A 29 -4.38 21.34 -4.72
N ILE A 30 -4.04 20.18 -4.15
CA ILE A 30 -2.72 19.97 -3.57
C ILE A 30 -1.72 19.58 -4.66
N LYS A 31 -0.67 20.37 -4.80
CA LYS A 31 0.37 20.09 -5.78
C LYS A 31 1.42 19.17 -5.17
N ASP A 32 1.09 17.88 -5.10
CA ASP A 32 2.01 16.88 -4.62
C ASP A 32 2.03 15.69 -5.56
N LEU A 33 3.21 15.33 -6.03
CA LEU A 33 3.36 14.21 -6.96
C LEU A 33 3.95 13.02 -6.23
N SER A 34 4.70 13.29 -5.16
CA SER A 34 5.37 12.23 -4.41
C SER A 34 4.35 11.29 -3.78
N LYS A 35 3.25 11.84 -3.28
CA LYS A 35 2.21 11.04 -2.66
C LYS A 35 1.54 10.13 -3.68
N GLU A 36 1.60 10.53 -4.94
CA GLU A 36 0.95 9.78 -6.00
C GLU A 36 1.82 8.59 -6.40
N GLU A 37 3.09 8.85 -6.62
CA GLU A 37 4.01 7.79 -7.00
C GLU A 37 4.22 6.83 -5.83
N ARG A 38 4.05 7.36 -4.62
CA ARG A 38 4.21 6.58 -3.41
C ARG A 38 2.96 5.75 -3.10
N LEU A 39 1.77 6.25 -3.48
CA LEU A 39 0.56 5.46 -3.27
C LEU A 39 0.60 4.24 -4.17
N TRP A 40 1.15 4.40 -5.36
CA TRP A 40 1.27 3.31 -6.29
C TRP A 40 2.38 2.37 -5.84
N GLU A 41 3.36 2.93 -5.14
CA GLU A 41 4.45 2.16 -4.57
C GLU A 41 3.93 1.11 -3.60
N VAL A 42 3.28 1.54 -2.53
CA VAL A 42 2.78 0.63 -1.54
C VAL A 42 1.63 -0.22 -2.09
N GLN A 43 0.91 0.33 -3.07
CA GLN A 43 -0.22 -0.36 -3.68
C GLN A 43 0.27 -1.58 -4.45
N ARG A 44 1.35 -1.41 -5.21
CA ARG A 44 1.90 -2.51 -5.98
C ARG A 44 2.53 -3.53 -5.04
N ILE A 45 3.09 -3.05 -3.93
CA ILE A 45 3.70 -3.92 -2.94
C ILE A 45 2.65 -4.78 -2.25
N LEU A 46 1.61 -4.14 -1.69
CA LEU A 46 0.57 -4.88 -0.97
C LEU A 46 -0.14 -5.86 -1.90
N THR A 47 -0.27 -5.47 -3.16
CA THR A 47 -0.90 -6.33 -4.15
C THR A 47 -0.02 -7.54 -4.43
N ALA A 48 1.23 -7.29 -4.80
CA ALA A 48 2.14 -8.38 -5.15
C ALA A 48 2.35 -9.32 -3.97
N LEU A 49 2.46 -8.74 -2.78
CA LEU A 49 2.75 -9.52 -1.57
C LEU A 49 1.64 -10.53 -1.29
N LYS A 50 0.40 -10.05 -1.17
CA LYS A 50 -0.72 -10.93 -0.81
C LYS A 50 -0.93 -12.00 -1.88
N ARG A 51 -0.65 -11.66 -3.12
CA ARG A 51 -0.83 -12.59 -4.22
C ARG A 51 0.30 -13.62 -4.26
N LYS A 52 1.52 -13.18 -4.02
CA LYS A 52 2.67 -14.07 -4.08
C LYS A 52 2.74 -14.96 -2.84
N LEU A 53 2.00 -14.60 -1.80
CA LEU A 53 1.92 -15.42 -0.59
C LEU A 53 0.81 -16.45 -0.71
N ARG A 54 -0.34 -16.03 -1.22
CA ARG A 54 -1.52 -16.88 -1.24
C ARG A 54 -1.62 -17.69 -2.53
N GLU A 55 -1.31 -17.07 -3.67
CA GLU A 55 -1.49 -17.73 -4.96
C GLU A 55 -0.22 -18.47 -5.37
N ALA A 56 0.59 -18.84 -4.41
CA ALA A 56 1.82 -19.55 -4.68
C ALA A 56 1.69 -21.01 -4.26
N GLY A 1 10.11 -14.48 5.13
CA GLY A 1 10.35 -15.58 6.10
C GLY A 1 9.22 -16.58 6.12
N SER A 2 9.23 -17.47 5.12
CA SER A 2 8.23 -18.52 5.00
C SER A 2 6.81 -17.97 4.89
N GLU A 3 5.82 -18.84 5.05
CA GLU A 3 4.42 -18.44 4.99
C GLU A 3 4.07 -17.50 6.12
N THR A 4 3.66 -16.29 5.77
CA THR A 4 3.31 -15.29 6.77
C THR A 4 2.12 -14.46 6.33
N GLN A 5 0.91 -14.95 6.63
CA GLN A 5 -0.30 -14.18 6.37
C GLN A 5 -0.28 -12.87 7.15
N ALA A 6 0.27 -12.94 8.36
CA ALA A 6 0.41 -11.76 9.20
C ALA A 6 1.37 -10.75 8.59
N GLY A 7 2.13 -11.22 7.61
CA GLY A 7 3.06 -10.36 6.92
C GLY A 7 2.35 -9.24 6.19
N ILE A 8 1.54 -9.61 5.20
CA ILE A 8 0.79 -8.63 4.44
C ILE A 8 -0.36 -8.07 5.29
N LYS A 9 -0.92 -8.90 6.16
CA LYS A 9 -2.04 -8.47 6.99
C LYS A 9 -1.70 -7.25 7.85
N GLU A 10 -0.63 -7.34 8.62
CA GLU A 10 -0.23 -6.22 9.47
C GLU A 10 0.30 -5.07 8.63
N GLU A 11 1.16 -5.38 7.66
CA GLU A 11 1.74 -4.35 6.81
C GLU A 11 0.68 -3.64 5.99
N ILE A 12 -0.30 -4.38 5.45
CA ILE A 12 -1.33 -3.77 4.63
C ILE A 12 -2.17 -2.82 5.47
N ARG A 13 -2.36 -3.12 6.75
CA ARG A 13 -3.06 -2.20 7.64
C ARG A 13 -2.29 -0.89 7.75
N ARG A 14 -0.97 -1.00 7.79
CA ARG A 14 -0.12 0.17 7.83
C ARG A 14 -0.09 0.86 6.47
N GLN A 15 0.02 0.06 5.41
CA GLN A 15 0.10 0.58 4.06
C GLN A 15 -1.20 1.25 3.64
N GLU A 16 -2.33 0.59 3.85
CA GLU A 16 -3.63 1.19 3.55
C GLU A 16 -3.86 2.42 4.43
N PHE A 17 -3.28 2.38 5.64
CA PHE A 17 -3.38 3.50 6.58
C PHE A 17 -2.74 4.74 5.98
N LEU A 18 -1.48 4.63 5.59
CA LEU A 18 -0.76 5.74 4.98
C LEU A 18 -1.23 6.00 3.56
N LEU A 19 -1.75 4.97 2.90
CA LEU A 19 -2.32 5.12 1.56
C LEU A 19 -3.55 6.02 1.66
N ASN A 20 -4.37 5.76 2.66
CA ASN A 20 -5.51 6.62 2.94
C ASN A 20 -5.04 8.03 3.24
N SER A 21 -3.97 8.12 4.02
CA SER A 21 -3.39 9.39 4.41
C SER A 21 -2.89 10.17 3.20
N LEU A 22 -2.07 9.54 2.37
CA LEU A 22 -1.52 10.25 1.21
C LEU A 22 -2.60 10.48 0.15
N HIS A 23 -3.68 9.69 0.19
CA HIS A 23 -4.80 9.92 -0.72
C HIS A 23 -5.60 11.14 -0.29
N ARG A 24 -5.81 11.31 1.00
CA ARG A 24 -6.48 12.50 1.51
C ARG A 24 -5.52 13.68 1.48
N ASP A 25 -4.26 13.38 1.18
CA ASP A 25 -3.24 14.40 0.99
C ASP A 25 -3.29 14.92 -0.45
N LEU A 26 -3.87 14.11 -1.34
CA LEU A 26 -3.92 14.42 -2.75
C LEU A 26 -5.26 15.07 -3.12
N GLN A 27 -5.85 15.79 -2.17
CA GLN A 27 -7.09 16.52 -2.44
C GLN A 27 -6.92 17.46 -3.62
N GLY A 28 -7.97 17.62 -4.41
CA GLY A 28 -7.93 18.48 -5.58
C GLY A 28 -7.43 19.87 -5.27
N GLY A 29 -6.22 20.17 -5.72
CA GLY A 29 -5.62 21.45 -5.44
C GLY A 29 -4.28 21.31 -4.76
N ILE A 30 -4.06 20.18 -4.12
CA ILE A 30 -2.79 19.91 -3.45
C ILE A 30 -1.79 19.39 -4.46
N LYS A 31 -0.64 20.03 -4.54
CA LYS A 31 0.38 19.66 -5.51
C LYS A 31 1.50 18.86 -4.85
N ASP A 32 1.21 17.63 -4.51
CA ASP A 32 2.22 16.73 -4.01
C ASP A 32 2.36 15.52 -4.92
N LEU A 33 3.45 15.48 -5.66
CA LEU A 33 3.67 14.41 -6.62
C LEU A 33 4.35 13.21 -5.97
N SER A 34 4.97 13.43 -4.82
CA SER A 34 5.67 12.38 -4.12
C SER A 34 4.67 11.35 -3.59
N LYS A 35 3.58 11.85 -3.03
CA LYS A 35 2.53 11.02 -2.48
C LYS A 35 1.89 10.14 -3.56
N GLU A 36 1.94 10.60 -4.80
CA GLU A 36 1.28 9.90 -5.90
C GLU A 36 2.11 8.69 -6.32
N GLU A 37 3.38 8.93 -6.62
CA GLU A 37 4.27 7.85 -7.03
C GLU A 37 4.44 6.85 -5.89
N ARG A 38 4.41 7.36 -4.68
CA ARG A 38 4.57 6.53 -3.50
C ARG A 38 3.36 5.66 -3.29
N LEU A 39 2.16 6.21 -3.52
CA LEU A 39 0.94 5.43 -3.30
C LEU A 39 0.92 4.22 -4.20
N TRP A 40 1.38 4.40 -5.44
CA TRP A 40 1.36 3.32 -6.39
C TRP A 40 2.36 2.25 -6.02
N GLU A 41 3.50 2.66 -5.49
CA GLU A 41 4.52 1.73 -5.05
C GLU A 41 4.00 0.97 -3.83
N VAL A 42 3.34 1.68 -2.93
CA VAL A 42 2.72 1.07 -1.76
C VAL A 42 1.63 0.08 -2.18
N GLN A 43 0.76 0.53 -3.08
CA GLN A 43 -0.36 -0.27 -3.54
C GLN A 43 0.14 -1.52 -4.23
N ARG A 44 1.13 -1.35 -5.09
CA ARG A 44 1.65 -2.45 -5.88
C ARG A 44 2.32 -3.49 -4.98
N ILE A 45 2.86 -3.05 -3.85
CA ILE A 45 3.50 -3.95 -2.91
C ILE A 45 2.46 -4.76 -2.13
N LEU A 46 1.55 -4.09 -1.43
CA LEU A 46 0.52 -4.78 -0.65
C LEU A 46 -0.32 -5.69 -1.55
N THR A 47 -0.59 -5.23 -2.76
CA THR A 47 -1.34 -6.03 -3.72
C THR A 47 -0.53 -7.24 -4.17
N ALA A 48 0.65 -7.00 -4.76
CA ALA A 48 1.45 -8.08 -5.30
C ALA A 48 1.83 -9.08 -4.22
N LEU A 49 2.13 -8.57 -3.03
CA LEU A 49 2.57 -9.41 -1.93
C LEU A 49 1.52 -10.45 -1.60
N LYS A 50 0.31 -10.02 -1.27
CA LYS A 50 -0.74 -10.95 -0.87
C LYS A 50 -1.08 -11.91 -2.01
N ARG A 51 -0.88 -11.45 -3.24
CA ARG A 51 -1.13 -12.27 -4.41
C ARG A 51 -0.08 -13.35 -4.56
N LYS A 52 1.19 -12.97 -4.55
CA LYS A 52 2.28 -13.93 -4.74
C LYS A 52 2.52 -14.73 -3.46
N LEU A 53 1.93 -14.30 -2.37
CA LEU A 53 2.08 -14.99 -1.09
C LEU A 53 1.03 -16.08 -0.93
N ARG A 54 -0.23 -15.74 -1.19
CA ARG A 54 -1.31 -16.67 -0.91
C ARG A 54 -1.96 -17.20 -2.19
N GLU A 55 -1.95 -16.40 -3.25
CA GLU A 55 -2.66 -16.78 -4.48
C GLU A 55 -1.69 -17.35 -5.51
N ALA A 56 -0.47 -17.64 -5.08
CA ALA A 56 0.55 -18.18 -5.97
C ALA A 56 0.96 -19.57 -5.55
N GLY A 1 11.95 -20.09 2.55
CA GLY A 1 11.30 -18.77 2.70
C GLY A 1 10.28 -18.76 3.82
N SER A 2 9.61 -17.63 4.01
CA SER A 2 8.60 -17.51 5.04
C SER A 2 7.28 -17.04 4.43
N GLU A 3 6.19 -17.71 4.79
CA GLU A 3 4.88 -17.35 4.27
C GLU A 3 4.38 -16.06 4.94
N THR A 4 4.04 -16.17 6.22
CA THR A 4 3.49 -15.07 7.00
C THR A 4 2.30 -14.41 6.32
N GLN A 5 1.14 -15.06 6.39
CA GLN A 5 -0.09 -14.50 5.82
C GLN A 5 -0.46 -13.22 6.57
N ALA A 6 -0.17 -13.21 7.86
CA ALA A 6 -0.38 -12.03 8.68
C ALA A 6 0.62 -10.95 8.32
N GLY A 7 1.61 -11.33 7.50
CA GLY A 7 2.59 -10.38 7.02
C GLY A 7 1.94 -9.30 6.18
N ILE A 8 1.23 -9.71 5.13
CA ILE A 8 0.52 -8.76 4.28
C ILE A 8 -0.62 -8.14 5.08
N LYS A 9 -1.21 -8.90 5.99
CA LYS A 9 -2.28 -8.37 6.83
C LYS A 9 -1.80 -7.17 7.65
N GLU A 10 -0.63 -7.30 8.28
CA GLU A 10 -0.06 -6.21 9.06
C GLU A 10 0.45 -5.11 8.14
N GLU A 11 1.10 -5.51 7.06
CA GLU A 11 1.61 -4.58 6.07
C GLU A 11 0.48 -3.75 5.46
N ILE A 12 -0.58 -4.42 5.03
CA ILE A 12 -1.67 -3.75 4.33
C ILE A 12 -2.40 -2.79 5.25
N ARG A 13 -2.51 -3.13 6.54
CA ARG A 13 -3.10 -2.22 7.51
C ARG A 13 -2.30 -0.93 7.54
N ARG A 14 -0.98 -1.07 7.67
CA ARG A 14 -0.11 0.08 7.75
C ARG A 14 -0.04 0.82 6.42
N GLN A 15 0.18 0.08 5.34
CA GLN A 15 0.42 0.69 4.05
C GLN A 15 -0.84 1.32 3.47
N GLU A 16 -2.01 0.75 3.73
CA GLU A 16 -3.24 1.37 3.24
C GLU A 16 -3.69 2.49 4.16
N PHE A 17 -3.25 2.43 5.41
CA PHE A 17 -3.54 3.50 6.36
C PHE A 17 -2.82 4.78 5.95
N LEU A 18 -1.52 4.67 5.71
CA LEU A 18 -0.75 5.82 5.26
C LEU A 18 -1.09 6.16 3.82
N LEU A 19 -1.45 5.15 3.02
CA LEU A 19 -1.89 5.36 1.65
C LEU A 19 -3.09 6.28 1.65
N ASN A 20 -4.09 5.93 2.44
CA ASN A 20 -5.30 6.74 2.58
C ASN A 20 -4.94 8.17 2.96
N SER A 21 -4.01 8.30 3.90
CA SER A 21 -3.58 9.60 4.37
C SER A 21 -2.90 10.39 3.27
N LEU A 22 -1.80 9.84 2.74
CA LEU A 22 -1.04 10.54 1.70
C LEU A 22 -1.88 10.72 0.44
N HIS A 23 -2.88 9.86 0.25
CA HIS A 23 -3.80 9.97 -0.87
C HIS A 23 -4.64 11.24 -0.76
N ARG A 24 -5.07 11.55 0.44
CA ARG A 24 -5.92 12.71 0.63
C ARG A 24 -5.09 14.00 0.52
N ASP A 25 -3.77 13.87 0.72
CA ASP A 25 -2.85 14.98 0.52
C ASP A 25 -2.72 15.34 -0.96
N LEU A 26 -3.19 14.45 -1.83
CA LEU A 26 -3.08 14.65 -3.27
C LEU A 26 -4.24 15.47 -3.82
N GLN A 27 -5.28 15.64 -3.01
CA GLN A 27 -6.49 16.31 -3.48
C GLN A 27 -6.88 17.45 -2.55
N GLY A 28 -7.91 18.18 -2.95
CA GLY A 28 -8.34 19.33 -2.18
C GLY A 28 -7.74 20.60 -2.70
N GLY A 29 -7.27 20.56 -3.95
CA GLY A 29 -6.64 21.71 -4.56
C GLY A 29 -5.14 21.63 -4.50
N ILE A 30 -4.64 20.45 -4.14
CA ILE A 30 -3.20 20.23 -4.02
C ILE A 30 -2.65 19.60 -5.30
N LYS A 31 -1.47 20.05 -5.72
CA LYS A 31 -0.84 19.50 -6.92
C LYS A 31 0.44 18.79 -6.54
N ASP A 32 0.31 17.57 -6.04
CA ASP A 32 1.44 16.77 -5.62
C ASP A 32 1.41 15.41 -6.30
N LEU A 33 2.57 14.96 -6.74
CA LEU A 33 2.71 13.63 -7.33
C LEU A 33 3.67 12.78 -6.49
N SER A 34 4.16 13.37 -5.40
CA SER A 34 5.11 12.68 -4.53
C SER A 34 4.40 11.55 -3.79
N LYS A 35 3.29 11.89 -3.14
CA LYS A 35 2.51 10.91 -2.42
C LYS A 35 1.88 9.92 -3.38
N GLU A 36 1.74 10.31 -4.63
CA GLU A 36 1.12 9.46 -5.63
C GLU A 36 2.04 8.29 -5.99
N GLU A 37 3.31 8.59 -6.22
CA GLU A 37 4.28 7.55 -6.49
C GLU A 37 4.44 6.67 -5.26
N ARG A 38 4.22 7.27 -4.09
CA ARG A 38 4.37 6.56 -2.83
C ARG A 38 3.17 5.66 -2.54
N LEU A 39 1.96 6.13 -2.85
CA LEU A 39 0.78 5.28 -2.68
C LEU A 39 0.89 4.06 -3.58
N TRP A 40 1.44 4.27 -4.76
CA TRP A 40 1.59 3.19 -5.70
C TRP A 40 2.69 2.24 -5.25
N GLU A 41 3.68 2.78 -4.54
CA GLU A 41 4.78 1.98 -4.04
C GLU A 41 4.29 1.05 -2.94
N VAL A 42 3.57 1.59 -1.98
CA VAL A 42 3.03 0.78 -0.90
C VAL A 42 1.97 -0.17 -1.44
N GLN A 43 1.27 0.27 -2.50
CA GLN A 43 0.24 -0.54 -3.14
C GLN A 43 0.85 -1.74 -3.83
N ARG A 44 1.90 -1.49 -4.62
CA ARG A 44 2.54 -2.56 -5.37
C ARG A 44 3.18 -3.57 -4.42
N ILE A 45 3.48 -3.14 -3.21
CA ILE A 45 4.01 -4.05 -2.19
C ILE A 45 2.89 -4.88 -1.56
N LEU A 46 1.87 -4.22 -1.02
CA LEU A 46 0.79 -4.92 -0.34
C LEU A 46 0.02 -5.82 -1.32
N THR A 47 -0.11 -5.37 -2.57
CA THR A 47 -0.81 -6.15 -3.57
C THR A 47 0.04 -7.33 -4.08
N ALA A 48 1.31 -7.07 -4.39
CA ALA A 48 2.17 -8.12 -4.92
C ALA A 48 2.37 -9.22 -3.88
N LEU A 49 2.44 -8.83 -2.62
CA LEU A 49 2.64 -9.78 -1.55
C LEU A 49 1.41 -10.67 -1.37
N LYS A 50 0.23 -10.06 -1.23
CA LYS A 50 -1.00 -10.83 -1.01
C LYS A 50 -1.25 -11.76 -2.19
N ARG A 51 -0.93 -11.30 -3.38
CA ARG A 51 -1.14 -12.09 -4.58
C ARG A 51 -0.15 -13.25 -4.63
N LYS A 52 1.13 -12.97 -4.52
CA LYS A 52 2.14 -14.00 -4.62
C LYS A 52 2.19 -14.89 -3.39
N LEU A 53 1.46 -14.52 -2.34
CA LEU A 53 1.44 -15.31 -1.12
C LEU A 53 0.23 -16.24 -1.10
N ARG A 54 -0.94 -15.74 -1.47
CA ARG A 54 -2.15 -16.57 -1.45
C ARG A 54 -2.40 -17.20 -2.82
N GLU A 55 -2.35 -16.39 -3.87
CA GLU A 55 -2.59 -16.87 -5.23
C GLU A 55 -1.32 -17.53 -5.76
N ALA A 56 -0.20 -16.97 -5.36
CA ALA A 56 1.14 -17.44 -5.73
C ALA A 56 1.36 -17.35 -7.22
N GLY A 1 10.04 -20.48 8.49
CA GLY A 1 8.99 -20.22 7.47
C GLY A 1 9.04 -18.81 6.95
N SER A 2 8.50 -18.59 5.76
CA SER A 2 8.50 -17.27 5.14
C SER A 2 7.12 -16.91 4.63
N GLU A 3 6.16 -17.77 4.92
CA GLU A 3 4.81 -17.62 4.39
C GLU A 3 3.93 -16.88 5.39
N THR A 4 4.41 -15.74 5.86
CA THR A 4 3.69 -14.96 6.85
C THR A 4 2.44 -14.33 6.24
N GLN A 5 1.29 -14.98 6.41
CA GLN A 5 0.03 -14.43 5.96
C GLN A 5 -0.25 -13.13 6.71
N ALA A 6 0.10 -13.14 7.99
CA ALA A 6 -0.01 -11.96 8.83
C ALA A 6 0.92 -10.85 8.34
N GLY A 7 1.84 -11.22 7.45
CA GLY A 7 2.77 -10.26 6.91
C GLY A 7 2.05 -9.17 6.14
N ILE A 8 1.37 -9.57 5.07
CA ILE A 8 0.62 -8.61 4.27
C ILE A 8 -0.56 -8.08 5.05
N LYS A 9 -1.16 -8.93 5.88
CA LYS A 9 -2.34 -8.53 6.63
C LYS A 9 -2.05 -7.31 7.51
N GLU A 10 -1.03 -7.40 8.35
CA GLU A 10 -0.66 -6.30 9.22
C GLU A 10 -0.10 -5.13 8.43
N GLU A 11 0.75 -5.43 7.45
CA GLU A 11 1.35 -4.39 6.63
C GLU A 11 0.28 -3.65 5.85
N ILE A 12 -0.65 -4.37 5.24
CA ILE A 12 -1.69 -3.75 4.41
C ILE A 12 -2.58 -2.85 5.25
N ARG A 13 -2.76 -3.18 6.53
CA ARG A 13 -3.50 -2.32 7.42
C ARG A 13 -2.83 -0.96 7.48
N ARG A 14 -1.52 -0.97 7.68
CA ARG A 14 -0.76 0.27 7.77
C ARG A 14 -0.53 0.90 6.40
N GLN A 15 -0.28 0.07 5.40
CA GLN A 15 -0.06 0.55 4.04
C GLN A 15 -1.32 1.21 3.48
N GLU A 16 -2.46 0.54 3.58
CA GLU A 16 -3.71 1.12 3.13
C GLU A 16 -4.08 2.34 3.98
N PHE A 17 -3.62 2.31 5.24
CA PHE A 17 -3.83 3.43 6.15
C PHE A 17 -3.15 4.68 5.59
N LEU A 18 -1.85 4.58 5.38
CA LEU A 18 -1.08 5.72 4.88
C LEU A 18 -1.39 6.00 3.43
N LEU A 19 -1.72 4.96 2.67
CA LEU A 19 -2.12 5.12 1.27
C LEU A 19 -3.35 6.01 1.22
N ASN A 20 -4.31 5.69 2.06
CA ASN A 20 -5.54 6.47 2.17
C ASN A 20 -5.22 7.92 2.53
N SER A 21 -4.35 8.08 3.51
CA SER A 21 -3.93 9.40 3.97
C SER A 21 -3.26 10.20 2.86
N LEU A 22 -2.19 9.64 2.28
CA LEU A 22 -1.45 10.33 1.22
C LEU A 22 -2.32 10.48 -0.02
N HIS A 23 -3.31 9.62 -0.16
CA HIS A 23 -4.29 9.72 -1.23
C HIS A 23 -5.11 10.99 -1.05
N ARG A 24 -5.33 11.38 0.20
CA ARG A 24 -6.08 12.58 0.50
C ARG A 24 -5.19 13.81 0.44
N ASP A 25 -3.88 13.59 0.50
CA ASP A 25 -2.90 14.68 0.34
C ASP A 25 -2.81 15.12 -1.11
N LEU A 26 -3.55 14.44 -1.99
CA LEU A 26 -3.52 14.75 -3.41
C LEU A 26 -4.45 15.90 -3.75
N GLN A 27 -5.11 16.45 -2.75
CA GLN A 27 -6.04 17.55 -2.97
C GLN A 27 -6.17 18.41 -1.73
N GLY A 28 -6.98 19.46 -1.82
CA GLY A 28 -7.11 20.40 -0.74
C GLY A 28 -6.15 21.55 -0.90
N GLY A 29 -5.91 21.92 -2.15
CA GLY A 29 -4.95 22.96 -2.46
C GLY A 29 -3.56 22.40 -2.65
N ILE A 30 -3.50 21.12 -2.98
CA ILE A 30 -2.22 20.43 -3.13
C ILE A 30 -2.19 19.67 -4.46
N LYS A 31 -1.08 19.82 -5.18
CA LYS A 31 -0.83 19.01 -6.36
C LYS A 31 0.51 18.29 -6.19
N ASP A 32 0.47 17.16 -5.51
CA ASP A 32 1.68 16.44 -5.14
C ASP A 32 1.83 15.19 -6.00
N LEU A 33 2.98 15.06 -6.65
CA LEU A 33 3.21 13.96 -7.56
C LEU A 33 3.87 12.79 -6.84
N SER A 34 4.47 13.08 -5.69
CA SER A 34 5.18 12.07 -4.92
C SER A 34 4.18 11.12 -4.26
N LYS A 35 3.07 11.67 -3.78
CA LYS A 35 2.02 10.87 -3.17
C LYS A 35 1.43 9.90 -4.18
N GLU A 36 1.38 10.32 -5.44
CA GLU A 36 0.84 9.48 -6.50
C GLU A 36 1.72 8.25 -6.71
N GLU A 37 3.02 8.48 -6.81
CA GLU A 37 3.97 7.39 -6.94
C GLU A 37 4.02 6.57 -5.67
N ARG A 38 3.67 7.22 -4.56
CA ARG A 38 3.75 6.61 -3.25
C ARG A 38 2.59 5.65 -3.03
N LEU A 39 1.38 6.10 -3.39
CA LEU A 39 0.21 5.25 -3.25
C LEU A 39 0.36 4.02 -4.12
N TRP A 40 0.93 4.21 -5.31
CA TRP A 40 1.11 3.13 -6.25
C TRP A 40 2.28 2.24 -5.80
N GLU A 41 3.25 2.86 -5.13
CA GLU A 41 4.39 2.14 -4.61
C GLU A 41 3.95 1.12 -3.58
N VAL A 42 3.26 1.58 -2.54
CA VAL A 42 2.79 0.69 -1.50
C VAL A 42 1.70 -0.24 -2.04
N GLN A 43 0.92 0.25 -3.01
CA GLN A 43 -0.13 -0.55 -3.63
C GLN A 43 0.47 -1.76 -4.30
N ARG A 44 1.54 -1.53 -5.06
CA ARG A 44 2.18 -2.61 -5.78
C ARG A 44 2.87 -3.58 -4.82
N ILE A 45 3.23 -3.08 -3.65
CA ILE A 45 3.83 -3.91 -2.62
C ILE A 45 2.77 -4.80 -1.96
N LEU A 46 1.74 -4.17 -1.38
CA LEU A 46 0.69 -4.91 -0.70
C LEU A 46 -0.02 -5.87 -1.66
N THR A 47 -0.16 -5.47 -2.91
CA THR A 47 -0.79 -6.32 -3.92
C THR A 47 0.11 -7.51 -4.25
N ALA A 48 1.38 -7.26 -4.52
CA ALA A 48 2.30 -8.34 -4.85
C ALA A 48 2.45 -9.27 -3.65
N LEU A 49 2.59 -8.69 -2.47
CA LEU A 49 2.82 -9.45 -1.25
C LEU A 49 1.66 -10.42 -0.98
N LYS A 50 0.43 -9.92 -0.98
CA LYS A 50 -0.73 -10.77 -0.71
C LYS A 50 -0.86 -11.87 -1.74
N ARG A 51 -0.45 -11.56 -2.96
CA ARG A 51 -0.51 -12.50 -4.06
C ARG A 51 0.57 -13.56 -3.92
N LYS A 52 1.81 -13.15 -3.64
CA LYS A 52 2.91 -14.10 -3.52
C LYS A 52 2.77 -14.98 -2.29
N LEU A 53 2.02 -14.51 -1.30
CA LEU A 53 1.87 -15.25 -0.06
C LEU A 53 0.65 -16.17 -0.10
N ARG A 54 -0.32 -15.88 -0.95
CA ARG A 54 -1.49 -16.74 -1.05
C ARG A 54 -1.53 -17.48 -2.39
N GLU A 55 -1.43 -16.74 -3.48
CA GLU A 55 -1.45 -17.33 -4.81
C GLU A 55 -0.09 -17.93 -5.13
N ALA A 56 0.94 -17.23 -4.65
CA ALA A 56 2.33 -17.61 -4.86
C ALA A 56 2.70 -17.56 -6.34
N GLY A 1 8.80 -19.70 7.27
CA GLY A 1 8.28 -20.84 6.48
C GLY A 1 8.04 -20.46 5.03
N SER A 2 6.81 -20.20 4.68
CA SER A 2 6.47 -19.80 3.31
C SER A 2 5.43 -18.69 3.29
N GLU A 3 4.22 -18.96 3.79
CA GLU A 3 3.15 -17.98 3.73
C GLU A 3 3.13 -17.09 4.97
N THR A 4 3.10 -15.79 4.77
CA THR A 4 2.89 -14.86 5.85
C THR A 4 1.63 -14.03 5.63
N GLN A 5 0.50 -14.62 5.99
CA GLN A 5 -0.79 -13.94 5.85
C GLN A 5 -0.85 -12.76 6.80
N ALA A 6 -0.34 -12.95 8.01
CA ALA A 6 -0.26 -11.86 8.98
C ALA A 6 0.77 -10.84 8.53
N GLY A 7 1.67 -11.25 7.65
CA GLY A 7 2.68 -10.37 7.13
C GLY A 7 2.09 -9.26 6.30
N ILE A 8 1.38 -9.63 5.24
CA ILE A 8 0.74 -8.64 4.39
C ILE A 8 -0.37 -7.96 5.17
N LYS A 9 -1.03 -8.70 6.06
CA LYS A 9 -2.12 -8.14 6.85
C LYS A 9 -1.66 -6.96 7.71
N GLU A 10 -0.52 -7.10 8.35
CA GLU A 10 0.02 -6.00 9.15
C GLU A 10 0.52 -4.88 8.25
N GLU A 11 1.32 -5.25 7.25
CA GLU A 11 1.91 -4.28 6.35
C GLU A 11 0.84 -3.54 5.55
N ILE A 12 -0.21 -4.24 5.14
CA ILE A 12 -1.28 -3.63 4.36
C ILE A 12 -2.11 -2.71 5.24
N ARG A 13 -2.19 -3.01 6.55
CA ARG A 13 -2.85 -2.10 7.49
C ARG A 13 -2.20 -0.73 7.41
N ARG A 14 -0.87 -0.72 7.49
CA ARG A 14 -0.12 0.52 7.46
C ARG A 14 -0.07 1.09 6.04
N GLN A 15 0.11 0.23 5.06
CA GLN A 15 0.18 0.66 3.67
C GLN A 15 -1.13 1.31 3.24
N GLU A 16 -2.27 0.71 3.56
CA GLU A 16 -3.56 1.28 3.21
C GLU A 16 -3.89 2.45 4.12
N PHE A 17 -3.24 2.51 5.28
CA PHE A 17 -3.40 3.62 6.20
C PHE A 17 -2.73 4.87 5.63
N LEU A 18 -1.48 4.71 5.21
CA LEU A 18 -0.78 5.81 4.58
C LEU A 18 -1.33 6.06 3.20
N LEU A 19 -1.83 5.01 2.56
CA LEU A 19 -2.51 5.14 1.27
C LEU A 19 -3.71 6.04 1.44
N ASN A 20 -4.45 5.82 2.51
CA ASN A 20 -5.60 6.66 2.86
C ASN A 20 -5.18 8.12 3.04
N SER A 21 -4.20 8.33 3.91
CA SER A 21 -3.76 9.67 4.23
C SER A 21 -3.15 10.38 3.03
N LEU A 22 -2.22 9.73 2.32
CA LEU A 22 -1.57 10.35 1.17
C LEU A 22 -2.57 10.63 0.05
N HIS A 23 -3.64 9.84 -0.02
CA HIS A 23 -4.71 10.11 -0.98
C HIS A 23 -5.43 11.39 -0.62
N ARG A 24 -5.56 11.64 0.67
CA ARG A 24 -6.20 12.86 1.16
C ARG A 24 -5.28 14.06 0.98
N ASP A 25 -3.99 13.79 0.85
CA ASP A 25 -3.01 14.85 0.61
C ASP A 25 -2.97 15.22 -0.86
N LEU A 26 -3.77 14.54 -1.66
CA LEU A 26 -3.80 14.79 -3.09
C LEU A 26 -5.13 15.43 -3.49
N GLN A 27 -5.76 16.10 -2.53
CA GLN A 27 -7.04 16.75 -2.78
C GLN A 27 -6.86 18.17 -3.30
N GLY A 28 -7.98 18.79 -3.71
CA GLY A 28 -7.95 20.12 -4.29
C GLY A 28 -7.31 21.14 -3.36
N GLY A 29 -6.17 21.66 -3.76
CA GLY A 29 -5.46 22.62 -2.93
C GLY A 29 -4.12 22.09 -2.49
N ILE A 30 -3.95 20.78 -2.61
CA ILE A 30 -2.70 20.14 -2.22
C ILE A 30 -2.05 19.50 -3.43
N LYS A 31 -0.90 20.00 -3.82
CA LYS A 31 -0.22 19.48 -4.98
C LYS A 31 1.04 18.71 -4.57
N ASP A 32 1.01 17.41 -4.80
CA ASP A 32 2.15 16.55 -4.50
C ASP A 32 2.17 15.37 -5.46
N LEU A 33 3.35 15.06 -5.99
CA LEU A 33 3.50 13.95 -6.93
C LEU A 33 4.24 12.80 -6.29
N SER A 34 4.83 13.06 -5.12
CA SER A 34 5.60 12.06 -4.42
C SER A 34 4.67 10.97 -3.88
N LYS A 35 3.54 11.41 -3.33
CA LYS A 35 2.54 10.50 -2.79
C LYS A 35 1.85 9.71 -3.88
N GLU A 36 1.85 10.24 -5.09
CA GLU A 36 1.26 9.54 -6.22
C GLU A 36 2.14 8.35 -6.59
N GLU A 37 3.45 8.57 -6.56
CA GLU A 37 4.41 7.48 -6.73
C GLU A 37 4.33 6.54 -5.54
N ARG A 38 4.00 7.09 -4.38
CA ARG A 38 3.91 6.30 -3.15
C ARG A 38 2.68 5.42 -3.16
N LEU A 39 1.55 5.97 -3.58
CA LEU A 39 0.30 5.23 -3.59
C LEU A 39 0.38 4.07 -4.56
N TRP A 40 1.13 4.25 -5.63
CA TRP A 40 1.32 3.17 -6.58
C TRP A 40 2.36 2.19 -6.06
N GLU A 41 3.30 2.71 -5.28
CA GLU A 41 4.34 1.88 -4.69
C GLU A 41 3.74 0.87 -3.73
N VAL A 42 3.05 1.38 -2.71
CA VAL A 42 2.45 0.51 -1.73
C VAL A 42 1.34 -0.33 -2.34
N GLN A 43 0.69 0.20 -3.38
CA GLN A 43 -0.36 -0.52 -4.09
C GLN A 43 0.20 -1.77 -4.72
N ARG A 44 1.29 -1.60 -5.45
CA ARG A 44 1.90 -2.71 -6.16
C ARG A 44 2.54 -3.68 -5.18
N ILE A 45 2.87 -3.19 -3.99
CA ILE A 45 3.46 -4.03 -2.96
C ILE A 45 2.39 -4.86 -2.25
N LEU A 46 1.39 -4.20 -1.67
CA LEU A 46 0.32 -4.92 -0.96
C LEU A 46 -0.36 -5.93 -1.87
N THR A 47 -0.47 -5.58 -3.15
CA THR A 47 -1.06 -6.46 -4.14
C THR A 47 -0.18 -7.70 -4.35
N ALA A 48 1.06 -7.48 -4.79
CA ALA A 48 1.95 -8.57 -5.12
C ALA A 48 2.27 -9.40 -3.87
N LEU A 49 2.35 -8.74 -2.73
CA LEU A 49 2.68 -9.39 -1.47
C LEU A 49 1.65 -10.45 -1.12
N LYS A 50 0.37 -10.06 -1.03
CA LYS A 50 -0.68 -10.99 -0.63
C LYS A 50 -0.84 -12.10 -1.67
N ARG A 51 -0.51 -11.78 -2.91
CA ARG A 51 -0.59 -12.74 -3.99
C ARG A 51 0.51 -13.79 -3.89
N LYS A 52 1.75 -13.35 -3.77
CA LYS A 52 2.88 -14.27 -3.68
C LYS A 52 2.96 -14.95 -2.32
N LEU A 53 2.15 -14.51 -1.37
CA LEU A 53 2.15 -15.10 -0.05
C LEU A 53 1.01 -16.11 0.12
N ARG A 54 -0.06 -15.96 -0.65
CA ARG A 54 -1.20 -16.87 -0.52
C ARG A 54 -1.37 -17.75 -1.75
N GLU A 55 -1.12 -17.17 -2.92
CA GLU A 55 -1.43 -17.86 -4.17
C GLU A 55 -0.20 -18.56 -4.73
N ALA A 56 0.94 -18.32 -4.10
CA ALA A 56 2.20 -18.90 -4.55
C ALA A 56 2.72 -19.91 -3.54
N GLY A 1 8.94 -14.46 8.08
CA GLY A 1 7.76 -15.30 7.76
C GLY A 1 7.55 -15.42 6.28
N SER A 2 7.17 -16.61 5.83
CA SER A 2 6.98 -16.87 4.42
C SER A 2 5.55 -17.31 4.15
N GLU A 3 4.90 -17.86 5.16
CA GLU A 3 3.54 -18.35 5.04
C GLU A 3 2.59 -17.46 5.83
N THR A 4 3.13 -16.48 6.52
CA THR A 4 2.36 -15.61 7.39
C THR A 4 1.36 -14.78 6.60
N GLN A 5 0.08 -15.14 6.69
CA GLN A 5 -0.97 -14.36 6.04
C GLN A 5 -1.07 -13.00 6.72
N ALA A 6 -0.76 -12.99 8.02
CA ALA A 6 -0.73 -11.77 8.81
C ALA A 6 0.48 -10.92 8.44
N GLY A 7 1.34 -11.46 7.57
CA GLY A 7 2.50 -10.72 7.12
C GLY A 7 2.07 -9.50 6.33
N ILE A 8 1.39 -9.74 5.22
CA ILE A 8 0.85 -8.66 4.43
C ILE A 8 -0.27 -7.97 5.20
N LYS A 9 -0.99 -8.74 6.00
CA LYS A 9 -2.11 -8.21 6.78
C LYS A 9 -1.67 -7.01 7.65
N GLU A 10 -0.54 -7.15 8.32
CA GLU A 10 -0.04 -6.08 9.18
C GLU A 10 0.57 -4.94 8.34
N GLU A 11 1.40 -5.31 7.37
CA GLU A 11 2.05 -4.32 6.53
C GLU A 11 1.03 -3.54 5.69
N ILE A 12 -0.06 -4.21 5.30
CA ILE A 12 -1.11 -3.56 4.52
C ILE A 12 -1.92 -2.61 5.42
N ARG A 13 -1.99 -2.91 6.73
CA ARG A 13 -2.57 -1.97 7.68
C ARG A 13 -1.87 -0.63 7.54
N ARG A 14 -0.55 -0.68 7.61
CA ARG A 14 0.28 0.51 7.50
C ARG A 14 0.20 1.10 6.10
N GLN A 15 0.38 0.25 5.10
CA GLN A 15 0.43 0.70 3.71
C GLN A 15 -0.87 1.34 3.25
N GLU A 16 -2.01 0.81 3.67
CA GLU A 16 -3.28 1.41 3.29
C GLU A 16 -3.60 2.60 4.20
N PHE A 17 -3.03 2.60 5.39
CA PHE A 17 -3.19 3.72 6.32
C PHE A 17 -2.58 4.98 5.70
N LEU A 18 -1.33 4.88 5.30
CA LEU A 18 -0.66 6.00 4.64
C LEU A 18 -1.19 6.19 3.23
N LEU A 19 -1.70 5.11 2.63
CA LEU A 19 -2.34 5.19 1.32
C LEU A 19 -3.55 6.11 1.39
N ASN A 20 -4.35 5.93 2.44
CA ASN A 20 -5.48 6.82 2.69
C ASN A 20 -4.98 8.24 2.93
N SER A 21 -3.91 8.35 3.71
CA SER A 21 -3.35 9.64 4.08
C SER A 21 -2.83 10.40 2.85
N LEU A 22 -2.05 9.74 2.01
CA LEU A 22 -1.50 10.39 0.83
C LEU A 22 -2.59 10.65 -0.23
N HIS A 23 -3.66 9.86 -0.19
CA HIS A 23 -4.79 10.08 -1.08
C HIS A 23 -5.57 11.32 -0.68
N ARG A 24 -5.81 11.47 0.61
CA ARG A 24 -6.50 12.65 1.13
C ARG A 24 -5.56 13.86 1.06
N ASP A 25 -4.27 13.58 0.89
CA ASP A 25 -3.27 14.64 0.80
C ASP A 25 -3.23 15.22 -0.61
N LEU A 26 -3.63 14.42 -1.58
CA LEU A 26 -3.72 14.89 -2.97
C LEU A 26 -5.01 15.69 -3.18
N GLN A 27 -6.03 15.34 -2.41
CA GLN A 27 -7.33 15.96 -2.57
C GLN A 27 -7.43 17.27 -1.78
N GLY A 28 -8.17 18.21 -2.34
CA GLY A 28 -8.25 19.54 -1.76
C GLY A 28 -7.50 20.53 -2.60
N GLY A 29 -7.22 20.14 -3.84
CA GLY A 29 -6.49 21.00 -4.76
C GLY A 29 -5.00 21.01 -4.50
N ILE A 30 -4.51 19.95 -3.89
CA ILE A 30 -3.10 19.86 -3.53
C ILE A 30 -2.30 19.24 -4.67
N LYS A 31 -1.19 19.86 -5.00
CA LYS A 31 -0.30 19.34 -6.03
C LYS A 31 0.91 18.67 -5.40
N ASP A 32 0.82 17.36 -5.23
CA ASP A 32 1.91 16.60 -4.64
C ASP A 32 2.15 15.36 -5.47
N LEU A 33 3.36 15.23 -6.01
CA LEU A 33 3.69 14.11 -6.88
C LEU A 33 4.40 13.01 -6.11
N SER A 34 4.81 13.32 -4.88
CA SER A 34 5.50 12.36 -4.03
C SER A 34 4.52 11.32 -3.53
N LYS A 35 3.31 11.76 -3.20
CA LYS A 35 2.27 10.87 -2.73
C LYS A 35 1.79 9.96 -3.84
N GLU A 36 1.89 10.45 -5.08
CA GLU A 36 1.43 9.71 -6.24
C GLU A 36 2.32 8.50 -6.47
N GLU A 37 3.62 8.74 -6.53
CA GLU A 37 4.58 7.66 -6.71
C GLU A 37 4.60 6.76 -5.48
N ARG A 38 4.23 7.33 -4.34
CA ARG A 38 4.24 6.62 -3.08
C ARG A 38 3.04 5.68 -2.98
N LEU A 39 1.88 6.13 -3.46
CA LEU A 39 0.69 5.29 -3.41
C LEU A 39 0.87 4.09 -4.30
N TRP A 40 1.53 4.28 -5.44
CA TRP A 40 1.78 3.17 -6.34
C TRP A 40 2.87 2.28 -5.78
N GLU A 41 3.78 2.89 -5.02
CA GLU A 41 4.85 2.15 -4.36
C GLU A 41 4.27 1.13 -3.39
N VAL A 42 3.46 1.61 -2.46
CA VAL A 42 2.86 0.72 -1.48
C VAL A 42 1.80 -0.17 -2.11
N GLN A 43 1.10 0.35 -3.12
CA GLN A 43 0.06 -0.41 -3.80
C GLN A 43 0.66 -1.64 -4.46
N ARG A 44 1.76 -1.43 -5.18
CA ARG A 44 2.41 -2.52 -5.89
C ARG A 44 2.94 -3.54 -4.90
N ILE A 45 3.39 -3.09 -3.74
CA ILE A 45 3.92 -3.98 -2.71
C ILE A 45 2.79 -4.78 -2.07
N LEU A 46 1.77 -4.10 -1.58
CA LEU A 46 0.67 -4.78 -0.90
C LEU A 46 -0.01 -5.77 -1.85
N THR A 47 -0.07 -5.41 -3.12
CA THR A 47 -0.68 -6.28 -4.12
C THR A 47 0.20 -7.50 -4.37
N ALA A 48 1.45 -7.26 -4.80
CA ALA A 48 2.35 -8.34 -5.18
C ALA A 48 2.55 -9.30 -4.03
N LEU A 49 2.69 -8.76 -2.82
CA LEU A 49 2.96 -9.56 -1.65
C LEU A 49 1.78 -10.50 -1.36
N LYS A 50 0.59 -9.94 -1.20
CA LYS A 50 -0.58 -10.74 -0.81
C LYS A 50 -0.94 -11.75 -1.88
N ARG A 51 -0.66 -11.40 -3.12
CA ARG A 51 -0.96 -12.29 -4.24
C ARG A 51 0.03 -13.45 -4.29
N LYS A 52 1.31 -13.15 -4.10
CA LYS A 52 2.34 -14.18 -4.11
C LYS A 52 2.28 -15.06 -2.87
N LEU A 53 1.60 -14.57 -1.83
CA LEU A 53 1.44 -15.37 -0.60
C LEU A 53 0.15 -16.20 -0.65
N ARG A 54 -0.92 -15.61 -1.18
CA ARG A 54 -2.24 -16.24 -1.13
C ARG A 54 -2.54 -17.06 -2.38
N GLU A 55 -2.13 -16.55 -3.54
CA GLU A 55 -2.42 -17.21 -4.80
C GLU A 55 -1.37 -18.29 -5.13
N ALA A 56 -0.55 -18.62 -4.14
CA ALA A 56 0.52 -19.58 -4.33
C ALA A 56 0.08 -20.97 -3.93
N GLY A 1 12.42 -17.67 3.45
CA GLY A 1 11.02 -17.48 3.01
C GLY A 1 10.02 -17.74 4.12
N SER A 2 9.44 -16.67 4.63
CA SER A 2 8.44 -16.78 5.68
C SER A 2 7.10 -16.23 5.20
N GLU A 3 6.39 -17.02 4.41
CA GLU A 3 5.07 -16.65 3.89
C GLU A 3 4.12 -16.39 5.05
N THR A 4 3.87 -15.11 5.33
CA THR A 4 2.99 -14.73 6.41
C THR A 4 1.77 -13.99 5.87
N GLN A 5 0.62 -14.65 5.89
CA GLN A 5 -0.62 -14.04 5.43
C GLN A 5 -1.04 -12.94 6.41
N ALA A 6 -0.80 -13.19 7.69
CA ALA A 6 -1.01 -12.19 8.72
C ALA A 6 -0.05 -11.02 8.52
N GLY A 7 1.01 -11.30 7.77
CA GLY A 7 1.98 -10.28 7.45
C GLY A 7 1.38 -9.15 6.64
N ILE A 8 0.81 -9.49 5.49
CA ILE A 8 0.21 -8.48 4.62
C ILE A 8 -1.02 -7.89 5.28
N LYS A 9 -1.70 -8.66 6.12
CA LYS A 9 -2.86 -8.15 6.85
C LYS A 9 -2.48 -7.02 7.81
N GLU A 10 -1.43 -7.22 8.59
CA GLU A 10 -0.96 -6.18 9.50
C GLU A 10 -0.35 -5.03 8.70
N GLU A 11 0.44 -5.38 7.68
CA GLU A 11 1.03 -4.39 6.81
C GLU A 11 -0.04 -3.55 6.13
N ILE A 12 -1.00 -4.20 5.51
CA ILE A 12 -2.04 -3.52 4.76
C ILE A 12 -2.82 -2.55 5.65
N ARG A 13 -2.92 -2.87 6.94
CA ARG A 13 -3.56 -1.96 7.88
C ARG A 13 -2.80 -0.65 7.93
N ARG A 14 -1.51 -0.72 8.26
CA ARG A 14 -0.71 0.49 8.42
C ARG A 14 -0.30 1.08 7.07
N GLN A 15 -0.29 0.26 6.03
CA GLN A 15 0.09 0.70 4.70
C GLN A 15 -1.07 1.36 3.97
N GLU A 16 -2.26 0.75 4.01
CA GLU A 16 -3.45 1.41 3.46
C GLU A 16 -3.74 2.66 4.28
N PHE A 17 -3.30 2.61 5.53
CA PHE A 17 -3.41 3.74 6.44
C PHE A 17 -2.68 4.94 5.87
N LEU A 18 -1.40 4.77 5.63
CA LEU A 18 -0.60 5.87 5.12
C LEU A 18 -0.89 6.12 3.64
N LEU A 19 -1.34 5.08 2.93
CA LEU A 19 -1.78 5.24 1.55
C LEU A 19 -2.92 6.24 1.52
N ASN A 20 -3.87 6.06 2.43
CA ASN A 20 -5.01 6.94 2.54
C ASN A 20 -4.57 8.36 2.90
N SER A 21 -3.73 8.49 3.92
CA SER A 21 -3.28 9.80 4.37
C SER A 21 -2.49 10.52 3.28
N LEU A 22 -1.55 9.82 2.63
CA LEU A 22 -0.80 10.43 1.55
C LEU A 22 -1.71 10.65 0.34
N HIS A 23 -2.74 9.84 0.22
CA HIS A 23 -3.71 10.00 -0.86
C HIS A 23 -4.56 11.24 -0.62
N ARG A 24 -4.94 11.47 0.62
CA ARG A 24 -5.73 12.63 0.95
C ARG A 24 -4.85 13.88 1.00
N ASP A 25 -3.54 13.65 0.93
CA ASP A 25 -2.57 14.74 0.80
C ASP A 25 -2.73 15.42 -0.56
N LEU A 26 -3.32 14.69 -1.50
CA LEU A 26 -3.61 15.22 -2.83
C LEU A 26 -4.86 16.10 -2.80
N GLN A 27 -5.79 15.73 -1.93
CA GLN A 27 -7.09 16.37 -1.88
C GLN A 27 -7.01 17.70 -1.13
N GLY A 28 -7.60 18.72 -1.74
CA GLY A 28 -7.51 20.06 -1.20
C GLY A 28 -6.89 21.01 -2.20
N GLY A 29 -6.56 20.49 -3.38
CA GLY A 29 -5.93 21.29 -4.41
C GLY A 29 -4.43 21.32 -4.25
N ILE A 30 -3.87 20.20 -3.83
CA ILE A 30 -2.45 20.10 -3.55
C ILE A 30 -1.70 19.55 -4.76
N LYS A 31 -0.63 20.21 -5.15
CA LYS A 31 0.16 19.78 -6.30
C LYS A 31 1.27 18.84 -5.84
N ASP A 32 0.91 17.62 -5.50
CA ASP A 32 1.90 16.62 -5.13
C ASP A 32 1.75 15.40 -6.02
N LEU A 33 2.74 15.15 -6.86
CA LEU A 33 2.72 14.00 -7.77
C LEU A 33 3.45 12.82 -7.15
N SER A 34 4.25 13.12 -6.14
CA SER A 34 5.04 12.11 -5.47
C SER A 34 4.13 11.12 -4.77
N LYS A 35 3.04 11.62 -4.17
CA LYS A 35 2.06 10.76 -3.49
C LYS A 35 1.42 9.79 -4.47
N GLU A 36 1.26 10.21 -5.71
CA GLU A 36 0.64 9.37 -6.72
C GLU A 36 1.54 8.17 -6.99
N GLU A 37 2.83 8.44 -7.11
CA GLU A 37 3.82 7.39 -7.29
C GLU A 37 3.94 6.56 -6.01
N ARG A 38 3.74 7.22 -4.87
CA ARG A 38 3.88 6.59 -3.57
C ARG A 38 2.70 5.67 -3.29
N LEU A 39 1.50 6.16 -3.54
CA LEU A 39 0.30 5.36 -3.33
C LEU A 39 0.34 4.11 -4.19
N TRP A 40 0.92 4.23 -5.38
CA TRP A 40 1.03 3.09 -6.26
C TRP A 40 2.13 2.16 -5.77
N GLU A 41 3.19 2.74 -5.23
CA GLU A 41 4.29 1.99 -4.67
C GLU A 41 3.81 1.08 -3.54
N VAL A 42 3.18 1.68 -2.53
CA VAL A 42 2.69 0.91 -1.40
C VAL A 42 1.60 -0.06 -1.85
N GLN A 43 0.79 0.34 -2.82
CA GLN A 43 -0.28 -0.49 -3.34
C GLN A 43 0.30 -1.72 -4.02
N ARG A 44 1.29 -1.52 -4.89
CA ARG A 44 1.86 -2.61 -5.67
C ARG A 44 2.61 -3.59 -4.77
N ILE A 45 3.18 -3.09 -3.68
CA ILE A 45 3.88 -3.96 -2.74
C ILE A 45 2.89 -4.85 -2.01
N LEU A 46 1.87 -4.25 -1.41
CA LEU A 46 0.83 -4.99 -0.71
C LEU A 46 0.17 -5.99 -1.65
N THR A 47 -0.11 -5.53 -2.87
CA THR A 47 -0.73 -6.37 -3.88
C THR A 47 0.17 -7.55 -4.23
N ALA A 48 1.39 -7.26 -4.68
CA ALA A 48 2.30 -8.32 -5.12
C ALA A 48 2.58 -9.31 -4.01
N LEU A 49 2.82 -8.77 -2.81
CA LEU A 49 3.15 -9.59 -1.65
C LEU A 49 2.10 -10.65 -1.39
N LYS A 50 0.87 -10.22 -1.10
CA LYS A 50 -0.19 -11.15 -0.76
C LYS A 50 -0.44 -12.18 -1.86
N ARG A 51 -0.21 -11.74 -3.09
CA ARG A 51 -0.41 -12.60 -4.26
C ARG A 51 0.66 -13.69 -4.30
N LYS A 52 1.93 -13.29 -4.26
CA LYS A 52 3.02 -14.26 -4.36
C LYS A 52 3.23 -14.99 -3.03
N LEU A 53 2.37 -14.72 -2.06
CA LEU A 53 2.34 -15.49 -0.83
C LEU A 53 1.40 -16.68 -0.96
N ARG A 54 0.18 -16.43 -1.43
CA ARG A 54 -0.84 -17.47 -1.47
C ARG A 54 -0.98 -18.10 -2.86
N GLU A 55 -0.76 -17.30 -3.90
CA GLU A 55 -0.96 -17.78 -5.26
C GLU A 55 0.34 -18.34 -5.83
N ALA A 56 1.31 -18.55 -4.96
CA ALA A 56 2.59 -19.11 -5.35
C ALA A 56 2.62 -20.60 -5.08
N GLY A 1 10.05 -16.63 6.31
CA GLY A 1 9.68 -17.41 5.11
C GLY A 1 8.25 -17.14 4.70
N SER A 2 7.53 -18.19 4.35
CA SER A 2 6.15 -18.04 3.91
C SER A 2 5.18 -18.39 5.03
N GLU A 3 3.91 -18.58 4.68
CA GLU A 3 2.85 -18.90 5.63
C GLU A 3 2.55 -17.71 6.56
N THR A 4 3.14 -16.56 6.25
CA THR A 4 2.88 -15.35 7.00
C THR A 4 1.72 -14.57 6.42
N GLN A 5 0.51 -15.15 6.49
CA GLN A 5 -0.68 -14.49 5.97
C GLN A 5 -0.92 -13.19 6.72
N ALA A 6 -0.64 -13.22 8.03
CA ALA A 6 -0.73 -12.03 8.86
C ALA A 6 0.34 -11.02 8.48
N GLY A 7 1.29 -11.46 7.67
CA GLY A 7 2.35 -10.58 7.19
C GLY A 7 1.77 -9.44 6.38
N ILE A 8 1.08 -9.79 5.29
CA ILE A 8 0.44 -8.77 4.45
C ILE A 8 -0.71 -8.13 5.22
N LYS A 9 -1.33 -8.87 6.13
CA LYS A 9 -2.41 -8.30 6.92
C LYS A 9 -1.94 -7.07 7.70
N GLU A 10 -0.82 -7.21 8.39
CA GLU A 10 -0.26 -6.10 9.14
C GLU A 10 0.28 -5.04 8.18
N GLU A 11 1.05 -5.48 7.20
CA GLU A 11 1.67 -4.57 6.25
C GLU A 11 0.63 -3.81 5.44
N ILE A 12 -0.45 -4.47 5.05
CA ILE A 12 -1.49 -3.84 4.26
C ILE A 12 -2.21 -2.78 5.10
N ARG A 13 -2.39 -3.05 6.39
CA ARG A 13 -3.04 -2.08 7.26
C ARG A 13 -2.26 -0.77 7.29
N ARG A 14 -0.94 -0.87 7.48
CA ARG A 14 -0.12 0.32 7.59
C ARG A 14 0.14 0.96 6.22
N GLN A 15 0.08 0.16 5.15
CA GLN A 15 0.31 0.68 3.80
C GLN A 15 -0.96 1.27 3.20
N GLU A 16 -2.09 0.63 3.46
CA GLU A 16 -3.38 1.23 3.12
C GLU A 16 -3.60 2.46 4.01
N PHE A 17 -2.91 2.46 5.15
CA PHE A 17 -3.01 3.53 6.13
C PHE A 17 -2.42 4.83 5.59
N LEU A 18 -1.16 4.82 5.18
CA LEU A 18 -0.54 6.04 4.69
C LEU A 18 -1.02 6.32 3.28
N LEU A 19 -1.47 5.28 2.58
CA LEU A 19 -2.09 5.44 1.28
C LEU A 19 -3.36 6.25 1.46
N ASN A 20 -4.10 5.92 2.50
CA ASN A 20 -5.27 6.69 2.90
C ASN A 20 -4.87 8.14 3.18
N SER A 21 -3.81 8.29 3.96
CA SER A 21 -3.29 9.59 4.37
C SER A 21 -2.82 10.40 3.15
N LEU A 22 -2.01 9.79 2.30
CA LEU A 22 -1.50 10.48 1.12
C LEU A 22 -2.61 10.78 0.12
N HIS A 23 -3.69 9.98 0.15
CA HIS A 23 -4.83 10.23 -0.72
C HIS A 23 -5.55 11.52 -0.36
N ARG A 24 -5.76 11.76 0.93
CA ARG A 24 -6.37 13.00 1.37
C ARG A 24 -5.38 14.16 1.20
N ASP A 25 -4.11 13.82 1.04
CA ASP A 25 -3.07 14.82 0.78
C ASP A 25 -3.08 15.21 -0.69
N LEU A 26 -3.71 14.40 -1.52
CA LEU A 26 -3.80 14.66 -2.95
C LEU A 26 -5.01 15.55 -3.28
N GLN A 27 -5.75 15.96 -2.26
CA GLN A 27 -6.94 16.77 -2.48
C GLN A 27 -6.81 18.11 -1.77
N GLY A 28 -7.55 19.10 -2.25
CA GLY A 28 -7.54 20.40 -1.60
C GLY A 28 -6.73 21.41 -2.40
N GLY A 29 -6.63 21.19 -3.70
CA GLY A 29 -5.82 22.04 -4.54
C GLY A 29 -4.35 21.81 -4.31
N ILE A 30 -3.98 20.56 -4.04
CA ILE A 30 -2.61 20.21 -3.74
C ILE A 30 -1.90 19.72 -4.99
N LYS A 31 -0.84 20.40 -5.37
CA LYS A 31 -0.06 20.01 -6.54
C LYS A 31 1.06 19.06 -6.11
N ASP A 32 0.66 17.91 -5.62
CA ASP A 32 1.62 16.91 -5.15
C ASP A 32 1.52 15.66 -5.99
N LEU A 33 2.64 15.27 -6.58
CA LEU A 33 2.70 14.06 -7.39
C LEU A 33 3.49 13.00 -6.64
N SER A 34 4.06 13.41 -5.51
CA SER A 34 4.88 12.55 -4.69
C SER A 34 4.04 11.44 -4.08
N LYS A 35 2.89 11.81 -3.50
CA LYS A 35 2.01 10.85 -2.85
C LYS A 35 1.47 9.85 -3.87
N GLU A 36 1.43 10.28 -5.13
CA GLU A 36 0.90 9.46 -6.20
C GLU A 36 1.84 8.30 -6.49
N GLU A 37 3.13 8.62 -6.63
CA GLU A 37 4.15 7.60 -6.81
C GLU A 37 4.22 6.71 -5.57
N ARG A 38 4.02 7.33 -4.42
CA ARG A 38 4.15 6.65 -3.15
C ARG A 38 3.00 5.70 -2.89
N LEU A 39 1.79 6.09 -3.29
CA LEU A 39 0.64 5.21 -3.14
C LEU A 39 0.81 4.00 -4.02
N TRP A 40 1.41 4.19 -5.19
CA TRP A 40 1.63 3.09 -6.10
C TRP A 40 2.71 2.18 -5.57
N GLU A 41 3.67 2.75 -4.85
CA GLU A 41 4.76 1.97 -4.29
C GLU A 41 4.24 1.02 -3.22
N VAL A 42 3.46 1.54 -2.28
CA VAL A 42 2.89 0.72 -1.25
C VAL A 42 1.82 -0.22 -1.84
N GLN A 43 1.13 0.24 -2.88
CA GLN A 43 0.09 -0.55 -3.53
C GLN A 43 0.70 -1.80 -4.14
N ARG A 44 1.75 -1.60 -4.92
CA ARG A 44 2.41 -2.69 -5.63
C ARG A 44 2.97 -3.70 -4.63
N ILE A 45 3.43 -3.22 -3.48
CA ILE A 45 3.96 -4.09 -2.44
C ILE A 45 2.85 -4.92 -1.80
N LEU A 46 1.84 -4.26 -1.22
CA LEU A 46 0.76 -4.97 -0.54
C LEU A 46 0.00 -5.89 -1.50
N THR A 47 -0.05 -5.50 -2.77
CA THR A 47 -0.71 -6.30 -3.77
C THR A 47 0.13 -7.51 -4.15
N ALA A 48 1.38 -7.28 -4.55
CA ALA A 48 2.24 -8.37 -5.00
C ALA A 48 2.49 -9.36 -3.88
N LEU A 49 2.53 -8.85 -2.65
CA LEU A 49 2.75 -9.68 -1.49
C LEU A 49 1.59 -10.64 -1.27
N LYS A 50 0.38 -10.10 -1.07
CA LYS A 50 -0.78 -10.93 -0.77
C LYS A 50 -1.05 -11.94 -1.88
N ARG A 51 -0.77 -11.53 -3.11
CA ARG A 51 -0.98 -12.38 -4.25
C ARG A 51 -0.07 -13.58 -4.19
N LYS A 52 1.24 -13.35 -4.27
CA LYS A 52 2.20 -14.43 -4.35
C LYS A 52 2.40 -15.11 -3.00
N LEU A 53 1.78 -14.56 -1.96
CA LEU A 53 1.77 -15.20 -0.65
C LEU A 53 0.64 -16.23 -0.61
N ARG A 54 -0.41 -15.97 -1.37
CA ARG A 54 -1.56 -16.89 -1.42
C ARG A 54 -1.45 -17.83 -2.61
N GLU A 55 -0.90 -17.34 -3.72
CA GLU A 55 -0.80 -18.12 -4.95
C GLU A 55 0.37 -19.10 -4.91
N ALA A 56 1.11 -19.11 -3.81
CA ALA A 56 2.23 -20.01 -3.65
C ALA A 56 2.19 -20.69 -2.29
N GLY A 1 6.71 -22.65 5.88
CA GLY A 1 8.12 -22.26 5.66
C GLY A 1 8.29 -20.76 5.56
N SER A 2 8.51 -20.11 6.70
CA SER A 2 8.71 -18.66 6.77
C SER A 2 7.56 -17.90 6.11
N GLU A 3 6.35 -18.37 6.35
CA GLU A 3 5.17 -17.80 5.72
C GLU A 3 4.25 -17.21 6.79
N THR A 4 3.79 -15.98 6.55
CA THR A 4 2.89 -15.32 7.46
C THR A 4 1.85 -14.51 6.69
N GLN A 5 0.62 -15.03 6.64
CA GLN A 5 -0.49 -14.29 6.04
C GLN A 5 -0.76 -13.01 6.81
N ALA A 6 -0.44 -13.05 8.10
CA ALA A 6 -0.52 -11.86 8.94
C ALA A 6 0.58 -10.86 8.58
N GLY A 7 1.46 -11.29 7.66
CA GLY A 7 2.52 -10.43 7.18
C GLY A 7 1.96 -9.26 6.39
N ILE A 8 1.34 -9.58 5.26
CA ILE A 8 0.69 -8.56 4.44
C ILE A 8 -0.47 -7.97 5.21
N LYS A 9 -1.08 -8.77 6.09
CA LYS A 9 -2.17 -8.30 6.92
C LYS A 9 -1.76 -7.08 7.76
N GLU A 10 -0.67 -7.21 8.51
CA GLU A 10 -0.22 -6.12 9.36
C GLU A 10 0.28 -4.95 8.50
N GLU A 11 1.08 -5.27 7.49
CA GLU A 11 1.63 -4.27 6.61
C GLU A 11 0.52 -3.52 5.88
N ILE A 12 -0.47 -4.24 5.39
CA ILE A 12 -1.57 -3.64 4.62
C ILE A 12 -2.40 -2.71 5.50
N ARG A 13 -2.46 -2.99 6.80
CA ARG A 13 -3.15 -2.09 7.74
C ARG A 13 -2.47 -0.74 7.71
N ARG A 14 -1.16 -0.75 7.89
CA ARG A 14 -0.37 0.46 7.87
C ARG A 14 -0.30 1.05 6.47
N GLN A 15 -0.15 0.18 5.49
CA GLN A 15 0.01 0.59 4.10
C GLN A 15 -1.25 1.22 3.53
N GLU A 16 -2.40 0.56 3.68
CA GLU A 16 -3.66 1.14 3.24
C GLU A 16 -3.95 2.42 4.02
N PHE A 17 -3.49 2.45 5.27
CA PHE A 17 -3.65 3.61 6.12
C PHE A 17 -2.93 4.81 5.52
N LEU A 18 -1.65 4.63 5.20
CA LEU A 18 -0.87 5.72 4.63
C LEU A 18 -1.25 5.97 3.18
N LEU A 19 -1.62 4.92 2.45
CA LEU A 19 -2.07 5.05 1.07
C LEU A 19 -3.29 5.95 1.05
N ASN A 20 -4.23 5.68 1.96
CA ASN A 20 -5.43 6.48 2.11
C ASN A 20 -5.10 7.93 2.46
N SER A 21 -4.25 8.11 3.46
CA SER A 21 -3.91 9.45 3.92
C SER A 21 -3.15 10.25 2.87
N LEU A 22 -2.17 9.63 2.20
CA LEU A 22 -1.45 10.32 1.13
C LEU A 22 -2.35 10.47 -0.11
N HIS A 23 -3.35 9.59 -0.22
CA HIS A 23 -4.35 9.70 -1.27
C HIS A 23 -5.20 10.93 -1.04
N ARG A 24 -5.37 11.28 0.23
CA ARG A 24 -6.09 12.48 0.63
C ARG A 24 -5.15 13.68 0.62
N ASP A 25 -3.85 13.41 0.57
CA ASP A 25 -2.82 14.45 0.53
C ASP A 25 -2.78 15.09 -0.85
N LEU A 26 -3.33 14.38 -1.82
CA LEU A 26 -3.41 14.87 -3.19
C LEU A 26 -4.65 15.74 -3.37
N GLN A 27 -5.47 15.82 -2.34
CA GLN A 27 -6.74 16.51 -2.43
C GLN A 27 -6.77 17.70 -1.48
N GLY A 28 -7.78 18.54 -1.63
CA GLY A 28 -7.86 19.75 -0.85
C GLY A 28 -7.16 20.90 -1.53
N GLY A 29 -6.87 20.73 -2.82
CA GLY A 29 -6.17 21.76 -3.57
C GLY A 29 -4.66 21.62 -3.46
N ILE A 30 -4.19 20.39 -3.37
CA ILE A 30 -2.77 20.13 -3.20
C ILE A 30 -2.18 19.52 -4.46
N LYS A 31 -1.01 20.01 -4.87
CA LYS A 31 -0.33 19.46 -6.03
C LYS A 31 1.00 18.84 -5.62
N ASP A 32 0.95 17.60 -5.17
CA ASP A 32 2.16 16.86 -4.83
C ASP A 32 2.25 15.61 -5.69
N LEU A 33 3.39 15.40 -6.33
CA LEU A 33 3.59 14.26 -7.21
C LEU A 33 4.23 13.12 -6.43
N SER A 34 4.70 13.43 -5.22
CA SER A 34 5.37 12.45 -4.38
C SER A 34 4.40 11.36 -3.94
N LYS A 35 3.26 11.77 -3.39
CA LYS A 35 2.25 10.82 -2.93
C LYS A 35 1.70 10.00 -4.07
N GLU A 36 1.75 10.53 -5.28
CA GLU A 36 1.26 9.82 -6.45
C GLU A 36 2.13 8.59 -6.71
N GLU A 37 3.44 8.81 -6.75
CA GLU A 37 4.38 7.71 -6.93
C GLU A 37 4.35 6.79 -5.71
N ARG A 38 4.04 7.37 -4.57
CA ARG A 38 4.03 6.64 -3.33
C ARG A 38 2.81 5.74 -3.20
N LEU A 39 1.64 6.27 -3.58
CA LEU A 39 0.42 5.47 -3.52
C LEU A 39 0.54 4.28 -4.44
N TRP A 40 1.27 4.45 -5.54
CA TRP A 40 1.47 3.36 -6.45
C TRP A 40 2.51 2.39 -5.91
N GLU A 41 3.49 2.93 -5.19
CA GLU A 41 4.55 2.11 -4.63
C GLU A 41 3.97 1.15 -3.60
N VAL A 42 3.29 1.71 -2.61
CA VAL A 42 2.66 0.91 -1.57
C VAL A 42 1.62 -0.04 -2.16
N GLN A 43 0.93 0.42 -3.21
CA GLN A 43 -0.12 -0.37 -3.83
C GLN A 43 0.45 -1.63 -4.45
N ARG A 44 1.49 -1.46 -5.25
CA ARG A 44 2.07 -2.59 -5.98
C ARG A 44 2.77 -3.56 -5.03
N ILE A 45 3.26 -3.05 -3.91
CA ILE A 45 3.94 -3.90 -2.93
C ILE A 45 2.94 -4.83 -2.24
N LEU A 46 1.88 -4.26 -1.66
CA LEU A 46 0.88 -5.07 -0.97
C LEU A 46 0.22 -6.02 -1.95
N THR A 47 -0.04 -5.53 -3.16
CA THR A 47 -0.69 -6.33 -4.19
C THR A 47 0.19 -7.51 -4.59
N ALA A 48 1.46 -7.26 -4.87
CA ALA A 48 2.37 -8.32 -5.27
C ALA A 48 2.51 -9.34 -4.15
N LEU A 49 2.79 -8.85 -2.95
CA LEU A 49 3.02 -9.71 -1.79
C LEU A 49 1.81 -10.59 -1.50
N LYS A 50 0.64 -9.97 -1.34
CA LYS A 50 -0.57 -10.71 -0.96
C LYS A 50 -0.89 -11.82 -1.95
N ARG A 51 -0.63 -11.53 -3.22
CA ARG A 51 -0.92 -12.44 -4.29
C ARG A 51 0.05 -13.62 -4.30
N LYS A 52 1.34 -13.33 -4.24
CA LYS A 52 2.33 -14.40 -4.27
C LYS A 52 2.45 -15.09 -2.91
N LEU A 53 1.80 -14.55 -1.90
CA LEU A 53 1.80 -15.16 -0.58
C LEU A 53 0.63 -16.13 -0.43
N ARG A 54 -0.57 -15.65 -0.71
CA ARG A 54 -1.77 -16.49 -0.53
C ARG A 54 -1.93 -17.47 -1.67
N GLU A 55 -1.67 -17.00 -2.89
CA GLU A 55 -1.92 -17.79 -4.07
C GLU A 55 -0.66 -18.54 -4.51
N ALA A 56 0.11 -18.98 -3.54
CA ALA A 56 1.29 -19.77 -3.81
C ALA A 56 1.07 -21.21 -3.35
N GLY A 1 10.72 -17.05 3.64
CA GLY A 1 10.62 -18.17 4.60
C GLY A 1 9.31 -18.92 4.47
N SER A 2 8.39 -18.63 5.37
CA SER A 2 7.07 -19.23 5.33
C SER A 2 6.04 -18.22 4.83
N GLU A 3 5.05 -18.71 4.09
CA GLU A 3 3.98 -17.86 3.57
C GLU A 3 3.12 -17.30 4.68
N THR A 4 3.49 -16.13 5.19
CA THR A 4 2.73 -15.49 6.25
C THR A 4 1.63 -14.61 5.68
N GLN A 5 0.39 -15.07 5.75
CA GLN A 5 -0.75 -14.27 5.34
C GLN A 5 -0.91 -13.08 6.28
N ALA A 6 -0.56 -13.31 7.54
CA ALA A 6 -0.55 -12.25 8.54
C ALA A 6 0.53 -11.23 8.24
N GLY A 7 1.48 -11.64 7.39
CA GLY A 7 2.56 -10.77 6.98
C GLY A 7 2.02 -9.56 6.24
N ILE A 8 1.32 -9.81 5.14
CA ILE A 8 0.71 -8.74 4.37
C ILE A 8 -0.46 -8.16 5.13
N LYS A 9 -1.16 -8.99 5.91
CA LYS A 9 -2.33 -8.54 6.65
C LYS A 9 -1.98 -7.37 7.58
N GLU A 10 -0.92 -7.52 8.35
CA GLU A 10 -0.50 -6.47 9.27
C GLU A 10 0.07 -5.29 8.51
N GLU A 11 0.94 -5.58 7.55
CA GLU A 11 1.59 -4.54 6.77
C GLU A 11 0.60 -3.75 5.91
N ILE A 12 -0.42 -4.43 5.40
CA ILE A 12 -1.41 -3.78 4.56
C ILE A 12 -2.28 -2.85 5.39
N ARG A 13 -2.47 -3.17 6.67
CA ARG A 13 -3.17 -2.27 7.58
C ARG A 13 -2.39 -0.96 7.68
N ARG A 14 -1.08 -1.08 7.81
CA ARG A 14 -0.21 0.08 7.88
C ARG A 14 -0.15 0.80 6.54
N GLN A 15 0.10 0.05 5.48
CA GLN A 15 0.28 0.62 4.15
C GLN A 15 -0.99 1.26 3.62
N GLU A 16 -2.16 0.66 3.85
CA GLU A 16 -3.40 1.29 3.41
C GLU A 16 -3.80 2.44 4.33
N PHE A 17 -3.29 2.40 5.56
CA PHE A 17 -3.52 3.48 6.52
C PHE A 17 -2.82 4.74 6.04
N LEU A 18 -1.53 4.62 5.76
CA LEU A 18 -0.76 5.74 5.25
C LEU A 18 -1.16 6.05 3.81
N LEU A 19 -1.64 5.04 3.09
CA LEU A 19 -2.15 5.23 1.75
C LEU A 19 -3.34 6.18 1.80
N ASN A 20 -4.24 5.91 2.73
CA ASN A 20 -5.38 6.78 2.95
C ASN A 20 -4.93 8.20 3.28
N SER A 21 -3.89 8.31 4.10
CA SER A 21 -3.34 9.59 4.50
C SER A 21 -2.77 10.34 3.30
N LEU A 22 -1.79 9.75 2.62
CA LEU A 22 -1.19 10.41 1.47
C LEU A 22 -2.19 10.59 0.34
N HIS A 23 -3.22 9.75 0.32
CA HIS A 23 -4.31 9.90 -0.64
C HIS A 23 -5.04 11.22 -0.42
N ARG A 24 -5.27 11.58 0.83
CA ARG A 24 -6.00 12.80 1.13
C ARG A 24 -5.08 14.01 1.05
N ASP A 25 -3.77 13.77 0.95
CA ASP A 25 -2.80 14.84 0.70
C ASP A 25 -2.79 15.24 -0.77
N LEU A 26 -3.58 14.55 -1.58
CA LEU A 26 -3.72 14.89 -2.99
C LEU A 26 -4.89 15.86 -3.18
N GLN A 27 -5.51 16.24 -2.08
CA GLN A 27 -6.64 17.16 -2.09
C GLN A 27 -6.18 18.56 -1.70
N GLY A 28 -6.91 19.57 -2.16
CA GLY A 28 -6.58 20.93 -1.83
C GLY A 28 -6.25 21.75 -3.06
N GLY A 29 -6.23 21.09 -4.22
CA GLY A 29 -5.92 21.77 -5.45
C GLY A 29 -4.42 21.85 -5.70
N ILE A 30 -3.67 21.06 -4.93
CA ILE A 30 -2.23 21.05 -5.03
C ILE A 30 -1.75 19.92 -5.94
N LYS A 31 -0.61 20.13 -6.57
CA LYS A 31 0.01 19.11 -7.40
C LYS A 31 1.10 18.38 -6.63
N ASP A 32 0.73 17.30 -5.97
CA ASP A 32 1.70 16.49 -5.24
C ASP A 32 1.96 15.19 -5.99
N LEU A 33 3.22 14.94 -6.32
CA LEU A 33 3.58 13.76 -7.09
C LEU A 33 3.99 12.62 -6.18
N SER A 34 4.49 12.97 -5.00
CA SER A 34 5.02 11.99 -4.08
C SER A 34 3.91 11.07 -3.57
N LYS A 35 2.82 11.67 -3.11
CA LYS A 35 1.73 10.92 -2.53
C LYS A 35 1.07 10.00 -3.55
N GLU A 36 1.06 10.43 -4.79
CA GLU A 36 0.37 9.71 -5.83
C GLU A 36 1.19 8.51 -6.29
N GLU A 37 2.46 8.74 -6.56
CA GLU A 37 3.37 7.67 -6.93
C GLU A 37 3.53 6.70 -5.77
N ARG A 38 3.39 7.20 -4.56
CA ARG A 38 3.58 6.39 -3.37
C ARG A 38 2.31 5.65 -2.97
N LEU A 39 1.13 6.17 -3.31
CA LEU A 39 -0.08 5.42 -3.09
C LEU A 39 -0.05 4.17 -3.95
N TRP A 40 0.49 4.30 -5.16
CA TRP A 40 0.62 3.17 -6.04
C TRP A 40 1.81 2.33 -5.63
N GLU A 41 2.82 2.97 -5.06
CA GLU A 41 4.01 2.27 -4.61
C GLU A 41 3.65 1.28 -3.51
N VAL A 42 3.03 1.76 -2.45
CA VAL A 42 2.65 0.88 -1.36
C VAL A 42 1.55 -0.09 -1.81
N GLN A 43 0.74 0.32 -2.79
CA GLN A 43 -0.32 -0.51 -3.30
C GLN A 43 0.24 -1.70 -4.07
N ARG A 44 1.24 -1.43 -4.92
CA ARG A 44 1.88 -2.49 -5.69
C ARG A 44 2.65 -3.42 -4.76
N ILE A 45 3.10 -2.90 -3.62
CA ILE A 45 3.77 -3.72 -2.62
C ILE A 45 2.77 -4.62 -1.90
N LEU A 46 1.72 -4.01 -1.33
CA LEU A 46 0.71 -4.78 -0.59
C LEU A 46 0.04 -5.81 -1.49
N THR A 47 -0.13 -5.45 -2.76
CA THR A 47 -0.75 -6.34 -3.71
C THR A 47 0.19 -7.47 -4.10
N ALA A 48 1.42 -7.12 -4.49
CA ALA A 48 2.40 -8.12 -4.92
C ALA A 48 2.66 -9.12 -3.80
N LEU A 49 2.80 -8.60 -2.58
CA LEU A 49 3.12 -9.42 -1.43
C LEU A 49 2.01 -10.44 -1.17
N LYS A 50 0.77 -9.98 -1.06
CA LYS A 50 -0.33 -10.88 -0.75
C LYS A 50 -0.51 -11.92 -1.84
N ARG A 51 -0.24 -11.53 -3.08
CA ARG A 51 -0.38 -12.43 -4.22
C ARG A 51 0.68 -13.53 -4.16
N LYS A 52 1.94 -13.15 -4.00
CA LYS A 52 3.04 -14.11 -3.96
C LYS A 52 2.93 -15.03 -2.74
N LEU A 53 2.17 -14.62 -1.73
CA LEU A 53 2.03 -15.40 -0.52
C LEU A 53 0.89 -16.41 -0.61
N ARG A 54 -0.19 -16.06 -1.32
CA ARG A 54 -1.36 -16.94 -1.39
C ARG A 54 -1.38 -17.75 -2.69
N GLU A 55 -0.90 -17.15 -3.77
CA GLU A 55 -0.92 -17.81 -5.07
C GLU A 55 0.37 -18.60 -5.29
N ALA A 56 0.99 -19.00 -4.19
CA ALA A 56 2.25 -19.74 -4.24
C ALA A 56 1.97 -21.23 -4.26
N GLY A 1 10.55 -17.02 1.57
CA GLY A 1 11.23 -17.50 2.80
C GLY A 1 10.29 -18.27 3.70
N SER A 2 9.90 -17.64 4.79
CA SER A 2 8.88 -18.18 5.65
C SER A 2 7.62 -17.35 5.48
N GLU A 3 6.74 -17.82 4.61
CA GLU A 3 5.59 -17.04 4.16
C GLU A 3 4.59 -16.87 5.29
N THR A 4 4.17 -15.63 5.51
CA THR A 4 3.23 -15.31 6.57
C THR A 4 2.05 -14.54 6.01
N GLN A 5 0.86 -15.15 6.04
CA GLN A 5 -0.34 -14.49 5.57
C GLN A 5 -0.69 -13.31 6.48
N ALA A 6 -0.41 -13.48 7.76
CA ALA A 6 -0.56 -12.39 8.73
C ALA A 6 0.44 -11.27 8.43
N GLY A 7 1.47 -11.60 7.65
CA GLY A 7 2.48 -10.64 7.28
C GLY A 7 1.91 -9.48 6.50
N ILE A 8 1.27 -9.78 5.38
CA ILE A 8 0.66 -8.75 4.56
C ILE A 8 -0.57 -8.19 5.26
N LYS A 9 -1.29 -9.04 5.96
CA LYS A 9 -2.53 -8.63 6.60
C LYS A 9 -2.31 -7.46 7.57
N GLU A 10 -1.43 -7.62 8.53
CA GLU A 10 -1.17 -6.59 9.52
C GLU A 10 -0.41 -5.42 8.89
N GLU A 11 0.52 -5.73 8.00
CA GLU A 11 1.31 -4.71 7.34
C GLU A 11 0.49 -3.88 6.38
N ILE A 12 -0.45 -4.51 5.68
CA ILE A 12 -1.31 -3.81 4.73
C ILE A 12 -2.23 -2.85 5.48
N ARG A 13 -2.56 -3.18 6.73
CA ARG A 13 -3.28 -2.25 7.57
C ARG A 13 -2.45 -0.99 7.78
N ARG A 14 -1.17 -1.18 8.07
CA ARG A 14 -0.25 -0.07 8.20
C ARG A 14 -0.08 0.65 6.86
N GLN A 15 0.11 -0.14 5.81
CA GLN A 15 0.33 0.38 4.46
C GLN A 15 -0.87 1.19 3.96
N GLU A 16 -2.06 0.60 3.99
CA GLU A 16 -3.25 1.28 3.50
C GLU A 16 -3.61 2.47 4.39
N PHE A 17 -3.13 2.44 5.63
CA PHE A 17 -3.33 3.53 6.58
C PHE A 17 -2.63 4.79 6.07
N LEU A 18 -1.32 4.66 5.81
CA LEU A 18 -0.57 5.79 5.29
C LEU A 18 -0.91 6.03 3.83
N LEU A 19 -1.31 4.98 3.12
CA LEU A 19 -1.76 5.10 1.74
C LEU A 19 -2.93 6.06 1.66
N ASN A 20 -3.94 5.79 2.46
CA ASN A 20 -5.13 6.65 2.54
C ASN A 20 -4.74 8.07 2.94
N SER A 21 -3.78 8.18 3.85
CA SER A 21 -3.31 9.47 4.33
C SER A 21 -2.69 10.28 3.18
N LEU A 22 -1.63 9.75 2.57
CA LEU A 22 -0.94 10.46 1.50
C LEU A 22 -1.83 10.56 0.25
N HIS A 23 -2.81 9.68 0.14
CA HIS A 23 -3.79 9.74 -0.94
C HIS A 23 -4.66 10.99 -0.78
N ARG A 24 -4.90 11.38 0.46
CA ARG A 24 -5.71 12.54 0.75
C ARG A 24 -4.86 13.81 0.75
N ASP A 25 -3.54 13.65 0.75
CA ASP A 25 -2.63 14.78 0.53
C ASP A 25 -2.78 15.32 -0.87
N LEU A 26 -3.32 14.51 -1.77
CA LEU A 26 -3.53 14.91 -3.15
C LEU A 26 -4.84 15.68 -3.29
N GLN A 27 -5.69 15.56 -2.28
CA GLN A 27 -7.03 16.11 -2.37
C GLN A 27 -7.09 17.49 -1.73
N GLY A 28 -7.92 18.36 -2.30
CA GLY A 28 -8.00 19.73 -1.86
C GLY A 28 -7.37 20.67 -2.85
N GLY A 29 -7.22 20.19 -4.08
CA GLY A 29 -6.58 20.96 -5.13
C GLY A 29 -5.08 20.99 -4.99
N ILE A 30 -4.52 19.93 -4.43
CA ILE A 30 -3.08 19.86 -4.18
C ILE A 30 -2.37 19.18 -5.34
N LYS A 31 -1.42 19.87 -5.94
CA LYS A 31 -0.65 19.30 -7.02
C LYS A 31 0.63 18.68 -6.47
N ASP A 32 0.51 17.47 -5.96
CA ASP A 32 1.67 16.76 -5.43
C ASP A 32 2.02 15.60 -6.35
N LEU A 33 3.31 15.40 -6.58
CA LEU A 33 3.77 14.34 -7.46
C LEU A 33 4.32 13.17 -6.65
N SER A 34 4.89 13.48 -5.49
CA SER A 34 5.54 12.47 -4.66
C SER A 34 4.50 11.51 -4.07
N LYS A 35 3.39 12.06 -3.57
CA LYS A 35 2.35 11.25 -2.93
C LYS A 35 1.70 10.32 -3.93
N GLU A 36 1.54 10.78 -5.16
CA GLU A 36 0.90 9.99 -6.21
C GLU A 36 1.73 8.74 -6.51
N GLU A 37 3.00 8.95 -6.81
CA GLU A 37 3.92 7.85 -7.06
C GLU A 37 4.10 7.01 -5.80
N ARG A 38 3.90 7.63 -4.65
CA ARG A 38 4.08 6.98 -3.37
C ARG A 38 2.94 6.00 -3.10
N LEU A 39 1.70 6.43 -3.38
CA LEU A 39 0.54 5.59 -3.14
C LEU A 39 0.62 4.35 -4.01
N TRP A 40 1.14 4.51 -5.23
CA TRP A 40 1.29 3.38 -6.11
C TRP A 40 2.43 2.50 -5.66
N GLU A 41 3.44 3.11 -5.04
CA GLU A 41 4.56 2.35 -4.50
C GLU A 41 4.07 1.40 -3.42
N VAL A 42 3.43 1.95 -2.39
CA VAL A 42 2.91 1.15 -1.30
C VAL A 42 1.83 0.18 -1.79
N GLN A 43 1.04 0.62 -2.78
CA GLN A 43 -0.02 -0.21 -3.33
C GLN A 43 0.56 -1.45 -4.00
N ARG A 44 1.57 -1.25 -4.83
CA ARG A 44 2.14 -2.35 -5.59
C ARG A 44 2.87 -3.33 -4.68
N ILE A 45 3.32 -2.87 -3.52
CA ILE A 45 3.96 -3.73 -2.55
C ILE A 45 2.92 -4.62 -1.86
N LEU A 46 1.92 -3.99 -1.24
CA LEU A 46 0.89 -4.74 -0.52
C LEU A 46 0.13 -5.68 -1.46
N THR A 47 -0.02 -5.27 -2.71
CA THR A 47 -0.70 -6.10 -3.70
C THR A 47 0.16 -7.31 -4.07
N ALA A 48 1.42 -7.05 -4.43
CA ALA A 48 2.30 -8.12 -4.86
C ALA A 48 2.49 -9.15 -3.76
N LEU A 49 2.64 -8.68 -2.53
CA LEU A 49 2.90 -9.55 -1.39
C LEU A 49 1.72 -10.49 -1.14
N LYS A 50 0.52 -9.94 -1.01
CA LYS A 50 -0.66 -10.76 -0.74
C LYS A 50 -0.94 -11.74 -1.87
N ARG A 51 -0.56 -11.35 -3.07
CA ARG A 51 -0.78 -12.17 -4.24
C ARG A 51 0.19 -13.35 -4.27
N LYS A 52 1.46 -13.11 -4.02
CA LYS A 52 2.43 -14.20 -4.02
C LYS A 52 2.29 -15.08 -2.79
N LEU A 53 1.50 -14.62 -1.82
CA LEU A 53 1.23 -15.42 -0.63
C LEU A 53 -0.04 -16.26 -0.80
N ARG A 54 -0.93 -15.81 -1.66
CA ARG A 54 -2.22 -16.49 -1.85
C ARG A 54 -2.28 -17.24 -3.17
N GLU A 55 -1.86 -16.58 -4.24
CA GLU A 55 -1.99 -17.13 -5.58
C GLU A 55 -0.84 -18.10 -5.88
N ALA A 56 0.01 -18.32 -4.90
CA ALA A 56 1.14 -19.21 -5.05
C ALA A 56 1.19 -20.25 -3.93
N GLY A 1 5.29 -22.89 6.11
CA GLY A 1 6.60 -22.20 6.31
C GLY A 1 6.44 -20.70 6.45
N SER A 2 6.87 -19.97 5.45
CA SER A 2 6.83 -18.51 5.49
C SER A 2 5.62 -17.96 4.75
N GLU A 3 4.61 -18.80 4.57
CA GLU A 3 3.36 -18.38 3.94
C GLU A 3 2.53 -17.57 4.92
N THR A 4 2.94 -16.35 5.17
CA THR A 4 2.27 -15.51 6.17
C THR A 4 1.25 -14.57 5.55
N GLN A 5 -0.02 -14.94 5.67
CA GLN A 5 -1.11 -14.06 5.28
C GLN A 5 -1.14 -12.86 6.22
N ALA A 6 -0.76 -13.09 7.46
CA ALA A 6 -0.63 -12.03 8.44
C ALA A 6 0.49 -11.07 8.04
N GLY A 7 1.38 -11.55 7.18
CA GLY A 7 2.47 -10.73 6.69
C GLY A 7 1.97 -9.54 5.90
N ILE A 8 1.19 -9.82 4.86
CA ILE A 8 0.56 -8.77 4.10
C ILE A 8 -0.55 -8.11 4.90
N LYS A 9 -1.22 -8.90 5.74
CA LYS A 9 -2.31 -8.40 6.55
C LYS A 9 -1.87 -7.21 7.41
N GLU A 10 -0.75 -7.37 8.10
CA GLU A 10 -0.20 -6.29 8.92
C GLU A 10 0.28 -5.14 8.05
N GLU A 11 0.99 -5.46 6.98
CA GLU A 11 1.52 -4.46 6.07
C GLU A 11 0.42 -3.70 5.36
N ILE A 12 -0.59 -4.40 4.89
CA ILE A 12 -1.68 -3.77 4.13
C ILE A 12 -2.46 -2.82 5.04
N ARG A 13 -2.52 -3.13 6.34
CA ARG A 13 -3.11 -2.20 7.30
C ARG A 13 -2.32 -0.90 7.29
N ARG A 14 -1.01 -1.03 7.43
CA ARG A 14 -0.10 0.12 7.44
C ARG A 14 -0.15 0.85 6.10
N GLN A 15 0.02 0.08 5.04
CA GLN A 15 0.14 0.62 3.70
C GLN A 15 -1.14 1.30 3.21
N GLU A 16 -2.29 0.68 3.45
CA GLU A 16 -3.54 1.31 3.04
C GLU A 16 -3.90 2.46 3.98
N PHE A 17 -3.39 2.40 5.20
CA PHE A 17 -3.59 3.48 6.16
C PHE A 17 -2.85 4.73 5.67
N LEU A 18 -1.56 4.56 5.38
CA LEU A 18 -0.75 5.66 4.90
C LEU A 18 -1.14 6.05 3.47
N LEU A 19 -1.60 5.06 2.70
CA LEU A 19 -2.09 5.32 1.35
C LEU A 19 -3.28 6.26 1.42
N ASN A 20 -4.22 5.93 2.29
CA ASN A 20 -5.40 6.75 2.50
C ASN A 20 -4.99 8.16 2.95
N SER A 21 -4.00 8.21 3.85
CA SER A 21 -3.51 9.47 4.38
C SER A 21 -2.83 10.30 3.30
N LEU A 22 -1.85 9.71 2.62
CA LEU A 22 -1.15 10.44 1.57
C LEU A 22 -2.08 10.76 0.41
N HIS A 23 -3.16 10.00 0.29
CA HIS A 23 -4.18 10.25 -0.71
C HIS A 23 -4.87 11.59 -0.43
N ARG A 24 -5.13 11.88 0.84
CA ARG A 24 -5.77 13.14 1.20
C ARG A 24 -4.77 14.30 1.12
N ASP A 25 -3.47 13.98 1.10
CA ASP A 25 -2.44 14.99 0.86
C ASP A 25 -2.57 15.57 -0.56
N LEU A 26 -3.15 14.80 -1.47
CA LEU A 26 -3.32 15.26 -2.84
C LEU A 26 -4.55 16.14 -2.97
N GLN A 27 -5.52 15.92 -2.11
CA GLN A 27 -6.79 16.61 -2.19
C GLN A 27 -6.71 17.97 -1.51
N GLY A 28 -7.46 18.92 -2.04
CA GLY A 28 -7.41 20.28 -1.54
C GLY A 28 -6.71 21.20 -2.51
N GLY A 29 -6.43 20.68 -3.70
CA GLY A 29 -5.74 21.45 -4.71
C GLY A 29 -4.23 21.46 -4.49
N ILE A 30 -3.72 20.34 -4.01
CA ILE A 30 -2.30 20.23 -3.69
C ILE A 30 -1.53 19.65 -4.85
N LYS A 31 -0.46 20.33 -5.26
CA LYS A 31 0.39 19.82 -6.32
C LYS A 31 1.51 18.99 -5.73
N ASP A 32 1.23 17.71 -5.53
CA ASP A 32 2.22 16.78 -5.01
C ASP A 32 2.20 15.51 -5.84
N LEU A 33 3.33 15.19 -6.45
CA LEU A 33 3.45 13.99 -7.28
C LEU A 33 4.07 12.84 -6.50
N SER A 34 4.56 13.15 -5.30
CA SER A 34 5.24 12.16 -4.47
C SER A 34 4.21 11.20 -3.88
N LYS A 35 3.18 11.76 -3.26
CA LYS A 35 2.10 10.98 -2.66
C LYS A 35 1.43 10.10 -3.69
N GLU A 36 1.30 10.62 -4.90
CA GLU A 36 0.62 9.93 -5.98
C GLU A 36 1.38 8.64 -6.34
N GLU A 37 2.66 8.77 -6.60
CA GLU A 37 3.52 7.63 -6.90
C GLU A 37 3.62 6.70 -5.69
N ARG A 38 3.44 7.26 -4.51
CA ARG A 38 3.56 6.50 -3.28
C ARG A 38 2.32 5.67 -3.01
N LEU A 39 1.14 6.19 -3.31
CA LEU A 39 -0.08 5.43 -3.13
C LEU A 39 -0.07 4.23 -4.05
N TRP A 40 0.40 4.42 -5.27
CA TRP A 40 0.47 3.32 -6.21
C TRP A 40 1.63 2.41 -5.87
N GLU A 41 2.64 2.98 -5.21
CA GLU A 41 3.80 2.20 -4.78
C GLU A 41 3.36 1.13 -3.81
N VAL A 42 2.80 1.54 -2.69
CA VAL A 42 2.37 0.62 -1.66
C VAL A 42 1.20 -0.24 -2.14
N GLN A 43 0.37 0.31 -3.02
CA GLN A 43 -0.80 -0.40 -3.52
C GLN A 43 -0.37 -1.65 -4.28
N ARG A 44 0.61 -1.49 -5.14
CA ARG A 44 1.07 -2.62 -5.93
C ARG A 44 1.96 -3.53 -5.09
N ILE A 45 2.58 -2.97 -4.05
CA ILE A 45 3.38 -3.76 -3.11
C ILE A 45 2.49 -4.68 -2.28
N LEU A 46 1.46 -4.13 -1.63
CA LEU A 46 0.55 -4.94 -0.82
C LEU A 46 -0.17 -5.97 -1.70
N THR A 47 -0.38 -5.62 -2.96
CA THR A 47 -1.00 -6.54 -3.89
C THR A 47 -0.04 -7.71 -4.22
N ALA A 48 1.15 -7.37 -4.69
CA ALA A 48 2.14 -8.39 -5.04
C ALA A 48 2.53 -9.21 -3.82
N LEU A 49 2.60 -8.56 -2.67
CA LEU A 49 3.00 -9.21 -1.42
C LEU A 49 2.05 -10.34 -1.07
N LYS A 50 0.76 -10.06 -1.03
CA LYS A 50 -0.23 -11.08 -0.68
C LYS A 50 -0.23 -12.20 -1.72
N ARG A 51 0.19 -11.88 -2.93
CA ARG A 51 0.29 -12.88 -3.98
C ARG A 51 1.29 -13.96 -3.61
N LYS A 52 2.54 -13.57 -3.35
CA LYS A 52 3.58 -14.57 -3.05
C LYS A 52 3.44 -15.11 -1.63
N LEU A 53 2.57 -14.49 -0.84
CA LEU A 53 2.32 -14.96 0.52
C LEU A 53 1.05 -15.80 0.60
N ARG A 54 0.31 -15.90 -0.50
CA ARG A 54 -0.90 -16.72 -0.52
C ARG A 54 -0.89 -17.76 -1.63
N GLU A 55 -0.41 -17.38 -2.82
CA GLU A 55 -0.43 -18.28 -3.98
C GLU A 55 0.67 -19.32 -3.87
N ALA A 56 1.39 -19.31 -2.77
CA ALA A 56 2.48 -20.25 -2.53
C ALA A 56 1.94 -21.52 -1.87
N GLY A 1 9.39 -19.49 10.38
CA GLY A 1 8.39 -19.43 9.29
C GLY A 1 9.04 -19.19 7.95
N SER A 2 8.33 -19.52 6.88
CA SER A 2 8.81 -19.26 5.54
C SER A 2 8.33 -17.91 5.06
N GLU A 3 7.02 -17.79 4.92
CA GLU A 3 6.38 -16.55 4.56
C GLU A 3 5.14 -16.34 5.42
N THR A 4 4.72 -15.10 5.56
CA THR A 4 3.65 -14.78 6.49
C THR A 4 2.45 -14.12 5.80
N GLN A 5 1.32 -14.82 5.80
CA GLN A 5 0.07 -14.26 5.31
C GLN A 5 -0.43 -13.19 6.28
N ALA A 6 -0.19 -13.43 7.57
CA ALA A 6 -0.52 -12.45 8.60
C ALA A 6 0.44 -11.28 8.52
N GLY A 7 1.53 -11.48 7.78
CA GLY A 7 2.50 -10.43 7.58
C GLY A 7 1.92 -9.29 6.79
N ILE A 8 1.54 -9.57 5.55
CA ILE A 8 0.95 -8.55 4.69
C ILE A 8 -0.40 -8.13 5.25
N LYS A 9 -1.01 -9.00 6.04
CA LYS A 9 -2.26 -8.67 6.70
C LYS A 9 -2.07 -7.46 7.62
N GLU A 10 -1.12 -7.55 8.53
CA GLU A 10 -0.84 -6.46 9.45
C GLU A 10 -0.12 -5.33 8.73
N GLU A 11 0.79 -5.68 7.83
CA GLU A 11 1.51 -4.68 7.05
C GLU A 11 0.55 -3.88 6.18
N ILE A 12 -0.44 -4.55 5.60
CA ILE A 12 -1.39 -3.87 4.70
C ILE A 12 -2.26 -2.92 5.51
N ARG A 13 -2.52 -3.25 6.79
CA ARG A 13 -3.19 -2.30 7.66
C ARG A 13 -2.39 -1.01 7.75
N ARG A 14 -1.09 -1.16 7.94
CA ARG A 14 -0.17 -0.03 8.01
C ARG A 14 -0.06 0.67 6.65
N GLN A 15 0.11 -0.12 5.60
CA GLN A 15 0.29 0.41 4.25
C GLN A 15 -0.96 1.10 3.74
N GLU A 16 -2.11 0.44 3.85
CA GLU A 16 -3.37 1.04 3.43
C GLU A 16 -3.66 2.29 4.26
N PHE A 17 -3.16 2.28 5.50
CA PHE A 17 -3.36 3.41 6.39
C PHE A 17 -2.69 4.66 5.82
N LEU A 18 -1.41 4.55 5.50
CA LEU A 18 -0.66 5.68 4.97
C LEU A 18 -0.98 5.90 3.49
N LEU A 19 -1.37 4.84 2.80
CA LEU A 19 -1.81 4.96 1.42
C LEU A 19 -3.03 5.85 1.36
N ASN A 20 -3.95 5.60 2.28
CA ASN A 20 -5.17 6.40 2.40
C ASN A 20 -4.84 7.87 2.67
N SER A 21 -3.95 8.12 3.62
CA SER A 21 -3.60 9.49 4.00
C SER A 21 -2.91 10.24 2.87
N LEU A 22 -1.89 9.64 2.25
CA LEU A 22 -1.24 10.29 1.12
C LEU A 22 -2.17 10.35 -0.10
N HIS A 23 -3.17 9.47 -0.11
CA HIS A 23 -4.18 9.48 -1.18
C HIS A 23 -5.13 10.66 -1.01
N ARG A 24 -5.53 10.92 0.23
CA ARG A 24 -6.43 12.03 0.51
C ARG A 24 -5.69 13.37 0.47
N ASP A 25 -4.36 13.30 0.38
CA ASP A 25 -3.56 14.49 0.11
C ASP A 25 -3.82 14.99 -1.29
N LEU A 26 -4.32 14.11 -2.15
CA LEU A 26 -4.59 14.45 -3.54
C LEU A 26 -5.95 15.13 -3.68
N GLN A 27 -6.44 15.69 -2.58
CA GLN A 27 -7.72 16.40 -2.59
C GLN A 27 -7.52 17.86 -2.22
N GLY A 28 -8.32 18.73 -2.81
CA GLY A 28 -8.20 20.15 -2.55
C GLY A 28 -7.20 20.81 -3.48
N GLY A 29 -6.09 21.26 -2.94
CA GLY A 29 -5.04 21.86 -3.74
C GLY A 29 -3.83 20.96 -3.80
N ILE A 30 -3.81 20.08 -4.80
CA ILE A 30 -2.75 19.07 -4.93
C ILE A 30 -1.38 19.72 -5.12
N LYS A 31 -0.57 19.64 -4.09
CA LYS A 31 0.80 20.11 -4.15
C LYS A 31 1.73 18.97 -3.83
N ASP A 32 1.28 17.80 -4.25
CA ASP A 32 1.96 16.55 -3.97
C ASP A 32 1.71 15.55 -5.09
N LEU A 33 2.50 15.63 -6.15
CA LEU A 33 2.39 14.67 -7.23
C LEU A 33 3.15 13.41 -6.85
N SER A 34 4.18 13.60 -6.05
CA SER A 34 4.98 12.48 -5.57
C SER A 34 4.20 11.64 -4.58
N LYS A 35 3.13 12.20 -4.02
CA LYS A 35 2.24 11.44 -3.14
C LYS A 35 1.57 10.33 -3.94
N GLU A 36 1.31 10.60 -5.20
CA GLU A 36 0.70 9.63 -6.09
C GLU A 36 1.73 8.58 -6.49
N GLU A 37 2.97 9.04 -6.72
CA GLU A 37 4.09 8.15 -6.95
C GLU A 37 4.29 7.25 -5.74
N ARG A 38 3.96 7.78 -4.56
CA ARG A 38 4.13 7.06 -3.32
C ARG A 38 3.07 5.97 -3.15
N LEU A 39 1.82 6.31 -3.45
CA LEU A 39 0.74 5.34 -3.34
C LEU A 39 0.99 4.18 -4.28
N TRP A 40 1.63 4.44 -5.41
CA TRP A 40 1.92 3.40 -6.38
C TRP A 40 3.02 2.47 -5.86
N GLU A 41 3.99 3.06 -5.18
CA GLU A 41 5.10 2.29 -4.63
C GLU A 41 4.57 1.29 -3.60
N VAL A 42 3.84 1.81 -2.62
CA VAL A 42 3.29 0.98 -1.57
C VAL A 42 2.22 0.02 -2.13
N GLN A 43 1.49 0.48 -3.16
CA GLN A 43 0.46 -0.32 -3.81
C GLN A 43 1.06 -1.61 -4.35
N ARG A 44 2.14 -1.43 -5.11
CA ARG A 44 2.77 -2.54 -5.81
C ARG A 44 3.34 -3.55 -4.80
N ILE A 45 3.81 -3.05 -3.66
CA ILE A 45 4.38 -3.92 -2.64
C ILE A 45 3.31 -4.79 -2.00
N LEU A 46 2.27 -4.16 -1.46
CA LEU A 46 1.20 -4.89 -0.79
C LEU A 46 0.47 -5.81 -1.77
N THR A 47 0.34 -5.36 -3.01
CA THR A 47 -0.30 -6.17 -4.03
C THR A 47 0.53 -7.40 -4.36
N ALA A 48 1.83 -7.22 -4.58
CA ALA A 48 2.70 -8.32 -4.94
C ALA A 48 2.73 -9.37 -3.83
N LEU A 49 2.82 -8.92 -2.59
CA LEU A 49 2.95 -9.83 -1.48
C LEU A 49 1.63 -10.57 -1.20
N LYS A 50 0.54 -9.83 -1.09
CA LYS A 50 -0.73 -10.43 -0.70
C LYS A 50 -1.26 -11.41 -1.76
N ARG A 51 -0.90 -11.16 -3.00
CA ARG A 51 -1.35 -12.02 -4.09
C ARG A 51 -0.47 -13.26 -4.22
N LYS A 52 0.83 -13.11 -4.02
CA LYS A 52 1.75 -14.24 -4.06
C LYS A 52 1.60 -15.10 -2.82
N LEU A 53 1.18 -14.48 -1.72
CA LEU A 53 0.99 -15.18 -0.46
C LEU A 53 -0.32 -15.96 -0.46
N ARG A 54 -1.41 -15.30 -0.81
CA ARG A 54 -2.74 -15.88 -0.70
C ARG A 54 -3.02 -16.84 -1.85
N GLU A 55 -2.66 -16.46 -3.06
CA GLU A 55 -2.98 -17.22 -4.25
C GLU A 55 -1.96 -18.33 -4.49
N ALA A 56 -1.44 -18.89 -3.41
CA ALA A 56 -0.50 -19.98 -3.47
C ALA A 56 -1.19 -21.29 -3.13
N GLY A 1 -1.49 -20.40 0.80
CA GLY A 1 -0.47 -19.43 1.28
C GLY A 1 0.79 -20.11 1.71
N SER A 2 1.93 -19.53 1.35
CA SER A 2 3.22 -20.12 1.70
C SER A 2 3.71 -19.60 3.06
N GLU A 3 3.61 -18.30 3.27
CA GLU A 3 4.04 -17.70 4.52
C GLU A 3 2.91 -16.93 5.17
N THR A 4 3.25 -15.98 6.04
CA THR A 4 2.27 -15.27 6.85
C THR A 4 1.34 -14.39 5.99
N GLN A 5 0.15 -14.90 5.70
CA GLN A 5 -0.87 -14.13 5.02
C GLN A 5 -1.40 -13.06 5.96
N ALA A 6 -1.33 -13.34 7.25
CA ALA A 6 -1.64 -12.36 8.27
C ALA A 6 -0.56 -11.28 8.32
N GLY A 7 0.59 -11.58 7.71
CA GLY A 7 1.67 -10.63 7.62
C GLY A 7 1.28 -9.41 6.81
N ILE A 8 0.82 -9.64 5.58
CA ILE A 8 0.36 -8.56 4.72
C ILE A 8 -0.89 -7.94 5.30
N LYS A 9 -1.73 -8.75 5.93
CA LYS A 9 -2.95 -8.22 6.54
C LYS A 9 -2.64 -7.15 7.59
N GLU A 10 -1.65 -7.42 8.43
CA GLU A 10 -1.19 -6.43 9.41
C GLU A 10 -0.61 -5.22 8.69
N GLU A 11 0.39 -5.47 7.86
CA GLU A 11 1.06 -4.40 7.14
C GLU A 11 0.07 -3.58 6.33
N ILE A 12 -0.78 -4.24 5.56
CA ILE A 12 -1.70 -3.57 4.64
C ILE A 12 -2.64 -2.61 5.37
N ARG A 13 -3.05 -2.96 6.59
CA ARG A 13 -3.85 -2.04 7.39
C ARG A 13 -3.08 -0.76 7.61
N ARG A 14 -1.82 -0.90 8.01
CA ARG A 14 -0.99 0.26 8.29
C ARG A 14 -0.46 0.89 7.00
N GLN A 15 -0.27 0.07 5.96
CA GLN A 15 0.20 0.54 4.67
C GLN A 15 -0.87 1.35 3.97
N GLU A 16 -2.09 0.82 3.93
CA GLU A 16 -3.20 1.56 3.33
C GLU A 16 -3.55 2.74 4.22
N PHE A 17 -3.21 2.65 5.49
CA PHE A 17 -3.38 3.76 6.43
C PHE A 17 -2.50 4.94 5.99
N LEU A 18 -1.20 4.67 5.81
CA LEU A 18 -0.28 5.70 5.35
C LEU A 18 -0.53 6.03 3.89
N LEU A 19 -0.98 5.03 3.12
CA LEU A 19 -1.34 5.24 1.72
C LEU A 19 -2.44 6.28 1.64
N ASN A 20 -3.50 6.09 2.42
CA ASN A 20 -4.58 7.04 2.48
C ASN A 20 -4.08 8.39 2.97
N SER A 21 -3.22 8.36 3.98
CA SER A 21 -2.64 9.57 4.54
C SER A 21 -1.90 10.38 3.47
N LEU A 22 -0.91 9.76 2.83
CA LEU A 22 -0.15 10.45 1.79
C LEU A 22 -1.00 10.69 0.55
N HIS A 23 -2.10 9.96 0.41
CA HIS A 23 -3.05 10.19 -0.66
C HIS A 23 -3.87 11.45 -0.35
N ARG A 24 -4.13 11.67 0.93
CA ARG A 24 -4.84 12.88 1.37
C ARG A 24 -4.04 14.12 1.03
N ASP A 25 -2.71 13.96 1.03
CA ASP A 25 -1.79 15.03 0.60
C ASP A 25 -2.25 15.70 -0.68
N LEU A 26 -2.62 14.89 -1.67
CA LEU A 26 -2.96 15.40 -2.98
C LEU A 26 -4.48 15.39 -3.20
N GLN A 27 -5.23 15.46 -2.11
CA GLN A 27 -6.68 15.50 -2.21
C GLN A 27 -7.25 16.79 -1.64
N GLY A 28 -8.47 17.11 -2.04
CA GLY A 28 -9.11 18.34 -1.60
C GLY A 28 -8.86 19.49 -2.54
N GLY A 29 -7.66 19.49 -3.13
CA GLY A 29 -7.31 20.54 -4.07
C GLY A 29 -5.82 20.80 -4.06
N ILE A 30 -5.04 19.72 -4.05
CA ILE A 30 -3.59 19.84 -3.95
C ILE A 30 -2.94 19.12 -5.13
N LYS A 31 -1.76 19.58 -5.53
CA LYS A 31 -1.03 18.93 -6.61
C LYS A 31 0.29 18.38 -6.08
N ASP A 32 0.32 17.09 -5.81
CA ASP A 32 1.54 16.42 -5.35
C ASP A 32 1.70 15.10 -6.08
N LEU A 33 2.67 15.05 -6.98
CA LEU A 33 2.89 13.86 -7.79
C LEU A 33 3.77 12.87 -7.05
N SER A 34 4.50 13.37 -6.07
CA SER A 34 5.42 12.56 -5.30
C SER A 34 4.66 11.53 -4.46
N LYS A 35 3.62 11.97 -3.78
CA LYS A 35 2.81 11.07 -2.97
C LYS A 35 1.99 10.17 -3.88
N GLU A 36 1.68 10.69 -5.06
CA GLU A 36 0.87 9.97 -6.03
C GLU A 36 1.62 8.74 -6.54
N GLU A 37 2.86 8.93 -6.94
CA GLU A 37 3.69 7.83 -7.40
C GLU A 37 4.07 6.94 -6.22
N ARG A 38 4.04 7.52 -5.02
CA ARG A 38 4.41 6.79 -3.82
C ARG A 38 3.27 5.86 -3.39
N LEU A 39 2.04 6.38 -3.41
CA LEU A 39 0.87 5.56 -3.09
C LEU A 39 0.78 4.39 -4.05
N TRP A 40 1.18 4.63 -5.29
CA TRP A 40 1.15 3.60 -6.30
C TRP A 40 2.26 2.57 -6.05
N GLU A 41 3.34 3.03 -5.44
CA GLU A 41 4.44 2.16 -5.14
C GLU A 41 4.14 1.29 -3.91
N VAL A 42 3.59 1.89 -2.88
CA VAL A 42 3.21 1.12 -1.70
C VAL A 42 2.04 0.19 -2.03
N GLN A 43 1.22 0.60 -2.99
CA GLN A 43 0.08 -0.20 -3.42
C GLN A 43 0.57 -1.46 -4.12
N ARG A 44 1.54 -1.30 -5.02
CA ARG A 44 2.05 -2.43 -5.79
C ARG A 44 2.71 -3.44 -4.87
N ILE A 45 3.32 -2.97 -3.78
CA ILE A 45 3.95 -3.85 -2.81
C ILE A 45 2.93 -4.71 -2.09
N LEU A 46 1.94 -4.08 -1.47
CA LEU A 46 0.91 -4.81 -0.73
C LEU A 46 0.13 -5.72 -1.66
N THR A 47 -0.03 -5.29 -2.90
CA THR A 47 -0.72 -6.10 -3.90
C THR A 47 0.09 -7.34 -4.25
N ALA A 48 1.34 -7.13 -4.68
CA ALA A 48 2.18 -8.23 -5.10
C ALA A 48 2.44 -9.20 -3.95
N LEU A 49 2.70 -8.65 -2.77
CA LEU A 49 3.01 -9.46 -1.60
C LEU A 49 1.87 -10.44 -1.30
N LYS A 50 0.66 -9.94 -1.10
CA LYS A 50 -0.45 -10.79 -0.71
C LYS A 50 -0.75 -11.86 -1.76
N ARG A 51 -0.59 -11.48 -3.02
CA ARG A 51 -0.88 -12.39 -4.11
C ARG A 51 0.20 -13.46 -4.23
N LYS A 52 1.45 -13.03 -4.25
CA LYS A 52 2.56 -13.97 -4.41
C LYS A 52 2.82 -14.74 -3.12
N LEU A 53 2.16 -14.34 -2.04
CA LEU A 53 2.29 -15.04 -0.77
C LEU A 53 1.13 -16.00 -0.56
N ARG A 54 0.04 -15.75 -1.28
CA ARG A 54 -1.15 -16.60 -1.19
C ARG A 54 -1.18 -17.61 -2.34
N GLU A 55 -1.06 -17.11 -3.57
CA GLU A 55 -1.25 -17.94 -4.75
C GLU A 55 0.00 -18.75 -5.07
N ALA A 56 1.08 -18.49 -4.36
CA ALA A 56 2.33 -19.18 -4.57
C ALA A 56 2.81 -19.81 -3.27
N GLY A 1 10.12 -19.63 9.07
CA GLY A 1 9.06 -19.41 8.07
C GLY A 1 9.37 -18.23 7.18
N SER A 2 9.41 -18.48 5.87
CA SER A 2 9.73 -17.45 4.91
C SER A 2 8.48 -16.66 4.54
N GLU A 3 7.39 -17.36 4.34
CA GLU A 3 6.15 -16.72 3.90
C GLU A 3 5.29 -16.37 5.09
N THR A 4 5.22 -15.10 5.43
CA THR A 4 4.43 -14.65 6.55
C THR A 4 3.09 -14.10 6.09
N GLN A 5 2.05 -14.90 6.30
CA GLN A 5 0.70 -14.50 5.95
C GLN A 5 0.26 -13.32 6.81
N ALA A 6 0.62 -13.39 8.09
CA ALA A 6 0.35 -12.32 9.03
C ALA A 6 1.21 -11.10 8.70
N GLY A 7 2.25 -11.33 7.90
CA GLY A 7 3.13 -10.26 7.49
C GLY A 7 2.42 -9.22 6.66
N ILE A 8 1.87 -9.66 5.52
CA ILE A 8 1.14 -8.74 4.65
C ILE A 8 -0.08 -8.22 5.40
N LYS A 9 -0.70 -9.06 6.20
CA LYS A 9 -1.89 -8.64 6.95
C LYS A 9 -1.59 -7.44 7.86
N GLU A 10 -0.54 -7.54 8.67
CA GLU A 10 -0.18 -6.45 9.57
C GLU A 10 0.34 -5.24 8.77
N GLU A 11 1.25 -5.51 7.84
CA GLU A 11 1.84 -4.46 7.02
C GLU A 11 0.77 -3.74 6.22
N ILE A 12 -0.15 -4.48 5.61
CA ILE A 12 -1.17 -3.90 4.76
C ILE A 12 -2.12 -3.02 5.57
N ARG A 13 -2.32 -3.37 6.84
CA ARG A 13 -3.10 -2.51 7.74
C ARG A 13 -2.50 -1.12 7.76
N ARG A 14 -1.20 -1.08 8.01
CA ARG A 14 -0.49 0.18 8.14
C ARG A 14 -0.28 0.83 6.77
N GLN A 15 0.03 0.00 5.77
CA GLN A 15 0.30 0.50 4.43
C GLN A 15 -0.96 1.05 3.76
N GLU A 16 -2.10 0.38 3.90
CA GLU A 16 -3.33 0.92 3.34
C GLU A 16 -3.87 2.04 4.22
N PHE A 17 -3.41 2.08 5.46
CA PHE A 17 -3.71 3.17 6.38
C PHE A 17 -3.11 4.46 5.83
N LEU A 18 -1.79 4.46 5.65
CA LEU A 18 -1.10 5.62 5.11
C LEU A 18 -1.48 5.83 3.65
N LEU A 19 -1.82 4.75 2.95
CA LEU A 19 -2.30 4.85 1.58
C LEU A 19 -3.57 5.68 1.54
N ASN A 20 -4.47 5.42 2.49
CA ASN A 20 -5.70 6.19 2.62
C ASN A 20 -5.38 7.63 3.03
N SER A 21 -4.36 7.79 3.85
CA SER A 21 -3.91 9.10 4.29
C SER A 21 -3.39 9.94 3.13
N LEU A 22 -2.39 9.45 2.42
CA LEU A 22 -1.78 10.20 1.33
C LEU A 22 -2.71 10.30 0.12
N HIS A 23 -3.80 9.53 0.13
CA HIS A 23 -4.83 9.67 -0.87
C HIS A 23 -5.72 10.85 -0.53
N ARG A 24 -5.86 11.12 0.76
CA ARG A 24 -6.56 12.31 1.21
C ARG A 24 -5.61 13.50 1.20
N ASP A 25 -4.34 13.22 0.94
CA ASP A 25 -3.35 14.26 0.68
C ASP A 25 -3.41 14.68 -0.78
N LEU A 26 -4.23 14.00 -1.57
CA LEU A 26 -4.33 14.28 -2.99
C LEU A 26 -5.67 14.94 -3.33
N GLN A 27 -6.19 15.73 -2.39
CA GLN A 27 -7.44 16.45 -2.60
C GLN A 27 -7.28 17.59 -3.60
N GLY A 28 -8.39 18.28 -3.87
CA GLY A 28 -8.36 19.36 -4.84
C GLY A 28 -7.48 20.51 -4.40
N GLY A 29 -6.54 20.86 -5.25
CA GLY A 29 -5.63 21.94 -4.95
C GLY A 29 -4.25 21.44 -4.60
N ILE A 30 -4.12 20.13 -4.50
CA ILE A 30 -2.84 19.51 -4.18
C ILE A 30 -2.04 19.22 -5.43
N LYS A 31 -0.76 19.59 -5.40
CA LYS A 31 0.14 19.34 -6.53
C LYS A 31 1.33 18.52 -6.06
N ASP A 32 1.02 17.50 -5.28
CA ASP A 32 2.05 16.67 -4.65
C ASP A 32 2.19 15.34 -5.37
N LEU A 33 3.14 15.30 -6.29
CA LEU A 33 3.40 14.09 -7.08
C LEU A 33 4.28 13.12 -6.29
N SER A 34 4.93 13.64 -5.25
CA SER A 34 5.77 12.81 -4.39
C SER A 34 4.91 11.73 -3.71
N LYS A 35 3.73 12.13 -3.26
CA LYS A 35 2.80 11.20 -2.62
C LYS A 35 2.22 10.25 -3.64
N GLU A 36 2.11 10.73 -4.88
CA GLU A 36 1.53 9.95 -5.97
C GLU A 36 2.42 8.73 -6.27
N GLU A 37 3.70 8.98 -6.50
CA GLU A 37 4.65 7.89 -6.75
C GLU A 37 4.81 7.02 -5.51
N ARG A 38 4.64 7.65 -4.35
CA ARG A 38 4.82 6.96 -3.07
C ARG A 38 3.70 5.96 -2.85
N LEU A 39 2.47 6.39 -3.11
CA LEU A 39 1.32 5.55 -2.90
C LEU A 39 1.39 4.33 -3.79
N TRP A 40 1.85 4.52 -5.02
CA TRP A 40 1.93 3.40 -5.94
C TRP A 40 2.99 2.41 -5.52
N GLU A 41 4.08 2.92 -4.94
CA GLU A 41 5.17 2.09 -4.46
C GLU A 41 4.65 1.16 -3.35
N VAL A 42 4.00 1.75 -2.36
CA VAL A 42 3.47 0.99 -1.25
C VAL A 42 2.29 0.12 -1.69
N GLN A 43 1.51 0.63 -2.64
CA GLN A 43 0.36 -0.08 -3.16
C GLN A 43 0.82 -1.35 -3.87
N ARG A 44 1.80 -1.20 -4.73
CA ARG A 44 2.28 -2.31 -5.55
C ARG A 44 2.80 -3.44 -4.66
N ILE A 45 3.45 -3.08 -3.56
CA ILE A 45 3.98 -4.07 -2.63
C ILE A 45 2.85 -4.84 -1.94
N LEU A 46 1.96 -4.13 -1.25
CA LEU A 46 0.88 -4.77 -0.52
C LEU A 46 -0.01 -5.57 -1.47
N THR A 47 -0.17 -5.07 -2.69
CA THR A 47 -0.97 -5.74 -3.68
C THR A 47 -0.30 -7.01 -4.18
N ALA A 48 0.94 -6.87 -4.68
CA ALA A 48 1.62 -8.00 -5.29
C ALA A 48 1.90 -9.09 -4.27
N LEU A 49 2.20 -8.69 -3.04
CA LEU A 49 2.53 -9.63 -1.99
C LEU A 49 1.32 -10.49 -1.62
N LYS A 50 0.19 -9.85 -1.31
CA LYS A 50 -1.00 -10.59 -0.86
C LYS A 50 -1.52 -11.49 -1.97
N ARG A 51 -1.31 -11.08 -3.21
CA ARG A 51 -1.76 -11.86 -4.34
C ARG A 51 -0.89 -13.08 -4.53
N LYS A 52 0.42 -12.88 -4.46
CA LYS A 52 1.37 -13.98 -4.65
C LYS A 52 1.42 -14.87 -3.41
N LEU A 53 0.86 -14.39 -2.31
CA LEU A 53 0.87 -15.14 -1.07
C LEU A 53 -0.45 -15.88 -0.87
N ARG A 54 -1.49 -15.43 -1.57
CA ARG A 54 -2.82 -16.02 -1.44
C ARG A 54 -3.22 -16.80 -2.69
N GLU A 55 -3.10 -16.14 -3.83
CA GLU A 55 -3.67 -16.63 -5.07
C GLU A 55 -2.64 -16.69 -6.20
N ALA A 56 -1.43 -17.10 -5.84
CA ALA A 56 -0.35 -17.25 -6.81
C ALA A 56 -0.68 -18.35 -7.83
N GLY A 1 6.96 -21.26 7.67
CA GLY A 1 7.22 -21.29 6.22
C GLY A 1 7.58 -19.93 5.67
N SER A 2 7.32 -19.72 4.39
CA SER A 2 7.65 -18.48 3.74
C SER A 2 6.41 -17.63 3.54
N GLU A 3 5.26 -18.18 3.91
CA GLU A 3 3.99 -17.49 3.78
C GLU A 3 3.80 -16.47 4.89
N THR A 4 3.34 -15.29 4.53
CA THR A 4 2.99 -14.28 5.51
C THR A 4 1.64 -13.64 5.19
N GLN A 5 0.60 -14.45 5.29
CA GLN A 5 -0.76 -13.94 5.10
C GLN A 5 -1.10 -12.99 6.23
N ALA A 6 -0.71 -13.36 7.45
CA ALA A 6 -0.86 -12.48 8.59
C ALA A 6 -0.02 -11.21 8.37
N GLY A 7 1.03 -11.35 7.56
CA GLY A 7 1.91 -10.25 7.24
C GLY A 7 1.21 -9.15 6.49
N ILE A 8 0.67 -9.48 5.30
CA ILE A 8 0.01 -8.48 4.46
C ILE A 8 -1.23 -7.94 5.16
N LYS A 9 -1.90 -8.78 5.94
CA LYS A 9 -3.09 -8.33 6.67
C LYS A 9 -2.74 -7.22 7.66
N GLU A 10 -1.71 -7.45 8.46
CA GLU A 10 -1.27 -6.47 9.43
C GLU A 10 -0.67 -5.26 8.72
N GLU A 11 0.19 -5.53 7.75
CA GLU A 11 0.83 -4.47 6.99
C GLU A 11 -0.19 -3.64 6.24
N ILE A 12 -1.13 -4.30 5.55
CA ILE A 12 -2.13 -3.58 4.77
C ILE A 12 -2.92 -2.63 5.66
N ARG A 13 -3.06 -2.97 6.94
CA ARG A 13 -3.67 -2.05 7.88
C ARG A 13 -2.87 -0.75 7.95
N ARG A 14 -1.59 -0.87 8.26
CA ARG A 14 -0.73 0.31 8.39
C ARG A 14 -0.36 0.89 7.02
N GLN A 15 -0.46 0.07 5.98
CA GLN A 15 -0.13 0.50 4.63
C GLN A 15 -1.26 1.30 4.02
N GLU A 16 -2.47 0.75 4.04
CA GLU A 16 -3.64 1.49 3.58
C GLU A 16 -3.83 2.73 4.46
N PHE A 17 -3.31 2.62 5.67
CA PHE A 17 -3.32 3.71 6.65
C PHE A 17 -2.53 4.91 6.10
N LEU A 18 -1.26 4.68 5.79
CA LEU A 18 -0.42 5.74 5.28
C LEU A 18 -0.75 6.05 3.82
N LEU A 19 -1.23 5.05 3.10
CA LEU A 19 -1.64 5.22 1.72
C LEU A 19 -2.79 6.22 1.65
N ASN A 20 -3.79 6.02 2.51
CA ASN A 20 -4.92 6.93 2.57
C ASN A 20 -4.45 8.32 2.98
N SER A 21 -3.49 8.37 3.92
CA SER A 21 -2.95 9.62 4.41
C SER A 21 -2.28 10.40 3.27
N LEU A 22 -1.29 9.79 2.63
CA LEU A 22 -0.58 10.46 1.55
C LEU A 22 -1.49 10.65 0.33
N HIS A 23 -2.57 9.87 0.26
CA HIS A 23 -3.57 10.02 -0.79
C HIS A 23 -4.41 11.27 -0.54
N ARG A 24 -4.56 11.62 0.73
CA ARG A 24 -5.25 12.83 1.10
C ARG A 24 -4.42 14.06 0.73
N ASP A 25 -3.11 13.88 0.75
CA ASP A 25 -2.17 14.95 0.39
C ASP A 25 -2.23 15.28 -1.11
N LEU A 26 -3.14 14.64 -1.81
CA LEU A 26 -3.35 14.92 -3.22
C LEU A 26 -4.66 15.67 -3.44
N GLN A 27 -5.40 15.89 -2.37
CA GLN A 27 -6.72 16.50 -2.48
C GLN A 27 -6.85 17.70 -1.57
N GLY A 28 -7.76 18.60 -1.94
CA GLY A 28 -7.95 19.82 -1.18
C GLY A 28 -7.27 20.98 -1.86
N GLY A 29 -7.09 20.88 -3.17
CA GLY A 29 -6.39 21.91 -3.91
C GLY A 29 -4.89 21.79 -3.76
N ILE A 30 -4.43 20.57 -3.58
CA ILE A 30 -3.02 20.32 -3.38
C ILE A 30 -2.41 19.70 -4.64
N LYS A 31 -1.24 20.19 -5.02
CA LYS A 31 -0.56 19.64 -6.18
C LYS A 31 0.70 18.88 -5.75
N ASP A 32 0.76 17.61 -6.11
CA ASP A 32 1.91 16.77 -5.79
C ASP A 32 1.86 15.50 -6.63
N LEU A 33 3.01 15.09 -7.14
CA LEU A 33 3.09 13.92 -8.00
C LEU A 33 3.85 12.79 -7.33
N SER A 34 4.53 13.09 -6.24
CA SER A 34 5.40 12.11 -5.60
C SER A 34 4.61 11.26 -4.61
N LYS A 35 3.59 11.85 -3.99
CA LYS A 35 2.71 11.10 -3.10
C LYS A 35 1.87 10.15 -3.95
N GLU A 36 1.61 10.55 -5.18
CA GLU A 36 0.84 9.77 -6.14
C GLU A 36 1.63 8.51 -6.50
N GLU A 37 2.88 8.72 -6.89
CA GLU A 37 3.80 7.61 -7.18
C GLU A 37 3.99 6.74 -5.95
N ARG A 38 3.89 7.36 -4.79
CA ARG A 38 4.16 6.69 -3.53
C ARG A 38 3.01 5.73 -3.17
N LEU A 39 1.78 6.22 -3.29
CA LEU A 39 0.62 5.38 -3.00
C LEU A 39 0.57 4.19 -3.94
N TRP A 40 1.04 4.40 -5.16
CA TRP A 40 1.03 3.34 -6.14
C TRP A 40 2.02 2.26 -5.75
N GLU A 41 3.14 2.67 -5.19
CA GLU A 41 4.13 1.71 -4.70
C GLU A 41 3.58 0.95 -3.51
N VAL A 42 2.93 1.67 -2.60
CA VAL A 42 2.31 1.02 -1.44
C VAL A 42 1.28 -0.02 -1.92
N GLN A 43 0.48 0.38 -2.90
CA GLN A 43 -0.55 -0.50 -3.45
C GLN A 43 0.07 -1.71 -4.13
N ARG A 44 1.04 -1.45 -4.99
CA ARG A 44 1.66 -2.50 -5.79
C ARG A 44 2.37 -3.52 -4.91
N ILE A 45 2.93 -3.05 -3.79
CA ILE A 45 3.58 -3.93 -2.83
C ILE A 45 2.56 -4.84 -2.15
N LEU A 46 1.47 -4.25 -1.67
CA LEU A 46 0.40 -5.02 -1.01
C LEU A 46 -0.15 -6.07 -1.95
N THR A 47 -0.41 -5.65 -3.19
CA THR A 47 -0.89 -6.56 -4.22
C THR A 47 0.11 -7.70 -4.43
N ALA A 48 1.32 -7.35 -4.86
CA ALA A 48 2.31 -8.35 -5.23
C ALA A 48 2.65 -9.25 -4.05
N LEU A 49 2.61 -8.69 -2.85
CA LEU A 49 3.00 -9.42 -1.65
C LEU A 49 2.07 -10.61 -1.43
N LYS A 50 0.79 -10.33 -1.23
CA LYS A 50 -0.15 -11.38 -0.86
C LYS A 50 -0.34 -12.41 -1.97
N ARG A 51 -0.34 -11.96 -3.21
CA ARG A 51 -0.54 -12.84 -4.36
C ARG A 51 0.53 -13.92 -4.39
N LYS A 52 1.79 -13.50 -4.35
CA LYS A 52 2.92 -14.42 -4.44
C LYS A 52 3.12 -15.17 -3.12
N LEU A 53 2.90 -14.47 -2.01
CA LEU A 53 3.15 -15.05 -0.69
C LEU A 53 1.93 -15.80 -0.16
N ARG A 54 0.93 -15.99 -1.01
CA ARG A 54 -0.18 -16.86 -0.68
C ARG A 54 -0.18 -18.10 -1.56
N GLU A 55 -0.45 -17.89 -2.83
CA GLU A 55 -0.78 -18.98 -3.72
C GLU A 55 0.33 -19.28 -4.73
N ALA A 56 1.56 -19.12 -4.27
CA ALA A 56 2.72 -19.47 -5.08
C ALA A 56 3.65 -20.36 -4.29
N GLY A 1 4.08 -21.03 5.85
CA GLY A 1 3.85 -19.57 6.02
C GLY A 1 4.85 -18.74 5.24
N SER A 2 6.13 -18.91 5.56
CA SER A 2 7.23 -18.18 4.93
C SER A 2 7.12 -16.68 5.21
N GLU A 3 6.35 -15.96 4.39
CA GLU A 3 6.15 -14.54 4.59
C GLU A 3 4.89 -14.31 5.42
N THR A 4 4.08 -15.37 5.52
CA THR A 4 2.84 -15.36 6.31
C THR A 4 1.76 -14.50 5.64
N GLN A 5 0.60 -15.11 5.41
CA GLN A 5 -0.54 -14.39 4.86
C GLN A 5 -0.95 -13.28 5.82
N ALA A 6 -0.90 -13.60 7.11
CA ALA A 6 -1.15 -12.63 8.17
C ALA A 6 -0.09 -11.53 8.16
N GLY A 7 1.02 -11.80 7.48
CA GLY A 7 2.08 -10.84 7.38
C GLY A 7 1.66 -9.60 6.63
N ILE A 8 1.20 -9.77 5.39
CA ILE A 8 0.73 -8.65 4.61
C ILE A 8 -0.58 -8.12 5.18
N LYS A 9 -1.28 -8.97 5.93
CA LYS A 9 -2.48 -8.53 6.63
C LYS A 9 -2.16 -7.37 7.59
N GLU A 10 -1.25 -7.61 8.53
CA GLU A 10 -0.87 -6.59 9.49
C GLU A 10 -0.07 -5.48 8.82
N GLU A 11 0.78 -5.87 7.87
CA GLU A 11 1.52 -4.90 7.07
C GLU A 11 0.56 -3.94 6.38
N ILE A 12 -0.46 -4.51 5.74
CA ILE A 12 -1.43 -3.72 4.97
C ILE A 12 -2.17 -2.73 5.86
N ARG A 13 -2.38 -3.08 7.14
CA ARG A 13 -2.97 -2.14 8.08
C ARG A 13 -2.13 -0.87 8.14
N ARG A 14 -0.84 -1.07 8.38
CA ARG A 14 0.10 0.04 8.48
C ARG A 14 0.36 0.68 7.12
N GLN A 15 0.54 -0.15 6.10
CA GLN A 15 0.83 0.32 4.75
C GLN A 15 -0.34 1.10 4.15
N GLU A 16 -1.56 0.59 4.28
CA GLU A 16 -2.71 1.31 3.76
C GLU A 16 -3.06 2.50 4.66
N PHE A 17 -2.56 2.47 5.89
CA PHE A 17 -2.73 3.59 6.81
C PHE A 17 -1.98 4.81 6.27
N LEU A 18 -0.69 4.63 6.02
CA LEU A 18 0.13 5.69 5.47
C LEU A 18 -0.22 5.95 4.00
N LEU A 19 -0.69 4.90 3.31
CA LEU A 19 -1.14 5.02 1.93
C LEU A 19 -2.32 6.00 1.89
N ASN A 20 -3.26 5.81 2.81
CA ASN A 20 -4.42 6.68 2.93
C ASN A 20 -4.00 8.13 3.16
N SER A 21 -2.98 8.33 3.98
CA SER A 21 -2.46 9.67 4.24
C SER A 21 -1.96 10.34 2.95
N LEU A 22 -1.21 9.58 2.15
CA LEU A 22 -0.72 10.05 0.85
C LEU A 22 -1.87 10.28 -0.08
N HIS A 23 -2.77 9.32 -0.08
CA HIS A 23 -3.93 9.34 -0.95
C HIS A 23 -4.84 10.53 -0.64
N ARG A 24 -4.98 10.86 0.64
CA ARG A 24 -5.83 11.96 1.04
C ARG A 24 -5.09 13.30 0.93
N ASP A 25 -3.77 13.24 0.87
CA ASP A 25 -2.93 14.43 0.69
C ASP A 25 -3.31 15.14 -0.60
N LEU A 26 -3.53 14.33 -1.62
CA LEU A 26 -3.90 14.82 -2.94
C LEU A 26 -5.25 15.53 -2.90
N GLN A 27 -6.10 15.08 -1.98
CA GLN A 27 -7.46 15.59 -1.84
C GLN A 27 -8.22 15.55 -3.17
N GLY A 28 -8.26 16.69 -3.85
CA GLY A 28 -8.92 16.74 -5.14
C GLY A 28 -8.01 17.30 -6.21
N GLY A 29 -7.38 18.43 -5.90
CA GLY A 29 -6.48 19.07 -6.84
C GLY A 29 -5.26 19.64 -6.18
N ILE A 30 -4.75 18.97 -5.15
CA ILE A 30 -3.56 19.41 -4.45
C ILE A 30 -2.31 19.16 -5.32
N LYS A 31 -1.44 20.15 -5.38
CA LYS A 31 -0.25 20.05 -6.21
C LYS A 31 0.86 19.28 -5.50
N ASP A 32 0.68 17.97 -5.40
CA ASP A 32 1.71 17.11 -4.86
C ASP A 32 1.76 15.82 -5.68
N LEU A 33 2.87 15.60 -6.36
CA LEU A 33 3.02 14.44 -7.23
C LEU A 33 3.82 13.36 -6.53
N SER A 34 4.45 13.74 -5.43
CA SER A 34 5.32 12.83 -4.69
C SER A 34 4.48 11.84 -3.90
N LYS A 35 3.37 12.33 -3.32
CA LYS A 35 2.46 11.47 -2.56
C LYS A 35 1.84 10.42 -3.47
N GLU A 36 1.63 10.81 -4.72
CA GLU A 36 0.97 9.95 -5.70
C GLU A 36 1.88 8.76 -6.02
N GLU A 37 3.11 9.06 -6.39
CA GLU A 37 4.11 8.04 -6.69
C GLU A 37 4.40 7.20 -5.45
N ARG A 38 4.25 7.81 -4.29
CA ARG A 38 4.57 7.17 -3.03
C ARG A 38 3.46 6.21 -2.63
N LEU A 39 2.22 6.70 -2.67
CA LEU A 39 1.07 5.86 -2.40
C LEU A 39 1.03 4.67 -3.35
N TRP A 40 1.44 4.88 -4.60
CA TRP A 40 1.45 3.81 -5.56
C TRP A 40 2.59 2.83 -5.28
N GLU A 41 3.70 3.35 -4.80
CA GLU A 41 4.85 2.52 -4.46
C GLU A 41 4.46 1.51 -3.39
N VAL A 42 3.94 2.02 -2.28
CA VAL A 42 3.52 1.17 -1.18
C VAL A 42 2.32 0.31 -1.58
N GLN A 43 1.46 0.86 -2.43
CA GLN A 43 0.30 0.15 -2.91
C GLN A 43 0.71 -1.08 -3.69
N ARG A 44 1.66 -0.89 -4.60
CA ARG A 44 2.08 -1.95 -5.50
C ARG A 44 2.77 -3.07 -4.71
N ILE A 45 3.39 -2.72 -3.59
CA ILE A 45 4.01 -3.70 -2.71
C ILE A 45 2.96 -4.56 -2.01
N LEU A 46 2.07 -3.92 -1.26
CA LEU A 46 1.02 -4.62 -0.54
C LEU A 46 0.11 -5.39 -1.49
N THR A 47 -0.05 -4.88 -2.69
CA THR A 47 -0.84 -5.56 -3.71
C THR A 47 -0.12 -6.83 -4.17
N ALA A 48 1.12 -6.68 -4.63
CA ALA A 48 1.88 -7.81 -5.17
C ALA A 48 2.09 -8.88 -4.11
N LEU A 49 2.28 -8.45 -2.86
CA LEU A 49 2.55 -9.39 -1.78
C LEU A 49 1.32 -10.22 -1.47
N LYS A 50 0.18 -9.58 -1.20
CA LYS A 50 -1.03 -10.31 -0.83
C LYS A 50 -1.46 -11.24 -1.96
N ARG A 51 -1.20 -10.82 -3.19
CA ARG A 51 -1.51 -11.63 -4.35
C ARG A 51 -0.62 -12.85 -4.39
N LYS A 52 0.69 -12.65 -4.49
CA LYS A 52 1.63 -13.75 -4.62
C LYS A 52 1.85 -14.47 -3.28
N LEU A 53 1.06 -14.12 -2.29
CA LEU A 53 1.07 -14.85 -1.03
C LEU A 53 -0.05 -15.87 -1.02
N ARG A 54 -1.24 -15.46 -1.44
CA ARG A 54 -2.40 -16.34 -1.42
C ARG A 54 -2.53 -17.08 -2.75
N GLU A 55 -2.68 -16.33 -3.83
CA GLU A 55 -2.94 -16.90 -5.14
C GLU A 55 -1.65 -17.11 -5.92
N ALA A 56 -0.74 -16.15 -5.79
CA ALA A 56 0.56 -16.16 -6.47
C ALA A 56 0.40 -16.20 -7.99
N GLY A 1 -1.06 -21.17 -0.25
CA GLY A 1 -0.50 -20.16 0.68
C GLY A 1 0.98 -20.37 0.91
N SER A 2 1.74 -19.30 0.92
CA SER A 2 3.18 -19.41 0.98
C SER A 2 3.72 -19.14 2.39
N GLU A 3 4.01 -17.89 2.71
CA GLU A 3 4.74 -17.60 3.93
C GLU A 3 4.01 -16.61 4.84
N THR A 4 4.36 -15.33 4.75
CA THR A 4 3.88 -14.34 5.71
C THR A 4 2.54 -13.75 5.32
N GLN A 5 1.48 -14.51 5.51
CA GLN A 5 0.15 -13.98 5.30
C GLN A 5 -0.21 -13.01 6.42
N ALA A 6 0.15 -13.39 7.64
CA ALA A 6 0.00 -12.51 8.78
C ALA A 6 0.84 -11.25 8.57
N GLY A 7 1.92 -11.40 7.81
CA GLY A 7 2.81 -10.31 7.53
C GLY A 7 2.11 -9.19 6.78
N ILE A 8 1.56 -9.51 5.61
CA ILE A 8 0.94 -8.50 4.78
C ILE A 8 -0.36 -8.00 5.43
N LYS A 9 -0.93 -8.78 6.32
CA LYS A 9 -2.16 -8.38 7.02
C LYS A 9 -1.88 -7.21 7.96
N GLU A 10 -0.83 -7.33 8.78
CA GLU A 10 -0.42 -6.25 9.65
C GLU A 10 -0.02 -5.02 8.83
N GLU A 11 0.84 -5.27 7.86
CA GLU A 11 1.34 -4.23 7.00
C GLU A 11 0.21 -3.53 6.26
N ILE A 12 -0.65 -4.29 5.59
CA ILE A 12 -1.68 -3.71 4.74
C ILE A 12 -2.64 -2.83 5.54
N ARG A 13 -2.86 -3.16 6.82
CA ARG A 13 -3.66 -2.29 7.67
C ARG A 13 -3.03 -0.91 7.75
N ARG A 14 -1.75 -0.87 8.15
CA ARG A 14 -1.03 0.38 8.28
C ARG A 14 -0.76 1.00 6.92
N GLN A 15 -0.45 0.16 5.95
CA GLN A 15 -0.10 0.59 4.61
C GLN A 15 -1.27 1.28 3.93
N GLU A 16 -2.43 0.63 3.90
CA GLU A 16 -3.59 1.23 3.27
C GLU A 16 -4.13 2.37 4.13
N PHE A 17 -3.76 2.37 5.41
CA PHE A 17 -4.10 3.46 6.31
C PHE A 17 -3.35 4.73 5.88
N LEU A 18 -2.03 4.63 5.79
CA LEU A 18 -1.21 5.76 5.37
C LEU A 18 -1.39 6.04 3.88
N LEU A 19 -1.71 5.00 3.11
CA LEU A 19 -2.00 5.15 1.69
C LEU A 19 -3.21 6.06 1.53
N ASN A 20 -4.27 5.76 2.27
CA ASN A 20 -5.48 6.58 2.25
C ASN A 20 -5.17 8.00 2.73
N SER A 21 -4.25 8.10 3.68
CA SER A 21 -3.83 9.38 4.21
C SER A 21 -3.09 10.19 3.15
N LEU A 22 -2.01 9.63 2.61
CA LEU A 22 -1.24 10.34 1.60
C LEU A 22 -2.04 10.52 0.31
N HIS A 23 -3.07 9.70 0.15
CA HIS A 23 -3.99 9.81 -0.98
C HIS A 23 -4.83 11.09 -0.86
N ARG A 24 -5.28 11.40 0.36
CA ARG A 24 -6.06 12.61 0.58
C ARG A 24 -5.15 13.84 0.55
N ASP A 25 -3.84 13.59 0.65
CA ASP A 25 -2.85 14.65 0.57
C ASP A 25 -2.67 15.12 -0.88
N LEU A 26 -3.37 14.45 -1.80
CA LEU A 26 -3.29 14.80 -3.21
C LEU A 26 -4.48 15.67 -3.64
N GLN A 27 -5.25 16.15 -2.68
CA GLN A 27 -6.42 16.97 -3.00
C GLN A 27 -6.47 18.23 -2.13
N GLY A 28 -7.36 19.13 -2.48
CA GLY A 28 -7.51 20.37 -1.75
C GLY A 28 -6.66 21.48 -2.32
N GLY A 29 -6.32 21.35 -3.60
CA GLY A 29 -5.47 22.33 -4.23
C GLY A 29 -4.02 21.97 -4.12
N ILE A 30 -3.76 20.73 -3.71
CA ILE A 30 -2.41 20.23 -3.52
C ILE A 30 -1.92 19.52 -4.77
N LYS A 31 -0.91 20.07 -5.41
CA LYS A 31 -0.32 19.44 -6.57
C LYS A 31 0.94 18.68 -6.19
N ASP A 32 0.76 17.60 -5.46
CA ASP A 32 1.88 16.75 -5.06
C ASP A 32 1.98 15.56 -6.00
N LEU A 33 3.19 15.24 -6.41
CA LEU A 33 3.40 14.12 -7.33
C LEU A 33 3.94 12.90 -6.58
N SER A 34 4.67 13.16 -5.51
CA SER A 34 5.33 12.09 -4.77
C SER A 34 4.33 11.13 -4.15
N LYS A 35 3.31 11.66 -3.48
CA LYS A 35 2.32 10.86 -2.79
C LYS A 35 1.57 9.96 -3.76
N GLU A 36 1.47 10.39 -5.00
CA GLU A 36 0.76 9.64 -6.02
C GLU A 36 1.57 8.40 -6.40
N GLU A 37 2.85 8.60 -6.67
CA GLU A 37 3.76 7.51 -6.98
C GLU A 37 3.88 6.60 -5.77
N ARG A 38 3.79 7.21 -4.59
CA ARG A 38 3.99 6.48 -3.36
C ARG A 38 2.78 5.60 -3.04
N LEU A 39 1.57 6.11 -3.30
CA LEU A 39 0.38 5.29 -3.06
C LEU A 39 0.41 4.07 -3.95
N TRP A 40 0.88 4.25 -5.18
CA TRP A 40 0.96 3.14 -6.11
C TRP A 40 2.09 2.20 -5.71
N GLU A 41 3.16 2.78 -5.16
CA GLU A 41 4.28 2.01 -4.63
C GLU A 41 3.78 1.12 -3.49
N VAL A 42 3.03 1.72 -2.58
CA VAL A 42 2.43 0.97 -1.48
C VAL A 42 1.49 -0.11 -2.02
N GLN A 43 0.62 0.29 -2.95
CA GLN A 43 -0.39 -0.61 -3.49
C GLN A 43 0.26 -1.79 -4.23
N ARG A 44 1.29 -1.49 -5.01
CA ARG A 44 1.94 -2.51 -5.81
C ARG A 44 2.68 -3.52 -4.93
N ILE A 45 3.24 -3.04 -3.82
CA ILE A 45 3.94 -3.91 -2.88
C ILE A 45 2.95 -4.79 -2.14
N LEU A 46 1.88 -4.19 -1.66
CA LEU A 46 0.81 -4.92 -0.99
C LEU A 46 0.30 -6.03 -1.90
N THR A 47 -0.12 -5.63 -3.10
CA THR A 47 -0.68 -6.57 -4.06
C THR A 47 0.31 -7.69 -4.39
N ALA A 48 1.51 -7.32 -4.83
CA ALA A 48 2.50 -8.31 -5.26
C ALA A 48 2.79 -9.31 -4.15
N LEU A 49 3.03 -8.81 -2.95
CA LEU A 49 3.38 -9.67 -1.82
C LEU A 49 2.23 -10.60 -1.45
N LYS A 50 1.06 -10.03 -1.15
CA LYS A 50 -0.07 -10.83 -0.66
C LYS A 50 -0.51 -11.87 -1.68
N ARG A 51 -0.39 -11.53 -2.96
CA ARG A 51 -0.81 -12.41 -4.02
C ARG A 51 0.11 -13.61 -4.17
N LYS A 52 1.41 -13.37 -4.15
CA LYS A 52 2.38 -14.46 -4.20
C LYS A 52 2.33 -15.30 -2.94
N LEU A 53 1.79 -14.74 -1.86
CA LEU A 53 1.71 -15.44 -0.59
C LEU A 53 0.40 -16.21 -0.46
N ARG A 54 -0.58 -15.89 -1.30
CA ARG A 54 -1.86 -16.60 -1.28
C ARG A 54 -2.02 -17.52 -2.48
N GLU A 55 -1.74 -17.00 -3.67
CA GLU A 55 -1.97 -17.74 -4.90
C GLU A 55 -0.87 -18.78 -5.14
N ALA A 56 0.10 -18.81 -4.25
CA ALA A 56 1.15 -19.81 -4.30
C ALA A 56 1.28 -20.46 -2.92
N GLY A 1 2.78 -19.81 -1.79
CA GLY A 1 3.78 -18.73 -1.65
C GLY A 1 4.47 -18.79 -0.30
N SER A 2 3.85 -18.17 0.70
CA SER A 2 4.39 -18.19 2.05
C SER A 2 3.24 -18.04 3.05
N GLU A 3 3.47 -18.53 4.26
CA GLU A 3 2.42 -18.58 5.27
C GLU A 3 2.41 -17.30 6.13
N THR A 4 3.18 -16.31 5.72
CA THR A 4 3.23 -15.03 6.44
C THR A 4 2.03 -14.16 6.07
N GLN A 5 0.84 -14.63 6.41
CA GLN A 5 -0.37 -13.86 6.17
C GLN A 5 -0.41 -12.65 7.09
N ALA A 6 0.09 -12.83 8.30
CA ALA A 6 0.29 -11.72 9.24
C ALA A 6 1.27 -10.72 8.67
N GLY A 7 2.10 -11.20 7.74
CA GLY A 7 3.06 -10.35 7.07
C GLY A 7 2.38 -9.24 6.31
N ILE A 8 1.60 -9.61 5.32
CA ILE A 8 0.90 -8.65 4.48
C ILE A 8 -0.23 -8.00 5.27
N LYS A 9 -0.86 -8.74 6.17
CA LYS A 9 -1.99 -8.20 6.94
C LYS A 9 -1.58 -6.99 7.77
N GLU A 10 -0.43 -7.06 8.43
CA GLU A 10 0.05 -5.92 9.20
C GLU A 10 0.54 -4.81 8.26
N GLU A 11 1.30 -5.21 7.25
CA GLU A 11 1.84 -4.24 6.30
C GLU A 11 0.70 -3.52 5.57
N ILE A 12 -0.29 -4.26 5.09
CA ILE A 12 -1.39 -3.70 4.32
C ILE A 12 -2.22 -2.75 5.19
N ARG A 13 -2.35 -3.06 6.48
CA ARG A 13 -3.05 -2.16 7.38
C ARG A 13 -2.34 -0.81 7.43
N ARG A 14 -1.03 -0.85 7.57
CA ARG A 14 -0.23 0.36 7.63
C ARG A 14 -0.17 1.02 6.26
N GLN A 15 -0.02 0.21 5.22
CA GLN A 15 0.12 0.71 3.86
C GLN A 15 -1.17 1.31 3.35
N GLU A 16 -2.30 0.65 3.56
CA GLU A 16 -3.59 1.21 3.13
C GLU A 16 -4.00 2.37 4.02
N PHE A 17 -3.43 2.41 5.23
CA PHE A 17 -3.65 3.53 6.13
C PHE A 17 -3.02 4.79 5.54
N LEU A 18 -1.74 4.69 5.19
CA LEU A 18 -1.04 5.81 4.56
C LEU A 18 -1.54 6.01 3.12
N LEU A 19 -1.96 4.91 2.49
CA LEU A 19 -2.55 4.94 1.15
C LEU A 19 -3.77 5.87 1.17
N ASN A 20 -4.58 5.70 2.22
CA ASN A 20 -5.73 6.56 2.44
C ASN A 20 -5.28 8.00 2.61
N SER A 21 -4.20 8.20 3.36
CA SER A 21 -3.64 9.53 3.59
C SER A 21 -3.21 10.16 2.26
N LEU A 22 -2.36 9.47 1.50
CA LEU A 22 -1.86 9.97 0.22
C LEU A 22 -2.99 10.42 -0.66
N HIS A 23 -4.05 9.65 -0.63
CA HIS A 23 -5.25 9.96 -1.42
C HIS A 23 -5.91 11.25 -0.94
N ARG A 24 -5.77 11.56 0.34
CA ARG A 24 -6.27 12.82 0.88
C ARG A 24 -5.21 13.92 0.70
N ASP A 25 -3.94 13.52 0.69
CA ASP A 25 -2.82 14.43 0.48
C ASP A 25 -2.80 14.99 -0.94
N LEU A 26 -3.57 14.36 -1.81
CA LEU A 26 -3.64 14.78 -3.20
C LEU A 26 -4.84 15.69 -3.47
N GLN A 27 -5.57 16.05 -2.43
CA GLN A 27 -6.74 16.90 -2.60
C GLN A 27 -6.68 18.10 -1.66
N GLY A 28 -7.63 19.01 -1.83
CA GLY A 28 -7.66 20.22 -1.05
C GLY A 28 -6.86 21.33 -1.71
N GLY A 29 -6.60 21.16 -3.00
CA GLY A 29 -5.80 22.13 -3.73
C GLY A 29 -4.34 21.76 -3.70
N ILE A 30 -4.05 20.47 -3.69
CA ILE A 30 -2.67 20.01 -3.58
C ILE A 30 -2.28 19.17 -4.80
N LYS A 31 -1.15 19.49 -5.39
CA LYS A 31 -0.62 18.71 -6.49
C LYS A 31 0.77 18.19 -6.12
N ASP A 32 0.81 17.04 -5.47
CA ASP A 32 2.05 16.47 -4.98
C ASP A 32 2.42 15.22 -5.77
N LEU A 33 3.70 15.07 -6.10
CA LEU A 33 4.15 13.97 -6.94
C LEU A 33 4.64 12.81 -6.09
N SER A 34 5.13 13.13 -4.89
CA SER A 34 5.65 12.11 -3.99
C SER A 34 4.51 11.22 -3.51
N LYS A 35 3.41 11.84 -3.07
CA LYS A 35 2.24 11.11 -2.57
C LYS A 35 1.74 10.13 -3.62
N GLU A 36 1.85 10.56 -4.88
CA GLU A 36 1.34 9.81 -6.01
C GLU A 36 2.18 8.55 -6.23
N GLU A 37 3.49 8.75 -6.30
CA GLU A 37 4.43 7.63 -6.48
C GLU A 37 4.39 6.71 -5.27
N ARG A 38 4.09 7.29 -4.12
CA ARG A 38 4.07 6.54 -2.88
C ARG A 38 2.81 5.70 -2.76
N LEU A 39 1.68 6.25 -3.15
CA LEU A 39 0.44 5.48 -3.13
C LEU A 39 0.54 4.27 -4.03
N TRP A 40 1.24 4.41 -5.15
CA TRP A 40 1.43 3.30 -6.04
C TRP A 40 2.53 2.38 -5.55
N GLU A 41 3.45 2.93 -4.76
CA GLU A 41 4.54 2.15 -4.18
C GLU A 41 3.97 1.08 -3.27
N VAL A 42 3.20 1.49 -2.27
CA VAL A 42 2.63 0.56 -1.32
C VAL A 42 1.55 -0.31 -1.97
N GLN A 43 0.83 0.28 -2.94
CA GLN A 43 -0.24 -0.43 -3.63
C GLN A 43 0.31 -1.65 -4.36
N ARG A 44 1.44 -1.46 -5.03
CA ARG A 44 2.06 -2.56 -5.77
C ARG A 44 2.67 -3.58 -4.81
N ILE A 45 3.14 -3.11 -3.67
CA ILE A 45 3.73 -4.00 -2.67
C ILE A 45 2.66 -4.87 -2.00
N LEU A 46 1.65 -4.24 -1.40
CA LEU A 46 0.62 -4.98 -0.68
C LEU A 46 -0.09 -5.96 -1.61
N THR A 47 -0.22 -5.60 -2.88
CA THR A 47 -0.87 -6.47 -3.85
C THR A 47 0.03 -7.63 -4.23
N ALA A 48 1.27 -7.34 -4.64
CA ALA A 48 2.19 -8.37 -5.06
C ALA A 48 2.47 -9.34 -3.92
N LEU A 49 2.58 -8.80 -2.71
CA LEU A 49 2.85 -9.60 -1.53
C LEU A 49 1.72 -10.61 -1.28
N LYS A 50 0.51 -10.11 -1.05
CA LYS A 50 -0.62 -10.97 -0.69
C LYS A 50 -0.92 -12.00 -1.77
N ARG A 51 -0.71 -11.60 -3.01
CA ARG A 51 -0.99 -12.47 -4.15
C ARG A 51 0.09 -13.53 -4.33
N LYS A 52 1.34 -13.17 -4.13
CA LYS A 52 2.44 -14.12 -4.25
C LYS A 52 2.57 -15.00 -3.01
N LEU A 53 1.87 -14.62 -1.94
CA LEU A 53 1.88 -15.43 -0.74
C LEU A 53 0.75 -16.45 -0.74
N ARG A 54 -0.45 -15.99 -1.09
CA ARG A 54 -1.64 -16.85 -1.03
C ARG A 54 -1.97 -17.49 -2.37
N GLU A 55 -2.06 -16.69 -3.43
CA GLU A 55 -2.52 -17.18 -4.73
C GLU A 55 -1.44 -17.95 -5.48
N ALA A 56 -0.19 -17.58 -5.22
CA ALA A 56 0.94 -18.22 -5.90
C ALA A 56 1.24 -19.58 -5.29
N GLY A 1 7.52 -20.86 -0.21
CA GLY A 1 7.61 -20.78 1.27
C GLY A 1 7.50 -19.36 1.75
N SER A 2 7.67 -19.16 3.07
CA SER A 2 7.59 -17.84 3.68
C SER A 2 6.23 -17.21 3.41
N GLU A 3 5.21 -18.05 3.38
CA GLU A 3 3.87 -17.63 3.02
C GLU A 3 3.09 -17.12 4.24
N THR A 4 3.65 -16.14 4.91
CA THR A 4 3.00 -15.54 6.06
C THR A 4 1.83 -14.68 5.60
N GLN A 5 0.63 -15.23 5.69
CA GLN A 5 -0.58 -14.50 5.31
C GLN A 5 -0.71 -13.23 6.15
N ALA A 6 -0.38 -13.36 7.44
CA ALA A 6 -0.41 -12.24 8.36
C ALA A 6 0.65 -11.20 7.98
N GLY A 7 1.62 -11.64 7.19
CA GLY A 7 2.70 -10.77 6.76
C GLY A 7 2.18 -9.55 6.03
N ILE A 8 1.41 -9.80 4.97
CA ILE A 8 0.80 -8.72 4.21
C ILE A 8 -0.32 -8.09 5.01
N LYS A 9 -1.04 -8.90 5.78
CA LYS A 9 -2.20 -8.39 6.52
C LYS A 9 -1.81 -7.29 7.50
N GLU A 10 -0.76 -7.50 8.27
CA GLU A 10 -0.31 -6.50 9.21
C GLU A 10 0.28 -5.29 8.49
N GLU A 11 1.11 -5.55 7.49
CA GLU A 11 1.75 -4.49 6.73
C GLU A 11 0.73 -3.69 5.91
N ILE A 12 -0.25 -4.38 5.33
CA ILE A 12 -1.24 -3.71 4.49
C ILE A 12 -2.10 -2.78 5.32
N ARG A 13 -2.36 -3.16 6.57
CA ARG A 13 -3.09 -2.28 7.47
C ARG A 13 -2.31 -0.99 7.65
N ARG A 14 -1.01 -1.11 7.82
CA ARG A 14 -0.15 0.05 7.93
C ARG A 14 -0.09 0.81 6.60
N GLN A 15 0.19 0.06 5.53
CA GLN A 15 0.37 0.64 4.21
C GLN A 15 -0.90 1.32 3.70
N GLU A 16 -2.06 0.70 3.87
CA GLU A 16 -3.30 1.32 3.41
C GLU A 16 -3.69 2.48 4.33
N PHE A 17 -3.27 2.41 5.59
CA PHE A 17 -3.54 3.48 6.54
C PHE A 17 -2.79 4.74 6.11
N LEU A 18 -1.49 4.61 5.87
CA LEU A 18 -0.70 5.72 5.40
C LEU A 18 -1.05 6.04 3.94
N LEU A 19 -1.45 5.02 3.19
CA LEU A 19 -1.90 5.22 1.82
C LEU A 19 -3.05 6.19 1.83
N ASN A 20 -4.08 5.88 2.63
CA ASN A 20 -5.23 6.75 2.77
C ASN A 20 -4.81 8.17 3.11
N SER A 21 -3.85 8.29 4.02
CA SER A 21 -3.36 9.58 4.48
C SER A 21 -2.72 10.36 3.33
N LEU A 22 -1.71 9.78 2.69
CA LEU A 22 -1.01 10.46 1.61
C LEU A 22 -1.85 10.49 0.33
N HIS A 23 -2.87 9.64 0.28
CA HIS A 23 -3.83 9.64 -0.82
C HIS A 23 -4.72 10.86 -0.71
N ARG A 24 -5.06 11.20 0.51
CA ARG A 24 -5.90 12.35 0.78
C ARG A 24 -5.06 13.62 0.92
N ASP A 25 -3.74 13.44 0.91
CA ASP A 25 -2.80 14.57 0.92
C ASP A 25 -2.94 15.36 -0.37
N LEU A 26 -3.40 14.68 -1.40
CA LEU A 26 -3.62 15.29 -2.70
C LEU A 26 -4.81 16.25 -2.63
N GLN A 27 -5.80 15.89 -1.79
CA GLN A 27 -6.98 16.72 -1.52
C GLN A 27 -7.86 16.95 -2.76
N GLY A 28 -7.35 17.73 -3.67
CA GLY A 28 -8.09 18.15 -4.83
C GLY A 28 -7.67 19.53 -5.26
N GLY A 29 -6.39 19.65 -5.59
CA GLY A 29 -5.81 20.94 -5.88
C GLY A 29 -4.39 21.05 -5.36
N ILE A 30 -4.03 20.13 -4.45
CA ILE A 30 -2.69 20.10 -3.90
C ILE A 30 -1.71 19.53 -4.92
N LYS A 31 -0.71 20.31 -5.30
CA LYS A 31 0.27 19.87 -6.27
C LYS A 31 1.35 19.03 -5.61
N ASP A 32 1.01 17.79 -5.28
CA ASP A 32 1.98 16.86 -4.72
C ASP A 32 1.98 15.57 -5.52
N LEU A 33 3.08 15.32 -6.21
CA LEU A 33 3.19 14.15 -7.09
C LEU A 33 3.87 13.00 -6.34
N SER A 34 4.62 13.34 -5.31
CA SER A 34 5.35 12.37 -4.52
C SER A 34 4.39 11.48 -3.76
N LYS A 35 3.29 12.05 -3.31
CA LYS A 35 2.26 11.30 -2.62
C LYS A 35 1.54 10.37 -3.59
N GLU A 36 1.50 10.76 -4.85
CA GLU A 36 0.85 9.95 -5.88
C GLU A 36 1.67 8.69 -6.15
N GLU A 37 2.95 8.90 -6.42
CA GLU A 37 3.85 7.80 -6.72
C GLU A 37 4.05 6.93 -5.48
N ARG A 38 3.76 7.52 -4.32
CA ARG A 38 3.92 6.81 -3.05
C ARG A 38 2.70 5.93 -2.78
N LEU A 39 1.51 6.45 -3.03
CA LEU A 39 0.28 5.68 -2.82
C LEU A 39 0.29 4.46 -3.71
N TRP A 40 0.82 4.61 -4.92
CA TRP A 40 0.87 3.51 -5.84
C TRP A 40 2.01 2.58 -5.47
N GLU A 41 3.06 3.13 -4.90
CA GLU A 41 4.21 2.36 -4.50
C GLU A 41 3.84 1.37 -3.40
N VAL A 42 3.19 1.85 -2.35
CA VAL A 42 2.76 0.99 -1.27
C VAL A 42 1.65 0.06 -1.73
N GLN A 43 0.85 0.50 -2.71
CA GLN A 43 -0.24 -0.30 -3.24
C GLN A 43 0.30 -1.47 -4.05
N ARG A 44 1.24 -1.17 -4.94
CA ARG A 44 1.82 -2.19 -5.81
C ARG A 44 2.53 -3.25 -4.96
N ILE A 45 3.07 -2.84 -3.82
CA ILE A 45 3.72 -3.76 -2.91
C ILE A 45 2.68 -4.63 -2.19
N LEU A 46 1.69 -4.02 -1.55
CA LEU A 46 0.69 -4.77 -0.80
C LEU A 46 -0.08 -5.71 -1.71
N THR A 47 -0.27 -5.30 -2.96
CA THR A 47 -0.94 -6.12 -3.93
C THR A 47 -0.11 -7.35 -4.29
N ALA A 48 1.10 -7.12 -4.77
CA ALA A 48 1.97 -8.20 -5.23
C ALA A 48 2.33 -9.14 -4.08
N LEU A 49 2.52 -8.57 -2.89
CA LEU A 49 2.90 -9.33 -1.72
C LEU A 49 1.83 -10.38 -1.38
N LYS A 50 0.59 -9.93 -1.21
CA LYS A 50 -0.50 -10.82 -0.82
C LYS A 50 -0.76 -11.87 -1.89
N ARG A 51 -0.46 -11.50 -3.13
CA ARG A 51 -0.60 -12.42 -4.26
C ARG A 51 0.37 -13.58 -4.13
N LYS A 52 1.64 -13.28 -3.93
CA LYS A 52 2.66 -14.31 -3.79
C LYS A 52 2.55 -15.05 -2.47
N LEU A 53 1.74 -14.53 -1.56
CA LEU A 53 1.52 -15.16 -0.27
C LEU A 53 0.32 -16.09 -0.29
N ARG A 54 -0.83 -15.61 -0.75
CA ARG A 54 -2.05 -16.41 -0.71
C ARG A 54 -2.22 -17.26 -1.98
N GLU A 55 -1.86 -16.70 -3.12
CA GLU A 55 -2.14 -17.36 -4.40
C GLU A 55 -1.09 -18.40 -4.74
N ALA A 56 -0.36 -18.85 -3.73
CA ALA A 56 0.66 -19.86 -3.91
C ALA A 56 0.10 -21.24 -3.53
N GLY A 1 3.22 -21.31 -1.13
CA GLY A 1 4.25 -20.38 -0.63
C GLY A 1 3.66 -19.25 0.19
N SER A 2 3.20 -19.57 1.38
CA SER A 2 2.66 -18.56 2.28
C SER A 2 3.63 -18.32 3.44
N GLU A 3 4.65 -17.51 3.18
CA GLU A 3 5.63 -17.18 4.21
C GLU A 3 4.97 -16.55 5.43
N THR A 4 4.27 -15.44 5.22
CA THR A 4 3.54 -14.81 6.30
C THR A 4 2.28 -14.14 5.78
N GLN A 5 1.15 -14.83 5.92
CA GLN A 5 -0.14 -14.25 5.56
C GLN A 5 -0.48 -13.16 6.56
N ALA A 6 -0.08 -13.39 7.81
CA ALA A 6 -0.23 -12.39 8.86
C ALA A 6 0.64 -11.18 8.55
N GLY A 7 1.65 -11.40 7.72
CA GLY A 7 2.56 -10.34 7.33
C GLY A 7 1.84 -9.23 6.62
N ILE A 8 1.21 -9.58 5.50
CA ILE A 8 0.53 -8.58 4.69
C ILE A 8 -0.66 -8.02 5.44
N LYS A 9 -1.32 -8.83 6.24
CA LYS A 9 -2.51 -8.38 6.98
C LYS A 9 -2.16 -7.20 7.88
N GLU A 10 -1.15 -7.36 8.72
CA GLU A 10 -0.74 -6.33 9.65
C GLU A 10 -0.13 -5.15 8.89
N GLU A 11 0.74 -5.45 7.93
CA GLU A 11 1.38 -4.43 7.13
C GLU A 11 0.36 -3.64 6.33
N ILE A 12 -0.59 -4.33 5.69
CA ILE A 12 -1.52 -3.67 4.77
C ILE A 12 -2.44 -2.70 5.49
N ARG A 13 -2.84 -3.01 6.73
CA ARG A 13 -3.66 -2.05 7.46
C ARG A 13 -2.87 -0.78 7.71
N ARG A 14 -1.59 -0.93 8.02
CA ARG A 14 -0.71 0.22 8.17
C ARG A 14 -0.43 0.88 6.81
N GLN A 15 -0.26 0.06 5.77
CA GLN A 15 0.01 0.54 4.43
C GLN A 15 -1.19 1.31 3.86
N GLU A 16 -2.35 0.68 3.86
CA GLU A 16 -3.57 1.32 3.36
C GLU A 16 -3.88 2.56 4.18
N PHE A 17 -3.47 2.54 5.45
CA PHE A 17 -3.67 3.67 6.35
C PHE A 17 -2.92 4.89 5.84
N LEU A 18 -1.63 4.72 5.60
CA LEU A 18 -0.81 5.82 5.08
C LEU A 18 -1.13 6.09 3.61
N LEU A 19 -1.50 5.05 2.88
CA LEU A 19 -1.88 5.20 1.48
C LEU A 19 -3.07 6.13 1.39
N ASN A 20 -4.07 5.87 2.22
CA ASN A 20 -5.24 6.74 2.34
C ASN A 20 -4.82 8.17 2.68
N SER A 21 -3.90 8.29 3.64
CA SER A 21 -3.44 9.58 4.11
C SER A 21 -2.74 10.36 3.00
N LEU A 22 -1.76 9.75 2.35
CA LEU A 22 -1.04 10.42 1.28
C LEU A 22 -1.91 10.57 0.03
N HIS A 23 -2.91 9.71 -0.10
CA HIS A 23 -3.86 9.78 -1.20
C HIS A 23 -4.69 11.06 -1.13
N ARG A 24 -5.10 11.43 0.08
CA ARG A 24 -5.89 12.63 0.25
C ARG A 24 -4.98 13.85 0.30
N ASP A 25 -3.69 13.60 0.54
CA ASP A 25 -2.69 14.67 0.52
C ASP A 25 -2.51 15.21 -0.90
N LEU A 26 -2.91 14.39 -1.87
CA LEU A 26 -2.89 14.79 -3.28
C LEU A 26 -4.12 15.61 -3.64
N GLN A 27 -5.07 15.68 -2.73
CA GLN A 27 -6.36 16.27 -3.02
C GLN A 27 -6.66 17.43 -2.07
N GLY A 28 -7.73 18.14 -2.34
CA GLY A 28 -8.10 19.27 -1.51
C GLY A 28 -7.41 20.53 -1.96
N GLY A 29 -7.04 20.57 -3.24
CA GLY A 29 -6.36 21.72 -3.79
C GLY A 29 -4.87 21.70 -3.51
N ILE A 30 -4.25 20.54 -3.73
CA ILE A 30 -2.83 20.37 -3.50
C ILE A 30 -2.14 19.93 -4.79
N LYS A 31 -1.05 20.59 -5.15
CA LYS A 31 -0.31 20.20 -6.34
C LYS A 31 0.87 19.31 -5.97
N ASP A 32 0.58 18.06 -5.67
CA ASP A 32 1.61 17.09 -5.33
C ASP A 32 1.49 15.87 -6.22
N LEU A 33 2.62 15.38 -6.71
CA LEU A 33 2.64 14.18 -7.53
C LEU A 33 3.48 13.10 -6.86
N SER A 34 4.15 13.49 -5.79
CA SER A 34 5.09 12.63 -5.10
C SER A 34 4.35 11.54 -4.32
N LYS A 35 3.25 11.91 -3.67
CA LYS A 35 2.49 10.95 -2.88
C LYS A 35 1.81 9.95 -3.81
N GLU A 36 1.60 10.35 -5.05
CA GLU A 36 0.93 9.50 -6.01
C GLU A 36 1.87 8.36 -6.43
N GLU A 37 3.12 8.71 -6.65
CA GLU A 37 4.15 7.71 -6.91
C GLU A 37 4.33 6.82 -5.69
N ARG A 38 4.05 7.39 -4.53
CA ARG A 38 4.17 6.67 -3.28
C ARG A 38 3.02 5.70 -3.08
N LEU A 39 1.80 6.15 -3.36
CA LEU A 39 0.62 5.31 -3.18
C LEU A 39 0.69 4.10 -4.08
N TRP A 40 1.29 4.27 -5.26
CA TRP A 40 1.41 3.15 -6.17
C TRP A 40 2.52 2.22 -5.70
N GLU A 41 3.56 2.80 -5.12
CA GLU A 41 4.68 2.03 -4.60
C GLU A 41 4.21 1.11 -3.49
N VAL A 42 3.55 1.69 -2.49
CA VAL A 42 3.05 0.92 -1.37
C VAL A 42 1.93 -0.05 -1.82
N GLN A 43 1.14 0.38 -2.80
CA GLN A 43 0.06 -0.45 -3.34
C GLN A 43 0.64 -1.69 -3.97
N ARG A 44 1.64 -1.50 -4.81
CA ARG A 44 2.21 -2.60 -5.58
C ARG A 44 2.86 -3.62 -4.64
N ILE A 45 3.34 -3.16 -3.51
CA ILE A 45 3.94 -4.04 -2.51
C ILE A 45 2.88 -4.89 -1.82
N LEU A 46 1.89 -4.25 -1.21
CA LEU A 46 0.84 -4.97 -0.49
C LEU A 46 0.07 -5.91 -1.42
N THR A 47 -0.12 -5.48 -2.65
CA THR A 47 -0.81 -6.27 -3.65
C THR A 47 0.02 -7.48 -4.06
N ALA A 48 1.27 -7.24 -4.46
CA ALA A 48 2.12 -8.31 -4.95
C ALA A 48 2.41 -9.32 -3.85
N LEU A 49 2.47 -8.83 -2.61
CA LEU A 49 2.80 -9.67 -1.47
C LEU A 49 1.72 -10.70 -1.24
N LYS A 50 0.49 -10.24 -0.96
CA LYS A 50 -0.60 -11.14 -0.63
C LYS A 50 -0.91 -12.10 -1.79
N ARG A 51 -0.81 -11.59 -3.01
CA ARG A 51 -1.14 -12.37 -4.18
C ARG A 51 -0.10 -13.47 -4.42
N LYS A 52 1.17 -13.13 -4.26
CA LYS A 52 2.24 -14.11 -4.42
C LYS A 52 2.21 -15.14 -3.29
N LEU A 53 1.91 -14.67 -2.08
CA LEU A 53 1.92 -15.54 -0.90
C LEU A 53 0.68 -16.44 -0.85
N ARG A 54 -0.36 -16.09 -1.59
CA ARG A 54 -1.61 -16.86 -1.51
C ARG A 54 -1.89 -17.64 -2.80
N GLU A 55 -1.70 -16.99 -3.94
CA GLU A 55 -2.07 -17.60 -5.21
C GLU A 55 -0.97 -18.52 -5.75
N ALA A 56 0.06 -18.73 -4.95
CA ALA A 56 1.16 -19.62 -5.33
C ALA A 56 1.29 -20.77 -4.35
N GLY A 1 0.11 -20.59 -1.32
CA GLY A 1 -0.22 -20.96 0.07
C GLY A 1 -0.63 -19.76 0.90
N SER A 2 0.11 -19.52 1.97
CA SER A 2 -0.15 -18.39 2.84
C SER A 2 1.15 -17.71 3.25
N GLU A 3 2.08 -18.51 3.76
CA GLU A 3 3.37 -18.03 4.25
C GLU A 3 3.18 -17.00 5.35
N THR A 4 3.10 -15.74 4.96
CA THR A 4 2.98 -14.66 5.92
C THR A 4 1.71 -13.85 5.66
N GLN A 5 0.56 -14.48 5.85
CA GLN A 5 -0.71 -13.79 5.68
C GLN A 5 -0.82 -12.64 6.66
N ALA A 6 -0.44 -12.90 7.91
CA ALA A 6 -0.39 -11.87 8.93
C ALA A 6 0.62 -10.79 8.54
N GLY A 7 1.58 -11.17 7.70
CA GLY A 7 2.56 -10.24 7.19
C GLY A 7 1.91 -9.13 6.40
N ILE A 8 1.17 -9.49 5.35
CA ILE A 8 0.51 -8.51 4.51
C ILE A 8 -0.66 -7.87 5.24
N LYS A 9 -1.33 -8.62 6.10
CA LYS A 9 -2.48 -8.09 6.84
C LYS A 9 -2.09 -6.89 7.70
N GLU A 10 -1.15 -7.11 8.63
CA GLU A 10 -0.73 -6.05 9.54
C GLU A 10 -0.06 -4.92 8.75
N GLU A 11 0.78 -5.30 7.80
CA GLU A 11 1.40 -4.34 6.93
C GLU A 11 0.35 -3.49 6.23
N ILE A 12 -0.60 -4.14 5.58
CA ILE A 12 -1.64 -3.45 4.81
C ILE A 12 -2.45 -2.51 5.71
N ARG A 13 -2.58 -2.84 6.99
CA ARG A 13 -3.24 -1.94 7.93
C ARG A 13 -2.53 -0.59 7.91
N ARG A 14 -1.21 -0.62 8.11
CA ARG A 14 -0.41 0.60 8.12
C ARG A 14 -0.20 1.14 6.71
N GLN A 15 0.03 0.23 5.77
CA GLN A 15 0.26 0.59 4.38
C GLN A 15 -0.94 1.30 3.78
N GLU A 16 -2.14 0.76 3.98
CA GLU A 16 -3.33 1.40 3.48
C GLU A 16 -3.72 2.58 4.36
N PHE A 17 -3.19 2.59 5.58
CA PHE A 17 -3.39 3.72 6.49
C PHE A 17 -2.69 4.94 5.93
N LEU A 18 -1.41 4.78 5.61
CA LEU A 18 -0.64 5.85 5.01
C LEU A 18 -1.11 6.08 3.58
N LEU A 19 -1.55 5.02 2.91
CA LEU A 19 -2.12 5.12 1.58
C LEU A 19 -3.34 6.03 1.62
N ASN A 20 -4.17 5.82 2.63
CA ASN A 20 -5.35 6.65 2.86
C ASN A 20 -4.92 8.09 3.09
N SER A 21 -3.88 8.25 3.91
CA SER A 21 -3.35 9.56 4.24
C SER A 21 -2.83 10.28 3.00
N LEU A 22 -1.88 9.66 2.30
CA LEU A 22 -1.27 10.29 1.14
C LEU A 22 -2.26 10.46 -0.02
N HIS A 23 -3.37 9.71 0.03
CA HIS A 23 -4.45 9.90 -0.94
C HIS A 23 -5.16 11.22 -0.73
N ARG A 24 -5.39 11.58 0.53
CA ARG A 24 -6.03 12.86 0.81
C ARG A 24 -5.01 13.99 0.74
N ASP A 25 -3.72 13.64 0.72
CA ASP A 25 -2.66 14.62 0.50
C ASP A 25 -2.70 15.10 -0.95
N LEU A 26 -3.39 14.35 -1.80
CA LEU A 26 -3.56 14.74 -3.19
C LEU A 26 -4.89 15.47 -3.38
N GLN A 27 -5.65 15.58 -2.29
CA GLN A 27 -6.98 16.15 -2.34
C GLN A 27 -7.04 17.47 -1.60
N GLY A 28 -7.93 18.35 -2.04
CA GLY A 28 -8.05 19.65 -1.43
C GLY A 28 -7.34 20.71 -2.24
N GLY A 29 -7.05 20.39 -3.50
CA GLY A 29 -6.34 21.31 -4.36
C GLY A 29 -4.85 21.24 -4.16
N ILE A 30 -4.36 20.06 -3.80
CA ILE A 30 -2.94 19.88 -3.55
C ILE A 30 -2.28 19.18 -4.73
N LYS A 31 -1.10 19.65 -5.11
CA LYS A 31 -0.34 19.02 -6.17
C LYS A 31 0.95 18.42 -5.60
N ASP A 32 1.00 17.10 -5.55
CA ASP A 32 2.15 16.41 -4.99
C ASP A 32 2.42 15.13 -5.77
N LEU A 33 3.56 15.10 -6.47
CA LEU A 33 3.91 13.96 -7.30
C LEU A 33 4.56 12.85 -6.49
N SER A 34 4.96 13.19 -5.26
CA SER A 34 5.61 12.23 -4.38
C SER A 34 4.62 11.20 -3.89
N LYS A 35 3.52 11.68 -3.33
CA LYS A 35 2.48 10.81 -2.80
C LYS A 35 1.86 9.96 -3.89
N GLU A 36 1.86 10.49 -5.10
CA GLU A 36 1.23 9.82 -6.22
C GLU A 36 2.00 8.56 -6.60
N GLU A 37 3.28 8.73 -6.93
CA GLU A 37 4.13 7.58 -7.25
C GLU A 37 4.26 6.66 -6.05
N ARG A 38 4.16 7.23 -4.86
CA ARG A 38 4.30 6.49 -3.62
C ARG A 38 3.07 5.64 -3.37
N LEU A 39 1.88 6.18 -3.67
CA LEU A 39 0.64 5.44 -3.45
C LEU A 39 0.61 4.21 -4.35
N TRP A 40 1.20 4.31 -5.53
CA TRP A 40 1.25 3.17 -6.42
C TRP A 40 2.33 2.20 -5.94
N GLU A 41 3.40 2.75 -5.37
CA GLU A 41 4.48 1.93 -4.82
C GLU A 41 3.94 1.03 -3.72
N VAL A 42 3.34 1.64 -2.70
CA VAL A 42 2.77 0.89 -1.59
C VAL A 42 1.66 -0.04 -2.06
N GLN A 43 0.87 0.43 -3.02
CA GLN A 43 -0.26 -0.34 -3.53
C GLN A 43 0.23 -1.61 -4.21
N ARG A 44 1.24 -1.46 -5.05
CA ARG A 44 1.74 -2.58 -5.83
C ARG A 44 2.45 -3.58 -4.93
N ILE A 45 3.01 -3.11 -3.82
CA ILE A 45 3.69 -3.97 -2.86
C ILE A 45 2.69 -4.79 -2.04
N LEU A 46 1.72 -4.12 -1.42
CA LEU A 46 0.73 -4.82 -0.61
C LEU A 46 -0.09 -5.80 -1.47
N THR A 47 -0.30 -5.44 -2.72
CA THR A 47 -1.02 -6.30 -3.65
C THR A 47 -0.16 -7.50 -4.05
N ALA A 48 1.03 -7.23 -4.57
CA ALA A 48 1.91 -8.29 -5.04
C ALA A 48 2.30 -9.22 -3.89
N LEU A 49 2.36 -8.67 -2.68
CA LEU A 49 2.70 -9.45 -1.49
C LEU A 49 1.63 -10.50 -1.24
N LYS A 50 0.40 -10.06 -1.00
CA LYS A 50 -0.70 -10.99 -0.69
C LYS A 50 -0.97 -11.93 -1.86
N ARG A 51 -0.69 -11.47 -3.07
CA ARG A 51 -0.85 -12.29 -4.26
C ARG A 51 0.19 -13.41 -4.26
N LYS A 52 1.46 -13.02 -4.18
CA LYS A 52 2.56 -13.98 -4.17
C LYS A 52 2.40 -15.00 -3.06
N LEU A 53 2.04 -14.53 -1.87
CA LEU A 53 1.87 -15.39 -0.71
C LEU A 53 0.81 -16.47 -0.97
N ARG A 54 -0.31 -16.06 -1.56
CA ARG A 54 -1.43 -16.97 -1.75
C ARG A 54 -1.26 -17.81 -3.02
N GLU A 55 -0.77 -17.19 -4.09
CA GLU A 55 -0.65 -17.86 -5.38
C GLU A 55 0.51 -18.84 -5.39
N ALA A 56 1.49 -18.63 -4.52
CA ALA A 56 2.59 -19.57 -4.38
C ALA A 56 2.37 -20.47 -3.18
N GLY A 1 8.98 -20.17 0.17
CA GLY A 1 7.61 -19.78 0.57
C GLY A 1 7.59 -19.00 1.87
N SER A 2 6.79 -17.95 1.91
CA SER A 2 6.65 -17.14 3.12
C SER A 2 5.43 -17.61 3.90
N GLU A 3 4.29 -17.67 3.20
CA GLU A 3 3.04 -18.19 3.76
C GLU A 3 2.52 -17.33 4.93
N THR A 4 3.14 -16.18 5.16
CA THR A 4 2.69 -15.28 6.20
C THR A 4 1.57 -14.36 5.70
N GLN A 5 0.36 -14.90 5.60
CA GLN A 5 -0.77 -14.13 5.12
C GLN A 5 -1.15 -13.06 6.13
N ALA A 6 -0.89 -13.36 7.42
CA ALA A 6 -1.08 -12.38 8.48
C ALA A 6 -0.04 -11.27 8.33
N GLY A 7 1.01 -11.57 7.58
CA GLY A 7 2.04 -10.60 7.30
C GLY A 7 1.50 -9.41 6.52
N ILE A 8 0.93 -9.69 5.35
CA ILE A 8 0.36 -8.64 4.52
C ILE A 8 -0.85 -8.02 5.22
N LYS A 9 -1.58 -8.82 5.99
CA LYS A 9 -2.75 -8.30 6.70
C LYS A 9 -2.37 -7.16 7.64
N GLU A 10 -1.35 -7.38 8.45
CA GLU A 10 -0.88 -6.36 9.36
C GLU A 10 -0.29 -5.18 8.59
N GLU A 11 0.58 -5.50 7.64
CA GLU A 11 1.26 -4.47 6.87
C GLU A 11 0.29 -3.66 6.02
N ILE A 12 -0.70 -4.33 5.43
CA ILE A 12 -1.66 -3.65 4.55
C ILE A 12 -2.53 -2.68 5.35
N ARG A 13 -2.77 -2.98 6.62
CA ARG A 13 -3.54 -2.07 7.45
C ARG A 13 -2.76 -0.79 7.60
N ARG A 14 -1.48 -0.94 7.90
CA ARG A 14 -0.57 0.17 8.04
C ARG A 14 -0.32 0.85 6.69
N GLN A 15 -0.12 0.06 5.64
CA GLN A 15 0.19 0.58 4.32
C GLN A 15 -0.99 1.34 3.73
N GLU A 16 -2.19 0.78 3.80
CA GLU A 16 -3.36 1.49 3.30
C GLU A 16 -3.71 2.65 4.23
N PHE A 17 -3.23 2.59 5.46
CA PHE A 17 -3.40 3.66 6.43
C PHE A 17 -2.60 4.89 5.99
N LEU A 18 -1.30 4.69 5.75
CA LEU A 18 -0.45 5.76 5.27
C LEU A 18 -0.80 6.11 3.84
N LEU A 19 -1.26 5.12 3.08
CA LEU A 19 -1.74 5.33 1.71
C LEU A 19 -2.87 6.34 1.75
N ASN A 20 -3.82 6.11 2.65
CA ASN A 20 -4.92 7.04 2.85
C ASN A 20 -4.42 8.42 3.25
N SER A 21 -3.42 8.43 4.12
CA SER A 21 -2.84 9.68 4.60
C SER A 21 -2.21 10.46 3.45
N LEU A 22 -1.26 9.84 2.75
CA LEU A 22 -0.57 10.51 1.65
C LEU A 22 -1.50 10.68 0.44
N HIS A 23 -2.60 9.96 0.42
CA HIS A 23 -3.63 10.15 -0.60
C HIS A 23 -4.39 11.44 -0.30
N ARG A 24 -4.60 11.68 0.99
CA ARG A 24 -5.26 12.89 1.42
C ARG A 24 -4.36 14.10 1.16
N ASP A 25 -3.05 13.87 1.05
CA ASP A 25 -2.10 14.91 0.66
C ASP A 25 -2.36 15.40 -0.76
N LEU A 26 -3.08 14.60 -1.54
CA LEU A 26 -3.33 14.96 -2.94
C LEU A 26 -4.65 15.72 -3.08
N GLN A 27 -5.49 15.60 -2.06
CA GLN A 27 -6.85 16.11 -2.13
C GLN A 27 -6.93 17.54 -1.59
N GLY A 28 -7.55 18.42 -2.35
CA GLY A 28 -7.69 19.80 -1.92
C GLY A 28 -6.98 20.77 -2.84
N GLY A 29 -6.97 20.45 -4.14
CA GLY A 29 -6.31 21.30 -5.10
C GLY A 29 -4.79 21.27 -4.99
N ILE A 30 -4.27 20.14 -4.53
CA ILE A 30 -2.84 19.99 -4.32
C ILE A 30 -2.18 19.40 -5.56
N LYS A 31 -1.16 20.08 -6.07
CA LYS A 31 -0.39 19.55 -7.17
C LYS A 31 0.82 18.81 -6.63
N ASP A 32 0.62 17.54 -6.32
CA ASP A 32 1.70 16.68 -5.86
C ASP A 32 1.61 15.32 -6.52
N LEU A 33 2.72 14.85 -7.03
CA LEU A 33 2.74 13.54 -7.67
C LEU A 33 3.54 12.56 -6.85
N SER A 34 4.37 13.09 -5.95
CA SER A 34 5.24 12.25 -5.14
C SER A 34 4.43 11.35 -4.22
N LYS A 35 3.41 11.91 -3.57
CA LYS A 35 2.54 11.13 -2.70
C LYS A 35 1.73 10.12 -3.50
N GLU A 36 1.43 10.47 -4.73
CA GLU A 36 0.61 9.62 -5.58
C GLU A 36 1.42 8.40 -6.03
N GLU A 37 2.67 8.62 -6.38
CA GLU A 37 3.57 7.54 -6.71
C GLU A 37 3.80 6.66 -5.48
N ARG A 38 3.67 7.28 -4.31
CA ARG A 38 3.86 6.59 -3.05
C ARG A 38 2.70 5.65 -2.75
N LEU A 39 1.47 6.15 -2.94
CA LEU A 39 0.29 5.34 -2.66
C LEU A 39 0.23 4.16 -3.60
N TRP A 40 0.66 4.36 -4.83
CA TRP A 40 0.65 3.28 -5.78
C TRP A 40 1.82 2.34 -5.50
N GLU A 41 2.89 2.88 -4.91
CA GLU A 41 4.04 2.06 -4.55
C GLU A 41 3.65 1.05 -3.48
N VAL A 42 3.15 1.55 -2.35
CA VAL A 42 2.74 0.68 -1.26
C VAL A 42 1.57 -0.19 -1.68
N GLN A 43 0.73 0.31 -2.59
CA GLN A 43 -0.41 -0.45 -3.10
C GLN A 43 0.07 -1.64 -3.89
N ARG A 44 0.98 -1.41 -4.81
CA ARG A 44 1.47 -2.48 -5.66
C ARG A 44 2.34 -3.43 -4.85
N ILE A 45 2.88 -2.94 -3.74
CA ILE A 45 3.61 -3.80 -2.82
C ILE A 45 2.65 -4.74 -2.09
N LEU A 46 1.66 -4.17 -1.39
CA LEU A 46 0.69 -4.98 -0.66
C LEU A 46 -0.08 -5.89 -1.61
N THR A 47 -0.26 -5.44 -2.86
CA THR A 47 -0.91 -6.24 -3.87
C THR A 47 -0.04 -7.42 -4.27
N ALA A 48 1.18 -7.13 -4.77
CA ALA A 48 2.07 -8.18 -5.23
C ALA A 48 2.41 -9.14 -4.10
N LEU A 49 2.58 -8.60 -2.91
CA LEU A 49 2.93 -9.39 -1.74
C LEU A 49 1.86 -10.45 -1.46
N LYS A 50 0.62 -10.01 -1.25
CA LYS A 50 -0.44 -10.94 -0.86
C LYS A 50 -0.70 -11.99 -1.93
N ARG A 51 -0.45 -11.63 -3.19
CA ARG A 51 -0.63 -12.55 -4.30
C ARG A 51 0.52 -13.55 -4.35
N LYS A 52 1.75 -13.04 -4.33
CA LYS A 52 2.94 -13.89 -4.41
C LYS A 52 3.19 -14.62 -3.10
N LEU A 53 2.43 -14.29 -2.08
CA LEU A 53 2.54 -14.95 -0.79
C LEU A 53 1.53 -16.09 -0.70
N ARG A 54 0.36 -15.89 -1.27
CA ARG A 54 -0.69 -16.91 -1.25
C ARG A 54 -0.56 -17.83 -2.46
N GLU A 55 -0.49 -17.24 -3.64
CA GLU A 55 -0.42 -18.00 -4.89
C GLU A 55 1.03 -18.32 -5.23
N ALA A 56 1.91 -17.39 -4.84
CA ALA A 56 3.34 -17.47 -5.15
C ALA A 56 3.57 -17.38 -6.65
N GLY A 1 12.95 -16.37 3.52
CA GLY A 1 11.52 -16.23 3.17
C GLY A 1 10.65 -17.05 4.08
N SER A 2 9.43 -16.59 4.31
CA SER A 2 8.51 -17.27 5.21
C SER A 2 7.07 -17.12 4.73
N GLU A 3 6.19 -17.97 5.25
CA GLU A 3 4.77 -17.95 4.88
C GLU A 3 4.05 -16.90 5.72
N THR A 4 4.46 -15.65 5.61
CA THR A 4 3.93 -14.59 6.42
C THR A 4 2.69 -13.96 5.79
N GLN A 5 1.58 -14.69 5.84
CA GLN A 5 0.33 -14.20 5.32
C GLN A 5 -0.21 -13.08 6.22
N ALA A 6 0.09 -13.19 7.52
CA ALA A 6 -0.21 -12.14 8.46
C ALA A 6 0.69 -10.93 8.21
N GLY A 7 1.70 -11.14 7.38
CA GLY A 7 2.59 -10.07 6.97
C GLY A 7 1.85 -9.01 6.20
N ILE A 8 1.28 -9.39 5.05
CA ILE A 8 0.51 -8.45 4.25
C ILE A 8 -0.73 -8.04 5.01
N LYS A 9 -1.26 -8.93 5.84
CA LYS A 9 -2.41 -8.61 6.67
C LYS A 9 -2.14 -7.34 7.52
N GLU A 10 -1.08 -7.38 8.30
CA GLU A 10 -0.75 -6.25 9.15
C GLU A 10 -0.21 -5.08 8.33
N GLU A 11 0.65 -5.38 7.36
CA GLU A 11 1.24 -4.36 6.52
C GLU A 11 0.19 -3.67 5.66
N ILE A 12 -0.86 -4.38 5.26
CA ILE A 12 -1.91 -3.77 4.47
C ILE A 12 -2.70 -2.79 5.33
N ARG A 13 -2.87 -3.09 6.61
CA ARG A 13 -3.50 -2.14 7.53
C ARG A 13 -2.69 -0.85 7.56
N ARG A 14 -1.38 -1.00 7.73
CA ARG A 14 -0.48 0.13 7.81
C ARG A 14 -0.38 0.87 6.48
N GLN A 15 -0.21 0.10 5.40
CA GLN A 15 -0.02 0.67 4.08
C GLN A 15 -1.29 1.35 3.56
N GLU A 16 -2.43 0.69 3.69
CA GLU A 16 -3.68 1.31 3.29
C GLU A 16 -3.98 2.53 4.15
N PHE A 17 -3.47 2.50 5.38
CA PHE A 17 -3.67 3.60 6.32
C PHE A 17 -3.00 4.86 5.82
N LEU A 18 -1.70 4.80 5.58
CA LEU A 18 -0.99 5.99 5.14
C LEU A 18 -1.27 6.25 3.67
N LEU A 19 -1.61 5.20 2.93
CA LEU A 19 -2.01 5.34 1.54
C LEU A 19 -3.23 6.25 1.47
N ASN A 20 -4.23 5.93 2.29
CA ASN A 20 -5.43 6.74 2.37
C ASN A 20 -5.06 8.17 2.77
N SER A 21 -4.11 8.28 3.71
CA SER A 21 -3.65 9.58 4.18
C SER A 21 -2.98 10.38 3.06
N LEU A 22 -1.90 9.84 2.50
CA LEU A 22 -1.15 10.53 1.46
C LEU A 22 -1.97 10.66 0.17
N HIS A 23 -3.00 9.83 0.05
CA HIS A 23 -3.96 9.95 -1.05
C HIS A 23 -4.71 11.26 -0.92
N ARG A 24 -5.04 11.63 0.32
CA ARG A 24 -5.73 12.87 0.58
C ARG A 24 -4.77 14.05 0.56
N ASP A 25 -3.46 13.76 0.63
CA ASP A 25 -2.43 14.79 0.42
C ASP A 25 -2.35 15.17 -1.05
N LEU A 26 -3.20 14.56 -1.87
CA LEU A 26 -3.31 14.93 -3.27
C LEU A 26 -4.56 15.78 -3.48
N GLN A 27 -5.42 15.81 -2.47
CA GLN A 27 -6.74 16.42 -2.62
C GLN A 27 -6.84 17.75 -1.88
N GLY A 28 -7.81 18.56 -2.30
CA GLY A 28 -8.03 19.85 -1.68
C GLY A 28 -7.22 20.96 -2.34
N GLY A 29 -6.64 20.66 -3.49
CA GLY A 29 -5.84 21.64 -4.18
C GLY A 29 -4.38 21.57 -3.79
N ILE A 30 -3.84 20.36 -3.76
CA ILE A 30 -2.44 20.16 -3.42
C ILE A 30 -1.66 19.75 -4.66
N LYS A 31 -0.57 20.46 -4.91
CA LYS A 31 0.31 20.11 -6.02
C LYS A 31 1.39 19.15 -5.55
N ASP A 32 1.17 17.87 -5.79
CA ASP A 32 2.11 16.84 -5.35
C ASP A 32 2.00 15.63 -6.25
N LEU A 33 3.12 15.12 -6.70
CA LEU A 33 3.16 13.92 -7.53
C LEU A 33 3.81 12.77 -6.79
N SER A 34 4.56 13.10 -5.75
CA SER A 34 5.29 12.11 -4.99
C SER A 34 4.35 11.18 -4.24
N LYS A 35 3.27 11.75 -3.69
CA LYS A 35 2.29 10.95 -2.95
C LYS A 35 1.61 9.96 -3.87
N GLU A 36 1.45 10.34 -5.13
CA GLU A 36 0.78 9.49 -6.11
C GLU A 36 1.63 8.24 -6.37
N GLU A 37 2.91 8.46 -6.59
CA GLU A 37 3.86 7.36 -6.75
C GLU A 37 3.94 6.53 -5.49
N ARG A 38 3.72 7.18 -4.36
CA ARG A 38 3.81 6.54 -3.06
C ARG A 38 2.60 5.66 -2.78
N LEU A 39 1.41 6.13 -3.13
CA LEU A 39 0.20 5.34 -2.93
C LEU A 39 0.23 4.11 -3.83
N TRP A 40 0.82 4.25 -5.00
CA TRP A 40 0.94 3.12 -5.90
C TRP A 40 2.08 2.22 -5.46
N GLU A 41 3.05 2.81 -4.78
CA GLU A 41 4.19 2.07 -4.25
C GLU A 41 3.75 1.10 -3.16
N VAL A 42 3.06 1.60 -2.14
CA VAL A 42 2.60 0.76 -1.07
C VAL A 42 1.50 -0.19 -1.56
N GLN A 43 0.75 0.25 -2.57
CA GLN A 43 -0.33 -0.54 -3.13
C GLN A 43 0.23 -1.76 -3.86
N ARG A 44 1.23 -1.52 -4.69
CA ARG A 44 1.83 -2.60 -5.48
C ARG A 44 2.50 -3.62 -4.56
N ILE A 45 3.01 -3.15 -3.43
CA ILE A 45 3.65 -4.04 -2.47
C ILE A 45 2.64 -4.97 -1.81
N LEU A 46 1.59 -4.40 -1.22
CA LEU A 46 0.58 -5.21 -0.55
C LEU A 46 -0.12 -6.14 -1.53
N THR A 47 -0.26 -5.70 -2.77
CA THR A 47 -0.89 -6.50 -3.80
C THR A 47 0.01 -7.66 -4.20
N ALA A 48 1.24 -7.35 -4.60
CA ALA A 48 2.15 -8.36 -5.11
C ALA A 48 2.50 -9.36 -4.02
N LEU A 49 2.59 -8.88 -2.78
CA LEU A 49 2.96 -9.73 -1.66
C LEU A 49 1.89 -10.78 -1.40
N LYS A 50 0.65 -10.34 -1.22
CA LYS A 50 -0.44 -11.27 -0.91
C LYS A 50 -0.64 -12.26 -2.04
N ARG A 51 -0.38 -11.81 -3.26
CA ARG A 51 -0.52 -12.66 -4.42
C ARG A 51 0.53 -13.76 -4.43
N LYS A 52 1.79 -13.37 -4.28
CA LYS A 52 2.88 -14.33 -4.35
C LYS A 52 3.15 -14.98 -2.98
N LEU A 53 2.28 -14.72 -2.00
CA LEU A 53 2.45 -15.33 -0.69
C LEU A 53 1.17 -16.03 -0.24
N ARG A 54 0.13 -15.96 -1.06
CA ARG A 54 -1.13 -16.63 -0.75
C ARG A 54 -1.71 -17.30 -1.99
N GLU A 55 -1.83 -16.54 -3.06
CA GLU A 55 -2.45 -17.02 -4.29
C GLU A 55 -1.50 -17.95 -5.04
N ALA A 56 -0.20 -17.80 -4.77
CA ALA A 56 0.81 -18.64 -5.37
C ALA A 56 1.18 -19.79 -4.45
N GLY A 1 10.57 -14.26 8.53
CA GLY A 1 10.55 -13.96 7.08
C GLY A 1 9.71 -14.97 6.32
N SER A 2 9.80 -14.92 5.00
CA SER A 2 9.09 -15.86 4.13
C SER A 2 7.57 -15.72 4.26
N GLU A 3 6.86 -16.75 3.81
CA GLU A 3 5.39 -16.76 3.82
C GLU A 3 4.84 -16.44 5.20
N THR A 4 4.38 -15.20 5.36
CA THR A 4 3.73 -14.78 6.58
C THR A 4 2.41 -14.09 6.24
N GLN A 5 1.30 -14.75 6.52
CA GLN A 5 -0.01 -14.18 6.24
C GLN A 5 -0.24 -12.99 7.16
N ALA A 6 0.31 -13.06 8.36
CA ALA A 6 0.27 -11.96 9.30
C ALA A 6 1.17 -10.83 8.82
N GLY A 7 1.98 -11.12 7.80
CA GLY A 7 2.89 -10.13 7.25
C GLY A 7 2.14 -9.03 6.53
N ILE A 8 1.54 -9.39 5.39
CA ILE A 8 0.77 -8.42 4.59
C ILE A 8 -0.45 -7.98 5.39
N LYS A 9 -0.95 -8.83 6.26
CA LYS A 9 -2.11 -8.48 7.09
C LYS A 9 -1.82 -7.24 7.93
N GLU A 10 -0.78 -7.31 8.75
CA GLU A 10 -0.45 -6.20 9.64
C GLU A 10 0.13 -5.04 8.85
N GLU A 11 1.00 -5.35 7.89
CA GLU A 11 1.59 -4.32 7.07
C GLU A 11 0.52 -3.58 6.28
N ILE A 12 -0.45 -4.31 5.72
CA ILE A 12 -1.49 -3.68 4.91
C ILE A 12 -2.34 -2.75 5.75
N ARG A 13 -2.46 -3.04 7.06
CA ARG A 13 -3.13 -2.11 7.96
C ARG A 13 -2.42 -0.77 7.91
N ARG A 14 -1.09 -0.81 8.03
CA ARG A 14 -0.27 0.38 7.97
C ARG A 14 -0.19 0.93 6.54
N GLN A 15 -0.08 0.03 5.58
CA GLN A 15 0.06 0.40 4.16
C GLN A 15 -1.19 1.11 3.66
N GLU A 16 -2.36 0.53 3.89
CA GLU A 16 -3.61 1.17 3.50
C GLU A 16 -3.84 2.42 4.32
N PHE A 17 -3.28 2.45 5.53
CA PHE A 17 -3.37 3.61 6.40
C PHE A 17 -2.61 4.79 5.79
N LEU A 18 -1.36 4.54 5.41
CA LEU A 18 -0.55 5.57 4.80
C LEU A 18 -1.06 5.87 3.40
N LEU A 19 -1.56 4.85 2.70
CA LEU A 19 -2.18 5.03 1.40
C LEU A 19 -3.33 6.02 1.50
N ASN A 20 -4.09 5.89 2.57
CA ASN A 20 -5.21 6.76 2.86
C ASN A 20 -4.76 8.22 2.93
N SER A 21 -3.70 8.47 3.69
CA SER A 21 -3.20 9.82 3.87
C SER A 21 -2.63 10.39 2.57
N LEU A 22 -1.86 9.58 1.85
CA LEU A 22 -1.33 9.99 0.53
C LEU A 22 -2.46 10.40 -0.37
N HIS A 23 -3.50 9.60 -0.35
CA HIS A 23 -4.70 9.88 -1.13
C HIS A 23 -5.37 11.18 -0.70
N ARG A 24 -5.50 11.39 0.60
CA ARG A 24 -6.15 12.60 1.11
C ARG A 24 -5.20 13.79 1.07
N ASP A 25 -3.97 13.56 0.64
CA ASP A 25 -2.98 14.63 0.51
C ASP A 25 -2.86 15.03 -0.95
N LEU A 26 -3.75 14.50 -1.77
CA LEU A 26 -3.81 14.88 -3.18
C LEU A 26 -5.14 15.55 -3.46
N GLN A 27 -6.22 14.92 -3.01
CA GLN A 27 -7.56 15.43 -3.25
C GLN A 27 -7.80 16.70 -2.45
N GLY A 28 -8.45 17.66 -3.10
CA GLY A 28 -8.64 18.96 -2.49
C GLY A 28 -7.82 20.02 -3.19
N GLY A 29 -7.30 19.66 -4.35
CA GLY A 29 -6.50 20.60 -5.12
C GLY A 29 -5.05 20.61 -4.69
N ILE A 30 -4.53 19.46 -4.32
CA ILE A 30 -3.16 19.36 -3.86
C ILE A 30 -2.30 18.67 -4.91
N LYS A 31 -1.12 19.23 -5.19
CA LYS A 31 -0.22 18.63 -6.16
C LYS A 31 1.06 18.16 -5.49
N ASP A 32 1.09 16.89 -5.11
CA ASP A 32 2.27 16.30 -4.50
C ASP A 32 2.68 15.06 -5.30
N LEU A 33 3.87 15.11 -5.87
CA LEU A 33 4.35 14.04 -6.74
C LEU A 33 4.94 12.90 -5.93
N SER A 34 5.57 13.25 -4.82
CA SER A 34 6.27 12.29 -3.98
C SER A 34 5.28 11.31 -3.35
N LYS A 35 4.16 11.81 -2.84
CA LYS A 35 3.16 10.94 -2.23
C LYS A 35 2.37 10.21 -3.30
N GLU A 36 2.26 10.82 -4.47
CA GLU A 36 1.55 10.22 -5.59
C GLU A 36 2.25 8.95 -6.05
N GLU A 37 3.56 9.04 -6.25
CA GLU A 37 4.34 7.88 -6.64
C GLU A 37 4.51 6.94 -5.45
N ARG A 38 4.39 7.48 -4.24
CA ARG A 38 4.55 6.72 -3.02
C ARG A 38 3.34 5.83 -2.78
N LEU A 39 2.15 6.40 -2.94
CA LEU A 39 0.92 5.64 -2.81
C LEU A 39 0.89 4.53 -3.84
N TRP A 40 1.43 4.80 -5.01
CA TRP A 40 1.48 3.78 -6.04
C TRP A 40 2.54 2.74 -5.72
N GLU A 41 3.61 3.19 -5.07
CA GLU A 41 4.69 2.30 -4.66
C GLU A 41 4.15 1.26 -3.67
N VAL A 42 3.57 1.74 -2.59
CA VAL A 42 3.03 0.85 -1.56
C VAL A 42 1.85 0.04 -2.09
N GLN A 43 1.08 0.64 -3.00
CA GLN A 43 -0.10 -0.02 -3.54
C GLN A 43 0.29 -1.26 -4.31
N ARG A 44 1.30 -1.13 -5.15
CA ARG A 44 1.75 -2.25 -5.97
C ARG A 44 2.37 -3.34 -5.10
N ILE A 45 3.00 -2.93 -4.01
CA ILE A 45 3.62 -3.90 -3.09
C ILE A 45 2.55 -4.71 -2.36
N LEU A 46 1.64 -4.03 -1.65
CA LEU A 46 0.60 -4.71 -0.89
C LEU A 46 -0.25 -5.59 -1.79
N THR A 47 -0.46 -5.15 -3.02
CA THR A 47 -1.21 -5.93 -3.98
C THR A 47 -0.42 -7.17 -4.42
N ALA A 48 0.78 -6.94 -4.95
CA ALA A 48 1.60 -8.04 -5.50
C ALA A 48 1.92 -9.06 -4.43
N LEU A 49 2.19 -8.58 -3.21
CA LEU A 49 2.58 -9.46 -2.12
C LEU A 49 1.45 -10.38 -1.73
N LYS A 50 0.27 -9.82 -1.43
CA LYS A 50 -0.84 -10.62 -0.95
C LYS A 50 -1.30 -11.62 -2.01
N ARG A 51 -1.13 -11.25 -3.26
CA ARG A 51 -1.54 -12.09 -4.36
C ARG A 51 -0.58 -13.26 -4.50
N LYS A 52 0.72 -12.95 -4.51
CA LYS A 52 1.75 -14.00 -4.60
C LYS A 52 1.75 -14.87 -3.35
N LEU A 53 1.31 -14.29 -2.25
CA LEU A 53 1.32 -14.99 -0.97
C LEU A 53 0.11 -15.93 -0.85
N ARG A 54 -0.96 -15.65 -1.60
CA ARG A 54 -2.15 -16.50 -1.53
C ARG A 54 -2.30 -17.42 -2.73
N GLU A 55 -1.96 -16.93 -3.92
CA GLU A 55 -2.15 -17.70 -5.15
C GLU A 55 -0.96 -18.61 -5.40
N ALA A 56 -0.29 -19.00 -4.34
CA ALA A 56 0.80 -19.95 -4.43
C ALA A 56 0.43 -21.25 -3.74
N GLY A 1 4.91 -21.33 10.99
CA GLY A 1 4.30 -22.19 9.96
C GLY A 1 3.25 -21.45 9.15
N SER A 2 3.07 -21.87 7.90
CA SER A 2 2.18 -21.21 6.96
C SER A 2 2.74 -19.84 6.54
N GLU A 3 2.55 -19.50 5.28
CA GLU A 3 3.03 -18.24 4.75
C GLU A 3 2.41 -17.06 5.49
N THR A 4 3.13 -15.96 5.51
CA THR A 4 2.74 -14.80 6.30
C THR A 4 1.56 -14.03 5.68
N GLN A 5 0.38 -14.61 5.81
CA GLN A 5 -0.84 -13.94 5.40
C GLN A 5 -1.20 -12.86 6.42
N ALA A 6 -0.88 -13.14 7.68
CA ALA A 6 -1.00 -12.15 8.73
C ALA A 6 0.05 -11.06 8.54
N GLY A 7 1.10 -11.40 7.79
CA GLY A 7 2.15 -10.45 7.49
C GLY A 7 1.64 -9.30 6.64
N ILE A 8 1.03 -9.63 5.50
CA ILE A 8 0.46 -8.61 4.64
C ILE A 8 -0.75 -7.98 5.32
N LYS A 9 -1.48 -8.77 6.09
CA LYS A 9 -2.69 -8.27 6.75
C LYS A 9 -2.37 -7.13 7.72
N GLU A 10 -1.39 -7.34 8.58
CA GLU A 10 -1.00 -6.33 9.54
C GLU A 10 -0.36 -5.14 8.83
N GLU A 11 0.56 -5.44 7.91
CA GLU A 11 1.27 -4.42 7.17
C GLU A 11 0.33 -3.64 6.25
N ILE A 12 -0.65 -4.32 5.66
CA ILE A 12 -1.56 -3.66 4.74
C ILE A 12 -2.45 -2.67 5.48
N ARG A 13 -2.74 -2.97 6.75
CA ARG A 13 -3.47 -2.01 7.57
C ARG A 13 -2.64 -0.74 7.71
N ARG A 14 -1.35 -0.90 7.96
CA ARG A 14 -0.44 0.23 8.01
C ARG A 14 -0.29 0.89 6.64
N GLN A 15 -0.04 0.08 5.61
CA GLN A 15 0.14 0.55 4.25
C GLN A 15 -1.08 1.32 3.74
N GLU A 16 -2.23 0.66 3.72
CA GLU A 16 -3.46 1.30 3.25
C GLU A 16 -3.81 2.52 4.10
N PHE A 17 -3.36 2.51 5.35
CA PHE A 17 -3.58 3.62 6.26
C PHE A 17 -2.86 4.86 5.74
N LEU A 18 -1.54 4.76 5.61
CA LEU A 18 -0.74 5.88 5.13
C LEU A 18 -0.98 6.15 3.66
N LEU A 19 -1.33 5.10 2.92
CA LEU A 19 -1.67 5.23 1.51
C LEU A 19 -2.87 6.15 1.38
N ASN A 20 -3.89 5.90 2.19
CA ASN A 20 -5.07 6.75 2.21
C ASN A 20 -4.71 8.17 2.61
N SER A 21 -3.84 8.29 3.62
CA SER A 21 -3.40 9.59 4.11
C SER A 21 -2.70 10.40 3.01
N LEU A 22 -1.70 9.81 2.36
CA LEU A 22 -0.96 10.54 1.33
C LEU A 22 -1.79 10.64 0.04
N HIS A 23 -2.79 9.78 -0.10
CA HIS A 23 -3.70 9.84 -1.23
C HIS A 23 -4.53 11.12 -1.16
N ARG A 24 -5.01 11.42 0.05
CA ARG A 24 -5.79 12.63 0.26
C ARG A 24 -4.87 13.85 0.39
N ASP A 25 -3.58 13.59 0.59
CA ASP A 25 -2.57 14.65 0.62
C ASP A 25 -2.46 15.32 -0.74
N LEU A 26 -2.87 14.57 -1.77
CA LEU A 26 -2.82 15.03 -3.15
C LEU A 26 -4.00 15.97 -3.45
N GLN A 27 -4.92 16.09 -2.50
CA GLN A 27 -6.15 16.82 -2.72
C GLN A 27 -6.36 17.91 -1.67
N GLY A 28 -7.44 18.66 -1.81
CA GLY A 28 -7.71 19.76 -0.91
C GLY A 28 -7.08 21.06 -1.39
N GLY A 29 -6.72 21.09 -2.66
CA GLY A 29 -6.09 22.27 -3.23
C GLY A 29 -4.57 22.14 -3.24
N ILE A 30 -4.10 20.90 -3.34
CA ILE A 30 -2.67 20.62 -3.33
C ILE A 30 -2.23 20.07 -4.68
N LYS A 31 -1.05 20.47 -5.13
CA LYS A 31 -0.49 19.93 -6.37
C LYS A 31 0.72 19.05 -6.07
N ASP A 32 0.44 17.83 -5.66
CA ASP A 32 1.48 16.86 -5.35
C ASP A 32 1.35 15.66 -6.26
N LEU A 33 2.47 15.15 -6.76
CA LEU A 33 2.47 13.95 -7.58
C LEU A 33 3.34 12.87 -6.94
N SER A 34 4.03 13.24 -5.87
CA SER A 34 4.93 12.35 -5.19
C SER A 34 4.17 11.30 -4.39
N LYS A 35 3.09 11.72 -3.73
CA LYS A 35 2.30 10.78 -2.95
C LYS A 35 1.57 9.82 -3.88
N GLU A 36 1.25 10.32 -5.07
CA GLU A 36 0.51 9.55 -6.06
C GLU A 36 1.35 8.36 -6.53
N GLU A 37 2.59 8.65 -6.88
CA GLU A 37 3.51 7.60 -7.33
C GLU A 37 3.89 6.72 -6.14
N ARG A 38 3.84 7.31 -4.95
CA ARG A 38 4.22 6.61 -3.74
C ARG A 38 3.15 5.62 -3.34
N LEU A 39 1.88 6.05 -3.39
CA LEU A 39 0.77 5.19 -3.03
C LEU A 39 0.70 4.00 -3.96
N TRP A 40 1.03 4.22 -5.23
CA TRP A 40 1.00 3.15 -6.19
C TRP A 40 2.11 2.15 -5.89
N GLU A 41 3.23 2.64 -5.38
CA GLU A 41 4.31 1.77 -4.96
C GLU A 41 3.89 0.98 -3.72
N VAL A 42 3.26 1.66 -2.77
CA VAL A 42 2.73 0.99 -1.58
C VAL A 42 1.70 -0.07 -2.00
N GLN A 43 0.80 0.34 -2.89
CA GLN A 43 -0.27 -0.52 -3.38
C GLN A 43 0.31 -1.73 -4.10
N ARG A 44 1.31 -1.49 -4.94
CA ARG A 44 1.89 -2.56 -5.74
C ARG A 44 2.63 -3.56 -4.86
N ILE A 45 3.08 -3.11 -3.69
CA ILE A 45 3.76 -3.99 -2.73
C ILE A 45 2.76 -4.89 -2.01
N LEU A 46 1.78 -4.27 -1.35
CA LEU A 46 0.78 -5.03 -0.60
C LEU A 46 0.00 -5.98 -1.50
N THR A 47 -0.20 -5.57 -2.76
CA THR A 47 -0.89 -6.40 -3.73
C THR A 47 -0.03 -7.60 -4.11
N ALA A 48 1.20 -7.34 -4.54
CA ALA A 48 2.09 -8.40 -4.98
C ALA A 48 2.41 -9.35 -3.83
N LEU A 49 2.59 -8.79 -2.64
CA LEU A 49 2.96 -9.57 -1.46
C LEU A 49 1.92 -10.63 -1.16
N LYS A 50 0.66 -10.20 -1.01
CA LYS A 50 -0.41 -11.13 -0.65
C LYS A 50 -0.61 -12.19 -1.73
N ARG A 51 -0.39 -11.80 -2.97
CA ARG A 51 -0.56 -12.70 -4.09
C ARG A 51 0.59 -13.71 -4.14
N LYS A 52 1.82 -13.20 -4.07
CA LYS A 52 3.00 -14.06 -4.16
C LYS A 52 3.12 -14.98 -2.95
N LEU A 53 2.47 -14.63 -1.86
CA LEU A 53 2.53 -15.46 -0.66
C LEU A 53 1.45 -16.54 -0.66
N ARG A 54 0.28 -16.24 -1.24
CA ARG A 54 -0.83 -17.18 -1.21
C ARG A 54 -0.88 -18.05 -2.47
N GLU A 55 -0.68 -17.43 -3.61
CA GLU A 55 -0.86 -18.11 -4.89
C GLU A 55 0.41 -18.85 -5.32
N ALA A 56 1.26 -19.19 -4.36
CA ALA A 56 2.50 -19.90 -4.64
C ALA A 56 2.68 -21.07 -3.67
N GLY A 1 7.22 -22.24 2.75
CA GLY A 1 7.95 -21.65 3.89
C GLY A 1 8.40 -20.23 3.58
N SER A 2 8.85 -19.52 4.62
CA SER A 2 9.25 -18.12 4.50
C SER A 2 8.08 -17.27 4.00
N GLU A 3 6.88 -17.64 4.44
CA GLU A 3 5.66 -17.00 3.98
C GLU A 3 4.71 -16.78 5.16
N THR A 4 4.01 -15.66 5.16
CA THR A 4 3.00 -15.39 6.15
C THR A 4 1.88 -14.53 5.56
N GLN A 5 0.70 -15.12 5.43
CA GLN A 5 -0.47 -14.38 4.96
C GLN A 5 -0.84 -13.30 5.97
N ALA A 6 -0.62 -13.59 7.25
CA ALA A 6 -0.82 -12.61 8.29
C ALA A 6 0.24 -11.51 8.21
N GLY A 7 1.29 -11.78 7.44
CA GLY A 7 2.34 -10.82 7.23
C GLY A 7 1.83 -9.58 6.52
N ILE A 8 1.24 -9.80 5.35
CA ILE A 8 0.66 -8.71 4.59
C ILE A 8 -0.59 -8.20 5.30
N LYS A 9 -1.27 -9.06 6.03
CA LYS A 9 -2.49 -8.67 6.73
C LYS A 9 -2.23 -7.50 7.70
N GLU A 10 -1.25 -7.65 8.58
CA GLU A 10 -0.91 -6.57 9.50
C GLU A 10 -0.20 -5.45 8.74
N GLU A 11 0.65 -5.81 7.80
CA GLU A 11 1.37 -4.84 6.99
C GLU A 11 0.40 -3.95 6.21
N ILE A 12 -0.57 -4.55 5.55
CA ILE A 12 -1.53 -3.82 4.73
C ILE A 12 -2.38 -2.90 5.60
N ARG A 13 -2.58 -3.30 6.85
CA ARG A 13 -3.24 -2.42 7.81
C ARG A 13 -2.45 -1.12 7.96
N ARG A 14 -1.14 -1.26 8.09
CA ARG A 14 -0.26 -0.11 8.24
C ARG A 14 -0.09 0.61 6.90
N GLN A 15 0.08 -0.17 5.85
CA GLN A 15 0.31 0.38 4.52
C GLN A 15 -0.92 1.10 3.99
N GLU A 16 -2.10 0.48 4.09
CA GLU A 16 -3.34 1.14 3.69
C GLU A 16 -3.60 2.37 4.57
N PHE A 17 -3.15 2.28 5.82
CA PHE A 17 -3.27 3.38 6.77
C PHE A 17 -2.59 4.63 6.21
N LEU A 18 -1.30 4.49 5.89
CA LEU A 18 -0.55 5.61 5.37
C LEU A 18 -0.91 5.88 3.91
N LEU A 19 -1.29 4.85 3.18
CA LEU A 19 -1.72 5.00 1.78
C LEU A 19 -2.92 5.92 1.72
N ASN A 20 -3.89 5.66 2.57
CA ASN A 20 -5.10 6.48 2.65
C ASN A 20 -4.71 7.91 3.02
N SER A 21 -3.78 8.04 3.95
CA SER A 21 -3.31 9.34 4.39
C SER A 21 -2.64 10.11 3.24
N LEU A 22 -1.61 9.51 2.65
CA LEU A 22 -0.90 10.17 1.56
C LEU A 22 -1.78 10.31 0.32
N HIS A 23 -2.86 9.53 0.26
CA HIS A 23 -3.85 9.66 -0.80
C HIS A 23 -4.66 10.94 -0.65
N ARG A 24 -4.97 11.30 0.60
CA ARG A 24 -5.72 12.52 0.84
C ARG A 24 -4.80 13.73 0.92
N ASP A 25 -3.50 13.50 0.78
CA ASP A 25 -2.56 14.59 0.51
C ASP A 25 -2.90 15.26 -0.81
N LEU A 26 -3.49 14.51 -1.73
CA LEU A 26 -3.83 15.05 -3.04
C LEU A 26 -5.23 15.65 -3.05
N GLN A 27 -5.56 16.41 -2.00
CA GLN A 27 -6.84 17.12 -1.94
C GLN A 27 -6.96 18.16 -3.06
N GLY A 28 -8.18 18.64 -3.27
CA GLY A 28 -8.43 19.64 -4.30
C GLY A 28 -7.73 20.95 -3.99
N GLY A 29 -6.81 21.34 -4.85
CA GLY A 29 -6.06 22.56 -4.65
C GLY A 29 -4.62 22.27 -4.30
N ILE A 30 -4.32 21.01 -4.00
CA ILE A 30 -2.96 20.61 -3.65
C ILE A 30 -2.27 20.01 -4.87
N LYS A 31 -1.05 20.43 -5.13
CA LYS A 31 -0.28 19.91 -6.24
C LYS A 31 0.93 19.16 -5.74
N ASP A 32 0.84 17.84 -5.71
CA ASP A 32 1.95 16.99 -5.31
C ASP A 32 1.91 15.69 -6.11
N LEU A 33 2.99 15.40 -6.83
CA LEU A 33 3.05 14.24 -7.68
C LEU A 33 3.67 13.04 -6.96
N SER A 34 4.39 13.32 -5.90
CA SER A 34 5.11 12.29 -5.17
C SER A 34 4.14 11.42 -4.38
N LYS A 35 3.04 12.01 -3.91
CA LYS A 35 2.02 11.28 -3.17
C LYS A 35 1.45 10.16 -4.02
N GLU A 36 1.31 10.43 -5.31
CA GLU A 36 0.68 9.50 -6.23
C GLU A 36 1.65 8.39 -6.59
N GLU A 37 2.90 8.75 -6.83
CA GLU A 37 3.95 7.76 -7.07
C GLU A 37 4.13 6.90 -5.83
N ARG A 38 3.91 7.50 -4.68
CA ARG A 38 4.09 6.83 -3.41
C ARG A 38 2.94 5.88 -3.13
N LEU A 39 1.71 6.33 -3.37
CA LEU A 39 0.55 5.47 -3.15
C LEU A 39 0.62 4.24 -4.04
N TRP A 40 1.18 4.38 -5.23
CA TRP A 40 1.32 3.25 -6.12
C TRP A 40 2.44 2.35 -5.65
N GLU A 41 3.47 2.95 -5.07
CA GLU A 41 4.56 2.18 -4.46
C GLU A 41 4.00 1.28 -3.37
N VAL A 42 3.24 1.88 -2.46
CA VAL A 42 2.60 1.14 -1.38
C VAL A 42 1.68 0.06 -1.93
N GLN A 43 0.84 0.45 -2.89
CA GLN A 43 -0.16 -0.45 -3.45
C GLN A 43 0.50 -1.63 -4.14
N ARG A 44 1.54 -1.37 -4.92
CA ARG A 44 2.18 -2.42 -5.69
C ARG A 44 2.93 -3.39 -4.79
N ILE A 45 3.33 -2.91 -3.61
CA ILE A 45 4.02 -3.76 -2.64
C ILE A 45 3.01 -4.66 -1.92
N LEU A 46 2.02 -4.07 -1.28
CA LEU A 46 1.01 -4.83 -0.54
C LEU A 46 0.25 -5.77 -1.46
N THR A 47 0.11 -5.39 -2.72
CA THR A 47 -0.54 -6.24 -3.69
C THR A 47 0.33 -7.44 -4.04
N ALA A 48 1.54 -7.18 -4.53
CA ALA A 48 2.44 -8.25 -4.96
C ALA A 48 2.75 -9.19 -3.80
N LEU A 49 2.76 -8.65 -2.59
CA LEU A 49 3.03 -9.44 -1.40
C LEU A 49 1.91 -10.44 -1.15
N LYS A 50 0.69 -9.94 -0.94
CA LYS A 50 -0.42 -10.81 -0.60
C LYS A 50 -0.76 -11.76 -1.73
N ARG A 51 -0.48 -11.33 -2.96
CA ARG A 51 -0.71 -12.16 -4.11
C ARG A 51 0.15 -13.41 -4.05
N LYS A 52 1.47 -13.23 -4.01
CA LYS A 52 2.39 -14.36 -4.06
C LYS A 52 2.53 -15.05 -2.71
N LEU A 53 1.83 -14.55 -1.70
CA LEU A 53 1.78 -15.21 -0.41
C LEU A 53 0.48 -16.02 -0.28
N ARG A 54 -0.49 -15.74 -1.14
CA ARG A 54 -1.76 -16.45 -1.11
C ARG A 54 -1.93 -17.33 -2.35
N GLU A 55 -2.03 -16.71 -3.51
CA GLU A 55 -2.23 -17.42 -4.76
C GLU A 55 -0.89 -17.75 -5.42
N ALA A 56 0.11 -16.93 -5.08
CA ALA A 56 1.49 -17.12 -5.53
C ALA A 56 1.63 -17.07 -7.05
N GLY A 1 7.67 -22.22 2.58
CA GLY A 1 8.39 -21.35 3.53
C GLY A 1 8.27 -19.89 3.16
N SER A 2 8.29 -19.03 4.18
CA SER A 2 8.22 -17.58 4.00
C SER A 2 6.84 -17.11 3.50
N GLU A 3 5.81 -17.92 3.75
CA GLU A 3 4.45 -17.53 3.39
C GLU A 3 3.69 -17.04 4.62
N THR A 4 3.49 -15.74 4.68
CA THR A 4 2.80 -15.14 5.81
C THR A 4 1.63 -14.27 5.35
N GLN A 5 0.43 -14.71 5.68
CA GLN A 5 -0.78 -13.95 5.39
C GLN A 5 -0.87 -12.78 6.35
N ALA A 6 -0.42 -12.99 7.58
CA ALA A 6 -0.37 -11.93 8.57
C ALA A 6 0.70 -10.91 8.21
N GLY A 7 1.64 -11.32 7.36
CA GLY A 7 2.71 -10.44 6.93
C GLY A 7 2.17 -9.26 6.17
N ILE A 8 1.45 -9.52 5.09
CA ILE A 8 0.83 -8.46 4.32
C ILE A 8 -0.32 -7.85 5.11
N LYS A 9 -1.01 -8.67 5.90
CA LYS A 9 -2.15 -8.21 6.69
C LYS A 9 -1.76 -7.03 7.60
N GLU A 10 -0.65 -7.17 8.31
CA GLU A 10 -0.21 -6.13 9.23
C GLU A 10 0.35 -4.94 8.46
N GLU A 11 1.21 -5.24 7.49
CA GLU A 11 1.82 -4.20 6.67
C GLU A 11 0.77 -3.41 5.92
N ILE A 12 -0.21 -4.10 5.35
CA ILE A 12 -1.25 -3.45 4.55
C ILE A 12 -2.10 -2.54 5.43
N ARG A 13 -2.24 -2.86 6.70
CA ARG A 13 -2.90 -1.97 7.64
C ARG A 13 -2.17 -0.62 7.66
N ARG A 14 -0.86 -0.67 7.85
CA ARG A 14 -0.05 0.55 7.86
C ARG A 14 0.01 1.19 6.47
N GLN A 15 0.22 0.36 5.46
CA GLN A 15 0.34 0.81 4.08
C GLN A 15 -0.91 1.52 3.60
N GLU A 16 -2.07 0.88 3.76
CA GLU A 16 -3.31 1.49 3.33
C GLU A 16 -3.68 2.67 4.23
N PHE A 17 -3.14 2.67 5.44
CA PHE A 17 -3.34 3.78 6.38
C PHE A 17 -2.62 5.02 5.87
N LEU A 18 -1.35 4.86 5.53
CA LEU A 18 -0.58 5.96 4.98
C LEU A 18 -1.00 6.27 3.55
N LEU A 19 -1.50 5.25 2.85
CA LEU A 19 -2.05 5.43 1.52
C LEU A 19 -3.29 6.29 1.62
N ASN A 20 -4.11 6.02 2.63
CA ASN A 20 -5.25 6.86 2.95
C ASN A 20 -4.79 8.27 3.30
N SER A 21 -3.78 8.35 4.16
CA SER A 21 -3.21 9.63 4.57
C SER A 21 -2.74 10.43 3.36
N LEU A 22 -1.88 9.83 2.53
CA LEU A 22 -1.33 10.51 1.37
C LEU A 22 -2.43 10.81 0.33
N HIS A 23 -3.51 10.03 0.36
CA HIS A 23 -4.67 10.31 -0.48
C HIS A 23 -5.36 11.58 -0.03
N ARG A 24 -5.38 11.81 1.29
CA ARG A 24 -5.95 13.02 1.85
C ARG A 24 -5.07 14.22 1.49
N ASP A 25 -3.79 13.95 1.23
CA ASP A 25 -2.85 14.99 0.79
C ASP A 25 -3.07 15.35 -0.68
N LEU A 26 -3.59 14.42 -1.44
CA LEU A 26 -3.75 14.61 -2.88
C LEU A 26 -5.05 15.32 -3.23
N GLN A 27 -6.15 14.87 -2.64
CA GLN A 27 -7.46 15.41 -2.99
C GLN A 27 -7.69 16.76 -2.32
N GLY A 28 -8.31 17.66 -3.06
CA GLY A 28 -8.55 19.00 -2.57
C GLY A 28 -7.84 20.06 -3.39
N GLY A 29 -7.50 19.70 -4.63
CA GLY A 29 -6.83 20.63 -5.51
C GLY A 29 -5.35 20.75 -5.22
N ILE A 30 -4.77 19.68 -4.69
CA ILE A 30 -3.37 19.69 -4.32
C ILE A 30 -2.53 19.03 -5.42
N LYS A 31 -1.52 19.75 -5.87
CA LYS A 31 -0.61 19.20 -6.87
C LYS A 31 0.63 18.63 -6.19
N ASP A 32 0.56 17.36 -5.83
CA ASP A 32 1.68 16.70 -5.19
C ASP A 32 1.99 15.41 -5.94
N LEU A 33 3.26 15.17 -6.24
CA LEU A 33 3.68 14.01 -7.01
C LEU A 33 4.32 12.96 -6.10
N SER A 34 4.75 13.40 -4.92
CA SER A 34 5.43 12.54 -3.97
C SER A 34 4.48 11.47 -3.45
N LYS A 35 3.28 11.88 -3.06
CA LYS A 35 2.28 10.96 -2.53
C LYS A 35 1.87 9.95 -3.60
N GLU A 36 1.97 10.35 -4.86
CA GLU A 36 1.56 9.50 -5.98
C GLU A 36 2.50 8.31 -6.11
N GLU A 37 3.80 8.58 -6.16
CA GLU A 37 4.78 7.51 -6.26
C GLU A 37 4.81 6.70 -4.97
N ARG A 38 4.37 7.31 -3.88
CA ARG A 38 4.31 6.64 -2.58
C ARG A 38 3.17 5.65 -2.53
N LEU A 39 1.98 6.10 -2.95
CA LEU A 39 0.80 5.23 -2.92
C LEU A 39 1.00 4.07 -3.86
N TRP A 40 1.74 4.29 -4.93
CA TRP A 40 1.99 3.25 -5.90
C TRP A 40 3.02 2.27 -5.37
N GLU A 41 3.93 2.78 -4.54
CA GLU A 41 4.97 1.95 -3.95
C GLU A 41 4.33 0.93 -3.00
N VAL A 42 3.60 1.44 -2.01
CA VAL A 42 2.95 0.58 -1.04
C VAL A 42 1.89 -0.28 -1.72
N GLN A 43 1.30 0.24 -2.80
CA GLN A 43 0.27 -0.49 -3.55
C GLN A 43 0.88 -1.73 -4.18
N ARG A 44 1.96 -1.53 -4.91
CA ARG A 44 2.60 -2.62 -5.64
C ARG A 44 3.21 -3.63 -4.68
N ILE A 45 3.52 -3.19 -3.47
CA ILE A 45 4.04 -4.10 -2.45
C ILE A 45 2.91 -4.95 -1.87
N LEU A 46 1.87 -4.30 -1.36
CA LEU A 46 0.75 -5.03 -0.77
C LEU A 46 0.08 -5.92 -1.81
N THR A 47 0.04 -5.43 -3.05
CA THR A 47 -0.52 -6.21 -4.14
C THR A 47 0.35 -7.43 -4.43
N ALA A 48 1.61 -7.20 -4.80
CA ALA A 48 2.48 -8.30 -5.21
C ALA A 48 2.62 -9.34 -4.11
N LEU A 49 2.76 -8.86 -2.87
CA LEU A 49 2.98 -9.76 -1.74
C LEU A 49 1.78 -10.66 -1.53
N LYS A 50 0.60 -10.09 -1.32
CA LYS A 50 -0.58 -10.88 -0.96
C LYS A 50 -1.02 -11.78 -2.11
N ARG A 51 -0.74 -11.36 -3.33
CA ARG A 51 -1.12 -12.13 -4.51
C ARG A 51 -0.26 -13.38 -4.63
N LYS A 52 1.05 -13.21 -4.52
CA LYS A 52 1.95 -14.36 -4.58
C LYS A 52 1.89 -15.18 -3.29
N LEU A 53 1.28 -14.61 -2.27
CA LEU A 53 1.19 -15.26 -0.97
C LEU A 53 -0.06 -16.14 -0.89
N ARG A 54 -1.21 -15.56 -1.22
CA ARG A 54 -2.48 -16.26 -1.05
C ARG A 54 -2.91 -17.05 -2.28
N GLU A 55 -2.60 -16.54 -3.47
CA GLU A 55 -3.09 -17.15 -4.70
C GLU A 55 -2.23 -18.35 -5.12
N ALA A 56 -1.56 -18.97 -4.15
CA ALA A 56 -0.76 -20.14 -4.40
C ALA A 56 -1.42 -21.37 -3.79
N GLY A 1 8.31 -17.86 1.00
CA GLY A 1 8.86 -16.81 1.90
C GLY A 1 8.55 -17.09 3.35
N SER A 2 8.01 -16.10 4.03
CA SER A 2 7.63 -16.24 5.43
C SER A 2 6.25 -16.91 5.54
N GLU A 3 5.51 -16.89 4.43
CA GLU A 3 4.19 -17.51 4.34
C GLU A 3 3.20 -16.85 5.30
N THR A 4 3.55 -15.66 5.75
CA THR A 4 2.73 -14.95 6.72
C THR A 4 1.63 -14.14 6.05
N GLN A 5 0.45 -14.74 5.93
CA GLN A 5 -0.72 -14.03 5.43
C GLN A 5 -1.10 -12.90 6.38
N ALA A 6 -0.92 -13.16 7.67
CA ALA A 6 -1.15 -12.14 8.69
C ALA A 6 -0.14 -11.01 8.56
N GLY A 7 0.94 -11.29 7.83
CA GLY A 7 1.97 -10.30 7.60
C GLY A 7 1.45 -9.15 6.77
N ILE A 8 0.92 -9.44 5.59
CA ILE A 8 0.37 -8.40 4.73
C ILE A 8 -0.87 -7.81 5.39
N LYS A 9 -1.52 -8.58 6.26
CA LYS A 9 -2.66 -8.06 6.99
C LYS A 9 -2.26 -6.86 7.84
N GLU A 10 -1.20 -7.01 8.62
CA GLU A 10 -0.69 -5.89 9.41
C GLU A 10 -0.16 -4.81 8.49
N GLU A 11 0.67 -5.22 7.53
CA GLU A 11 1.32 -4.29 6.63
C GLU A 11 0.32 -3.50 5.81
N ILE A 12 -0.72 -4.15 5.30
CA ILE A 12 -1.70 -3.48 4.48
C ILE A 12 -2.49 -2.46 5.30
N ARG A 13 -2.75 -2.77 6.56
CA ARG A 13 -3.45 -1.84 7.42
C ARG A 13 -2.65 -0.55 7.59
N ARG A 14 -1.34 -0.70 7.72
CA ARG A 14 -0.46 0.45 7.93
C ARG A 14 -0.03 1.06 6.59
N GLN A 15 -0.02 0.27 5.53
CA GLN A 15 0.27 0.79 4.19
C GLN A 15 -0.95 1.53 3.64
N GLU A 16 -2.13 0.94 3.75
CA GLU A 16 -3.35 1.61 3.36
C GLU A 16 -3.58 2.81 4.28
N PHE A 17 -3.02 2.74 5.48
CA PHE A 17 -3.06 3.84 6.44
C PHE A 17 -2.39 5.06 5.85
N LEU A 18 -1.12 4.90 5.48
CA LEU A 18 -0.34 5.99 4.91
C LEU A 18 -0.81 6.30 3.49
N LEU A 19 -1.32 5.29 2.81
CA LEU A 19 -1.88 5.48 1.48
C LEU A 19 -3.06 6.43 1.57
N ASN A 20 -3.91 6.19 2.55
CA ASN A 20 -5.02 7.09 2.84
C ASN A 20 -4.51 8.50 3.15
N SER A 21 -3.51 8.59 4.02
CA SER A 21 -2.96 9.86 4.43
C SER A 21 -2.40 10.62 3.23
N LEU A 22 -1.56 9.96 2.43
CA LEU A 22 -0.99 10.58 1.26
C LEU A 22 -2.07 10.86 0.23
N HIS A 23 -3.08 10.01 0.19
CA HIS A 23 -4.19 10.18 -0.74
C HIS A 23 -4.96 11.45 -0.41
N ARG A 24 -5.12 11.72 0.88
CA ARG A 24 -5.83 12.91 1.31
C ARG A 24 -4.91 14.13 1.27
N ASP A 25 -3.62 13.88 1.09
CA ASP A 25 -2.63 14.95 0.93
C ASP A 25 -2.71 15.51 -0.48
N LEU A 26 -3.36 14.75 -1.35
CA LEU A 26 -3.53 15.15 -2.73
C LEU A 26 -4.81 15.96 -2.92
N GLN A 27 -5.89 15.50 -2.32
CA GLN A 27 -7.20 16.09 -2.54
C GLN A 27 -7.34 17.39 -1.78
N GLY A 28 -8.08 18.33 -2.36
CA GLY A 28 -8.23 19.64 -1.77
C GLY A 28 -7.52 20.69 -2.60
N GLY A 29 -6.93 20.23 -3.69
CA GLY A 29 -6.23 21.13 -4.58
C GLY A 29 -4.73 21.16 -4.31
N ILE A 30 -4.18 20.03 -3.90
CA ILE A 30 -2.76 19.95 -3.59
C ILE A 30 -2.02 19.25 -4.72
N LYS A 31 -1.05 19.94 -5.30
CA LYS A 31 -0.28 19.34 -6.38
C LYS A 31 1.02 18.72 -5.86
N ASP A 32 0.89 17.51 -5.32
CA ASP A 32 2.07 16.76 -4.90
C ASP A 32 2.07 15.39 -5.58
N LEU A 33 2.97 15.22 -6.53
CA LEU A 33 3.06 13.97 -7.28
C LEU A 33 3.79 12.92 -6.47
N SER A 34 4.44 13.37 -5.40
CA SER A 34 5.19 12.48 -4.52
C SER A 34 4.29 11.38 -3.96
N LYS A 35 3.15 11.77 -3.40
CA LYS A 35 2.22 10.82 -2.80
C LYS A 35 1.66 9.87 -3.85
N GLU A 36 1.60 10.34 -5.09
CA GLU A 36 1.00 9.57 -6.16
C GLU A 36 1.87 8.37 -6.53
N GLU A 37 3.16 8.62 -6.67
CA GLU A 37 4.12 7.54 -6.91
C GLU A 37 4.16 6.60 -5.72
N ARG A 38 3.95 7.17 -4.54
CA ARG A 38 4.01 6.42 -3.31
C ARG A 38 2.78 5.54 -3.14
N LEU A 39 1.60 6.09 -3.45
CA LEU A 39 0.36 5.31 -3.32
C LEU A 39 0.40 4.09 -4.22
N TRP A 40 1.00 4.22 -5.41
CA TRP A 40 1.09 3.10 -6.30
C TRP A 40 2.19 2.15 -5.86
N GLU A 41 3.20 2.71 -5.19
CA GLU A 41 4.33 1.93 -4.72
C GLU A 41 3.87 0.93 -3.65
N VAL A 42 3.27 1.43 -2.58
CA VAL A 42 2.78 0.57 -1.52
C VAL A 42 1.67 -0.34 -2.03
N GLN A 43 0.87 0.18 -2.96
CA GLN A 43 -0.23 -0.58 -3.54
C GLN A 43 0.30 -1.80 -4.25
N ARG A 44 1.29 -1.59 -5.11
CA ARG A 44 1.84 -2.67 -5.92
C ARG A 44 2.56 -3.68 -5.04
N ILE A 45 3.17 -3.21 -3.95
CA ILE A 45 3.89 -4.07 -3.04
C ILE A 45 2.93 -4.98 -2.27
N LEU A 46 1.97 -4.40 -1.54
CA LEU A 46 1.00 -5.19 -0.78
C LEU A 46 0.20 -6.10 -1.69
N THR A 47 0.01 -5.68 -2.95
CA THR A 47 -0.67 -6.51 -3.93
C THR A 47 0.17 -7.71 -4.32
N ALA A 48 1.37 -7.45 -4.83
CA ALA A 48 2.26 -8.52 -5.30
C ALA A 48 2.55 -9.50 -4.17
N LEU A 49 2.73 -8.96 -2.98
CA LEU A 49 3.07 -9.78 -1.82
C LEU A 49 1.96 -10.77 -1.51
N LYS A 50 0.77 -10.27 -1.16
CA LYS A 50 -0.31 -11.14 -0.70
C LYS A 50 -0.73 -12.14 -1.77
N ARG A 51 -0.64 -11.74 -3.02
CA ARG A 51 -1.01 -12.59 -4.13
C ARG A 51 0.00 -13.70 -4.33
N LYS A 52 1.28 -13.34 -4.46
CA LYS A 52 2.32 -14.33 -4.68
C LYS A 52 2.58 -15.17 -3.43
N LEU A 53 2.32 -14.60 -2.27
CA LEU A 53 2.52 -15.32 -1.02
C LEU A 53 1.46 -16.39 -0.83
N ARG A 54 0.26 -16.14 -1.34
CA ARG A 54 -0.83 -17.10 -1.21
C ARG A 54 -0.91 -18.02 -2.43
N GLU A 55 -0.91 -17.43 -3.62
CA GLU A 55 -1.16 -18.17 -4.84
C GLU A 55 0.12 -18.76 -5.42
N ALA A 56 1.07 -19.05 -4.55
CA ALA A 56 2.34 -19.65 -4.96
C ALA A 56 2.15 -21.13 -5.28
N GLY A 1 10.00 -18.46 7.22
CA GLY A 1 10.93 -17.57 6.49
C GLY A 1 10.21 -16.50 5.72
N SER A 2 9.55 -16.89 4.63
CA SER A 2 8.86 -15.95 3.77
C SER A 2 7.39 -16.33 3.65
N GLU A 3 6.91 -17.07 4.63
CA GLU A 3 5.57 -17.65 4.58
C GLU A 3 4.63 -16.86 5.48
N THR A 4 5.00 -15.62 5.76
CA THR A 4 4.25 -14.78 6.68
C THR A 4 3.00 -14.19 6.05
N GLN A 5 1.91 -14.95 6.11
CA GLN A 5 0.61 -14.46 5.65
C GLN A 5 0.17 -13.28 6.49
N ALA A 6 0.43 -13.37 7.80
CA ALA A 6 0.10 -12.30 8.73
C ALA A 6 0.98 -11.08 8.46
N GLY A 7 2.02 -11.28 7.66
CA GLY A 7 2.90 -10.19 7.29
C GLY A 7 2.19 -9.13 6.50
N ILE A 8 1.63 -9.53 5.36
CA ILE A 8 0.89 -8.60 4.53
C ILE A 8 -0.34 -8.11 5.26
N LYS A 9 -0.95 -8.99 6.07
CA LYS A 9 -2.13 -8.61 6.85
C LYS A 9 -1.82 -7.39 7.73
N GLU A 10 -0.78 -7.50 8.54
CA GLU A 10 -0.35 -6.40 9.40
C GLU A 10 0.05 -5.19 8.57
N GLU A 11 0.97 -5.41 7.62
CA GLU A 11 1.51 -4.35 6.80
C GLU A 11 0.40 -3.63 6.02
N ILE A 12 -0.47 -4.40 5.38
CA ILE A 12 -1.45 -3.82 4.46
C ILE A 12 -2.46 -2.94 5.21
N ARG A 13 -2.79 -3.29 6.44
CA ARG A 13 -3.69 -2.46 7.23
C ARG A 13 -3.04 -1.11 7.46
N ARG A 14 -1.73 -1.12 7.75
CA ARG A 14 -0.98 0.10 7.92
C ARG A 14 -0.77 0.80 6.58
N GLN A 15 -0.48 0.02 5.55
CA GLN A 15 -0.28 0.55 4.20
C GLN A 15 -1.53 1.22 3.67
N GLU A 16 -2.64 0.51 3.65
CA GLU A 16 -3.89 1.07 3.13
C GLU A 16 -4.37 2.22 4.00
N PHE A 17 -3.95 2.22 5.27
CA PHE A 17 -4.24 3.32 6.18
C PHE A 17 -3.59 4.60 5.66
N LEU A 18 -2.27 4.55 5.43
CA LEU A 18 -1.55 5.71 4.92
C LEU A 18 -1.84 5.92 3.44
N LEU A 19 -2.21 4.85 2.75
CA LEU A 19 -2.62 4.94 1.36
C LEU A 19 -3.85 5.82 1.25
N ASN A 20 -4.83 5.54 2.09
CA ASN A 20 -6.02 6.37 2.19
C ASN A 20 -5.65 7.80 2.53
N SER A 21 -4.67 7.93 3.43
CA SER A 21 -4.21 9.22 3.90
C SER A 21 -3.58 10.03 2.76
N LEU A 22 -2.63 9.42 2.05
CA LEU A 22 -1.94 10.11 0.97
C LEU A 22 -2.85 10.38 -0.22
N HIS A 23 -3.96 9.64 -0.31
CA HIS A 23 -4.99 9.94 -1.30
C HIS A 23 -5.69 11.24 -0.97
N ARG A 24 -5.89 11.49 0.33
CA ARG A 24 -6.43 12.74 0.79
C ARG A 24 -5.39 13.85 0.66
N ASP A 25 -4.14 13.46 0.59
CA ASP A 25 -3.02 14.41 0.45
C ASP A 25 -2.74 14.66 -1.03
N LEU A 26 -3.67 14.22 -1.86
CA LEU A 26 -3.61 14.48 -3.29
C LEU A 26 -4.55 15.62 -3.65
N GLN A 27 -5.13 16.24 -2.63
CA GLN A 27 -6.07 17.33 -2.82
C GLN A 27 -5.89 18.35 -1.70
N GLY A 28 -6.47 19.52 -1.88
CA GLY A 28 -6.40 20.55 -0.85
C GLY A 28 -5.78 21.83 -1.37
N GLY A 29 -5.12 21.76 -2.51
CA GLY A 29 -4.49 22.94 -3.08
C GLY A 29 -2.99 22.79 -3.20
N ILE A 30 -2.46 21.75 -2.57
CA ILE A 30 -1.04 21.47 -2.62
C ILE A 30 -0.66 20.87 -3.97
N LYS A 31 0.63 20.76 -4.23
CA LYS A 31 1.09 20.13 -5.46
C LYS A 31 1.36 18.65 -5.23
N ASP A 32 0.50 17.81 -5.78
CA ASP A 32 0.60 16.37 -5.62
C ASP A 32 1.52 15.75 -6.68
N LEU A 33 2.59 15.13 -6.21
CA LEU A 33 3.50 14.40 -7.10
C LEU A 33 3.88 13.07 -6.46
N SER A 34 4.59 13.16 -5.35
CA SER A 34 5.14 12.01 -4.68
C SER A 34 4.06 11.08 -4.18
N LYS A 35 2.93 11.63 -3.72
CA LYS A 35 1.86 10.82 -3.12
C LYS A 35 1.27 9.85 -4.14
N GLU A 36 1.22 10.28 -5.40
CA GLU A 36 0.64 9.46 -6.45
C GLU A 36 1.60 8.33 -6.81
N GLU A 37 2.88 8.68 -6.96
CA GLU A 37 3.90 7.68 -7.23
C GLU A 37 4.04 6.74 -6.03
N ARG A 38 3.77 7.28 -4.85
CA ARG A 38 3.86 6.51 -3.61
C ARG A 38 2.72 5.52 -3.53
N LEU A 39 1.51 5.97 -3.85
CA LEU A 39 0.34 5.12 -3.72
C LEU A 39 0.41 3.93 -4.66
N TRP A 40 0.98 4.13 -5.84
CA TRP A 40 1.11 3.05 -6.79
C TRP A 40 2.20 2.09 -6.33
N GLU A 41 3.21 2.64 -5.66
CA GLU A 41 4.26 1.84 -5.06
C GLU A 41 3.67 1.00 -3.92
N VAL A 42 2.92 1.65 -3.03
CA VAL A 42 2.25 0.97 -1.93
C VAL A 42 1.30 -0.10 -2.48
N GLN A 43 0.52 0.27 -3.50
CA GLN A 43 -0.47 -0.62 -4.07
C GLN A 43 0.20 -1.85 -4.67
N ARG A 44 1.28 -1.62 -5.40
CA ARG A 44 1.96 -2.72 -6.08
C ARG A 44 2.65 -3.63 -5.07
N ILE A 45 2.97 -3.09 -3.90
CA ILE A 45 3.56 -3.89 -2.83
C ILE A 45 2.49 -4.75 -2.16
N LEU A 46 1.45 -4.11 -1.63
CA LEU A 46 0.40 -4.82 -0.91
C LEU A 46 -0.25 -5.89 -1.79
N THR A 47 -0.39 -5.59 -3.07
CA THR A 47 -0.97 -6.55 -3.99
C THR A 47 -0.02 -7.71 -4.24
N ALA A 48 1.21 -7.41 -4.63
CA ALA A 48 2.17 -8.45 -4.96
C ALA A 48 2.50 -9.29 -3.74
N LEU A 49 2.54 -8.65 -2.58
CA LEU A 49 2.90 -9.33 -1.35
C LEU A 49 1.88 -10.40 -1.00
N LYS A 50 0.61 -10.01 -0.88
CA LYS A 50 -0.43 -10.96 -0.51
C LYS A 50 -0.58 -12.07 -1.56
N ARG A 51 -0.33 -11.73 -2.80
CA ARG A 51 -0.42 -12.70 -3.89
C ARG A 51 0.71 -13.71 -3.80
N LYS A 52 1.90 -13.24 -3.46
CA LYS A 52 3.05 -14.12 -3.34
C LYS A 52 3.07 -14.82 -1.98
N LEU A 53 2.15 -14.45 -1.09
CA LEU A 53 2.07 -15.07 0.22
C LEU A 53 0.82 -15.94 0.37
N ARG A 54 -0.07 -15.90 -0.62
CA ARG A 54 -1.30 -16.68 -0.56
C ARG A 54 -1.54 -17.44 -1.85
N GLU A 55 -1.35 -16.76 -2.97
CA GLU A 55 -1.58 -17.38 -4.28
C GLU A 55 -0.40 -18.26 -4.68
N ALA A 56 0.67 -18.17 -3.90
CA ALA A 56 1.87 -18.96 -4.17
C ALA A 56 2.05 -20.01 -3.09
N GLY A 1 10.25 -11.04 1.07
CA GLY A 1 9.89 -9.74 1.69
C GLY A 1 9.19 -9.94 3.02
N SER A 2 7.96 -9.47 3.11
CA SER A 2 7.14 -9.70 4.29
C SER A 2 6.19 -10.86 4.04
N GLU A 3 6.69 -12.08 4.18
CA GLU A 3 5.90 -13.27 3.91
C GLU A 3 4.82 -13.47 4.98
N THR A 4 4.10 -14.59 4.89
CA THR A 4 2.98 -14.88 5.78
C THR A 4 1.75 -14.04 5.40
N GLN A 5 0.59 -14.69 5.31
CA GLN A 5 -0.67 -13.97 5.09
C GLN A 5 -0.88 -12.96 6.20
N ALA A 6 -0.63 -13.41 7.42
CA ALA A 6 -0.63 -12.53 8.59
C ALA A 6 0.32 -11.35 8.39
N GLY A 7 1.36 -11.59 7.60
CA GLY A 7 2.34 -10.56 7.31
C GLY A 7 1.75 -9.39 6.56
N ILE A 8 1.17 -9.66 5.40
CA ILE A 8 0.60 -8.61 4.57
C ILE A 8 -0.59 -7.98 5.26
N LYS A 9 -1.32 -8.75 6.05
CA LYS A 9 -2.50 -8.22 6.74
C LYS A 9 -2.10 -7.11 7.71
N GLU A 10 -1.01 -7.31 8.44
CA GLU A 10 -0.52 -6.30 9.36
C GLU A 10 0.13 -5.16 8.58
N GLU A 11 0.95 -5.54 7.61
CA GLU A 11 1.63 -4.57 6.74
C GLU A 11 0.61 -3.69 6.03
N ILE A 12 -0.45 -4.30 5.52
CA ILE A 12 -1.44 -3.60 4.70
C ILE A 12 -2.23 -2.60 5.54
N ARG A 13 -2.52 -2.93 6.80
CA ARG A 13 -3.20 -1.98 7.67
C ARG A 13 -2.36 -0.72 7.82
N ARG A 14 -1.07 -0.88 8.02
CA ARG A 14 -0.18 0.27 8.14
C ARG A 14 0.03 0.94 6.79
N GLN A 15 0.19 0.15 5.74
CA GLN A 15 0.46 0.69 4.41
C GLN A 15 -0.76 1.35 3.80
N GLU A 16 -1.96 0.86 4.11
CA GLU A 16 -3.16 1.51 3.63
C GLU A 16 -3.55 2.66 4.55
N PHE A 17 -2.97 2.67 5.75
CA PHE A 17 -3.16 3.77 6.68
C PHE A 17 -2.46 5.01 6.12
N LEU A 18 -1.17 4.86 5.85
CA LEU A 18 -0.40 5.93 5.24
C LEU A 18 -0.86 6.17 3.81
N LEU A 19 -1.38 5.10 3.18
CA LEU A 19 -1.97 5.20 1.85
C LEU A 19 -3.06 6.25 1.84
N ASN A 20 -3.95 6.18 2.83
CA ASN A 20 -5.05 7.13 2.95
C ASN A 20 -4.50 8.54 3.07
N SER A 21 -3.46 8.70 3.88
CA SER A 21 -2.80 9.99 4.04
C SER A 21 -2.31 10.54 2.69
N LEU A 22 -1.48 9.76 2.01
CA LEU A 22 -0.96 10.14 0.68
C LEU A 22 -2.10 10.43 -0.26
N HIS A 23 -3.06 9.54 -0.22
CA HIS A 23 -4.22 9.61 -1.09
C HIS A 23 -4.97 10.93 -0.90
N ARG A 24 -5.24 11.27 0.35
CA ARG A 24 -6.00 12.48 0.66
C ARG A 24 -5.12 13.73 0.49
N ASP A 25 -3.80 13.54 0.50
CA ASP A 25 -2.86 14.64 0.30
C ASP A 25 -2.87 15.10 -1.16
N LEU A 26 -3.51 14.34 -2.02
CA LEU A 26 -3.58 14.68 -3.44
C LEU A 26 -4.81 15.53 -3.73
N GLN A 27 -5.79 15.50 -2.83
CA GLN A 27 -7.04 16.17 -3.08
C GLN A 27 -7.18 17.44 -2.25
N GLY A 28 -8.02 18.35 -2.73
CA GLY A 28 -8.17 19.64 -2.08
C GLY A 28 -7.44 20.73 -2.84
N GLY A 29 -7.09 20.44 -4.09
CA GLY A 29 -6.38 21.40 -4.90
C GLY A 29 -4.87 21.25 -4.77
N ILE A 30 -4.43 20.13 -4.23
CA ILE A 30 -3.01 19.89 -4.02
C ILE A 30 -2.38 19.27 -5.28
N LYS A 31 -1.20 19.76 -5.62
CA LYS A 31 -0.49 19.29 -6.80
C LYS A 31 0.80 18.59 -6.40
N ASP A 32 0.65 17.50 -5.68
CA ASP A 32 1.79 16.73 -5.20
C ASP A 32 1.95 15.48 -6.07
N LEU A 33 3.19 15.14 -6.40
CA LEU A 33 3.48 13.97 -7.23
C LEU A 33 4.03 12.83 -6.38
N SER A 34 4.70 13.19 -5.30
CA SER A 34 5.39 12.20 -4.48
C SER A 34 4.42 11.37 -3.64
N LYS A 35 3.30 11.97 -3.24
CA LYS A 35 2.26 11.22 -2.54
C LYS A 35 1.66 10.16 -3.45
N GLU A 36 1.60 10.49 -4.73
CA GLU A 36 0.96 9.63 -5.72
C GLU A 36 1.84 8.41 -6.01
N GLU A 37 3.12 8.66 -6.21
CA GLU A 37 4.07 7.58 -6.46
C GLU A 37 4.27 6.75 -5.19
N ARG A 38 3.99 7.36 -4.05
CA ARG A 38 4.14 6.71 -2.77
C ARG A 38 2.96 5.79 -2.49
N LEU A 39 1.75 6.32 -2.66
CA LEU A 39 0.54 5.52 -2.47
C LEU A 39 0.56 4.32 -3.41
N TRP A 40 1.08 4.52 -4.61
CA TRP A 40 1.14 3.45 -5.58
C TRP A 40 2.26 2.48 -5.24
N GLU A 41 3.32 3.00 -4.61
CA GLU A 41 4.43 2.18 -4.20
C GLU A 41 3.98 1.14 -3.20
N VAL A 42 3.36 1.59 -2.11
CA VAL A 42 2.90 0.69 -1.08
C VAL A 42 1.77 -0.20 -1.61
N GLN A 43 0.96 0.35 -2.53
CA GLN A 43 -0.16 -0.39 -3.09
C GLN A 43 0.33 -1.56 -3.90
N ARG A 44 1.30 -1.31 -4.77
CA ARG A 44 1.82 -2.35 -5.65
C ARG A 44 2.55 -3.41 -4.84
N ILE A 45 3.10 -3.02 -3.70
CA ILE A 45 3.79 -3.96 -2.83
C ILE A 45 2.80 -4.83 -2.06
N LEU A 46 1.86 -4.22 -1.35
CA LEU A 46 0.89 -4.99 -0.57
C LEU A 46 0.06 -5.90 -1.47
N THR A 47 -0.17 -5.45 -2.70
CA THR A 47 -0.89 -6.24 -3.67
C THR A 47 -0.07 -7.45 -4.11
N ALA A 48 1.11 -7.19 -4.69
CA ALA A 48 1.96 -8.26 -5.20
C ALA A 48 2.31 -9.26 -4.10
N LEU A 49 2.54 -8.75 -2.90
CA LEU A 49 2.92 -9.58 -1.77
C LEU A 49 1.85 -10.62 -1.47
N LYS A 50 0.63 -10.16 -1.18
CA LYS A 50 -0.45 -11.06 -0.80
C LYS A 50 -0.75 -12.05 -1.92
N ARG A 51 -0.62 -11.59 -3.16
CA ARG A 51 -0.93 -12.41 -4.32
C ARG A 51 0.07 -13.55 -4.46
N LYS A 52 1.35 -13.23 -4.43
CA LYS A 52 2.39 -14.26 -4.55
C LYS A 52 2.44 -15.14 -3.31
N LEU A 53 1.90 -14.65 -2.21
CA LEU A 53 1.92 -15.39 -0.95
C LEU A 53 0.62 -16.17 -0.73
N ARG A 54 -0.37 -15.97 -1.61
CA ARG A 54 -1.63 -16.69 -1.49
C ARG A 54 -1.94 -17.52 -2.73
N GLU A 55 -1.66 -16.96 -3.91
CA GLU A 55 -1.98 -17.64 -5.16
C GLU A 55 -0.89 -18.63 -5.57
N ALA A 56 0.29 -18.46 -5.00
CA ALA A 56 1.42 -19.31 -5.32
C ALA A 56 1.73 -20.25 -4.17
N GLY A 1 10.53 -22.33 5.28
CA GLY A 1 10.88 -20.91 5.11
C GLY A 1 10.02 -20.00 5.96
N SER A 2 9.97 -18.73 5.62
CA SER A 2 9.18 -17.77 6.37
C SER A 2 7.96 -17.32 5.55
N GLU A 3 6.81 -17.91 5.85
CA GLU A 3 5.58 -17.56 5.16
C GLU A 3 4.82 -16.52 5.98
N THR A 4 4.58 -15.36 5.41
CA THR A 4 3.99 -14.28 6.16
C THR A 4 2.72 -13.72 5.51
N GLN A 5 1.61 -14.41 5.69
CA GLN A 5 0.31 -13.88 5.30
C GLN A 5 -0.16 -12.91 6.38
N ALA A 6 0.19 -13.22 7.62
CA ALA A 6 -0.04 -12.32 8.72
C ALA A 6 0.84 -11.09 8.57
N GLY A 7 1.90 -11.25 7.78
CA GLY A 7 2.80 -10.15 7.50
C GLY A 7 2.10 -9.04 6.73
N ILE A 8 1.57 -9.37 5.57
CA ILE A 8 0.84 -8.38 4.77
C ILE A 8 -0.47 -8.04 5.44
N LYS A 9 -0.95 -8.93 6.31
CA LYS A 9 -2.15 -8.66 7.10
C LYS A 9 -1.97 -7.37 7.92
N GLU A 10 -1.01 -7.41 8.83
CA GLU A 10 -0.73 -6.26 9.69
C GLU A 10 -0.18 -5.10 8.86
N GLU A 11 0.70 -5.42 7.92
CA GLU A 11 1.29 -4.40 7.06
C GLU A 11 0.22 -3.67 6.26
N ILE A 12 -0.68 -4.42 5.63
CA ILE A 12 -1.67 -3.80 4.75
C ILE A 12 -2.62 -2.89 5.54
N ARG A 13 -2.85 -3.21 6.81
CA ARG A 13 -3.61 -2.32 7.67
C ARG A 13 -2.92 -0.96 7.74
N ARG A 14 -1.62 -0.99 7.98
CA ARG A 14 -0.82 0.22 8.04
C ARG A 14 -0.66 0.84 6.66
N GLN A 15 -0.38 0.01 5.67
CA GLN A 15 -0.19 0.45 4.30
C GLN A 15 -1.44 1.14 3.75
N GLU A 16 -2.59 0.49 3.83
CA GLU A 16 -3.84 1.10 3.36
C GLU A 16 -4.15 2.36 4.17
N PHE A 17 -3.74 2.35 5.43
CA PHE A 17 -3.97 3.49 6.33
C PHE A 17 -3.26 4.72 5.78
N LEU A 18 -1.96 4.60 5.58
CA LEU A 18 -1.18 5.71 5.05
C LEU A 18 -1.47 5.90 3.56
N LEU A 19 -1.83 4.81 2.88
CA LEU A 19 -2.19 4.87 1.47
C LEU A 19 -3.36 5.82 1.28
N ASN A 20 -4.41 5.62 2.06
CA ASN A 20 -5.58 6.48 1.99
C ASN A 20 -5.20 7.91 2.39
N SER A 21 -4.31 8.01 3.36
CA SER A 21 -3.86 9.31 3.86
C SER A 21 -3.15 10.10 2.76
N LEU A 22 -2.15 9.50 2.12
CA LEU A 22 -1.42 10.21 1.08
C LEU A 22 -2.21 10.23 -0.24
N HIS A 23 -3.21 9.37 -0.34
CA HIS A 23 -4.10 9.38 -1.50
C HIS A 23 -5.03 10.58 -1.46
N ARG A 24 -5.43 10.98 -0.26
CA ARG A 24 -6.26 12.18 -0.10
C ARG A 24 -5.36 13.41 -0.11
N ASP A 25 -4.08 13.20 0.16
CA ASP A 25 -3.09 14.26 0.17
C ASP A 25 -2.62 14.58 -1.26
N LEU A 26 -3.51 14.30 -2.22
CA LEU A 26 -3.27 14.63 -3.61
C LEU A 26 -4.16 15.79 -4.05
N GLN A 27 -5.10 16.18 -3.20
CA GLN A 27 -6.03 17.25 -3.50
C GLN A 27 -6.49 17.96 -2.24
N GLY A 28 -7.36 18.95 -2.41
CA GLY A 28 -7.80 19.75 -1.29
C GLY A 28 -6.93 20.98 -1.13
N GLY A 29 -6.48 21.51 -2.25
CA GLY A 29 -5.55 22.62 -2.24
C GLY A 29 -4.13 22.12 -2.39
N ILE A 30 -3.96 20.81 -2.30
CA ILE A 30 -2.67 20.18 -2.41
C ILE A 30 -2.42 19.72 -3.85
N LYS A 31 -1.23 20.00 -4.35
CA LYS A 31 -0.82 19.52 -5.65
C LYS A 31 0.52 18.79 -5.52
N ASP A 32 0.45 17.47 -5.48
CA ASP A 32 1.64 16.66 -5.24
C ASP A 32 1.68 15.50 -6.22
N LEU A 33 2.86 15.18 -6.73
CA LEU A 33 3.01 14.13 -7.72
C LEU A 33 3.67 12.90 -7.11
N SER A 34 4.68 13.12 -6.28
CA SER A 34 5.44 12.03 -5.69
C SER A 34 4.60 11.26 -4.67
N LYS A 35 3.60 11.92 -4.11
CA LYS A 35 2.65 11.27 -3.22
C LYS A 35 1.94 10.14 -3.96
N GLU A 36 1.75 10.36 -5.25
CA GLU A 36 1.05 9.42 -6.11
C GLU A 36 1.99 8.31 -6.54
N GLU A 37 3.26 8.66 -6.75
CA GLU A 37 4.29 7.68 -7.01
C GLU A 37 4.43 6.76 -5.81
N ARG A 38 4.15 7.33 -4.64
CA ARG A 38 4.30 6.63 -3.38
C ARG A 38 3.11 5.73 -3.10
N LEU A 39 1.90 6.21 -3.39
CA LEU A 39 0.72 5.36 -3.25
C LEU A 39 0.83 4.15 -4.16
N TRP A 40 1.49 4.33 -5.30
CA TRP A 40 1.67 3.23 -6.22
C TRP A 40 2.72 2.26 -5.68
N GLU A 41 3.73 2.82 -5.01
CA GLU A 41 4.75 2.01 -4.36
C GLU A 41 4.10 1.11 -3.31
N VAL A 42 3.27 1.73 -2.48
CA VAL A 42 2.52 1.00 -1.46
C VAL A 42 1.64 -0.06 -2.10
N GLN A 43 0.89 0.35 -3.13
CA GLN A 43 -0.09 -0.51 -3.76
C GLN A 43 0.57 -1.74 -4.37
N ARG A 44 1.68 -1.51 -5.07
CA ARG A 44 2.35 -2.60 -5.77
C ARG A 44 3.01 -3.57 -4.79
N ILE A 45 3.42 -3.07 -3.64
CA ILE A 45 4.02 -3.92 -2.61
C ILE A 45 2.97 -4.83 -1.97
N LEU A 46 1.87 -4.25 -1.49
CA LEU A 46 0.81 -5.02 -0.86
C LEU A 46 0.20 -6.00 -1.87
N THR A 47 0.15 -5.60 -3.12
CA THR A 47 -0.34 -6.46 -4.18
C THR A 47 0.59 -7.65 -4.37
N ALA A 48 1.86 -7.38 -4.69
CA ALA A 48 2.83 -8.43 -4.97
C ALA A 48 2.95 -9.41 -3.82
N LEU A 49 2.88 -8.91 -2.59
CA LEU A 49 3.09 -9.74 -1.42
C LEU A 49 1.88 -10.66 -1.17
N LYS A 50 0.69 -10.09 -1.03
CA LYS A 50 -0.48 -10.88 -0.66
C LYS A 50 -0.86 -11.85 -1.78
N ARG A 51 -0.61 -11.45 -3.02
CA ARG A 51 -0.94 -12.28 -4.16
C ARG A 51 -0.02 -13.49 -4.26
N LYS A 52 1.27 -13.28 -4.06
CA LYS A 52 2.24 -14.37 -4.20
C LYS A 52 2.36 -15.18 -2.92
N LEU A 53 1.79 -14.68 -1.84
CA LEU A 53 1.85 -15.39 -0.56
C LEU A 53 0.53 -16.08 -0.21
N ARG A 54 -0.52 -15.78 -0.94
CA ARG A 54 -1.82 -16.41 -0.69
C ARG A 54 -2.52 -16.79 -1.99
N GLU A 55 -2.55 -15.86 -2.94
CA GLU A 55 -3.29 -16.05 -4.17
C GLU A 55 -2.50 -16.93 -5.15
N ALA A 56 -1.42 -17.52 -4.65
CA ALA A 56 -0.56 -18.36 -5.47
C ALA A 56 -0.49 -19.77 -4.89
N GLY A 1 5.04 -25.06 7.55
CA GLY A 1 5.73 -24.08 6.69
C GLY A 1 4.80 -23.47 5.66
N SER A 2 4.23 -22.32 5.99
CA SER A 2 3.31 -21.64 5.08
C SER A 2 3.80 -20.23 4.82
N GLU A 3 3.14 -19.54 3.90
CA GLU A 3 3.47 -18.16 3.60
C GLU A 3 2.92 -17.23 4.67
N THR A 4 3.48 -16.04 4.76
CA THR A 4 3.09 -15.09 5.78
C THR A 4 1.84 -14.31 5.39
N GLN A 5 0.68 -14.92 5.59
CA GLN A 5 -0.59 -14.26 5.36
C GLN A 5 -0.82 -13.19 6.42
N ALA A 6 -0.43 -13.50 7.65
CA ALA A 6 -0.49 -12.51 8.73
C ALA A 6 0.48 -11.37 8.45
N GLY A 7 1.47 -11.65 7.59
CA GLY A 7 2.43 -10.65 7.21
C GLY A 7 1.81 -9.50 6.46
N ILE A 8 1.18 -9.82 5.33
CA ILE A 8 0.53 -8.79 4.52
C ILE A 8 -0.65 -8.21 5.27
N LYS A 9 -1.28 -8.99 6.14
CA LYS A 9 -2.41 -8.49 6.92
C LYS A 9 -1.97 -7.36 7.86
N GLU A 10 -0.86 -7.55 8.56
CA GLU A 10 -0.37 -6.50 9.44
C GLU A 10 0.16 -5.34 8.61
N GLU A 11 0.91 -5.66 7.55
CA GLU A 11 1.52 -4.64 6.71
C GLU A 11 0.49 -3.93 5.83
N ILE A 12 -0.65 -4.59 5.57
CA ILE A 12 -1.72 -3.96 4.79
C ILE A 12 -2.38 -2.88 5.64
N ARG A 13 -2.52 -3.13 6.94
CA ARG A 13 -3.03 -2.12 7.85
C ARG A 13 -2.11 -0.91 7.83
N ARG A 14 -0.81 -1.17 7.93
CA ARG A 14 0.20 -0.12 7.91
C ARG A 14 0.18 0.63 6.58
N GLN A 15 0.27 -0.12 5.49
CA GLN A 15 0.39 0.46 4.15
C GLN A 15 -0.88 1.19 3.72
N GLU A 16 -2.03 0.60 3.95
CA GLU A 16 -3.28 1.25 3.56
C GLU A 16 -3.59 2.41 4.51
N PHE A 17 -2.92 2.41 5.66
CA PHE A 17 -3.07 3.49 6.64
C PHE A 17 -2.47 4.79 6.09
N LEU A 18 -1.17 4.77 5.81
CA LEU A 18 -0.52 5.96 5.30
C LEU A 18 -0.93 6.22 3.86
N LEU A 19 -1.29 5.15 3.15
CA LEU A 19 -1.81 5.26 1.79
C LEU A 19 -3.03 6.16 1.81
N ASN A 20 -3.91 5.92 2.76
CA ASN A 20 -5.09 6.76 2.95
C ASN A 20 -4.69 8.21 3.22
N SER A 21 -3.69 8.40 4.07
CA SER A 21 -3.20 9.73 4.39
C SER A 21 -2.63 10.42 3.15
N LEU A 22 -1.65 9.80 2.51
CA LEU A 22 -1.03 10.37 1.32
C LEU A 22 -2.04 10.45 0.16
N HIS A 23 -3.10 9.65 0.24
CA HIS A 23 -4.18 9.70 -0.75
C HIS A 23 -5.02 10.95 -0.54
N ARG A 24 -5.29 11.27 0.72
CA ARG A 24 -6.05 12.48 1.04
C ARG A 24 -5.14 13.70 0.97
N ASP A 25 -3.86 13.48 0.72
CA ASP A 25 -2.93 14.56 0.43
C ASP A 25 -2.89 14.84 -1.05
N LEU A 26 -3.82 14.24 -1.78
CA LEU A 26 -3.97 14.48 -3.20
C LEU A 26 -5.30 15.18 -3.48
N GLN A 27 -5.80 15.88 -2.48
CA GLN A 27 -7.07 16.59 -2.61
C GLN A 27 -6.96 17.76 -3.56
N GLY A 28 -8.11 18.19 -4.08
CA GLY A 28 -8.16 19.32 -4.97
C GLY A 28 -7.60 20.57 -4.33
N GLY A 29 -6.53 21.10 -4.91
CA GLY A 29 -5.87 22.25 -4.33
C GLY A 29 -4.49 21.90 -3.84
N ILE A 30 -4.20 20.61 -3.78
CA ILE A 30 -2.88 20.14 -3.36
C ILE A 30 -2.09 19.68 -4.59
N LYS A 31 -1.07 20.44 -4.96
CA LYS A 31 -0.24 20.08 -6.11
C LYS A 31 0.96 19.26 -5.65
N ASP A 32 0.75 17.97 -5.50
CA ASP A 32 1.82 17.07 -5.10
C ASP A 32 1.81 15.86 -6.02
N LEU A 33 2.98 15.45 -6.47
CA LEU A 33 3.08 14.34 -7.41
C LEU A 33 3.60 13.09 -6.72
N SER A 34 4.38 13.28 -5.67
CA SER A 34 5.05 12.17 -5.02
C SER A 34 4.12 11.40 -4.10
N LYS A 35 3.06 12.04 -3.62
CA LYS A 35 2.03 11.32 -2.87
C LYS A 35 1.41 10.24 -3.75
N GLU A 36 1.33 10.54 -5.03
CA GLU A 36 0.76 9.61 -6.00
C GLU A 36 1.75 8.50 -6.29
N GLU A 37 3.03 8.86 -6.37
CA GLU A 37 4.10 7.88 -6.51
C GLU A 37 4.11 6.97 -5.29
N ARG A 38 3.78 7.56 -4.15
CA ARG A 38 3.82 6.86 -2.89
C ARG A 38 2.71 5.84 -2.79
N LEU A 39 1.50 6.23 -3.18
CA LEU A 39 0.37 5.31 -3.14
C LEU A 39 0.62 4.16 -4.07
N TRP A 40 1.34 4.43 -5.16
CA TRP A 40 1.67 3.40 -6.11
C TRP A 40 2.76 2.48 -5.59
N GLU A 41 3.64 3.04 -4.76
CA GLU A 41 4.74 2.28 -4.19
C GLU A 41 4.18 1.18 -3.28
N VAL A 42 3.41 1.60 -2.29
CA VAL A 42 2.82 0.65 -1.37
C VAL A 42 1.77 -0.21 -2.07
N GLN A 43 1.11 0.35 -3.09
CA GLN A 43 0.08 -0.37 -3.82
C GLN A 43 0.66 -1.64 -4.43
N ARG A 44 1.79 -1.48 -5.10
CA ARG A 44 2.41 -2.59 -5.79
C ARG A 44 3.01 -3.57 -4.80
N ILE A 45 3.43 -3.08 -3.63
CA ILE A 45 4.02 -3.94 -2.61
C ILE A 45 2.94 -4.79 -1.91
N LEU A 46 1.97 -4.13 -1.29
CA LEU A 46 0.90 -4.83 -0.58
C LEU A 46 0.14 -5.78 -1.51
N THR A 47 -0.03 -5.38 -2.76
CA THR A 47 -0.74 -6.20 -3.72
C THR A 47 0.09 -7.43 -4.10
N ALA A 48 1.35 -7.21 -4.48
CA ALA A 48 2.18 -8.30 -4.92
C ALA A 48 2.44 -9.28 -3.79
N LEU A 49 2.58 -8.75 -2.58
CA LEU A 49 2.88 -9.56 -1.42
C LEU A 49 1.75 -10.56 -1.17
N LYS A 50 0.53 -10.06 -0.99
CA LYS A 50 -0.61 -10.93 -0.70
C LYS A 50 -0.87 -11.89 -1.85
N ARG A 51 -0.55 -11.46 -3.06
CA ARG A 51 -0.79 -12.28 -4.24
C ARG A 51 0.16 -13.45 -4.30
N LYS A 52 1.45 -13.20 -4.13
CA LYS A 52 2.44 -14.28 -4.17
C LYS A 52 2.34 -15.19 -2.96
N LEU A 53 1.84 -14.66 -1.85
CA LEU A 53 1.74 -15.43 -0.62
C LEU A 53 0.43 -16.21 -0.54
N ARG A 54 -0.61 -15.74 -1.22
CA ARG A 54 -1.90 -16.40 -1.16
C ARG A 54 -2.23 -17.16 -2.43
N GLU A 55 -2.06 -16.52 -3.56
CA GLU A 55 -2.48 -17.08 -4.84
C GLU A 55 -1.36 -17.92 -5.45
N ALA A 56 -0.48 -18.43 -4.60
CA ALA A 56 0.61 -19.27 -5.04
C ALA A 56 0.13 -20.70 -5.27
N GLY A 1 -2.48 -20.48 -0.35
CA GLY A 1 -1.63 -19.73 0.59
C GLY A 1 -0.41 -20.52 1.00
N SER A 2 0.74 -19.86 1.14
CA SER A 2 1.96 -20.54 1.53
C SER A 2 2.18 -20.48 3.03
N GLU A 3 2.52 -19.30 3.53
CA GLU A 3 2.83 -19.14 4.95
C GLU A 3 2.16 -17.93 5.57
N THR A 4 2.85 -16.80 5.58
CA THR A 4 2.42 -15.63 6.32
C THR A 4 1.46 -14.75 5.53
N GLN A 5 0.21 -15.18 5.44
CA GLN A 5 -0.82 -14.38 4.79
C GLN A 5 -1.14 -13.17 5.67
N ALA A 6 -1.08 -13.39 6.98
CA ALA A 6 -1.23 -12.32 7.95
C ALA A 6 -0.11 -11.30 7.82
N GLY A 7 0.93 -11.68 7.07
CA GLY A 7 2.04 -10.77 6.82
C GLY A 7 1.58 -9.52 6.13
N ILE A 8 0.90 -9.68 4.99
CA ILE A 8 0.36 -8.54 4.28
C ILE A 8 -0.80 -7.94 5.05
N LYS A 9 -1.59 -8.77 5.74
CA LYS A 9 -2.73 -8.26 6.50
C LYS A 9 -2.30 -7.23 7.55
N GLU A 10 -1.27 -7.55 8.32
CA GLU A 10 -0.80 -6.65 9.36
C GLU A 10 -0.14 -5.41 8.72
N GLU A 11 0.74 -5.66 7.76
CA GLU A 11 1.44 -4.57 7.09
C GLU A 11 0.47 -3.69 6.29
N ILE A 12 -0.55 -4.28 5.67
CA ILE A 12 -1.49 -3.51 4.87
C ILE A 12 -2.30 -2.56 5.74
N ARG A 13 -2.53 -2.94 7.00
CA ARG A 13 -3.13 -2.04 7.96
C ARG A 13 -2.25 -0.81 8.11
N ARG A 14 -0.94 -1.04 8.29
CA ARG A 14 0.03 0.05 8.37
C ARG A 14 0.08 0.84 7.06
N GLN A 15 0.21 0.10 5.97
CA GLN A 15 0.41 0.67 4.64
C GLN A 15 -0.81 1.46 4.19
N GLU A 16 -1.99 0.86 4.23
CA GLU A 16 -3.21 1.56 3.84
C GLU A 16 -3.43 2.77 4.74
N PHE A 17 -2.95 2.68 5.98
CA PHE A 17 -3.07 3.78 6.92
C PHE A 17 -2.29 5.00 6.40
N LEU A 18 -1.01 4.81 6.11
CA LEU A 18 -0.17 5.88 5.61
C LEU A 18 -0.52 6.22 4.15
N LEU A 19 -0.98 5.22 3.41
CA LEU A 19 -1.42 5.43 2.03
C LEU A 19 -2.59 6.39 2.04
N ASN A 20 -3.55 6.12 2.92
CA ASN A 20 -4.70 6.99 3.10
C ASN A 20 -4.25 8.39 3.53
N SER A 21 -3.21 8.43 4.36
CA SER A 21 -2.67 9.69 4.86
C SER A 21 -2.06 10.50 3.72
N LEU A 22 -1.12 9.92 2.98
CA LEU A 22 -0.50 10.62 1.86
C LEU A 22 -1.49 10.80 0.71
N HIS A 23 -2.56 10.02 0.72
CA HIS A 23 -3.62 10.17 -0.27
C HIS A 23 -4.45 11.41 0.02
N ARG A 24 -4.76 11.62 1.30
CA ARG A 24 -5.57 12.77 1.70
C ARG A 24 -4.79 14.06 1.50
N ASP A 25 -3.46 13.95 1.43
CA ASP A 25 -2.61 15.09 1.12
C ASP A 25 -2.98 15.67 -0.25
N LEU A 26 -3.48 14.81 -1.14
CA LEU A 26 -3.79 15.21 -2.50
C LEU A 26 -5.04 16.09 -2.56
N GLN A 27 -6.03 15.76 -1.73
CA GLN A 27 -7.28 16.54 -1.64
C GLN A 27 -7.95 16.73 -3.01
N GLY A 28 -7.58 15.91 -3.97
CA GLY A 28 -8.15 16.01 -5.30
C GLY A 28 -7.56 17.16 -6.13
N GLY A 29 -6.69 17.96 -5.52
CA GLY A 29 -6.15 19.11 -6.22
C GLY A 29 -5.02 19.78 -5.47
N ILE A 30 -4.02 19.01 -5.11
CA ILE A 30 -2.84 19.52 -4.42
C ILE A 30 -1.60 19.19 -5.25
N LYS A 31 -0.62 20.09 -5.26
CA LYS A 31 0.58 19.90 -6.07
C LYS A 31 1.58 18.97 -5.40
N ASP A 32 1.14 17.76 -5.14
CA ASP A 32 2.00 16.76 -4.53
C ASP A 32 2.04 15.51 -5.40
N LEU A 33 2.96 15.50 -6.34
CA LEU A 33 3.10 14.39 -7.27
C LEU A 33 3.74 13.19 -6.57
N SER A 34 4.57 13.49 -5.58
CA SER A 34 5.27 12.46 -4.84
C SER A 34 4.27 11.57 -4.09
N LYS A 35 3.22 12.19 -3.55
CA LYS A 35 2.18 11.47 -2.83
C LYS A 35 1.47 10.47 -3.73
N GLU A 36 1.18 10.91 -4.95
CA GLU A 36 0.43 10.12 -5.91
C GLU A 36 1.23 8.88 -6.31
N GLU A 37 2.48 9.11 -6.71
CA GLU A 37 3.37 8.01 -7.09
C GLU A 37 3.67 7.13 -5.90
N ARG A 38 3.53 7.69 -4.71
CA ARG A 38 3.83 6.97 -3.49
C ARG A 38 2.75 5.97 -3.17
N LEU A 39 1.50 6.42 -3.19
CA LEU A 39 0.38 5.54 -2.90
C LEU A 39 0.33 4.39 -3.89
N TRP A 40 0.70 4.66 -5.13
CA TRP A 40 0.69 3.63 -6.15
C TRP A 40 1.83 2.64 -5.91
N GLU A 41 2.93 3.14 -5.36
CA GLU A 41 4.06 2.29 -5.01
C GLU A 41 3.69 1.42 -3.81
N VAL A 42 3.05 2.01 -2.81
CA VAL A 42 2.57 1.27 -1.66
C VAL A 42 1.60 0.18 -2.10
N GLN A 43 0.70 0.55 -2.99
CA GLN A 43 -0.34 -0.35 -3.47
C GLN A 43 0.26 -1.52 -4.24
N ARG A 44 1.23 -1.23 -5.09
CA ARG A 44 1.85 -2.25 -5.93
C ARG A 44 2.64 -3.25 -5.07
N ILE A 45 3.25 -2.75 -4.00
CA ILE A 45 3.96 -3.63 -3.07
C ILE A 45 2.98 -4.55 -2.35
N LEU A 46 1.90 -3.96 -1.84
CA LEU A 46 0.85 -4.73 -1.18
C LEU A 46 0.28 -5.78 -2.12
N THR A 47 -0.05 -5.36 -3.34
CA THR A 47 -0.60 -6.26 -4.35
C THR A 47 0.35 -7.42 -4.63
N ALA A 48 1.62 -7.11 -4.87
CA ALA A 48 2.61 -8.14 -5.17
C ALA A 48 2.77 -9.09 -3.99
N LEU A 49 2.88 -8.53 -2.80
CA LEU A 49 3.09 -9.31 -1.59
C LEU A 49 1.90 -10.23 -1.30
N LYS A 50 0.70 -9.66 -1.24
CA LYS A 50 -0.49 -10.41 -0.84
C LYS A 50 -0.77 -11.58 -1.77
N ARG A 51 -0.58 -11.36 -3.06
CA ARG A 51 -0.89 -12.34 -4.07
C ARG A 51 0.18 -13.41 -4.13
N LYS A 52 1.41 -13.05 -3.80
CA LYS A 52 2.49 -14.02 -3.73
C LYS A 52 2.37 -14.88 -2.47
N LEU A 53 1.79 -14.33 -1.43
CA LEU A 53 1.59 -15.06 -0.19
C LEU A 53 0.40 -16.01 -0.30
N ARG A 54 -0.53 -15.68 -1.19
CA ARG A 54 -1.73 -16.48 -1.37
C ARG A 54 -1.59 -17.47 -2.54
N GLU A 55 -1.26 -16.95 -3.71
CA GLU A 55 -1.27 -17.77 -4.92
C GLU A 55 0.04 -18.53 -5.12
N ALA A 56 1.00 -18.30 -4.24
CA ALA A 56 2.27 -18.98 -4.32
C ALA A 56 2.58 -19.68 -3.00
N GLY A 1 6.56 -21.40 -0.15
CA GLY A 1 7.34 -21.79 1.06
C GLY A 1 6.48 -21.81 2.30
N SER A 2 6.73 -20.87 3.20
CA SER A 2 5.91 -20.72 4.38
C SER A 2 5.32 -19.31 4.41
N GLU A 3 4.39 -19.07 3.49
CA GLU A 3 3.77 -17.76 3.34
C GLU A 3 2.85 -17.46 4.53
N THR A 4 2.98 -16.26 5.08
CA THR A 4 2.15 -15.83 6.18
C THR A 4 1.11 -14.81 5.71
N GLN A 5 -0.17 -15.15 5.84
CA GLN A 5 -1.24 -14.20 5.53
C GLN A 5 -1.17 -13.00 6.46
N ALA A 6 -0.81 -13.25 7.72
CA ALA A 6 -0.61 -12.19 8.69
C ALA A 6 0.54 -11.27 8.27
N GLY A 7 1.38 -11.75 7.36
CA GLY A 7 2.48 -10.97 6.85
C GLY A 7 1.99 -9.73 6.13
N ILE A 8 1.22 -9.94 5.08
CA ILE A 8 0.62 -8.84 4.34
C ILE A 8 -0.50 -8.21 5.16
N LYS A 9 -1.16 -9.01 6.00
CA LYS A 9 -2.27 -8.52 6.80
C LYS A 9 -1.86 -7.33 7.66
N GLU A 10 -0.79 -7.49 8.43
CA GLU A 10 -0.31 -6.42 9.29
C GLU A 10 0.33 -5.31 8.46
N GLU A 11 1.12 -5.71 7.46
CA GLU A 11 1.75 -4.76 6.55
C GLU A 11 0.72 -3.87 5.88
N ILE A 12 -0.31 -4.49 5.33
CA ILE A 12 -1.32 -3.78 4.57
C ILE A 12 -2.12 -2.83 5.47
N ARG A 13 -2.20 -3.15 6.76
CA ARG A 13 -2.79 -2.22 7.71
C ARG A 13 -2.02 -0.91 7.69
N ARG A 14 -0.70 -1.04 7.82
CA ARG A 14 0.19 0.11 7.80
C ARG A 14 0.20 0.75 6.42
N GLN A 15 0.39 -0.09 5.41
CA GLN A 15 0.51 0.36 4.03
C GLN A 15 -0.73 1.09 3.57
N GLU A 16 -1.92 0.52 3.75
CA GLU A 16 -3.14 1.17 3.32
C GLU A 16 -3.44 2.39 4.18
N PHE A 17 -2.94 2.39 5.40
CA PHE A 17 -3.11 3.52 6.30
C PHE A 17 -2.36 4.73 5.74
N LEU A 18 -1.09 4.54 5.41
CA LEU A 18 -0.31 5.60 4.81
C LEU A 18 -0.74 5.84 3.36
N LEU A 19 -1.18 4.77 2.70
CA LEU A 19 -1.73 4.86 1.34
C LEU A 19 -2.90 5.82 1.28
N ASN A 20 -3.85 5.62 2.19
CA ASN A 20 -5.02 6.46 2.27
C ASN A 20 -4.60 7.90 2.62
N SER A 21 -3.53 8.01 3.42
CA SER A 21 -2.99 9.31 3.78
C SER A 21 -2.44 10.04 2.55
N LEU A 22 -1.62 9.34 1.76
CA LEU A 22 -1.09 9.87 0.51
C LEU A 22 -2.24 10.22 -0.41
N HIS A 23 -3.14 9.26 -0.53
CA HIS A 23 -4.26 9.35 -1.44
C HIS A 23 -5.13 10.58 -1.15
N ARG A 24 -5.39 10.84 0.13
CA ARG A 24 -6.23 11.97 0.51
C ARG A 24 -5.43 13.27 0.56
N ASP A 25 -4.11 13.15 0.55
CA ASP A 25 -3.23 14.32 0.61
C ASP A 25 -3.27 15.08 -0.69
N LEU A 26 -3.75 14.41 -1.73
CA LEU A 26 -3.88 15.03 -3.04
C LEU A 26 -5.20 15.79 -3.13
N GLN A 27 -6.11 15.50 -2.21
CA GLN A 27 -7.45 16.07 -2.24
C GLN A 27 -7.45 17.50 -1.70
N GLY A 28 -8.19 18.37 -2.35
CA GLY A 28 -8.22 19.76 -1.97
C GLY A 28 -7.46 20.62 -2.95
N GLY A 29 -7.06 20.01 -4.06
CA GLY A 29 -6.28 20.70 -5.05
C GLY A 29 -4.81 20.70 -4.70
N ILE A 30 -4.36 19.63 -4.06
CA ILE A 30 -2.97 19.51 -3.65
C ILE A 30 -2.18 18.81 -4.74
N LYS A 31 -1.31 19.55 -5.41
CA LYS A 31 -0.48 18.96 -6.45
C LYS A 31 0.80 18.42 -5.83
N ASP A 32 0.68 17.31 -5.11
CA ASP A 32 1.83 16.67 -4.47
C ASP A 32 2.20 15.40 -5.22
N LEU A 33 3.36 15.41 -5.86
CA LEU A 33 3.76 14.30 -6.71
C LEU A 33 4.46 13.23 -5.88
N SER A 34 4.91 13.61 -4.69
CA SER A 34 5.57 12.68 -3.79
C SER A 34 4.59 11.62 -3.31
N LYS A 35 3.41 12.06 -2.85
CA LYS A 35 2.39 11.13 -2.38
C LYS A 35 1.88 10.30 -3.54
N GLU A 36 1.81 10.93 -4.70
CA GLU A 36 1.23 10.32 -5.89
C GLU A 36 2.00 9.07 -6.28
N GLU A 37 3.29 9.22 -6.50
CA GLU A 37 4.11 8.11 -6.94
C GLU A 37 4.38 7.14 -5.79
N ARG A 38 4.22 7.64 -4.57
CA ARG A 38 4.43 6.83 -3.38
C ARG A 38 3.23 5.93 -3.14
N LEU A 39 2.03 6.49 -3.21
CA LEU A 39 0.81 5.70 -3.05
C LEU A 39 0.77 4.58 -4.07
N TRP A 40 1.22 4.88 -5.29
CA TRP A 40 1.23 3.87 -6.33
C TRP A 40 2.30 2.83 -6.06
N GLU A 41 3.38 3.25 -5.43
CA GLU A 41 4.47 2.36 -5.10
C GLU A 41 4.07 1.41 -3.97
N VAL A 42 3.50 1.96 -2.92
CA VAL A 42 3.07 1.13 -1.79
C VAL A 42 1.87 0.26 -2.20
N GLN A 43 1.08 0.76 -3.15
CA GLN A 43 -0.06 0.02 -3.66
C GLN A 43 0.41 -1.24 -4.37
N ARG A 44 1.44 -1.10 -5.19
CA ARG A 44 1.95 -2.23 -5.95
C ARG A 44 2.62 -3.24 -5.00
N ILE A 45 3.11 -2.75 -3.87
CA ILE A 45 3.70 -3.62 -2.86
C ILE A 45 2.64 -4.50 -2.20
N LEU A 46 1.66 -3.87 -1.56
CA LEU A 46 0.58 -4.61 -0.87
C LEU A 46 -0.13 -5.55 -1.83
N THR A 47 -0.23 -5.17 -3.10
CA THR A 47 -0.83 -6.01 -4.11
C THR A 47 0.01 -7.26 -4.36
N ALA A 48 1.26 -7.06 -4.73
CA ALA A 48 2.15 -8.17 -5.03
C ALA A 48 2.33 -9.04 -3.80
N LEU A 49 2.43 -8.39 -2.65
CA LEU A 49 2.65 -9.06 -1.38
C LEU A 49 1.52 -10.03 -1.07
N LYS A 50 0.27 -9.56 -1.10
CA LYS A 50 -0.86 -10.41 -0.75
C LYS A 50 -1.01 -11.55 -1.74
N ARG A 51 -0.64 -11.31 -2.98
CA ARG A 51 -0.77 -12.31 -4.02
C ARG A 51 0.18 -13.48 -3.79
N LYS A 52 1.46 -13.18 -3.62
CA LYS A 52 2.45 -14.24 -3.43
C LYS A 52 2.41 -14.81 -2.01
N LEU A 53 1.77 -14.10 -1.10
CA LEU A 53 1.65 -14.57 0.28
C LEU A 53 0.35 -15.33 0.50
N ARG A 54 -0.54 -15.29 -0.49
CA ARG A 54 -1.80 -16.00 -0.40
C ARG A 54 -1.93 -17.05 -1.50
N GLU A 55 -1.98 -16.57 -2.72
CA GLU A 55 -2.31 -17.39 -3.87
C GLU A 55 -1.11 -17.55 -4.80
N ALA A 56 -0.03 -18.02 -4.22
CA ALA A 56 1.18 -18.31 -4.97
C ALA A 56 1.30 -19.81 -5.23
N GLY A 1 8.71 -21.02 1.88
CA GLY A 1 9.64 -21.13 3.04
C GLY A 1 8.94 -20.87 4.35
N SER A 2 8.21 -19.77 4.41
CA SER A 2 7.49 -19.36 5.61
C SER A 2 6.55 -18.23 5.23
N GLU A 3 5.52 -18.57 4.48
CA GLU A 3 4.66 -17.58 3.87
C GLU A 3 3.60 -17.09 4.85
N THR A 4 3.76 -15.87 5.33
CA THR A 4 2.85 -15.32 6.32
C THR A 4 1.88 -14.35 5.67
N GLN A 5 0.64 -14.77 5.44
CA GLN A 5 -0.38 -13.87 4.93
C GLN A 5 -0.87 -12.96 6.05
N ALA A 6 -0.63 -13.39 7.28
CA ALA A 6 -0.82 -12.53 8.43
C ALA A 6 0.21 -11.42 8.39
N GLY A 7 1.29 -11.66 7.64
CA GLY A 7 2.31 -10.67 7.43
C GLY A 7 1.78 -9.45 6.71
N ILE A 8 1.22 -9.67 5.52
CA ILE A 8 0.66 -8.58 4.74
C ILE A 8 -0.54 -8.00 5.45
N LYS A 9 -1.26 -8.83 6.20
CA LYS A 9 -2.46 -8.39 6.89
C LYS A 9 -2.20 -7.20 7.82
N GLU A 10 -1.22 -7.33 8.71
CA GLU A 10 -0.90 -6.24 9.61
C GLU A 10 -0.22 -5.10 8.86
N GLU A 11 0.67 -5.44 7.93
CA GLU A 11 1.37 -4.45 7.12
C GLU A 11 0.39 -3.64 6.29
N ILE A 12 -0.60 -4.31 5.71
CA ILE A 12 -1.56 -3.66 4.84
C ILE A 12 -2.47 -2.72 5.63
N ARG A 13 -2.71 -3.04 6.90
CA ARG A 13 -3.46 -2.12 7.75
C ARG A 13 -2.71 -0.80 7.87
N ARG A 14 -1.41 -0.90 8.07
CA ARG A 14 -0.55 0.27 8.14
C ARG A 14 -0.40 0.91 6.76
N GLN A 15 -0.21 0.08 5.76
CA GLN A 15 0.00 0.53 4.38
C GLN A 15 -1.23 1.22 3.83
N GLU A 16 -2.39 0.58 3.93
CA GLU A 16 -3.63 1.19 3.46
C GLU A 16 -3.93 2.46 4.24
N PHE A 17 -3.51 2.45 5.51
CA PHE A 17 -3.69 3.62 6.38
C PHE A 17 -2.94 4.81 5.79
N LEU A 18 -1.65 4.64 5.53
CA LEU A 18 -0.85 5.72 4.97
C LEU A 18 -1.18 5.96 3.50
N LEU A 19 -1.55 4.90 2.78
CA LEU A 19 -1.94 5.02 1.38
C LEU A 19 -3.14 5.94 1.28
N ASN A 20 -4.16 5.65 2.09
CA ASN A 20 -5.37 6.46 2.14
C ASN A 20 -5.00 7.90 2.50
N SER A 21 -4.12 8.05 3.49
CA SER A 21 -3.71 9.35 3.96
C SER A 21 -2.99 10.15 2.86
N LEU A 22 -1.92 9.58 2.29
CA LEU A 22 -1.16 10.28 1.25
C LEU A 22 -1.96 10.37 -0.05
N HIS A 23 -3.01 9.58 -0.15
CA HIS A 23 -3.97 9.72 -1.24
C HIS A 23 -4.77 11.00 -1.07
N ARG A 24 -5.00 11.36 0.19
CA ARG A 24 -5.72 12.57 0.52
C ARG A 24 -4.77 13.77 0.48
N ASP A 25 -3.47 13.49 0.48
CA ASP A 25 -2.45 14.53 0.27
C ASP A 25 -2.61 15.18 -1.11
N LEU A 26 -3.33 14.50 -1.99
CA LEU A 26 -3.54 14.97 -3.34
C LEU A 26 -4.79 15.86 -3.43
N GLN A 27 -5.41 16.09 -2.28
CA GLN A 27 -6.69 16.79 -2.25
C GLN A 27 -6.62 18.02 -1.34
N GLY A 28 -7.42 19.02 -1.67
CA GLY A 28 -7.45 20.25 -0.90
C GLY A 28 -6.71 21.38 -1.57
N GLY A 29 -6.41 21.23 -2.84
CA GLY A 29 -5.69 22.24 -3.57
C GLY A 29 -4.19 22.04 -3.46
N ILE A 30 -3.77 20.78 -3.54
CA ILE A 30 -2.37 20.44 -3.35
C ILE A 30 -1.75 19.99 -4.67
N LYS A 31 -0.54 20.45 -4.94
CA LYS A 31 0.20 20.03 -6.11
C LYS A 31 1.30 19.08 -5.71
N ASP A 32 0.99 17.80 -5.69
CA ASP A 32 1.95 16.78 -5.33
C ASP A 32 1.78 15.58 -6.25
N LEU A 33 2.83 15.21 -6.94
CA LEU A 33 2.77 14.09 -7.86
C LEU A 33 3.41 12.86 -7.23
N SER A 34 4.23 13.09 -6.22
CA SER A 34 5.00 12.03 -5.60
C SER A 34 4.14 11.17 -4.68
N LYS A 35 3.11 11.76 -4.07
CA LYS A 35 2.18 10.99 -3.26
C LYS A 35 1.44 9.98 -4.12
N GLU A 36 1.24 10.35 -5.38
CA GLU A 36 0.54 9.48 -6.31
C GLU A 36 1.44 8.31 -6.70
N GLU A 37 2.71 8.63 -6.94
CA GLU A 37 3.72 7.61 -7.19
C GLU A 37 3.86 6.72 -5.95
N ARG A 38 3.67 7.33 -4.80
CA ARG A 38 3.87 6.66 -3.53
C ARG A 38 2.72 5.72 -3.23
N LEU A 39 1.49 6.19 -3.47
CA LEU A 39 0.31 5.36 -3.25
C LEU A 39 0.34 4.14 -4.16
N TRP A 40 0.95 4.30 -5.33
CA TRP A 40 1.08 3.19 -6.23
C TRP A 40 2.18 2.24 -5.77
N GLU A 41 3.19 2.79 -5.10
CA GLU A 41 4.29 1.98 -4.61
C GLU A 41 3.82 1.10 -3.47
N VAL A 42 3.18 1.69 -2.47
CA VAL A 42 2.64 0.91 -1.37
C VAL A 42 1.58 -0.07 -1.89
N GLN A 43 0.82 0.34 -2.89
CA GLN A 43 -0.21 -0.51 -3.49
C GLN A 43 0.43 -1.71 -4.17
N ARG A 44 1.44 -1.45 -5.00
CA ARG A 44 2.10 -2.51 -5.76
C ARG A 44 2.81 -3.48 -4.84
N ILE A 45 3.15 -3.02 -3.63
CA ILE A 45 3.79 -3.88 -2.64
C ILE A 45 2.75 -4.76 -1.94
N LEU A 46 1.72 -4.13 -1.36
CA LEU A 46 0.69 -4.88 -0.62
C LEU A 46 -0.02 -5.86 -1.55
N THR A 47 -0.14 -5.49 -2.82
CA THR A 47 -0.75 -6.36 -3.80
C THR A 47 0.15 -7.57 -4.08
N ALA A 48 1.38 -7.30 -4.53
CA ALA A 48 2.30 -8.37 -4.88
C ALA A 48 2.60 -9.26 -3.69
N LEU A 49 2.62 -8.67 -2.50
CA LEU A 49 2.94 -9.38 -1.28
C LEU A 49 1.88 -10.46 -1.00
N LYS A 50 0.63 -10.04 -0.81
CA LYS A 50 -0.43 -10.99 -0.46
C LYS A 50 -0.65 -12.00 -1.57
N ARG A 51 -0.47 -11.56 -2.81
CA ARG A 51 -0.66 -12.41 -3.96
C ARG A 51 0.40 -13.49 -4.03
N LYS A 52 1.66 -13.10 -4.04
CA LYS A 52 2.77 -14.06 -4.13
C LYS A 52 2.85 -14.92 -2.87
N LEU A 53 2.42 -14.38 -1.74
CA LEU A 53 2.47 -15.10 -0.48
C LEU A 53 1.31 -16.09 -0.36
N ARG A 54 0.28 -15.91 -1.18
CA ARG A 54 -0.85 -16.83 -1.17
C ARG A 54 -0.82 -17.76 -2.38
N GLU A 55 -1.04 -17.20 -3.55
CA GLU A 55 -1.28 -18.00 -4.74
C GLU A 55 0.03 -18.26 -5.50
N ALA A 56 1.03 -18.69 -4.77
CA ALA A 56 2.30 -19.10 -5.37
C ALA A 56 2.22 -20.58 -5.77
N GLY A 1 4.31 -24.55 2.90
CA GLY A 1 4.91 -23.80 4.02
C GLY A 1 3.93 -22.82 4.62
N SER A 2 4.09 -22.55 5.90
CA SER A 2 3.29 -21.55 6.57
C SER A 2 3.90 -20.17 6.33
N GLU A 3 3.42 -19.51 5.29
CA GLU A 3 4.00 -18.24 4.87
C GLU A 3 3.41 -17.08 5.68
N THR A 4 4.05 -15.93 5.60
CA THR A 4 3.61 -14.75 6.33
C THR A 4 2.38 -14.10 5.70
N GLN A 5 1.22 -14.73 5.86
CA GLN A 5 -0.03 -14.15 5.40
C GLN A 5 -0.37 -12.96 6.29
N ALA A 6 -0.07 -13.10 7.58
CA ALA A 6 -0.24 -12.01 8.52
C ALA A 6 0.69 -10.85 8.17
N GLY A 7 1.65 -11.12 7.29
CA GLY A 7 2.56 -10.10 6.84
C GLY A 7 1.84 -8.99 6.12
N ILE A 8 1.15 -9.35 5.03
CA ILE A 8 0.39 -8.37 4.26
C ILE A 8 -0.74 -7.82 5.11
N LYS A 9 -1.28 -8.66 5.99
CA LYS A 9 -2.37 -8.22 6.86
C LYS A 9 -1.94 -7.03 7.72
N GLU A 10 -0.82 -7.17 8.41
CA GLU A 10 -0.33 -6.10 9.26
C GLU A 10 0.18 -4.94 8.43
N GLU A 11 0.95 -5.27 7.39
CA GLU A 11 1.53 -4.23 6.53
C GLU A 11 0.43 -3.45 5.82
N ILE A 12 -0.61 -4.12 5.35
CA ILE A 12 -1.68 -3.44 4.61
C ILE A 12 -2.45 -2.50 5.54
N ARG A 13 -2.58 -2.85 6.81
CA ARG A 13 -3.21 -1.96 7.77
C ARG A 13 -2.47 -0.63 7.81
N ARG A 14 -1.14 -0.73 7.93
CA ARG A 14 -0.31 0.46 8.02
C ARG A 14 -0.14 1.14 6.66
N GLN A 15 -0.02 0.33 5.61
CA GLN A 15 0.17 0.86 4.26
C GLN A 15 -1.09 1.53 3.74
N GLU A 16 -2.25 0.92 3.95
CA GLU A 16 -3.51 1.56 3.57
C GLU A 16 -3.75 2.77 4.47
N PHE A 17 -3.22 2.70 5.68
CA PHE A 17 -3.31 3.80 6.64
C PHE A 17 -2.60 5.03 6.08
N LEU A 18 -1.34 4.87 5.69
CA LEU A 18 -0.58 5.95 5.12
C LEU A 18 -1.02 6.25 3.69
N LEU A 19 -1.59 5.25 3.04
CA LEU A 19 -2.15 5.45 1.71
C LEU A 19 -3.33 6.40 1.81
N ASN A 20 -4.16 6.18 2.82
CA ASN A 20 -5.26 7.10 3.13
C ASN A 20 -4.69 8.49 3.44
N SER A 21 -3.62 8.51 4.22
CA SER A 21 -2.94 9.76 4.59
C SER A 21 -2.45 10.51 3.35
N LEU A 22 -1.69 9.84 2.50
CA LEU A 22 -1.16 10.49 1.31
C LEU A 22 -2.29 10.84 0.32
N HIS A 23 -3.40 10.11 0.40
CA HIS A 23 -4.59 10.44 -0.40
C HIS A 23 -5.24 11.74 0.06
N ARG A 24 -5.37 11.91 1.36
CA ARG A 24 -5.94 13.14 1.91
C ARG A 24 -4.95 14.29 1.78
N ASP A 25 -3.71 13.95 1.42
CA ASP A 25 -2.69 14.94 1.15
C ASP A 25 -2.53 15.13 -0.35
N LEU A 26 -3.51 14.61 -1.10
CA LEU A 26 -3.63 14.86 -2.52
C LEU A 26 -4.79 15.81 -2.79
N GLN A 27 -5.96 15.46 -2.24
CA GLN A 27 -7.16 16.31 -2.36
C GLN A 27 -7.47 16.64 -3.81
N GLY A 28 -8.23 17.70 -4.03
CA GLY A 28 -8.52 18.14 -5.38
C GLY A 28 -7.61 19.27 -5.80
N GLY A 29 -7.06 19.99 -4.82
CA GLY A 29 -6.26 21.15 -5.13
C GLY A 29 -4.88 21.13 -4.49
N ILE A 30 -4.41 19.97 -4.08
CA ILE A 30 -3.05 19.86 -3.57
C ILE A 30 -2.12 19.41 -4.70
N LYS A 31 -1.16 20.26 -5.01
CA LYS A 31 -0.21 19.96 -6.07
C LYS A 31 0.93 19.11 -5.54
N ASP A 32 0.72 17.79 -5.56
CA ASP A 32 1.72 16.86 -5.05
C ASP A 32 1.92 15.72 -6.06
N LEU A 33 3.16 15.29 -6.23
CA LEU A 33 3.47 14.20 -7.16
C LEU A 33 3.97 12.97 -6.39
N SER A 34 4.72 13.25 -5.33
CA SER A 34 5.35 12.20 -4.54
C SER A 34 4.31 11.25 -3.97
N LYS A 35 3.19 11.80 -3.53
CA LYS A 35 2.10 11.01 -2.96
C LYS A 35 1.61 9.93 -3.92
N GLU A 36 1.64 10.24 -5.20
CA GLU A 36 1.13 9.32 -6.20
C GLU A 36 2.10 8.16 -6.40
N GLU A 37 3.39 8.49 -6.49
CA GLU A 37 4.41 7.44 -6.59
C GLU A 37 4.45 6.62 -5.31
N ARG A 38 4.11 7.28 -4.20
CA ARG A 38 4.14 6.64 -2.91
C ARG A 38 2.95 5.71 -2.71
N LEU A 39 1.76 6.13 -3.15
CA LEU A 39 0.59 5.29 -3.02
C LEU A 39 0.72 4.04 -3.85
N TRP A 40 1.42 4.14 -4.98
CA TRP A 40 1.61 2.98 -5.83
C TRP A 40 2.71 2.08 -5.26
N GLU A 41 3.64 2.68 -4.54
CA GLU A 41 4.74 1.95 -3.93
C GLU A 41 4.20 0.95 -2.91
N VAL A 42 3.45 1.44 -1.93
CA VAL A 42 2.89 0.57 -0.90
C VAL A 42 1.81 -0.33 -1.49
N GLN A 43 1.10 0.16 -2.50
CA GLN A 43 0.04 -0.60 -3.15
C GLN A 43 0.62 -1.81 -3.86
N ARG A 44 1.65 -1.58 -4.66
CA ARG A 44 2.24 -2.64 -5.46
C ARG A 44 2.84 -3.72 -4.55
N ILE A 45 3.37 -3.30 -3.40
CA ILE A 45 3.95 -4.24 -2.46
C ILE A 45 2.88 -5.15 -1.86
N LEU A 46 1.84 -4.56 -1.27
CA LEU A 46 0.79 -5.35 -0.65
C LEU A 46 0.07 -6.20 -1.69
N THR A 47 -0.03 -5.67 -2.91
CA THR A 47 -0.65 -6.39 -4.01
C THR A 47 0.18 -7.61 -4.39
N ALA A 48 1.45 -7.39 -4.70
CA ALA A 48 2.31 -8.47 -5.18
C ALA A 48 2.47 -9.55 -4.11
N LEU A 49 2.63 -9.14 -2.86
CA LEU A 49 2.84 -10.10 -1.78
C LEU A 49 1.67 -11.05 -1.65
N LYS A 50 0.47 -10.52 -1.41
CA LYS A 50 -0.69 -11.37 -1.14
C LYS A 50 -1.01 -12.26 -2.34
N ARG A 51 -0.73 -11.76 -3.53
CA ARG A 51 -1.03 -12.50 -4.76
C ARG A 51 -0.03 -13.63 -4.97
N LYS A 52 1.25 -13.32 -4.84
CA LYS A 52 2.30 -14.31 -5.03
C LYS A 52 2.40 -15.28 -3.85
N LEU A 53 1.95 -14.84 -2.69
CA LEU A 53 2.05 -15.65 -1.48
C LEU A 53 0.82 -16.55 -1.32
N ARG A 54 -0.36 -15.96 -1.41
CA ARG A 54 -1.59 -16.69 -1.09
C ARG A 54 -2.42 -17.02 -2.33
N GLU A 55 -2.34 -16.19 -3.36
CA GLU A 55 -3.20 -16.34 -4.52
C GLU A 55 -2.53 -17.20 -5.58
N ALA A 56 -1.43 -17.82 -5.20
CA ALA A 56 -0.67 -18.68 -6.09
C ALA A 56 -1.08 -20.14 -5.89
N GLY A 1 4.01 -22.55 1.69
CA GLY A 1 3.62 -21.58 0.64
C GLY A 1 3.25 -20.23 1.24
N SER A 2 2.08 -20.18 1.85
CA SER A 2 1.64 -18.98 2.55
C SER A 2 2.28 -18.94 3.93
N GLU A 3 3.45 -18.32 4.01
CA GLU A 3 4.21 -18.29 5.25
C GLU A 3 3.70 -17.19 6.18
N THR A 4 4.13 -15.95 5.95
CA THR A 4 3.73 -14.85 6.79
C THR A 4 2.45 -14.19 6.26
N GLN A 5 1.32 -14.86 6.42
CA GLN A 5 0.04 -14.33 6.00
C GLN A 5 -0.27 -13.06 6.77
N ALA A 6 0.12 -13.05 8.04
CA ALA A 6 -0.02 -11.88 8.89
C ALA A 6 0.87 -10.74 8.42
N GLY A 7 1.75 -11.05 7.48
CA GLY A 7 2.65 -10.05 6.93
C GLY A 7 1.87 -8.98 6.19
N ILE A 8 1.21 -9.38 5.10
CA ILE A 8 0.42 -8.44 4.32
C ILE A 8 -0.77 -7.97 5.15
N LYS A 9 -1.21 -8.77 6.10
CA LYS A 9 -2.34 -8.39 6.95
C LYS A 9 -2.03 -7.14 7.77
N GLU A 10 -0.91 -7.14 8.49
CA GLU A 10 -0.54 -5.94 9.23
C GLU A 10 -0.14 -4.83 8.25
N GLU A 11 0.65 -5.21 7.25
CA GLU A 11 1.16 -4.25 6.28
C GLU A 11 0.04 -3.62 5.47
N ILE A 12 -1.02 -4.36 5.17
CA ILE A 12 -2.14 -3.79 4.41
C ILE A 12 -2.88 -2.76 5.24
N ARG A 13 -3.06 -3.04 6.53
CA ARG A 13 -3.69 -2.08 7.42
C ARG A 13 -2.88 -0.79 7.45
N ARG A 14 -1.57 -0.94 7.47
CA ARG A 14 -0.67 0.19 7.57
C ARG A 14 -0.48 0.88 6.22
N GLN A 15 -0.41 0.10 5.15
CA GLN A 15 -0.23 0.65 3.80
C GLN A 15 -1.52 1.30 3.31
N GLU A 16 -2.67 0.68 3.57
CA GLU A 16 -3.94 1.31 3.22
C GLU A 16 -4.14 2.55 4.08
N PHE A 17 -3.59 2.51 5.29
CA PHE A 17 -3.64 3.66 6.19
C PHE A 17 -2.90 4.84 5.57
N LEU A 18 -1.64 4.63 5.20
CA LEU A 18 -0.85 5.69 4.57
C LEU A 18 -1.35 5.99 3.17
N LEU A 19 -1.87 4.97 2.48
CA LEU A 19 -2.46 5.14 1.16
C LEU A 19 -3.62 6.13 1.26
N ASN A 20 -4.50 5.88 2.21
CA ASN A 20 -5.63 6.75 2.48
C ASN A 20 -5.13 8.15 2.88
N SER A 21 -4.07 8.17 3.68
CA SER A 21 -3.50 9.42 4.15
C SER A 21 -2.92 10.24 3.00
N LEU A 22 -2.02 9.65 2.23
CA LEU A 22 -1.37 10.37 1.13
C LEU A 22 -2.39 10.72 0.04
N HIS A 23 -3.50 9.99 -0.01
CA HIS A 23 -4.61 10.34 -0.90
C HIS A 23 -5.25 11.63 -0.43
N ARG A 24 -5.29 11.82 0.88
CA ARG A 24 -5.81 13.06 1.46
C ARG A 24 -4.84 14.21 1.22
N ASP A 25 -3.56 13.88 1.06
CA ASP A 25 -2.54 14.89 0.72
C ASP A 25 -2.56 15.19 -0.77
N LEU A 26 -3.52 14.60 -1.47
CA LEU A 26 -3.72 14.84 -2.90
C LEU A 26 -5.02 15.58 -3.14
N GLN A 27 -5.77 15.81 -2.07
CA GLN A 27 -7.09 16.42 -2.19
C GLN A 27 -7.18 17.70 -1.37
N GLY A 28 -7.97 18.64 -1.84
CA GLY A 28 -8.14 19.90 -1.15
C GLY A 28 -7.35 21.01 -1.79
N GLY A 29 -6.90 20.77 -3.03
CA GLY A 29 -6.11 21.76 -3.73
C GLY A 29 -4.64 21.63 -3.42
N ILE A 30 -4.12 20.40 -3.49
CA ILE A 30 -2.72 20.14 -3.18
C ILE A 30 -2.00 19.59 -4.40
N LYS A 31 -0.78 20.05 -4.62
CA LYS A 31 0.04 19.53 -5.70
C LYS A 31 1.22 18.76 -5.14
N ASP A 32 1.23 17.46 -5.37
CA ASP A 32 2.31 16.60 -4.92
C ASP A 32 2.37 15.36 -5.79
N LEU A 33 3.47 15.21 -6.51
CA LEU A 33 3.65 14.10 -7.44
C LEU A 33 4.24 12.89 -6.74
N SER A 34 4.83 13.14 -5.58
CA SER A 34 5.50 12.09 -4.84
C SER A 34 4.49 11.14 -4.21
N LYS A 35 3.40 11.70 -3.69
CA LYS A 35 2.35 10.90 -3.08
C LYS A 35 1.76 9.92 -4.10
N GLU A 36 1.71 10.34 -5.36
CA GLU A 36 1.11 9.54 -6.40
C GLU A 36 2.00 8.34 -6.73
N GLU A 37 3.29 8.59 -6.92
CA GLU A 37 4.24 7.50 -7.15
C GLU A 37 4.37 6.64 -5.91
N ARG A 38 4.16 7.26 -4.75
CA ARG A 38 4.29 6.57 -3.48
C ARG A 38 3.12 5.64 -3.24
N LEU A 39 1.91 6.10 -3.57
CA LEU A 39 0.73 5.27 -3.39
C LEU A 39 0.83 4.04 -4.25
N TRP A 40 1.37 4.19 -5.45
CA TRP A 40 1.51 3.08 -6.35
C TRP A 40 2.63 2.17 -5.89
N GLU A 41 3.60 2.74 -5.18
CA GLU A 41 4.70 1.95 -4.64
C GLU A 41 4.19 0.97 -3.61
N VAL A 42 3.45 1.47 -2.63
CA VAL A 42 2.90 0.61 -1.61
C VAL A 42 1.80 -0.27 -2.19
N GLN A 43 1.05 0.25 -3.16
CA GLN A 43 -0.01 -0.50 -3.81
C GLN A 43 0.55 -1.72 -4.51
N ARG A 44 1.64 -1.52 -5.24
CA ARG A 44 2.27 -2.61 -5.98
C ARG A 44 2.88 -3.61 -5.00
N ILE A 45 3.27 -3.15 -3.82
CA ILE A 45 3.82 -4.03 -2.80
C ILE A 45 2.71 -4.88 -2.18
N LEU A 46 1.71 -4.24 -1.60
CA LEU A 46 0.62 -4.95 -0.94
C LEU A 46 -0.07 -5.90 -1.90
N THR A 47 -0.18 -5.49 -3.15
CA THR A 47 -0.77 -6.34 -4.17
C THR A 47 0.11 -7.54 -4.46
N ALA A 48 1.35 -7.29 -4.86
CA ALA A 48 2.25 -8.38 -5.25
C ALA A 48 2.49 -9.34 -4.10
N LEU A 49 2.66 -8.78 -2.90
CA LEU A 49 2.95 -9.58 -1.71
C LEU A 49 1.84 -10.59 -1.43
N LYS A 50 0.61 -10.11 -1.25
CA LYS A 50 -0.50 -10.99 -0.88
C LYS A 50 -0.74 -12.03 -1.96
N ARG A 51 -0.41 -11.67 -3.19
CA ARG A 51 -0.55 -12.58 -4.31
C ARG A 51 0.43 -13.74 -4.20
N LYS A 52 1.72 -13.42 -4.15
CA LYS A 52 2.74 -14.47 -4.05
C LYS A 52 2.84 -15.00 -2.62
N LEU A 53 1.90 -14.60 -1.78
CA LEU A 53 1.84 -15.11 -0.42
C LEU A 53 0.73 -16.15 -0.26
N ARG A 54 -0.52 -15.73 -0.48
CA ARG A 54 -1.67 -16.59 -0.20
C ARG A 54 -1.93 -17.58 -1.34
N GLU A 55 -1.68 -17.15 -2.57
CA GLU A 55 -2.09 -17.92 -3.73
C GLU A 55 -0.90 -18.28 -4.60
N ALA A 56 0.24 -18.48 -3.96
CA ALA A 56 1.43 -18.92 -4.66
C ALA A 56 1.53 -20.45 -4.60
N GLY A 1 1.75 -21.51 -1.71
CA GLY A 1 2.72 -21.49 -0.58
C GLY A 1 2.65 -20.21 0.21
N SER A 2 1.69 -20.12 1.12
CA SER A 2 1.53 -18.94 1.94
C SER A 2 2.31 -19.06 3.24
N GLU A 3 3.40 -18.31 3.35
CA GLU A 3 4.22 -18.30 4.55
C GLU A 3 3.60 -17.38 5.60
N THR A 4 3.71 -16.09 5.38
CA THR A 4 3.22 -15.10 6.32
C THR A 4 2.01 -14.36 5.78
N GLN A 5 0.83 -14.93 6.00
CA GLN A 5 -0.42 -14.29 5.63
C GLN A 5 -0.68 -13.12 6.55
N ALA A 6 -0.33 -13.29 7.82
CA ALA A 6 -0.45 -12.22 8.80
C ALA A 6 0.52 -11.09 8.47
N GLY A 7 1.57 -11.43 7.72
CA GLY A 7 2.58 -10.46 7.32
C GLY A 7 1.99 -9.34 6.51
N ILE A 8 1.27 -9.68 5.45
CA ILE A 8 0.64 -8.66 4.62
C ILE A 8 -0.50 -8.02 5.37
N LYS A 9 -1.23 -8.80 6.15
CA LYS A 9 -2.41 -8.29 6.85
C LYS A 9 -2.05 -7.14 7.79
N GLU A 10 -1.00 -7.31 8.57
CA GLU A 10 -0.57 -6.29 9.49
C GLU A 10 -0.02 -5.08 8.74
N GLU A 11 0.82 -5.34 7.75
CA GLU A 11 1.44 -4.27 7.00
C GLU A 11 0.46 -3.54 6.12
N ILE A 12 -0.51 -4.26 5.56
CA ILE A 12 -1.51 -3.64 4.69
C ILE A 12 -2.39 -2.69 5.50
N ARG A 13 -2.58 -3.01 6.78
CA ARG A 13 -3.26 -2.09 7.68
C ARG A 13 -2.49 -0.78 7.74
N ARG A 14 -1.18 -0.88 7.97
CA ARG A 14 -0.31 0.30 8.03
C ARG A 14 -0.26 1.00 6.67
N GLN A 15 0.00 0.20 5.63
CA GLN A 15 0.20 0.73 4.29
C GLN A 15 -1.06 1.41 3.74
N GLU A 16 -2.21 0.77 3.86
CA GLU A 16 -3.44 1.38 3.36
C GLU A 16 -3.88 2.53 4.25
N PHE A 17 -3.40 2.55 5.48
CA PHE A 17 -3.70 3.63 6.41
C PHE A 17 -2.95 4.89 5.98
N LEU A 18 -1.65 4.75 5.72
CA LEU A 18 -0.86 5.88 5.25
C LEU A 18 -1.19 6.19 3.80
N LEU A 19 -1.61 5.18 3.05
CA LEU A 19 -2.09 5.37 1.68
C LEU A 19 -3.28 6.30 1.72
N ASN A 20 -4.20 6.02 2.65
CA ASN A 20 -5.36 6.87 2.88
C ASN A 20 -4.93 8.32 3.13
N SER A 21 -3.93 8.49 3.98
CA SER A 21 -3.42 9.81 4.34
C SER A 21 -2.83 10.51 3.12
N LEU A 22 -1.85 9.88 2.47
CA LEU A 22 -1.19 10.49 1.33
C LEU A 22 -2.15 10.59 0.13
N HIS A 23 -3.19 9.78 0.14
CA HIS A 23 -4.22 9.85 -0.90
C HIS A 23 -4.95 11.18 -0.86
N ARG A 24 -5.34 11.61 0.34
CA ARG A 24 -6.09 12.84 0.48
C ARG A 24 -5.15 14.04 0.40
N ASP A 25 -3.85 13.78 0.50
CA ASP A 25 -2.83 14.81 0.30
C ASP A 25 -2.78 15.25 -1.16
N LEU A 26 -3.46 14.48 -2.01
CA LEU A 26 -3.57 14.82 -3.43
C LEU A 26 -4.74 15.77 -3.67
N GLN A 27 -5.46 16.11 -2.62
CA GLN A 27 -6.66 16.92 -2.75
C GLN A 27 -6.62 18.12 -1.82
N GLY A 28 -7.22 19.22 -2.27
CA GLY A 28 -7.20 20.44 -1.51
C GLY A 28 -6.37 21.52 -2.19
N GLY A 29 -6.32 21.45 -3.52
CA GLY A 29 -5.52 22.41 -4.27
C GLY A 29 -4.05 22.06 -4.24
N ILE A 30 -3.77 20.79 -3.95
CA ILE A 30 -2.39 20.32 -3.85
C ILE A 30 -1.94 19.69 -5.15
N LYS A 31 -0.89 20.25 -5.74
CA LYS A 31 -0.31 19.66 -6.93
C LYS A 31 0.92 18.84 -6.54
N ASP A 32 0.69 17.62 -6.09
CA ASP A 32 1.76 16.74 -5.67
C ASP A 32 1.71 15.44 -6.48
N LEU A 33 2.86 15.01 -6.98
CA LEU A 33 2.92 13.79 -7.78
C LEU A 33 3.55 12.66 -6.96
N SER A 34 4.12 13.02 -5.82
CA SER A 34 4.81 12.07 -4.99
C SER A 34 3.82 11.15 -4.26
N LYS A 35 2.73 11.73 -3.77
CA LYS A 35 1.69 10.94 -3.09
C LYS A 35 1.16 9.87 -4.02
N GLU A 36 1.05 10.25 -5.28
CA GLU A 36 0.51 9.38 -6.32
C GLU A 36 1.39 8.13 -6.47
N GLU A 37 2.69 8.36 -6.62
CA GLU A 37 3.64 7.26 -6.76
C GLU A 37 3.86 6.55 -5.43
N ARG A 38 3.49 7.23 -4.35
CA ARG A 38 3.61 6.65 -3.01
C ARG A 38 2.47 5.69 -2.71
N LEU A 39 1.24 6.06 -3.07
CA LEU A 39 0.10 5.18 -2.88
C LEU A 39 0.27 3.93 -3.72
N TRP A 40 0.84 4.10 -4.91
CA TRP A 40 1.06 2.99 -5.79
C TRP A 40 2.25 2.18 -5.31
N GLU A 41 3.17 2.85 -4.61
CA GLU A 41 4.34 2.17 -4.07
C GLU A 41 3.91 1.14 -3.05
N VAL A 42 3.19 1.58 -2.03
CA VAL A 42 2.73 0.68 -0.98
C VAL A 42 1.67 -0.29 -1.52
N GLN A 43 0.88 0.16 -2.50
CA GLN A 43 -0.16 -0.67 -3.08
C GLN A 43 0.45 -1.88 -3.76
N ARG A 44 1.51 -1.66 -4.51
CA ARG A 44 2.15 -2.73 -5.24
C ARG A 44 2.91 -3.64 -4.26
N ILE A 45 3.35 -3.06 -3.14
CA ILE A 45 4.05 -3.84 -2.12
C ILE A 45 3.10 -4.82 -1.43
N LEU A 46 1.99 -4.30 -0.90
CA LEU A 46 1.02 -5.15 -0.24
C LEU A 46 0.41 -6.15 -1.21
N THR A 47 0.23 -5.73 -2.47
CA THR A 47 -0.34 -6.60 -3.48
C THR A 47 0.64 -7.70 -3.89
N ALA A 48 1.89 -7.33 -4.12
CA ALA A 48 2.91 -8.28 -4.54
C ALA A 48 3.01 -9.43 -3.56
N LEU A 49 3.10 -9.12 -2.27
CA LEU A 49 3.25 -10.14 -1.25
C LEU A 49 2.04 -11.06 -1.21
N LYS A 50 0.85 -10.48 -0.99
CA LYS A 50 -0.34 -11.30 -0.76
C LYS A 50 -0.72 -12.11 -1.99
N ARG A 51 -0.44 -11.59 -3.17
CA ARG A 51 -0.79 -12.29 -4.38
C ARG A 51 0.27 -13.32 -4.75
N LYS A 52 1.54 -12.96 -4.66
CA LYS A 52 2.60 -13.91 -4.95
C LYS A 52 2.68 -15.00 -3.88
N LEU A 53 2.10 -14.73 -2.71
CA LEU A 53 2.13 -15.67 -1.60
C LEU A 53 0.88 -16.55 -1.59
N ARG A 54 -0.23 -16.04 -2.12
CA ARG A 54 -1.50 -16.75 -2.05
C ARG A 54 -1.84 -17.43 -3.37
N GLU A 55 -1.61 -16.76 -4.49
CA GLU A 55 -1.99 -17.32 -5.78
C GLU A 55 -1.04 -18.44 -6.17
N ALA A 56 0.14 -18.44 -5.57
CA ALA A 56 1.14 -19.46 -5.82
C ALA A 56 1.41 -20.26 -4.56
N GLY A 1 2.04 -22.38 4.12
CA GLY A 1 2.15 -20.97 4.51
C GLY A 1 3.56 -20.47 4.40
N SER A 2 3.75 -19.39 3.65
CA SER A 2 5.07 -18.84 3.42
C SER A 2 5.11 -17.37 3.83
N GLU A 3 6.13 -17.00 4.59
CA GLU A 3 6.38 -15.60 4.99
C GLU A 3 5.24 -14.98 5.80
N THR A 4 4.34 -15.81 6.32
CA THR A 4 3.23 -15.35 7.15
C THR A 4 2.19 -14.57 6.34
N GLN A 5 0.97 -15.11 6.25
CA GLN A 5 -0.13 -14.41 5.59
C GLN A 5 -0.50 -13.17 6.40
N ALA A 6 -0.37 -13.28 7.71
CA ALA A 6 -0.58 -12.13 8.59
C ALA A 6 0.49 -11.08 8.35
N GLY A 7 1.52 -11.47 7.59
CA GLY A 7 2.57 -10.54 7.23
C GLY A 7 2.04 -9.38 6.42
N ILE A 8 1.36 -9.69 5.32
CA ILE A 8 0.73 -8.66 4.49
C ILE A 8 -0.45 -8.06 5.22
N LYS A 9 -1.13 -8.86 6.02
CA LYS A 9 -2.31 -8.39 6.74
C LYS A 9 -2.00 -7.16 7.59
N GLU A 10 -0.98 -7.26 8.43
CA GLU A 10 -0.58 -6.15 9.27
C GLU A 10 0.09 -5.04 8.45
N GLU A 11 0.90 -5.44 7.48
CA GLU A 11 1.57 -4.48 6.61
C GLU A 11 0.57 -3.66 5.81
N ILE A 12 -0.41 -4.34 5.22
CA ILE A 12 -1.39 -3.67 4.38
C ILE A 12 -2.25 -2.73 5.22
N ARG A 13 -2.47 -3.06 6.49
CA ARG A 13 -3.14 -2.15 7.40
C ARG A 13 -2.41 -0.83 7.46
N ARG A 14 -1.11 -0.90 7.68
CA ARG A 14 -0.29 0.30 7.77
C ARG A 14 -0.10 0.96 6.39
N GLN A 15 0.14 0.13 5.38
CA GLN A 15 0.40 0.61 4.02
C GLN A 15 -0.83 1.29 3.43
N GLU A 16 -2.00 0.71 3.62
CA GLU A 16 -3.20 1.35 3.10
C GLU A 16 -3.65 2.49 4.01
N PHE A 17 -3.17 2.47 5.25
CA PHE A 17 -3.44 3.56 6.19
C PHE A 17 -2.68 4.81 5.75
N LEU A 18 -1.39 4.64 5.51
CA LEU A 18 -0.58 5.75 5.01
C LEU A 18 -0.95 6.06 3.57
N LEU A 19 -1.39 5.04 2.82
CA LEU A 19 -1.88 5.24 1.46
C LEU A 19 -3.08 6.17 1.50
N ASN A 20 -4.03 5.87 2.38
CA ASN A 20 -5.18 6.74 2.60
C ASN A 20 -4.73 8.15 3.01
N SER A 21 -3.74 8.19 3.89
CA SER A 21 -3.21 9.47 4.37
C SER A 21 -2.64 10.29 3.22
N LEU A 22 -1.67 9.74 2.50
CA LEU A 22 -1.03 10.44 1.38
C LEU A 22 -2.02 10.67 0.25
N HIS A 23 -3.03 9.81 0.16
CA HIS A 23 -4.08 9.94 -0.84
C HIS A 23 -4.89 11.20 -0.57
N ARG A 24 -5.06 11.50 0.71
CA ARG A 24 -5.76 12.70 1.12
C ARG A 24 -4.90 13.94 0.95
N ASP A 25 -3.58 13.76 0.99
CA ASP A 25 -2.64 14.86 0.74
C ASP A 25 -2.77 15.35 -0.69
N LEU A 26 -3.38 14.54 -1.54
CA LEU A 26 -3.59 14.90 -2.94
C LEU A 26 -4.90 15.69 -3.09
N GLN A 27 -5.75 15.62 -2.06
CA GLN A 27 -7.07 16.20 -2.15
C GLN A 27 -7.08 17.64 -1.68
N GLY A 28 -7.97 18.43 -2.25
CA GLY A 28 -8.05 19.84 -1.92
C GLY A 28 -7.44 20.70 -3.00
N GLY A 29 -7.35 20.14 -4.20
CA GLY A 29 -6.72 20.82 -5.31
C GLY A 29 -5.22 20.92 -5.12
N ILE A 30 -4.64 19.90 -4.50
CA ILE A 30 -3.23 19.90 -4.20
C ILE A 30 -2.43 19.19 -5.28
N LYS A 31 -1.48 19.88 -5.87
CA LYS A 31 -0.62 19.29 -6.86
C LYS A 31 0.60 18.66 -6.20
N ASP A 32 0.48 17.38 -5.92
CA ASP A 32 1.56 16.64 -5.28
C ASP A 32 1.81 15.35 -6.05
N LEU A 33 3.06 15.08 -6.37
CA LEU A 33 3.42 13.88 -7.12
C LEU A 33 4.16 12.89 -6.24
N SER A 34 4.59 13.34 -5.08
CA SER A 34 5.30 12.49 -4.14
C SER A 34 4.35 11.49 -3.51
N LYS A 35 3.14 11.93 -3.19
CA LYS A 35 2.14 11.03 -2.63
C LYS A 35 1.65 10.08 -3.71
N GLU A 36 1.68 10.56 -4.95
CA GLU A 36 1.27 9.78 -6.10
C GLU A 36 2.19 8.56 -6.27
N GLU A 37 3.49 8.82 -6.27
CA GLU A 37 4.47 7.75 -6.40
C GLU A 37 4.46 6.87 -5.16
N ARG A 38 4.00 7.43 -4.05
CA ARG A 38 3.95 6.72 -2.78
C ARG A 38 2.78 5.75 -2.76
N LEU A 39 1.60 6.20 -3.15
CA LEU A 39 0.43 5.33 -3.17
C LEU A 39 0.65 4.20 -4.16
N TRP A 40 1.41 4.49 -5.21
CA TRP A 40 1.71 3.51 -6.23
C TRP A 40 2.81 2.56 -5.73
N GLU A 41 3.69 3.06 -4.87
CA GLU A 41 4.78 2.26 -4.35
C GLU A 41 4.23 1.19 -3.42
N VAL A 42 3.50 1.61 -2.40
CA VAL A 42 2.92 0.68 -1.46
C VAL A 42 1.83 -0.17 -2.12
N GLN A 43 1.21 0.37 -3.17
CA GLN A 43 0.16 -0.34 -3.88
C GLN A 43 0.70 -1.63 -4.44
N ARG A 44 1.83 -1.54 -5.13
CA ARG A 44 2.43 -2.70 -5.75
C ARG A 44 2.96 -3.67 -4.68
N ILE A 45 3.42 -3.12 -3.56
CA ILE A 45 3.95 -3.94 -2.48
C ILE A 45 2.84 -4.75 -1.80
N LEU A 46 1.82 -4.06 -1.30
CA LEU A 46 0.72 -4.73 -0.61
C LEU A 46 0.00 -5.70 -1.53
N THR A 47 -0.13 -5.33 -2.80
CA THR A 47 -0.79 -6.19 -3.77
C THR A 47 0.06 -7.42 -4.08
N ALA A 48 1.33 -7.20 -4.37
CA ALA A 48 2.21 -8.31 -4.73
C ALA A 48 2.34 -9.27 -3.57
N LEU A 49 2.51 -8.74 -2.38
CA LEU A 49 2.75 -9.57 -1.20
C LEU A 49 1.58 -10.52 -0.98
N LYS A 50 0.37 -9.98 -0.90
CA LYS A 50 -0.80 -10.81 -0.63
C LYS A 50 -1.05 -11.80 -1.76
N ARG A 51 -0.77 -11.39 -2.98
CA ARG A 51 -1.02 -12.22 -4.15
C ARG A 51 -0.01 -13.35 -4.26
N LYS A 52 1.26 -13.06 -4.00
CA LYS A 52 2.29 -14.10 -4.05
C LYS A 52 2.20 -15.02 -2.84
N LEU A 53 1.45 -14.60 -1.83
CA LEU A 53 1.24 -15.43 -0.66
C LEU A 53 -0.08 -16.20 -0.74
N ARG A 54 -0.95 -15.80 -1.67
CA ARG A 54 -2.26 -16.45 -1.81
C ARG A 54 -2.38 -17.20 -3.14
N GLU A 55 -2.13 -16.51 -4.25
CA GLU A 55 -2.33 -17.08 -5.57
C GLU A 55 -1.29 -18.16 -5.86
N ALA A 56 -0.14 -18.04 -5.20
CA ALA A 56 0.95 -18.97 -5.42
C ALA A 56 0.89 -20.12 -4.43
#